data_8WE9
#
_entry.id   8WE9
#
_cell.length_a   1.00
_cell.length_b   1.00
_cell.length_c   1.00
_cell.angle_alpha   90.00
_cell.angle_beta   90.00
_cell.angle_gamma   90.00
#
_symmetry.space_group_name_H-M   'P 1'
#
loop_
_entity.id
_entity.type
_entity.pdbx_description
1 polymer 'Voltage-dependent L-type calcium channel subunit alpha-1C'
2 polymer 'Voltage-dependent calcium channel subunit alpha-2/delta-1'
3 polymer 'Voltage-dependent L-type calcium channel subunit beta-3'
4 branched 2-acetamido-2-deoxy-beta-D-glucopyranose-(1-4)-2-acetamido-2-deoxy-beta-D-glucopyranose-(1-4)-2-acetamido-2-deoxy-beta-D-glucopyranose
5 branched 2-acetamido-2-deoxy-beta-D-glucopyranose-(1-4)-2-acetamido-2-deoxy-beta-D-glucopyranose
6 branched 2-acetamido-2-deoxy-beta-D-glucopyranose-(1-4)-2-acetamido-2-deoxy-beta-D-glucopyranose-(1-4)-2-acetamido-2-deoxy-beta-D-glucopyranose-(1-4)-2-acetamido-2-deoxy-beta-D-glucopyranose
7 non-polymer 'CALCIUM ION'
8 non-polymer 1,2-Distearoyl-sn-glycerophosphoethanolamine
9 non-polymer CHOLESTEROL
10 non-polymer 2-acetamido-2-deoxy-beta-D-glucopyranose
11 non-polymer '[(2R)-1-octadecanoyloxy-3-[oxidanyl-[(1R,2R,3S,4R,5R,6S)-2,3,6-tris(oxidanyl)-4,5-diphosphonooxy-cyclohexyl]oxy-phospho ryl]oxy-propan-2-yl] (8Z)-icosa-5,8,11,14-tetraenoate'
#
loop_
_entity_poly.entity_id
_entity_poly.type
_entity_poly.pdbx_seq_one_letter_code
_entity_poly.pdbx_strand_id
1 'polypeptide(L)'
;MVNENTRMYIPEENHQGSNYGSPRPAHANMNANAAAGLAPEHIPTPGAALSWQAAIDAARQAKLMGSAGNATISTVSSTQ
RKRQQYGKPKKQGSTTATRPPRALLCLTLKNPIRRACISIVEWKPFEIIILLTIFANCVALAIYIPFPEDDSNATNSNLE
RVEYLFLIIFTVEAFLKVIAYGLLFHPNAYLRNGWNLLDFIIVVVGLFSAILEQATKADGANALGGKGAGFDVKALRAFR
VLRPLRLVSGVPSLQVVLNSIIKAMVPLLHIALLVLFVIIIYAIIGLELFMGKMHKTCYNQEGIADVPAEDDPSPCALET
GHGRQCQNGTVCKPGWDGPKHGITNFDNFAFAMLTVFQCITMEGWTDVLYWVNDAVGRDWPWIYFVTLIIIGSFFVLNLV
LGVLSGEFSKEREKAKARGDFQKLREKQQLEEDLKGYLDWITQAEDIDPENEDEGMDEEKPRNMSMPTSETESVNTENVA
GGDIEGENCGARLAHRISKSKFSRYWRRWNRFCRRKCRAAVKSNVFYWLVIFLVFLNTLTIASEHYNQPNWLTEVQDTAN
KALLALFTAEMLLKMYSLGLQAYFVSLFNRFDCFVVCGGILETILVETKIMSPLGISVLRCVRLLRIFKITRYWNSLSNL
VASLLNSVRSIASLLLLLFLFIIIFSLLGMQLFGGKFNFDEMQTRRSTFDNFPQSLLTVFQILTGEDWNSVMYDGIMAYG
GPSFPGMLVCIYFIILFICGNYILLNVFLAIAVDNLADAESLTSAQKEEEEEKERKKLARTASPEKKQELVEKPAVGESK
EEKIELKSITADGESPPATKINMDDLQPNENEDKSPYPNPETTGEEDEEEPEMPVGPRPRPLSELHLKEKAVPMPEASAF
FIFSSNNRFRLQCHRIVNDTIFTNLILFFILLSSISLAAEDPVQHTSFRNHILGNADYVFTSIFTLEIILKMTAYGAFLH
KGSFCRNYFNILDLLVVSVSLISFGIQSSAINVVKILRVLRVLRPLRAINRAKGLKHVVQCVFVAIRTIGNIVIVTTLLQ
FMFACIGVQLFKGKLYTCSDSSKQTEAECKGNYITYKDGEVDHPIIQPRSWENSKFDFDNVLAAMMALFTVSTFEGWPEL
LYRSIDSHTEDKGPIYNYRVEISIFFIIYIIIIAFFMMNIFVGFVIVTFQEQGEQEYKNCELDKNQRQCVEYALKARPLR
RYIPKNQHQYKVWYVVNSTYFEYLMFVLILLNTICLAMQHYGQSCLFKIAMNILNMLFTGLFTVEMILKLIAFKPKGYFS
DPWNVFDFLIVIGSIIDVILSETNHYFCDAWNTFDALIVVGSIVDIAITEVNPAEHTQCSPSMNAEENSRISITFFRLFR
VMRLVKLLSRGEGIRTLLWTFIKSFQALPYVALLIVMLFFIYAVIGMQVFGKIALNDTTEINRNNNFQTFPQAVLLLFRC
ATGEAWQDIMLACMPGKKCAPESEPSNSTEGETPCGSSFAVFYFISFYMLCAFLIINLFVAVIMDNFDYLTRDWSILGPH
HLDEFKRIWAEYDPEAKGRIKHLDVVTLLRRIQPPLGFGKLCPHRVACKRLVSMNMPLNSDGTVMFNATLFALVRTALRI
KTEGNLEQANEELRAIIKKIWKRTSMKLLDQVVPPAGDDEVTVGKFYATFLIQEYFRKFKKRKEQGLVGKPSQRNALSLQ
AGLRTLHDIGPEIRRAISGDLTAEEELDKAMKEAVSAASEDDIFRRAGGLFGNHVSYYQSDGRSAFPQTFTTQRPLHINK
AGSSQGDTESPSHEKLVDSTFTPSSYSSTGSNANINNANNTALGRLPRPAGYPSTVSTVEGHGPPLSPAIRVQEVAWKLS
SNRERHVPMCEDLELRRDSGSAGTQAHCLLLRKANPSRCHSRESQAAMAGQEETSQDETYEVKMNHDTEACSEPSLLSTE
MLSYQDDENRQLTLPEEDKRDIRQSPKRGFLRSASLGRRASFHLECLKRQKDRGGDISQKTVLPLHLVHHQALAVAGLSP
LLQRSHSPASFPRPFATPPATPGSRGWPPQPVPTLRLEGVESSEKLNSSFPSIHCGSWAETTPGGGGSSAARRVRPVSLM
VPSQAGAPGRQFHGSASSLVEAVLISEGLGQFAQDPKFIEVTTQELADACDMTIEEMESAADNILSGGAPQSPNGALLPF
VNCRDAGQDRAGGEEDAGCVRARGRPSEEELQDSRVYVSSL
;
A
2 'polypeptide(L)'
;MAAGCLLALTLTLFQSLLIGPSSEEPFPSAVTIKSWVDKMQEDLVTLAKTASGVNQLVDIYEKYQDLYTVEPNNARQLVE
IAARDIEKLLSNRSKALVRLALEAEKVQAAHQWREDFASNEVVYYNAKDDLDPEKNDSEPGSQRIKPVFIEDANFGRQIS
YQHAAVHIPTDIYEGSTIVLNELNWTSALDEVFKKNREEDPSLLWQVFGSATGLARYYPASPWVDNSRTPNKIDLYDVRR
RPWYIQGAASPKDMLILVDVSGSVSGLTLKLIRTSVSEMLETLSDDDFVNVASFNSNAQDVSCFQHLVQANVRNKKVLKD
AVNNITAKGITDYKKGFSFAFEQLLNYNVSRANCNKIIMLFTDGGEERAQEIFNKYNKDKKVRVFTFSVGQHNYDRGPIQ
WMACENKGYYYEIPSIGAIRINTQEYLDVLGRPMVLAGDKAKQVQWTNVYLDALELGLVITGTLPVFNITGQFENKTNLK
NQLILGVMGVDVSLEDIKRLTPRFTLCPNGYYFAIDPNGYVLLHPNLQPKPIGVGIPTINLRKRRPNIQNPKSQEPVTLD
FLDAELENDIKVEIRNKMIDGESGEKTFRTLVKSQDERYIDKGNRTYTWTPVNGTDYSLALVLPTYSFYYIKAKLEETIT
QARYSETLKPDNFEESGYTFIAPRDYCNDLKISDNNTEFLLNFNEFIDRKTPNNPSCNADLINRVLLDAGFTNELVQNYW
SKQKNIKGVKARFVVTDGGITRVYPKEAGENWQENPETYEDSFYKRSLDNDNYVFTAPYFNKSGPGAYESGIMVSKAVEI
YIQGKLLKPAVVGIKIDVNSWIENFTKTSIRDPCAGPVCDCKRNSDVMDCVILDDGGFLLMANHDDYTNQIGRFFGEIDP
SLMRHLVNISVYAFNKSYDYQSVCEPGAAPKQGAGHRSAYVPSVADILQIGWWATAAAWSILQQFLLSLTFPRLLEAVEM
EDDDFTASLSKQSCITEQTQYFFDNDSKSFSGVLDCGNCSRIFHGEKLMNTNLIFIMVESKGTCPCDTRLLIQAEQTSDG
PNPCDMVKQPRYRKGPDVCFDNNVLEDYTDCGGVSGLNPSLWYIIGIQFLLLWLVSGSTHRLL
;
D
3 'polypeptide(L)'
;MYDDSYVPGFEDSEAGSADSYTSRPSLDSDVSLEEDRESARREVESQAQQQLERAKHKPVAFAVRTNVSYCGVLDEECPV
QGSGVNFEAKDFLHIKEKYSNDWWIGRLVKEGGDIAFIPSPQRLESIRLKQEQKARRSGNPSSLSDIGNRRSPPPSLAKQ
KQKQAEHVPPYDVVPSMRPVVLVGPSLKGYEVTDMMQKALFDFLKHRFDGRISITRVTADLSLAKRSVLNNPGKRTIIER
SSARSSIAEVQSEIERIFELAKSLQLVVLDADTINHPAQLAKTSLAPIIVFVKVSSPKVLQRLIRSRGKSQMKHLTVQMM
AYDKLVQCPPESFDVILDENQLEDACEHLAEYLEVYWRATHHPAPGPGLLGPPSAIPGLQNQQLLGERGEEHSPLERDSL
MPSDEASESSRQAWTGSSQRSSRHLEEDYADAYQDLYQPHRQHTSGLPSANGHDPQDRLLAQDSEHNHSDRNWQRNRPWP
KDSY
;
C
#
loop_
_chem_comp.id
_chem_comp.type
_chem_comp.name
_chem_comp.formula
3PE non-polymer 1,2-Distearoyl-sn-glycerophosphoethanolamine 'C41 H82 N O8 P'
CA non-polymer 'CALCIUM ION' 'Ca 2'
CLR non-polymer CHOLESTEROL 'C27 H46 O'
NAG D-saccharide, beta linking 2-acetamido-2-deoxy-beta-D-glucopyranose 'C8 H15 N O6'
PT5 non-polymer '[(2R)-1-octadecanoyloxy-3-[oxidanyl-[(1R,2R,3S,4R,5R,6S)-2,3,6-tris(oxidanyl)-4,5-diphosphonooxy-cyclohexyl]oxy-phospho ryl]oxy-propan-2-yl] (8Z)-icosa-5,8,11,14-tetraenoate' 'C47 H85 O19 P3'
#
# COMPACT_ATOMS: atom_id res chain seq x y z
N ILE A 118 -28.00 -22.27 -43.75
CA ILE A 118 -28.20 -22.30 -42.34
C ILE A 118 -26.86 -22.48 -41.83
N SER A 119 -26.41 -23.72 -41.85
CA SER A 119 -25.08 -24.05 -41.44
C SER A 119 -24.13 -23.54 -42.44
N ILE A 120 -24.40 -22.35 -42.92
CA ILE A 120 -23.57 -21.78 -43.89
C ILE A 120 -24.29 -20.51 -44.16
N VAL A 121 -25.58 -20.51 -43.86
CA VAL A 121 -26.30 -19.26 -44.02
C VAL A 121 -25.70 -18.32 -43.01
N GLU A 122 -25.45 -18.77 -41.78
CA GLU A 122 -24.94 -17.92 -40.72
C GLU A 122 -25.38 -16.62 -41.19
N TRP A 123 -24.44 -15.83 -41.69
CA TRP A 123 -24.74 -14.52 -42.23
C TRP A 123 -23.55 -13.72 -41.91
N LYS A 124 -23.71 -12.42 -41.90
CA LYS A 124 -22.63 -11.60 -41.47
C LYS A 124 -23.16 -11.10 -40.18
N PRO A 125 -24.37 -10.56 -40.16
CA PRO A 125 -24.82 -10.14 -38.83
C PRO A 125 -25.13 -11.22 -37.82
N PHE A 126 -24.49 -12.38 -37.83
CA PHE A 126 -24.74 -13.33 -36.77
C PHE A 126 -23.47 -13.39 -36.03
N GLU A 127 -22.45 -12.72 -36.54
CA GLU A 127 -21.25 -12.67 -35.77
C GLU A 127 -21.36 -11.41 -34.96
N ILE A 128 -21.57 -10.27 -35.59
CA ILE A 128 -21.58 -9.02 -34.87
C ILE A 128 -22.54 -9.07 -33.71
N ILE A 129 -23.56 -9.90 -33.82
CA ILE A 129 -24.49 -10.11 -32.72
C ILE A 129 -23.82 -10.94 -31.63
N ILE A 130 -23.09 -11.99 -32.02
CA ILE A 130 -22.40 -12.81 -31.04
C ILE A 130 -21.32 -12.03 -30.32
N LEU A 131 -20.62 -11.15 -31.05
CA LEU A 131 -19.60 -10.31 -30.43
C LEU A 131 -20.22 -9.35 -29.41
N LEU A 132 -21.38 -8.78 -29.75
CA LEU A 132 -22.09 -7.94 -28.79
C LEU A 132 -22.52 -8.73 -27.57
N THR A 133 -22.92 -10.00 -27.76
CA THR A 133 -23.24 -10.86 -26.63
C THR A 133 -22.00 -11.10 -25.77
N ILE A 134 -20.84 -11.28 -26.40
CA ILE A 134 -19.60 -11.46 -25.66
C ILE A 134 -19.30 -10.22 -24.82
N PHE A 135 -19.50 -9.04 -25.41
CA PHE A 135 -19.27 -7.79 -24.67
C PHE A 135 -20.26 -7.66 -23.52
N ALA A 136 -21.51 -8.06 -23.74
CA ALA A 136 -22.50 -8.02 -22.67
C ALA A 136 -22.11 -8.96 -21.52
N ASN A 137 -21.60 -10.14 -21.86
CA ASN A 137 -21.11 -11.06 -20.84
C ASN A 137 -19.94 -10.46 -20.09
N CYS A 138 -19.03 -9.79 -20.81
CA CYS A 138 -17.90 -9.14 -20.16
C CYS A 138 -18.36 -8.07 -19.17
N VAL A 139 -19.34 -7.25 -19.56
CA VAL A 139 -19.89 -6.25 -18.65
C VAL A 139 -20.63 -6.87 -17.47
N ALA A 140 -21.39 -7.93 -17.70
CA ALA A 140 -22.10 -8.61 -16.62
C ALA A 140 -21.16 -9.30 -15.64
N LEU A 141 -19.96 -9.69 -16.09
CA LEU A 141 -18.97 -10.26 -15.19
C LEU A 141 -18.27 -9.23 -14.33
N ALA A 142 -18.38 -7.94 -14.67
CA ALA A 142 -17.74 -6.88 -13.90
C ALA A 142 -18.65 -6.33 -12.81
N ILE A 143 -19.95 -6.25 -13.05
CA ILE A 143 -20.88 -5.76 -12.03
C ILE A 143 -20.98 -6.72 -10.85
N TYR A 144 -20.68 -7.99 -11.07
CA TYR A 144 -20.71 -8.97 -9.99
C TYR A 144 -19.77 -8.57 -8.85
N ILE A 145 -20.24 -8.73 -7.62
CA ILE A 145 -19.45 -8.42 -6.44
C ILE A 145 -19.26 -9.69 -5.64
N PRO A 146 -18.05 -10.21 -5.51
CA PRO A 146 -17.82 -11.42 -4.71
C PRO A 146 -17.97 -11.10 -3.22
N PHE A 147 -18.84 -11.83 -2.57
CA PHE A 147 -19.06 -11.51 -1.17
C PHE A 147 -18.31 -12.51 -0.28
N PRO A 148 -17.94 -12.09 0.92
CA PRO A 148 -17.02 -12.92 1.72
C PRO A 148 -17.53 -14.31 2.04
N GLU A 149 -18.71 -14.45 2.61
CA GLU A 149 -19.13 -15.70 3.24
C GLU A 149 -20.53 -16.09 2.80
N ASP A 150 -20.75 -16.10 1.48
CA ASP A 150 -21.93 -16.65 0.80
C ASP A 150 -23.00 -15.57 0.87
N ASP A 151 -22.64 -14.35 1.29
CA ASP A 151 -23.59 -13.25 1.22
C ASP A 151 -23.85 -12.87 -0.23
N SER A 152 -24.90 -12.08 -0.44
CA SER A 152 -25.30 -11.69 -1.79
C SER A 152 -26.25 -10.51 -1.71
N ASN A 153 -26.62 -10.01 -2.90
CA ASN A 153 -27.61 -8.93 -3.01
C ASN A 153 -28.49 -9.25 -4.22
N ALA A 154 -29.32 -8.28 -4.61
CA ALA A 154 -30.24 -8.50 -5.72
C ALA A 154 -29.53 -8.54 -7.06
N THR A 155 -28.49 -7.71 -7.22
CA THR A 155 -27.79 -7.63 -8.51
C THR A 155 -27.12 -8.96 -8.85
N ASN A 156 -26.50 -9.60 -7.86
CA ASN A 156 -25.87 -10.90 -8.11
C ASN A 156 -26.92 -11.95 -8.48
N SER A 157 -28.07 -11.92 -7.82
CA SER A 157 -29.15 -12.84 -8.17
C SER A 157 -29.68 -12.59 -9.58
N ASN A 158 -29.69 -11.35 -10.05
CA ASN A 158 -30.11 -11.08 -11.42
C ASN A 158 -29.06 -11.53 -12.43
N LEU A 159 -27.78 -11.31 -12.12
CA LEU A 159 -26.71 -11.79 -13.00
C LEU A 159 -26.68 -13.31 -13.08
N GLU A 160 -26.99 -14.01 -11.99
CA GLU A 160 -27.04 -15.47 -12.02
C GLU A 160 -28.13 -15.99 -12.94
N ARG A 161 -29.14 -15.18 -13.26
CA ARG A 161 -30.17 -15.57 -14.20
C ARG A 161 -29.92 -15.05 -15.62
N VAL A 162 -29.17 -13.94 -15.75
CA VAL A 162 -28.71 -13.54 -17.08
C VAL A 162 -27.68 -14.53 -17.61
N GLU A 163 -26.93 -15.17 -16.71
CA GLU A 163 -25.99 -16.19 -17.11
C GLU A 163 -26.68 -17.32 -17.88
N TYR A 164 -27.92 -17.64 -17.50
CA TYR A 164 -28.65 -18.70 -18.20
C TYR A 164 -28.91 -18.30 -19.64
N LEU A 165 -29.32 -17.05 -19.88
CA LEU A 165 -29.54 -16.60 -21.25
C LEU A 165 -28.24 -16.60 -22.05
N PHE A 166 -27.14 -16.16 -21.42
CA PHE A 166 -25.86 -16.16 -22.11
C PHE A 166 -25.43 -17.57 -22.48
N LEU A 167 -25.60 -18.52 -21.56
CA LEU A 167 -25.28 -19.92 -21.84
C LEU A 167 -26.17 -20.49 -22.92
N ILE A 168 -27.45 -20.11 -22.95
CA ILE A 168 -28.35 -20.57 -24.00
C ILE A 168 -27.86 -20.09 -25.36
N ILE A 169 -27.49 -18.81 -25.43
CA ILE A 169 -27.00 -18.26 -26.70
C ILE A 169 -25.73 -18.97 -27.14
N PHE A 170 -24.80 -19.18 -26.20
CA PHE A 170 -23.55 -19.84 -26.54
C PHE A 170 -23.77 -21.29 -26.98
N THR A 171 -24.67 -22.01 -26.31
CA THR A 171 -24.97 -23.38 -26.70
C THR A 171 -25.62 -23.44 -28.08
N VAL A 172 -26.53 -22.50 -28.37
CA VAL A 172 -27.14 -22.46 -29.70
C VAL A 172 -26.07 -22.20 -30.76
N GLU A 173 -25.16 -21.27 -30.49
CA GLU A 173 -24.05 -21.03 -31.42
C GLU A 173 -23.22 -22.28 -31.61
N ALA A 174 -22.90 -22.97 -30.52
CA ALA A 174 -22.05 -24.16 -30.61
C ALA A 174 -22.73 -25.24 -31.44
N PHE A 175 -24.02 -25.47 -31.22
CA PHE A 175 -24.73 -26.51 -31.98
C PHE A 175 -24.84 -26.15 -33.45
N LEU A 176 -25.19 -24.89 -33.74
CA LEU A 176 -25.31 -24.47 -35.13
C LEU A 176 -23.98 -24.58 -35.86
N LYS A 177 -22.90 -24.13 -35.22
CA LYS A 177 -21.58 -24.21 -35.85
C LYS A 177 -21.12 -25.65 -35.97
N VAL A 178 -21.49 -26.50 -35.02
CA VAL A 178 -21.14 -27.92 -35.11
C VAL A 178 -21.81 -28.55 -36.32
N ILE A 179 -23.10 -28.27 -36.53
CA ILE A 179 -23.68 -28.73 -37.78
C ILE A 179 -23.52 -27.62 -38.81
N ALA A 180 -22.27 -27.42 -39.24
CA ALA A 180 -21.93 -26.82 -40.52
C ALA A 180 -20.66 -27.46 -41.02
N TYR A 181 -19.91 -28.06 -40.09
CA TYR A 181 -18.56 -28.58 -40.27
C TYR A 181 -18.40 -30.02 -39.81
N GLY A 182 -19.07 -30.40 -38.73
CA GLY A 182 -18.91 -31.73 -38.18
C GLY A 182 -17.68 -31.88 -37.29
N LEU A 191 -13.75 -27.09 -36.12
CA LEU A 191 -13.59 -27.62 -34.77
C LEU A 191 -12.13 -27.97 -34.51
N ARG A 192 -11.36 -28.13 -35.59
CA ARG A 192 -9.92 -28.34 -35.46
C ARG A 192 -9.17 -27.06 -35.14
N ASN A 193 -9.82 -25.91 -35.30
CA ASN A 193 -9.20 -24.63 -34.96
C ASN A 193 -9.08 -24.49 -33.45
N GLY A 194 -8.06 -23.76 -33.02
CA GLY A 194 -7.87 -23.54 -31.59
C GLY A 194 -8.96 -22.69 -30.97
N TRP A 195 -9.39 -21.64 -31.67
CA TRP A 195 -10.41 -20.75 -31.12
C TRP A 195 -11.76 -21.47 -31.00
N ASN A 196 -12.12 -22.28 -31.99
CA ASN A 196 -13.34 -23.06 -31.90
C ASN A 196 -13.27 -24.06 -30.76
N LEU A 197 -12.09 -24.66 -30.56
CA LEU A 197 -11.92 -25.55 -29.42
C LEU A 197 -12.09 -24.80 -28.10
N LEU A 198 -11.57 -23.58 -28.02
CA LEU A 198 -11.76 -22.77 -26.83
C LEU A 198 -13.24 -22.50 -26.58
N ASP A 199 -13.98 -22.16 -27.64
CA ASP A 199 -15.41 -21.93 -27.51
C ASP A 199 -16.13 -23.19 -27.01
N PHE A 200 -15.77 -24.34 -27.58
CA PHE A 200 -16.43 -25.60 -27.19
C PHE A 200 -16.16 -25.93 -25.74
N ILE A 201 -14.89 -25.85 -25.31
CA ILE A 201 -14.56 -26.15 -23.92
C ILE A 201 -15.03 -25.09 -22.95
N ILE A 202 -15.37 -23.89 -23.43
CA ILE A 202 -16.01 -22.91 -22.55
C ILE A 202 -17.48 -23.25 -22.36
N VAL A 203 -18.19 -23.54 -23.46
CA VAL A 203 -19.62 -23.82 -23.34
C VAL A 203 -19.86 -25.12 -22.58
N VAL A 204 -18.99 -26.13 -22.77
CA VAL A 204 -19.19 -27.40 -22.08
C VAL A 204 -19.01 -27.24 -20.59
N VAL A 205 -17.95 -26.52 -20.17
CA VAL A 205 -17.74 -26.32 -18.74
C VAL A 205 -18.81 -25.41 -18.16
N GLY A 206 -19.36 -24.49 -18.96
CA GLY A 206 -20.48 -23.71 -18.48
C GLY A 206 -21.71 -24.56 -18.20
N LEU A 207 -22.02 -25.47 -19.12
CA LEU A 207 -23.12 -26.41 -18.89
C LEU A 207 -22.84 -27.27 -17.66
N PHE A 208 -21.61 -27.74 -17.50
CA PHE A 208 -21.23 -28.54 -16.34
C PHE A 208 -21.49 -27.75 -15.06
N SER A 209 -21.05 -26.48 -15.04
CA SER A 209 -21.21 -25.66 -13.85
C SER A 209 -22.69 -25.43 -13.54
N ALA A 210 -23.49 -25.14 -14.56
CA ALA A 210 -24.92 -24.91 -14.33
C ALA A 210 -25.60 -26.16 -13.78
N ILE A 211 -25.29 -27.32 -14.38
CA ILE A 211 -25.93 -28.57 -13.94
C ILE A 211 -25.49 -28.90 -12.52
N LEU A 212 -24.21 -28.73 -12.20
CA LEU A 212 -23.73 -29.04 -10.86
C LEU A 212 -24.32 -28.09 -9.83
N GLU A 213 -24.44 -26.80 -10.16
CA GLU A 213 -25.05 -25.85 -9.24
C GLU A 213 -26.51 -26.20 -8.98
N GLN A 214 -27.23 -26.60 -10.03
CA GLN A 214 -28.62 -27.02 -9.82
C GLN A 214 -28.70 -28.28 -8.97
N ALA A 215 -27.78 -29.23 -9.19
CA ALA A 215 -27.82 -30.49 -8.45
C ALA A 215 -27.52 -30.28 -6.97
N THR A 216 -26.45 -29.56 -6.66
CA THR A 216 -26.06 -29.37 -5.26
C THR A 216 -26.89 -28.30 -4.55
N LYS A 217 -27.68 -27.52 -5.30
CA LYS A 217 -28.51 -26.42 -4.79
C LYS A 217 -27.96 -25.74 -3.54
N ASP A 232 -16.03 -27.39 -5.97
CA ASP A 232 -16.79 -26.46 -5.15
C ASP A 232 -17.95 -25.95 -5.96
N VAL A 233 -18.03 -26.38 -7.21
CA VAL A 233 -19.14 -25.98 -8.08
C VAL A 233 -19.11 -24.50 -8.37
N LYS A 234 -18.93 -23.68 -7.36
CA LYS A 234 -18.82 -22.27 -7.56
C LYS A 234 -17.37 -21.94 -7.50
N ALA A 235 -16.58 -22.60 -8.33
CA ALA A 235 -15.20 -22.32 -8.39
C ALA A 235 -14.84 -22.58 -9.78
N LEU A 236 -15.61 -23.43 -10.44
CA LEU A 236 -15.36 -23.72 -11.84
C LEU A 236 -16.14 -22.76 -12.67
N ARG A 237 -16.38 -21.60 -12.10
CA ARG A 237 -17.05 -20.62 -12.84
C ARG A 237 -15.94 -19.71 -13.26
N ALA A 238 -14.70 -20.13 -13.08
CA ALA A 238 -13.59 -19.33 -13.47
C ALA A 238 -13.21 -19.70 -14.84
N PHE A 239 -14.14 -20.19 -15.62
CA PHE A 239 -13.88 -20.46 -16.99
C PHE A 239 -14.59 -19.43 -17.77
N ARG A 240 -15.42 -18.65 -17.11
CA ARG A 240 -16.08 -17.56 -17.81
C ARG A 240 -15.22 -16.33 -17.95
N VAL A 241 -14.11 -16.24 -17.21
CA VAL A 241 -13.18 -15.13 -17.35
C VAL A 241 -12.36 -15.36 -18.61
N LEU A 242 -12.52 -16.53 -19.23
CA LEU A 242 -11.92 -16.83 -20.52
C LEU A 242 -12.78 -16.38 -21.69
N ARG A 243 -14.05 -16.03 -21.44
CA ARG A 243 -14.90 -15.52 -22.51
C ARG A 243 -14.40 -14.23 -23.14
N PRO A 244 -13.89 -13.24 -22.39
CA PRO A 244 -13.34 -12.04 -23.04
C PRO A 244 -12.25 -12.32 -24.07
N LEU A 245 -11.72 -13.54 -24.12
CA LEU A 245 -10.77 -13.90 -25.16
C LEU A 245 -11.43 -14.02 -26.53
N ARG A 246 -12.75 -14.19 -26.58
CA ARG A 246 -13.45 -14.29 -27.86
C ARG A 246 -13.42 -12.98 -28.63
N LEU A 247 -13.16 -11.86 -27.95
CA LEU A 247 -13.04 -10.58 -28.65
C LEU A 247 -11.87 -10.60 -29.63
N VAL A 248 -10.77 -11.22 -29.25
CA VAL A 248 -9.63 -11.37 -30.16
C VAL A 248 -10.03 -12.21 -31.37
N SER A 249 -10.83 -13.25 -31.15
CA SER A 249 -11.29 -14.08 -32.26
C SER A 249 -12.15 -13.29 -33.23
N GLY A 250 -13.01 -12.42 -32.71
CA GLY A 250 -13.92 -11.67 -33.55
C GLY A 250 -13.23 -10.72 -34.50
N VAL A 251 -12.59 -9.68 -33.97
CA VAL A 251 -11.90 -8.69 -34.81
C VAL A 251 -10.61 -9.30 -35.34
N PRO A 252 -10.40 -9.32 -36.66
CA PRO A 252 -9.17 -9.89 -37.21
C PRO A 252 -7.96 -8.96 -37.17
N SER A 253 -8.16 -7.69 -36.88
CA SER A 253 -7.05 -6.76 -36.71
C SER A 253 -6.37 -6.90 -35.36
N LEU A 254 -6.96 -7.66 -34.44
CA LEU A 254 -6.33 -7.98 -33.17
C LEU A 254 -5.66 -9.33 -33.16
N GLN A 255 -6.13 -10.27 -33.99
CA GLN A 255 -5.45 -11.55 -34.12
C GLN A 255 -4.05 -11.36 -34.68
N VAL A 256 -3.89 -10.44 -35.64
CA VAL A 256 -2.57 -10.16 -36.20
C VAL A 256 -1.63 -9.64 -35.13
N VAL A 257 -2.11 -8.72 -34.29
CA VAL A 257 -1.27 -8.16 -33.24
C VAL A 257 -0.95 -9.22 -32.19
N LEU A 258 -1.92 -10.09 -31.88
CA LEU A 258 -1.67 -11.15 -30.91
C LEU A 258 -0.63 -12.14 -31.42
N ASN A 259 -0.65 -12.41 -32.73
CA ASN A 259 0.38 -13.27 -33.31
C ASN A 259 1.74 -12.59 -33.32
N SER A 260 1.75 -11.29 -33.61
CA SER A 260 3.02 -10.54 -33.53
C SER A 260 3.55 -10.54 -32.10
N ILE A 261 2.65 -10.58 -31.11
CA ILE A 261 3.09 -10.63 -29.72
C ILE A 261 3.66 -12.01 -29.39
N ILE A 262 2.82 -13.05 -29.47
CA ILE A 262 3.38 -14.38 -29.28
C ILE A 262 3.79 -14.98 -30.63
N LYS A 263 4.77 -14.34 -31.25
CA LYS A 263 5.71 -14.98 -32.17
C LYS A 263 7.16 -14.66 -31.83
N ALA A 264 7.45 -13.50 -31.28
CA ALA A 264 8.78 -13.14 -30.79
C ALA A 264 9.03 -13.67 -29.39
N MET A 265 8.21 -14.61 -28.92
CA MET A 265 8.44 -15.29 -27.66
C MET A 265 9.27 -16.56 -27.81
N VAL A 266 9.23 -17.20 -28.98
CA VAL A 266 10.10 -18.35 -29.23
C VAL A 266 11.58 -17.96 -29.09
N PRO A 267 12.05 -16.82 -29.61
CA PRO A 267 13.44 -16.42 -29.30
C PRO A 267 13.71 -16.29 -27.82
N LEU A 268 12.74 -15.82 -27.03
CA LEU A 268 12.91 -15.75 -25.59
C LEU A 268 12.58 -17.09 -24.94
N LEU A 269 13.16 -18.18 -25.45
CA LEU A 269 13.05 -19.48 -24.83
C LEU A 269 14.40 -20.05 -24.45
N HIS A 270 15.49 -19.53 -25.00
CA HIS A 270 16.83 -19.81 -24.52
C HIS A 270 17.22 -18.93 -23.34
N ILE A 271 16.41 -17.93 -23.02
CA ILE A 271 16.59 -17.13 -21.81
C ILE A 271 15.60 -17.49 -20.73
N ALA A 272 14.56 -18.26 -21.05
CA ALA A 272 13.68 -18.84 -20.05
C ALA A 272 14.18 -20.14 -19.48
N LEU A 273 15.05 -20.84 -20.21
CA LEU A 273 15.72 -22.04 -19.69
C LEU A 273 16.94 -21.71 -18.85
N LEU A 274 17.70 -20.69 -19.23
CA LEU A 274 18.79 -20.23 -18.38
C LEU A 274 18.26 -19.72 -17.05
N VAL A 275 17.14 -19.01 -17.06
CA VAL A 275 16.52 -18.57 -15.82
C VAL A 275 16.11 -19.77 -14.97
N LEU A 276 15.53 -20.79 -15.59
CA LEU A 276 15.15 -22.00 -14.87
C LEU A 276 16.36 -22.69 -14.24
N PHE A 277 17.47 -22.78 -14.97
CA PHE A 277 18.69 -23.37 -14.41
C PHE A 277 19.27 -22.54 -13.27
N VAL A 278 19.30 -21.21 -13.42
CA VAL A 278 19.85 -20.36 -12.36
C VAL A 278 19.00 -20.45 -11.11
N ILE A 279 17.68 -20.45 -11.26
CA ILE A 279 16.79 -20.52 -10.10
C ILE A 279 16.99 -21.85 -9.38
N ILE A 280 17.10 -22.94 -10.12
CA ILE A 280 17.30 -24.25 -9.51
C ILE A 280 18.63 -24.31 -8.78
N ILE A 281 19.70 -23.82 -9.42
CA ILE A 281 21.02 -23.88 -8.81
C ILE A 281 21.05 -23.07 -7.52
N TYR A 282 20.52 -21.85 -7.56
CA TYR A 282 20.53 -21.02 -6.37
C TYR A 282 19.59 -21.53 -5.29
N ALA A 283 18.48 -22.17 -5.67
CA ALA A 283 17.60 -22.77 -4.69
C ALA A 283 18.21 -23.97 -4.00
N ILE A 284 19.06 -24.74 -4.69
CA ILE A 284 19.73 -25.86 -4.05
C ILE A 284 20.88 -25.35 -3.19
N ILE A 285 21.59 -24.32 -3.66
CA ILE A 285 22.64 -23.72 -2.85
C ILE A 285 22.11 -23.07 -1.58
N GLY A 286 20.98 -22.37 -1.64
CA GLY A 286 20.42 -21.76 -0.46
C GLY A 286 19.70 -22.76 0.42
N LEU A 287 19.52 -23.98 -0.11
CA LEU A 287 18.97 -25.09 0.66
C LEU A 287 20.06 -25.88 1.37
N GLU A 288 21.27 -25.91 0.81
CA GLU A 288 22.43 -26.46 1.50
C GLU A 288 23.08 -25.46 2.45
N LEU A 289 22.53 -24.25 2.55
CA LEU A 289 23.11 -23.20 3.39
C LEU A 289 22.14 -22.61 4.39
N PHE A 290 20.86 -22.49 4.06
CA PHE A 290 19.91 -21.78 4.91
C PHE A 290 18.70 -22.63 5.28
N MET A 291 18.84 -23.95 5.32
CA MET A 291 17.70 -24.84 5.53
C MET A 291 17.38 -24.91 7.02
N GLY A 292 16.27 -24.32 7.43
CA GLY A 292 15.80 -24.42 8.79
C GLY A 292 16.48 -23.50 9.79
N LYS A 293 17.24 -22.50 9.32
CA LYS A 293 17.98 -21.62 10.20
C LYS A 293 17.19 -20.37 10.59
N MET A 294 15.93 -20.26 10.19
CA MET A 294 15.15 -19.07 10.44
C MET A 294 13.85 -19.40 11.18
N HIS A 295 13.96 -20.20 12.24
CA HIS A 295 12.79 -20.67 12.98
C HIS A 295 12.91 -20.38 14.47
N LYS A 296 13.59 -19.30 14.84
CA LYS A 296 13.71 -18.91 16.24
C LYS A 296 13.68 -17.40 16.35
N THR A 297 13.16 -16.90 17.46
CA THR A 297 12.99 -15.47 17.66
C THR A 297 12.97 -15.17 19.16
N CYS A 298 13.08 -13.88 19.49
CA CYS A 298 13.00 -13.45 20.87
C CYS A 298 11.64 -13.80 21.45
N TYR A 299 11.59 -14.35 22.64
CA TYR A 299 10.34 -14.62 23.27
C TYR A 299 10.67 -14.16 24.64
N ASN A 300 9.77 -13.45 25.31
CA ASN A 300 10.03 -12.90 26.65
C ASN A 300 10.28 -13.98 27.69
N GLN A 301 10.73 -13.60 28.88
CA GLN A 301 10.96 -14.59 29.93
C GLN A 301 9.86 -14.62 31.00
N GLU A 302 8.60 -14.76 30.59
CA GLU A 302 7.48 -14.79 31.51
C GLU A 302 6.41 -15.67 30.95
N GLY A 303 5.25 -15.10 30.66
CA GLY A 303 4.19 -15.86 29.99
C GLY A 303 4.37 -15.57 28.52
N ILE A 304 4.86 -16.54 27.74
CA ILE A 304 5.20 -16.23 26.37
C ILE A 304 4.39 -16.85 25.24
N ALA A 305 5.01 -17.67 24.41
CA ALA A 305 4.34 -18.23 23.24
C ALA A 305 3.97 -17.08 22.34
N ASP A 306 4.34 -15.88 22.74
CA ASP A 306 4.14 -14.74 21.88
C ASP A 306 5.50 -14.24 21.62
N VAL A 307 5.65 -13.50 20.56
CA VAL A 307 6.92 -13.02 20.22
C VAL A 307 6.98 -11.56 20.58
N PRO A 308 7.58 -11.22 21.72
CA PRO A 308 7.76 -9.83 22.13
C PRO A 308 8.79 -9.10 21.29
N ALA A 309 9.12 -9.67 20.13
CA ALA A 309 10.09 -9.10 19.22
C ALA A 309 9.51 -7.97 18.38
N GLU A 310 8.46 -7.32 18.89
CA GLU A 310 7.76 -6.19 18.28
C GLU A 310 6.78 -6.68 17.22
N ASP A 311 6.10 -5.74 16.55
CA ASP A 311 5.05 -6.10 15.61
C ASP A 311 5.60 -6.98 14.49
N ASP A 312 6.84 -6.75 14.08
CA ASP A 312 7.47 -7.55 13.04
C ASP A 312 8.67 -8.29 13.63
N PRO A 313 8.51 -9.53 14.09
CA PRO A 313 9.64 -10.25 14.67
C PRO A 313 10.69 -10.57 13.62
N SER A 314 11.94 -10.62 14.05
CA SER A 314 13.06 -10.96 13.21
C SER A 314 13.85 -12.12 13.82
N PRO A 315 14.42 -13.00 13.00
CA PRO A 315 15.16 -14.14 13.57
C PRO A 315 16.35 -13.69 14.40
N CYS A 316 16.64 -14.47 15.43
CA CYS A 316 17.82 -14.26 16.27
C CYS A 316 18.66 -15.51 16.24
N ALA A 317 19.73 -15.50 17.03
CA ALA A 317 20.61 -16.66 17.17
C ALA A 317 20.95 -16.86 18.63
N LEU A 318 21.14 -18.12 19.01
CA LEU A 318 21.59 -18.43 20.36
C LEU A 318 22.96 -17.81 20.61
N GLU A 319 23.30 -17.63 21.89
CA GLU A 319 24.54 -16.92 22.25
C GLU A 319 25.76 -17.82 22.06
N THR A 320 25.80 -18.47 20.89
CA THR A 320 26.98 -19.19 20.44
C THR A 320 27.33 -18.90 18.98
N GLY A 321 26.39 -18.45 18.17
CA GLY A 321 26.67 -18.07 16.80
C GLY A 321 26.96 -16.59 16.67
N HIS A 322 26.78 -16.09 15.43
CA HIS A 322 27.06 -14.70 15.10
C HIS A 322 25.85 -13.98 14.54
N GLY A 323 24.64 -14.50 14.75
CA GLY A 323 23.43 -13.86 14.30
C GLY A 323 23.00 -12.75 15.25
N ARG A 324 21.79 -12.26 15.02
CA ARG A 324 21.24 -11.22 15.88
C ARG A 324 21.04 -11.76 17.29
N GLN A 325 21.41 -10.94 18.28
CA GLN A 325 21.27 -11.30 19.68
C GLN A 325 20.05 -10.59 20.26
N CYS A 326 19.29 -11.32 21.07
CA CYS A 326 18.06 -10.77 21.64
C CYS A 326 18.37 -9.57 22.54
N GLN A 327 17.31 -8.84 22.90
CA GLN A 327 17.46 -7.63 23.69
C GLN A 327 17.81 -7.97 25.12
N ASN A 328 17.88 -6.94 25.97
CA ASN A 328 18.30 -7.12 27.35
C ASN A 328 17.32 -8.00 28.12
N GLY A 329 16.03 -7.83 27.89
CA GLY A 329 15.03 -8.58 28.63
C GLY A 329 14.30 -9.61 27.81
N THR A 330 14.99 -10.24 26.87
CA THR A 330 14.40 -11.26 26.02
C THR A 330 15.39 -12.40 25.83
N VAL A 331 14.87 -13.54 25.37
CA VAL A 331 15.67 -14.74 25.19
C VAL A 331 15.36 -15.32 23.82
N CYS A 332 16.42 -15.72 23.10
CA CYS A 332 16.29 -16.34 21.78
C CYS A 332 15.87 -17.80 21.96
N LYS A 333 14.60 -18.10 21.68
CA LYS A 333 14.09 -19.43 21.87
C LYS A 333 13.60 -20.03 20.54
N PRO A 334 13.80 -21.33 20.33
CA PRO A 334 13.31 -21.95 19.09
C PRO A 334 11.80 -22.06 19.04
N GLY A 335 11.27 -22.68 17.98
CA GLY A 335 9.85 -22.85 17.85
C GLY A 335 9.14 -21.62 17.32
N TRP A 336 9.51 -21.20 16.12
CA TRP A 336 8.91 -20.05 15.47
C TRP A 336 8.44 -20.45 14.08
N ASP A 337 7.37 -19.79 13.61
CA ASP A 337 6.80 -20.14 12.32
C ASP A 337 7.73 -19.71 11.18
N GLY A 338 8.00 -18.42 11.06
CA GLY A 338 8.83 -17.91 10.01
C GLY A 338 8.72 -16.40 9.86
N PRO A 339 9.59 -15.82 9.04
CA PRO A 339 9.58 -14.36 8.89
C PRO A 339 8.27 -13.80 8.36
N LYS A 340 7.61 -14.52 7.44
CA LYS A 340 6.40 -14.04 6.79
C LYS A 340 5.32 -15.10 6.82
N HIS A 341 5.06 -15.63 8.02
CA HIS A 341 4.11 -16.71 8.32
C HIS A 341 4.62 -18.06 7.83
N GLY A 342 5.89 -18.16 7.45
CA GLY A 342 6.46 -19.41 6.99
C GLY A 342 6.52 -19.56 5.48
N ILE A 343 6.19 -18.52 4.73
CA ILE A 343 6.24 -18.59 3.27
C ILE A 343 7.63 -18.30 2.73
N THR A 344 8.35 -17.36 3.35
CA THR A 344 9.70 -17.00 2.91
C THR A 344 10.69 -17.81 3.73
N ASN A 345 11.10 -18.95 3.20
CA ASN A 345 12.03 -19.84 3.86
C ASN A 345 12.87 -20.55 2.81
N PHE A 346 13.75 -21.44 3.29
CA PHE A 346 14.55 -22.30 2.43
C PHE A 346 14.41 -23.76 2.85
N ASP A 347 13.26 -24.12 3.42
CA ASP A 347 13.11 -25.40 4.10
C ASP A 347 13.11 -26.59 3.14
N ASN A 348 12.68 -26.39 1.90
CA ASN A 348 12.68 -27.47 0.92
C ASN A 348 12.72 -26.85 -0.47
N PHE A 349 12.78 -27.71 -1.49
CA PHE A 349 12.86 -27.25 -2.87
C PHE A 349 11.45 -26.96 -3.36
N ALA A 350 10.68 -26.27 -2.53
CA ALA A 350 9.44 -25.63 -2.94
C ALA A 350 9.42 -24.23 -2.37
N PHE A 351 9.93 -24.10 -1.14
CA PHE A 351 10.03 -22.80 -0.49
C PHE A 351 11.26 -22.03 -0.93
N ALA A 352 12.31 -22.72 -1.37
CA ALA A 352 13.49 -22.07 -1.90
C ALA A 352 13.33 -21.65 -3.35
N MET A 353 12.64 -22.47 -4.16
CA MET A 353 12.40 -22.13 -5.55
C MET A 353 11.57 -20.86 -5.70
N LEU A 354 10.70 -20.57 -4.73
CA LEU A 354 9.90 -19.35 -4.73
C LEU A 354 10.64 -18.16 -4.15
N THR A 355 11.43 -18.36 -3.09
CA THR A 355 12.24 -17.29 -2.55
C THR A 355 13.27 -16.81 -3.57
N VAL A 356 13.91 -17.73 -4.29
CA VAL A 356 14.89 -17.35 -5.29
C VAL A 356 14.22 -16.56 -6.41
N PHE A 357 13.02 -16.99 -6.85
CA PHE A 357 12.31 -16.26 -7.88
C PHE A 357 11.95 -14.86 -7.41
N GLN A 358 11.45 -14.75 -6.18
CA GLN A 358 11.07 -13.43 -5.66
C GLN A 358 12.29 -12.52 -5.53
N CYS A 359 13.44 -13.06 -5.14
CA CYS A 359 14.65 -12.26 -5.09
C CYS A 359 15.13 -11.88 -6.49
N ILE A 360 14.93 -12.76 -7.47
CA ILE A 360 15.32 -12.46 -8.84
C ILE A 360 14.48 -11.31 -9.39
N THR A 361 13.17 -11.30 -9.09
CA THR A 361 12.33 -10.19 -9.53
C THR A 361 12.67 -8.88 -8.84
N MET A 362 13.69 -8.86 -7.98
CA MET A 362 14.21 -7.63 -7.38
C MET A 362 13.17 -6.97 -6.47
N GLU A 363 12.22 -7.75 -5.97
CA GLU A 363 11.21 -7.26 -5.04
C GLU A 363 11.35 -8.01 -3.72
N GLY A 364 11.58 -7.28 -2.64
CA GLY A 364 11.72 -7.89 -1.34
C GLY A 364 12.92 -8.79 -1.20
N TRP A 365 14.01 -8.48 -1.90
CA TRP A 365 15.24 -9.26 -1.77
C TRP A 365 16.10 -8.81 -0.61
N THR A 366 16.10 -7.51 -0.30
CA THR A 366 16.77 -7.03 0.89
C THR A 366 16.14 -7.54 2.17
N ASP A 367 14.82 -7.74 2.18
CA ASP A 367 14.18 -8.35 3.34
C ASP A 367 14.72 -9.74 3.61
N VAL A 368 14.81 -10.57 2.56
CA VAL A 368 15.35 -11.92 2.72
C VAL A 368 16.81 -11.87 3.12
N LEU A 369 17.58 -10.97 2.52
CA LEU A 369 18.99 -10.85 2.86
C LEU A 369 19.17 -10.47 4.33
N TYR A 370 18.35 -9.54 4.82
CA TYR A 370 18.45 -9.14 6.22
C TYR A 370 17.98 -10.23 7.16
N TRP A 371 16.96 -10.99 6.76
CA TRP A 371 16.51 -12.10 7.59
C TRP A 371 17.59 -13.17 7.70
N VAL A 372 18.29 -13.46 6.60
CA VAL A 372 19.43 -14.37 6.69
C VAL A 372 20.56 -13.76 7.51
N ASN A 373 20.79 -12.45 7.38
CA ASN A 373 21.81 -11.76 8.15
C ASN A 373 21.56 -11.83 9.66
N ASP A 374 20.30 -11.85 10.06
CA ASP A 374 19.94 -11.91 11.47
C ASP A 374 19.87 -13.34 12.00
N ALA A 375 20.21 -14.34 11.18
CA ALA A 375 20.05 -15.72 11.60
C ALA A 375 21.37 -16.49 11.57
N VAL A 376 22.24 -16.20 10.60
CA VAL A 376 23.48 -16.95 10.46
C VAL A 376 24.73 -16.09 10.58
N GLY A 377 24.64 -14.76 10.52
CA GLY A 377 25.79 -13.89 10.56
C GLY A 377 25.69 -12.84 9.49
N ARG A 378 26.78 -12.10 9.30
CA ARG A 378 26.78 -10.99 8.35
C ARG A 378 27.93 -11.04 7.35
N ASP A 379 28.87 -11.97 7.48
CA ASP A 379 30.05 -11.96 6.62
C ASP A 379 29.76 -12.57 5.25
N TRP A 380 29.32 -13.83 5.23
CA TRP A 380 29.13 -14.60 4.01
C TRP A 380 27.83 -14.36 3.24
N PRO A 381 26.66 -14.13 3.90
CA PRO A 381 25.39 -14.21 3.16
C PRO A 381 25.23 -13.25 1.99
N TRP A 382 25.99 -12.15 1.95
CA TRP A 382 25.80 -11.19 0.86
C TRP A 382 26.30 -11.73 -0.48
N ILE A 383 27.28 -12.62 -0.49
CA ILE A 383 27.78 -13.18 -1.74
C ILE A 383 26.71 -13.93 -2.49
N TYR A 384 25.79 -14.58 -1.78
CA TYR A 384 24.67 -15.27 -2.40
C TYR A 384 23.71 -14.31 -3.07
N PHE A 385 23.18 -13.34 -2.32
CA PHE A 385 22.13 -12.46 -2.80
C PHE A 385 22.63 -11.37 -3.74
N VAL A 386 23.92 -11.06 -3.75
CA VAL A 386 24.44 -10.09 -4.71
C VAL A 386 24.70 -10.75 -6.06
N THR A 387 25.37 -11.90 -6.06
CA THR A 387 25.58 -12.66 -7.28
C THR A 387 24.27 -13.14 -7.89
N LEU A 388 23.29 -13.51 -7.08
CA LEU A 388 21.99 -13.93 -7.61
C LEU A 388 21.33 -12.85 -8.44
N ILE A 389 21.38 -11.59 -7.99
CA ILE A 389 20.77 -10.49 -8.73
C ILE A 389 21.65 -9.99 -9.86
N ILE A 390 22.98 -10.04 -9.71
CA ILE A 390 23.88 -9.70 -10.79
C ILE A 390 23.76 -10.68 -11.97
N ILE A 391 23.55 -11.97 -11.70
CA ILE A 391 23.45 -12.96 -12.76
C ILE A 391 22.02 -13.19 -13.26
N GLY A 392 21.04 -13.18 -12.38
CA GLY A 392 19.68 -13.54 -12.78
C GLY A 392 18.74 -12.38 -12.96
N SER A 393 19.20 -11.15 -12.69
CA SER A 393 18.35 -9.98 -12.86
C SER A 393 19.00 -8.83 -13.59
N PHE A 394 20.33 -8.81 -13.72
CA PHE A 394 21.02 -7.78 -14.48
C PHE A 394 21.72 -8.33 -15.71
N PHE A 395 21.84 -9.65 -15.82
CA PHE A 395 22.35 -10.33 -17.00
C PHE A 395 21.25 -10.98 -17.82
N VAL A 396 20.27 -11.59 -17.15
CA VAL A 396 19.10 -12.11 -17.84
C VAL A 396 18.31 -10.97 -18.48
N LEU A 397 18.18 -9.85 -17.78
CA LEU A 397 17.49 -8.68 -18.35
C LEU A 397 18.23 -8.17 -19.57
N ASN A 398 19.57 -8.14 -19.51
CA ASN A 398 20.35 -7.75 -20.68
C ASN A 398 20.12 -8.70 -21.85
N LEU A 399 20.09 -10.01 -21.57
CA LEU A 399 19.86 -10.99 -22.63
C LEU A 399 18.50 -10.78 -23.27
N VAL A 400 17.47 -10.58 -22.46
CA VAL A 400 16.12 -10.40 -22.97
C VAL A 400 16.02 -9.13 -23.79
N LEU A 401 16.60 -8.04 -23.28
CA LEU A 401 16.60 -6.78 -24.03
C LEU A 401 17.32 -6.91 -25.36
N GLY A 402 18.47 -7.56 -25.37
CA GLY A 402 19.22 -7.77 -26.59
C GLY A 402 18.46 -8.60 -27.61
N VAL A 403 17.86 -9.69 -27.16
CA VAL A 403 17.11 -10.54 -28.08
C VAL A 403 15.92 -9.78 -28.65
N LEU A 404 15.20 -9.04 -27.80
CA LEU A 404 14.05 -8.28 -28.30
C LEU A 404 14.49 -7.19 -29.27
N SER A 405 15.58 -6.50 -28.97
CA SER A 405 16.06 -5.41 -29.82
C SER A 405 16.68 -5.89 -31.12
N GLY A 406 17.18 -7.13 -31.16
CA GLY A 406 17.66 -7.70 -32.40
C GLY A 406 16.52 -8.32 -33.19
N GLU A 407 15.46 -8.71 -32.48
CA GLU A 407 14.29 -9.28 -33.11
C GLU A 407 13.42 -8.23 -33.76
N PHE A 408 13.33 -7.04 -33.15
CA PHE A 408 12.60 -5.90 -33.69
C PHE A 408 13.28 -5.28 -34.90
N SER A 409 14.55 -5.58 -35.14
CA SER A 409 15.26 -5.05 -36.31
C SER A 409 15.04 -5.89 -37.56
N LYS A 410 14.80 -7.20 -37.40
CA LYS A 410 14.49 -8.03 -38.56
C LYS A 410 13.19 -7.61 -39.22
N GLU A 411 12.15 -7.34 -38.42
CA GLU A 411 10.90 -6.84 -38.99
C GLU A 411 11.08 -5.46 -39.59
N ARG A 412 11.95 -4.63 -39.00
CA ARG A 412 12.25 -3.34 -39.60
C ARG A 412 12.86 -3.52 -40.98
N GLU A 413 13.79 -4.46 -41.12
CA GLU A 413 14.39 -4.74 -42.42
C GLU A 413 13.35 -5.27 -43.40
N LYS A 414 12.44 -6.14 -42.94
CA LYS A 414 11.41 -6.67 -43.82
C LYS A 414 10.48 -5.55 -44.30
N ALA A 415 10.10 -4.64 -43.40
CA ALA A 415 9.25 -3.52 -43.79
C ALA A 415 9.98 -2.58 -44.75
N LYS A 416 11.28 -2.37 -44.52
CA LYS A 416 12.06 -1.53 -45.43
C LYS A 416 12.12 -2.16 -46.82
N ALA A 417 12.30 -3.48 -46.88
CA ALA A 417 12.28 -4.17 -48.17
C ALA A 417 10.90 -4.04 -48.82
N ARG A 418 9.83 -4.21 -48.04
CA ARG A 418 8.49 -4.00 -48.57
C ARG A 418 8.25 -2.54 -48.92
N GLY A 419 8.80 -1.62 -48.13
CA GLY A 419 8.70 -0.21 -48.44
C GLY A 419 7.57 0.52 -47.74
N ASP A 420 7.45 0.34 -46.43
CA ASP A 420 6.44 1.05 -45.65
C ASP A 420 6.88 2.44 -45.21
N PHE A 421 8.19 2.73 -45.27
CA PHE A 421 8.65 4.06 -44.88
C PHE A 421 8.34 5.10 -45.94
N GLN A 422 8.14 4.67 -47.19
CA GLN A 422 7.84 5.62 -48.25
C GLN A 422 6.54 6.36 -47.98
N LYS A 423 5.51 5.66 -47.51
CA LYS A 423 4.23 6.30 -47.24
C LYS A 423 4.37 7.45 -46.27
N LEU A 424 5.20 7.26 -45.23
CA LEU A 424 5.48 8.37 -44.32
C LEU A 424 6.33 9.44 -45.00
N ARG A 425 7.24 9.03 -45.90
CA ARG A 425 8.09 9.99 -46.59
C ARG A 425 7.27 10.90 -47.50
N GLU A 426 6.39 10.32 -48.32
CA GLU A 426 5.58 11.13 -49.22
C GLU A 426 4.63 12.04 -48.45
N LYS A 427 4.00 11.51 -47.39
CA LYS A 427 3.03 12.31 -46.64
C LYS A 427 3.68 13.56 -46.05
N GLN A 428 4.94 13.47 -45.66
CA GLN A 428 5.61 14.63 -45.08
C GLN A 428 5.84 15.72 -46.11
N GLN A 429 6.38 15.36 -47.29
CA GLN A 429 6.69 16.37 -48.29
C GLN A 429 5.42 16.90 -48.95
N LEU A 430 4.48 16.02 -49.30
CA LEU A 430 3.24 16.47 -49.93
C LEU A 430 2.45 17.39 -49.00
N GLU A 431 2.39 17.06 -47.71
CA GLU A 431 1.75 17.97 -46.77
C GLU A 431 2.51 19.29 -46.68
N GLU A 432 3.84 19.24 -46.74
CA GLU A 432 4.62 20.48 -46.75
C GLU A 432 4.31 21.32 -47.98
N ASP A 433 4.25 20.69 -49.16
CA ASP A 433 3.91 21.42 -50.37
C ASP A 433 2.43 21.84 -50.38
N LEU A 434 1.53 20.97 -49.91
CA LEU A 434 0.13 21.33 -49.82
C LEU A 434 -0.10 22.49 -48.85
N LYS A 435 0.84 22.73 -47.93
CA LYS A 435 0.88 23.96 -47.17
C LYS A 435 1.87 24.97 -47.74
N GLY A 436 2.86 24.51 -48.50
CA GLY A 436 3.81 25.42 -49.11
C GLY A 436 3.26 26.11 -50.34
N TYR A 437 2.16 25.59 -50.88
CA TYR A 437 1.51 26.22 -52.03
C TYR A 437 0.27 27.00 -51.66
N LEU A 438 -0.18 26.94 -50.41
CA LEU A 438 -1.35 27.70 -49.99
C LEU A 438 -1.05 29.18 -49.82
N ASP A 439 0.22 29.55 -49.65
CA ASP A 439 0.56 30.97 -49.57
C ASP A 439 0.26 31.69 -50.88
N TRP A 440 0.52 31.04 -52.01
CA TRP A 440 0.14 31.61 -53.30
C TRP A 440 -1.32 31.99 -53.31
N ILE A 441 -2.19 31.11 -52.80
CA ILE A 441 -3.62 31.41 -52.74
C ILE A 441 -3.89 32.52 -51.73
N THR A 442 -3.34 32.38 -50.52
CA THR A 442 -3.67 33.33 -49.46
C THR A 442 -3.02 34.69 -49.70
N GLN A 443 -1.77 34.71 -50.18
CA GLN A 443 -1.13 35.98 -50.46
C GLN A 443 -1.77 36.71 -51.64
N ALA A 444 -2.48 35.99 -52.51
CA ALA A 444 -3.19 36.59 -53.63
C ALA A 444 -4.70 36.49 -53.48
N GLU A 445 -5.20 36.00 -52.34
CA GLU A 445 -6.64 35.95 -52.14
C GLU A 445 -7.23 37.36 -52.03
N ASP A 446 -6.44 38.33 -51.57
CA ASP A 446 -6.89 39.70 -51.37
C ASP A 446 -6.27 40.64 -52.40
N ILE A 447 -6.15 40.19 -53.64
CA ILE A 447 -5.69 41.07 -54.71
C ILE A 447 -6.71 42.17 -54.93
N ASP A 448 -6.23 43.42 -54.97
CA ASP A 448 -7.08 44.60 -55.12
C ASP A 448 -6.70 45.30 -56.42
N PRO A 449 -7.37 44.98 -57.54
CA PRO A 449 -7.11 45.61 -58.84
C PRO A 449 -8.03 46.80 -59.10
N ARG A 508 -14.65 45.59 -48.33
CA ARG A 508 -14.21 46.25 -49.55
C ARG A 508 -12.69 46.36 -49.59
N TRP A 509 -12.14 47.23 -48.74
CA TRP A 509 -10.70 47.49 -48.68
C TRP A 509 -10.04 46.75 -47.52
N ASN A 510 -10.48 45.51 -47.25
CA ASN A 510 -9.88 44.71 -46.18
C ASN A 510 -8.40 44.44 -46.38
N ARG A 511 -7.85 44.81 -47.54
CA ARG A 511 -6.40 44.68 -47.76
C ARG A 511 -5.62 45.56 -46.80
N PHE A 512 -6.26 46.57 -46.23
CA PHE A 512 -5.61 47.51 -45.31
C PHE A 512 -4.86 46.79 -44.21
N CYS A 513 -5.46 45.72 -43.68
CA CYS A 513 -4.86 44.95 -42.59
C CYS A 513 -4.18 43.68 -43.09
N ARG A 514 -4.82 42.93 -43.98
CA ARG A 514 -4.29 41.64 -44.39
C ARG A 514 -2.95 41.75 -45.08
N ARG A 515 -2.69 42.85 -45.79
CA ARG A 515 -1.39 43.03 -46.42
C ARG A 515 -0.28 43.22 -45.41
N LYS A 516 -0.60 43.57 -44.16
CA LYS A 516 0.39 43.67 -43.10
C LYS A 516 0.14 42.75 -41.92
N CYS A 517 -1.09 42.26 -41.73
CA CYS A 517 -1.33 41.27 -40.67
C CYS A 517 -0.54 40.01 -40.93
N ARG A 518 -0.50 39.55 -42.19
CA ARG A 518 0.26 38.37 -42.54
C ARG A 518 1.74 38.54 -42.21
N ALA A 519 2.30 39.71 -42.50
CA ALA A 519 3.70 39.96 -42.18
C ALA A 519 3.90 40.14 -40.68
N ALA A 520 3.04 40.93 -40.04
CA ALA A 520 3.24 41.27 -38.63
C ALA A 520 3.19 40.03 -37.73
N VAL A 521 2.21 39.15 -37.95
CA VAL A 521 2.11 37.92 -37.16
C VAL A 521 3.18 36.91 -37.51
N LYS A 522 4.02 37.18 -38.51
CA LYS A 522 5.08 36.27 -38.89
C LYS A 522 6.41 37.01 -39.06
N SER A 523 6.62 38.06 -38.26
CA SER A 523 7.81 38.91 -38.37
C SER A 523 8.75 38.74 -37.18
N ASN A 524 8.77 37.54 -36.59
CA ASN A 524 9.63 37.22 -35.44
C ASN A 524 9.35 38.12 -34.24
N VAL A 525 8.20 38.77 -34.22
CA VAL A 525 7.75 39.56 -33.08
C VAL A 525 6.63 38.83 -32.33
N PHE A 526 5.63 38.35 -33.06
CA PHE A 526 4.56 37.54 -32.48
C PHE A 526 5.03 36.16 -32.07
N TYR A 527 6.23 35.76 -32.46
CA TYR A 527 6.84 34.53 -31.95
C TYR A 527 7.35 34.74 -30.53
N TRP A 528 8.26 35.69 -30.35
CA TRP A 528 8.87 35.97 -29.04
C TRP A 528 7.95 36.73 -28.10
N LEU A 529 6.81 37.23 -28.57
CA LEU A 529 5.80 37.79 -27.69
C LEU A 529 4.80 36.76 -27.20
N VAL A 530 4.34 35.88 -28.08
CA VAL A 530 3.49 34.77 -27.62
C VAL A 530 4.29 33.82 -26.73
N ILE A 531 5.58 33.61 -27.01
CA ILE A 531 6.39 32.80 -26.12
C ILE A 531 6.48 33.46 -24.74
N PHE A 532 6.66 34.78 -24.70
CA PHE A 532 6.71 35.49 -23.43
C PHE A 532 5.38 35.38 -22.67
N LEU A 533 4.26 35.50 -23.38
CA LEU A 533 2.96 35.32 -22.72
C LEU A 533 2.78 33.90 -22.19
N VAL A 534 3.21 32.89 -22.94
CA VAL A 534 3.12 31.53 -22.45
C VAL A 534 4.00 31.33 -21.23
N PHE A 535 5.17 31.97 -21.20
CA PHE A 535 6.02 31.94 -20.01
C PHE A 535 5.33 32.58 -18.81
N LEU A 536 4.68 33.72 -19.02
CA LEU A 536 3.93 34.36 -17.95
C LEU A 536 2.77 33.50 -17.45
N ASN A 537 2.06 32.82 -18.36
CA ASN A 537 1.00 31.90 -17.96
C ASN A 537 1.53 30.72 -17.14
N THR A 538 2.67 30.16 -17.56
CA THR A 538 3.30 29.11 -16.78
C THR A 538 3.72 29.62 -15.41
N LEU A 539 4.17 30.87 -15.33
CA LEU A 539 4.52 31.47 -14.04
C LEU A 539 3.31 31.55 -13.12
N THR A 540 2.16 31.96 -13.62
CA THR A 540 0.95 32.08 -12.81
C THR A 540 0.35 30.72 -12.47
N ILE A 541 0.55 29.71 -13.31
CA ILE A 541 0.11 28.36 -13.02
C ILE A 541 0.98 27.65 -12.00
N ALA A 542 2.30 27.87 -12.04
CA ALA A 542 3.23 27.17 -11.17
C ALA A 542 3.49 27.88 -9.85
N SER A 543 2.81 29.01 -9.60
CA SER A 543 3.02 29.76 -8.37
C SER A 543 1.86 29.57 -7.39
N GLU A 544 1.08 28.50 -7.56
CA GLU A 544 -0.06 28.21 -6.69
C GLU A 544 0.37 27.11 -5.73
N HIS A 545 0.38 27.41 -4.44
CA HIS A 545 0.68 26.45 -3.40
C HIS A 545 -0.49 26.36 -2.43
N TYR A 546 -0.30 25.61 -1.35
CA TYR A 546 -1.32 25.46 -0.32
C TYR A 546 -1.10 26.55 0.73
N ASN A 547 -2.19 27.21 1.12
CA ASN A 547 -2.16 28.34 2.05
C ASN A 547 -1.34 29.49 1.49
N GLN A 548 -1.73 29.93 0.29
CA GLN A 548 -1.09 31.06 -0.35
C GLN A 548 -1.61 32.37 0.23
N PRO A 549 -0.85 33.46 0.08
CA PRO A 549 -1.35 34.76 0.51
C PRO A 549 -2.56 35.19 -0.31
N ASN A 550 -3.27 36.18 0.22
CA ASN A 550 -4.50 36.65 -0.43
C ASN A 550 -4.25 37.45 -1.69
N TRP A 551 -3.09 38.09 -1.83
CA TRP A 551 -2.80 38.83 -3.04
C TRP A 551 -2.40 37.90 -4.19
N LEU A 552 -1.76 36.76 -3.89
CA LEU A 552 -1.35 35.84 -4.95
C LEU A 552 -2.55 35.21 -5.64
N THR A 553 -3.57 34.82 -4.88
CA THR A 553 -4.75 34.22 -5.48
C THR A 553 -5.58 35.21 -6.28
N GLU A 554 -5.40 36.51 -6.06
CA GLU A 554 -6.00 37.52 -6.91
C GLU A 554 -5.16 37.82 -8.13
N VAL A 555 -3.83 37.78 -7.99
CA VAL A 555 -2.95 37.96 -9.14
C VAL A 555 -3.17 36.83 -10.14
N GLN A 556 -3.24 35.59 -9.66
CA GLN A 556 -3.50 34.44 -10.52
C GLN A 556 -4.94 34.38 -11.02
N ASP A 557 -5.85 35.13 -10.40
CA ASP A 557 -7.21 35.21 -10.88
C ASP A 557 -7.42 36.29 -11.94
N THR A 558 -6.64 37.37 -11.89
CA THR A 558 -6.71 38.38 -12.92
C THR A 558 -5.81 38.07 -14.11
N ALA A 559 -4.66 37.40 -13.89
CA ALA A 559 -3.78 37.07 -14.99
C ALA A 559 -4.35 35.94 -15.84
N ASN A 560 -5.02 34.97 -15.19
CA ASN A 560 -5.62 33.87 -15.93
C ASN A 560 -6.76 34.33 -16.84
N LYS A 561 -7.26 35.55 -16.66
CA LYS A 561 -8.24 36.16 -17.56
C LYS A 561 -7.59 37.11 -18.55
N ALA A 562 -6.65 37.94 -18.09
CA ALA A 562 -5.96 38.86 -19.00
C ALA A 562 -5.12 38.13 -20.03
N LEU A 563 -4.69 36.90 -19.74
CA LEU A 563 -3.93 36.12 -20.70
C LEU A 563 -4.85 35.30 -21.61
N LEU A 564 -5.96 34.81 -21.07
CA LEU A 564 -6.95 34.14 -21.90
C LEU A 564 -7.53 35.09 -22.94
N ALA A 565 -7.76 36.35 -22.56
CA ALA A 565 -8.25 37.34 -23.51
C ALA A 565 -7.25 37.54 -24.65
N LEU A 566 -5.96 37.66 -24.32
CA LEU A 566 -4.95 37.85 -25.36
C LEU A 566 -4.84 36.61 -26.25
N PHE A 567 -4.94 35.42 -25.66
CA PHE A 567 -4.86 34.20 -26.46
C PHE A 567 -6.07 34.08 -27.38
N THR A 568 -7.25 34.52 -26.93
CA THR A 568 -8.43 34.51 -27.81
C THR A 568 -8.29 35.55 -28.92
N ALA A 569 -7.70 36.70 -28.61
CA ALA A 569 -7.44 37.69 -29.65
C ALA A 569 -6.49 37.14 -30.69
N GLU A 570 -5.44 36.45 -30.24
CA GLU A 570 -4.55 35.75 -31.17
C GLU A 570 -5.29 34.66 -31.93
N MET A 571 -6.26 34.01 -31.31
CA MET A 571 -7.06 32.99 -31.97
C MET A 571 -7.79 33.60 -33.17
N LEU A 572 -8.51 34.68 -32.91
CA LEU A 572 -9.29 35.34 -33.96
C LEU A 572 -8.39 35.96 -35.02
N LEU A 573 -7.19 36.40 -34.64
CA LEU A 573 -6.25 36.92 -35.62
C LEU A 573 -5.66 35.80 -36.48
N LYS A 574 -5.46 34.62 -35.90
CA LYS A 574 -5.00 33.47 -36.66
C LYS A 574 -6.05 33.05 -37.69
N MET A 575 -7.32 33.05 -37.27
CA MET A 575 -8.40 32.71 -38.20
C MET A 575 -8.47 33.70 -39.35
N TYR A 576 -8.17 34.98 -39.08
CA TYR A 576 -8.38 36.02 -40.08
C TYR A 576 -7.20 36.09 -41.06
N SER A 577 -6.01 36.36 -40.54
CA SER A 577 -4.86 36.66 -41.40
C SER A 577 -4.41 35.46 -42.22
N LEU A 578 -4.77 34.24 -41.82
CA LEU A 578 -4.33 33.03 -42.52
C LEU A 578 -5.44 32.29 -43.23
N GLY A 579 -6.68 32.42 -42.77
CA GLY A 579 -7.78 31.63 -43.28
C GLY A 579 -8.06 30.42 -42.42
N LEU A 580 -9.29 29.91 -42.55
CA LEU A 580 -9.72 28.80 -41.70
C LEU A 580 -8.93 27.53 -42.01
N GLN A 581 -8.85 27.14 -43.29
CA GLN A 581 -8.17 25.90 -43.63
C GLN A 581 -6.67 25.99 -43.32
N ALA A 582 -6.03 27.10 -43.71
CA ALA A 582 -4.62 27.30 -43.42
C ALA A 582 -4.35 27.35 -41.92
N TYR A 583 -5.37 27.65 -41.12
CA TYR A 583 -5.25 27.44 -39.68
C TYR A 583 -5.27 25.96 -39.35
N PHE A 584 -6.35 25.26 -39.73
CA PHE A 584 -6.40 23.83 -39.43
C PHE A 584 -5.71 22.99 -40.49
N VAL A 585 -4.48 23.36 -40.88
CA VAL A 585 -3.56 22.39 -41.47
C VAL A 585 -2.60 21.90 -40.39
N SER A 586 -1.82 22.81 -39.81
CA SER A 586 -0.72 22.43 -38.92
C SER A 586 -1.24 21.76 -37.66
N LEU A 587 -0.52 20.72 -37.22
CA LEU A 587 -0.93 19.95 -36.06
C LEU A 587 -0.93 20.78 -34.79
N PHE A 588 0.11 21.61 -34.60
CA PHE A 588 0.17 22.47 -33.44
C PHE A 588 -0.98 23.47 -33.41
N ASN A 589 -1.53 23.80 -34.58
CA ASN A 589 -2.61 24.77 -34.68
C ASN A 589 -3.98 24.19 -34.37
N ARG A 590 -4.10 22.85 -34.32
CA ARG A 590 -5.34 22.23 -33.86
C ARG A 590 -5.35 21.99 -32.37
N PHE A 591 -4.20 21.68 -31.76
CA PHE A 591 -4.08 21.54 -30.33
C PHE A 591 -4.23 22.87 -29.61
N ASP A 592 -3.76 23.96 -30.23
CA ASP A 592 -3.89 25.27 -29.61
C ASP A 592 -5.36 25.70 -29.56
N CYS A 593 -6.12 25.40 -30.62
CA CYS A 593 -7.55 25.66 -30.59
C CYS A 593 -8.25 24.85 -29.52
N PHE A 594 -7.84 23.58 -29.37
CA PHE A 594 -8.37 22.75 -28.29
C PHE A 594 -8.09 23.38 -26.94
N VAL A 595 -6.88 23.87 -26.73
CA VAL A 595 -6.52 24.43 -25.43
C VAL A 595 -7.30 25.71 -25.16
N VAL A 596 -7.49 26.56 -26.18
CA VAL A 596 -8.18 27.82 -25.94
C VAL A 596 -9.66 27.60 -25.70
N CYS A 597 -10.30 26.71 -26.48
CA CYS A 597 -11.71 26.43 -26.26
C CYS A 597 -11.91 25.74 -24.91
N GLY A 598 -10.98 24.87 -24.52
CA GLY A 598 -11.06 24.28 -23.20
C GLY A 598 -10.95 25.32 -22.09
N GLY A 599 -10.04 26.28 -22.25
CA GLY A 599 -9.95 27.35 -21.26
C GLY A 599 -11.25 28.14 -21.16
N ILE A 600 -11.82 28.51 -22.31
CA ILE A 600 -13.06 29.29 -22.29
C ILE A 600 -14.18 28.50 -21.62
N LEU A 601 -14.29 27.20 -21.94
CA LEU A 601 -15.37 26.40 -21.38
C LEU A 601 -15.11 25.96 -19.94
N GLU A 602 -13.87 26.06 -19.45
CA GLU A 602 -13.57 25.72 -18.06
C GLU A 602 -13.59 26.91 -17.12
N THR A 603 -13.47 28.14 -17.63
CA THR A 603 -13.72 29.29 -16.76
C THR A 603 -15.16 29.29 -16.28
N ILE A 604 -16.09 28.88 -17.15
CA ILE A 604 -17.52 28.91 -16.80
C ILE A 604 -17.80 27.97 -15.64
N LEU A 605 -17.26 26.76 -15.69
CA LEU A 605 -17.53 25.78 -14.64
C LEU A 605 -16.97 26.23 -13.31
N VAL A 606 -15.81 26.88 -13.32
CA VAL A 606 -15.22 27.37 -12.07
C VAL A 606 -16.03 28.53 -11.52
N GLU A 607 -16.44 29.47 -12.37
CA GLU A 607 -17.15 30.63 -11.85
C GLU A 607 -18.57 30.29 -11.44
N THR A 608 -19.15 29.22 -11.99
CA THR A 608 -20.50 28.82 -11.64
C THR A 608 -20.54 27.75 -10.55
N LYS A 609 -19.40 27.41 -9.96
CA LYS A 609 -19.30 26.51 -8.82
C LYS A 609 -20.02 25.19 -9.06
N ILE A 610 -19.51 24.44 -10.04
CA ILE A 610 -20.00 23.10 -10.35
C ILE A 610 -18.95 22.04 -10.05
N MET A 611 -17.72 22.27 -10.51
CA MET A 611 -16.64 21.31 -10.33
C MET A 611 -15.35 22.04 -9.98
N SER A 612 -14.46 21.32 -9.28
CA SER A 612 -13.22 21.89 -8.78
C SER A 612 -12.15 21.88 -9.86
N PRO A 613 -11.23 22.85 -9.83
CA PRO A 613 -10.24 22.96 -10.90
C PRO A 613 -9.38 21.70 -11.01
N LEU A 614 -9.10 21.30 -12.25
CA LEU A 614 -8.32 20.10 -12.53
C LEU A 614 -7.04 20.37 -13.30
N GLY A 615 -6.91 21.53 -13.92
CA GLY A 615 -5.73 21.85 -14.71
C GLY A 615 -5.99 21.76 -16.18
N ILE A 616 -6.21 22.90 -16.82
CA ILE A 616 -6.50 22.98 -18.25
C ILE A 616 -5.52 23.91 -18.96
N SER A 617 -5.28 25.09 -18.38
CA SER A 617 -4.31 26.03 -18.95
C SER A 617 -2.89 25.51 -18.88
N VAL A 618 -2.63 24.46 -18.09
CA VAL A 618 -1.29 23.89 -18.02
C VAL A 618 -0.90 23.23 -19.34
N LEU A 619 -1.86 22.89 -20.19
CA LEU A 619 -1.54 22.38 -21.51
C LEU A 619 -1.03 23.48 -22.44
N ARG A 620 -1.13 24.75 -22.06
CA ARG A 620 -0.54 25.82 -22.85
C ARG A 620 0.98 25.85 -22.72
N CYS A 621 1.53 25.25 -21.66
CA CYS A 621 2.99 25.15 -21.53
C CYS A 621 3.60 24.22 -22.55
N VAL A 622 2.81 23.39 -23.22
CA VAL A 622 3.33 22.60 -24.34
C VAL A 622 3.79 23.52 -25.47
N ARG A 623 3.23 24.73 -25.57
CA ARG A 623 3.68 25.70 -26.57
C ARG A 623 5.10 26.17 -26.31
N LEU A 624 5.66 25.92 -25.12
CA LEU A 624 7.07 26.20 -24.88
C LEU A 624 7.98 25.35 -25.76
N LEU A 625 7.45 24.27 -26.34
CA LEU A 625 8.23 23.46 -27.26
C LEU A 625 8.62 24.23 -28.52
N ARG A 626 7.93 25.35 -28.80
CA ARG A 626 8.28 26.17 -29.95
C ARG A 626 9.69 26.76 -29.83
N ILE A 627 10.26 26.76 -28.63
CA ILE A 627 11.64 27.21 -28.46
C ILE A 627 12.59 26.36 -29.29
N PHE A 628 12.27 25.08 -29.48
CA PHE A 628 13.13 24.19 -30.27
C PHE A 628 13.26 24.64 -31.71
N LYS A 629 12.37 25.50 -32.20
CA LYS A 629 12.45 25.96 -33.59
C LYS A 629 13.70 26.77 -33.86
N ILE A 630 14.33 27.34 -32.84
CA ILE A 630 15.55 28.09 -33.05
C ILE A 630 16.77 27.17 -33.18
N THR A 631 16.68 25.94 -32.68
CA THR A 631 17.78 24.98 -32.75
C THR A 631 17.39 23.84 -33.69
N ARG A 632 18.30 22.88 -33.84
CA ARG A 632 18.09 21.75 -34.71
C ARG A 632 17.32 20.61 -34.05
N TYR A 633 16.99 20.74 -32.77
CA TYR A 633 16.21 19.72 -32.08
C TYR A 633 14.71 19.99 -32.18
N TRP A 634 14.26 20.23 -33.40
CA TRP A 634 12.85 20.44 -33.75
C TRP A 634 12.42 19.57 -34.91
N ASN A 635 13.30 19.36 -35.89
CA ASN A 635 12.96 18.45 -36.99
C ASN A 635 12.76 17.03 -36.49
N SER A 636 13.62 16.58 -35.58
CA SER A 636 13.47 15.23 -35.03
C SER A 636 12.23 15.14 -34.15
N LEU A 637 11.98 16.16 -33.33
CA LEU A 637 10.82 16.13 -32.45
C LEU A 637 9.53 16.15 -33.24
N SER A 638 9.45 16.98 -34.29
CA SER A 638 8.27 16.99 -35.13
C SER A 638 8.12 15.67 -35.88
N ASN A 639 9.23 15.09 -36.33
CA ASN A 639 9.16 13.82 -37.04
C ASN A 639 8.72 12.69 -36.13
N LEU A 640 9.16 12.71 -34.87
CA LEU A 640 8.72 11.68 -33.92
C LEU A 640 7.22 11.74 -33.70
N VAL A 641 6.67 12.95 -33.53
CA VAL A 641 5.23 13.10 -33.35
C VAL A 641 4.50 12.71 -34.63
N ALA A 642 5.08 13.03 -35.79
CA ALA A 642 4.46 12.63 -37.05
C ALA A 642 4.38 11.12 -37.18
N SER A 643 5.46 10.42 -36.80
CA SER A 643 5.44 8.95 -36.83
C SER A 643 4.45 8.39 -35.81
N LEU A 644 4.41 8.97 -34.61
CA LEU A 644 3.46 8.55 -33.59
C LEU A 644 2.01 8.72 -34.03
N LEU A 645 1.70 9.79 -34.76
CA LEU A 645 0.36 10.00 -35.29
C LEU A 645 0.06 9.14 -36.51
N ASN A 646 1.06 8.86 -37.34
CA ASN A 646 0.87 7.94 -38.45
C ASN A 646 0.62 6.51 -37.96
N SER A 647 1.23 6.12 -36.85
CA SER A 647 1.01 4.80 -36.25
C SER A 647 0.04 4.99 -35.09
N VAL A 648 -1.26 5.03 -35.40
CA VAL A 648 -2.30 5.04 -34.38
C VAL A 648 -3.12 3.76 -34.35
N ARG A 649 -3.44 3.19 -35.51
CA ARG A 649 -4.10 1.90 -35.58
C ARG A 649 -3.21 0.77 -35.09
N SER A 650 -1.93 1.02 -34.90
CA SER A 650 -1.02 0.08 -34.25
C SER A 650 -0.90 0.32 -32.75
N ILE A 651 -0.79 1.58 -32.32
CA ILE A 651 -0.66 1.86 -30.89
C ILE A 651 -1.96 1.51 -30.16
N ALA A 652 -3.10 1.96 -30.68
CA ALA A 652 -4.39 1.70 -30.07
C ALA A 652 -4.83 0.25 -30.20
N SER A 653 -4.19 -0.52 -31.08
CA SER A 653 -4.43 -1.95 -31.17
C SER A 653 -3.52 -2.76 -30.26
N LEU A 654 -2.28 -2.33 -30.07
CA LEU A 654 -1.39 -2.98 -29.13
C LEU A 654 -1.79 -2.73 -27.68
N LEU A 655 -2.33 -1.54 -27.39
CA LEU A 655 -2.83 -1.27 -26.05
C LEU A 655 -4.12 -2.01 -25.75
N LEU A 656 -4.88 -2.39 -26.77
CA LEU A 656 -6.13 -3.12 -26.56
C LEU A 656 -5.90 -4.52 -26.00
N LEU A 657 -4.90 -5.26 -26.50
CA LEU A 657 -4.56 -6.53 -25.90
C LEU A 657 -3.99 -6.40 -24.48
N LEU A 658 -3.23 -5.33 -24.20
CA LEU A 658 -2.80 -5.13 -22.82
C LEU A 658 -3.99 -4.88 -21.90
N PHE A 659 -4.94 -4.07 -22.35
CA PHE A 659 -6.15 -3.84 -21.57
C PHE A 659 -6.96 -5.13 -21.38
N LEU A 660 -7.06 -5.93 -22.44
CA LEU A 660 -7.74 -7.22 -22.32
C LEU A 660 -7.03 -8.17 -21.37
N PHE A 661 -5.71 -8.20 -21.41
CA PHE A 661 -4.94 -9.00 -20.46
C PHE A 661 -5.23 -8.58 -19.02
N ILE A 662 -5.16 -7.28 -18.75
CA ILE A 662 -5.46 -6.79 -17.41
C ILE A 662 -6.89 -7.09 -16.99
N ILE A 663 -7.87 -6.91 -17.89
CA ILE A 663 -9.25 -7.25 -17.59
C ILE A 663 -9.45 -8.74 -17.29
N ILE A 664 -8.86 -9.63 -18.09
CA ILE A 664 -9.03 -11.07 -17.89
C ILE A 664 -8.41 -11.47 -16.56
N PHE A 665 -7.18 -11.01 -16.30
CA PHE A 665 -6.51 -11.36 -15.06
C PHE A 665 -7.07 -10.63 -13.85
N SER A 666 -7.89 -9.61 -14.07
CA SER A 666 -8.66 -8.99 -13.00
C SER A 666 -9.90 -9.78 -12.63
N LEU A 667 -10.68 -10.23 -13.62
CA LEU A 667 -11.82 -11.08 -13.34
C LEU A 667 -11.41 -12.42 -12.75
N LEU A 668 -10.35 -13.05 -13.28
CA LEU A 668 -9.90 -14.31 -12.69
C LEU A 668 -9.42 -14.14 -11.27
N GLY A 669 -8.62 -13.11 -11.00
CA GLY A 669 -8.21 -12.83 -9.63
C GLY A 669 -9.32 -12.45 -8.69
N MET A 670 -10.34 -11.75 -9.19
CA MET A 670 -11.52 -11.41 -8.40
C MET A 670 -12.36 -12.64 -8.08
N GLN A 671 -12.44 -13.59 -9.01
CA GLN A 671 -13.09 -14.86 -8.69
C GLN A 671 -12.28 -15.67 -7.68
N LEU A 672 -10.96 -15.66 -7.81
CA LEU A 672 -10.12 -16.49 -6.93
C LEU A 672 -10.07 -15.93 -5.51
N PHE A 673 -9.88 -14.62 -5.36
CA PHE A 673 -9.65 -14.01 -4.06
C PHE A 673 -10.73 -13.00 -3.69
N GLY A 674 -11.92 -13.12 -4.26
CA GLY A 674 -12.98 -12.18 -3.95
C GLY A 674 -13.60 -12.41 -2.59
N GLY A 675 -13.34 -11.48 -1.67
CA GLY A 675 -13.88 -11.59 -0.33
C GLY A 675 -13.11 -12.52 0.59
N LYS A 676 -12.05 -13.15 0.11
CA LYS A 676 -11.25 -14.06 0.91
C LYS A 676 -10.08 -13.37 1.61
N PHE A 677 -9.89 -12.07 1.38
CA PHE A 677 -8.85 -11.30 2.05
C PHE A 677 -9.35 -10.71 3.37
N ASN A 678 -10.44 -11.23 3.92
CA ASN A 678 -11.04 -10.69 5.14
C ASN A 678 -10.41 -11.40 6.34
N PHE A 679 -9.31 -10.84 6.81
CA PHE A 679 -8.59 -11.35 7.97
C PHE A 679 -8.95 -10.54 9.21
N ASP A 680 -8.76 -11.16 10.38
CA ASP A 680 -9.21 -10.56 11.63
C ASP A 680 -8.38 -9.33 11.99
N GLU A 681 -7.13 -9.27 11.52
CA GLU A 681 -6.23 -8.19 11.91
C GLU A 681 -6.77 -6.83 11.44
N MET A 682 -6.32 -5.78 12.13
CA MET A 682 -6.90 -4.46 11.95
C MET A 682 -6.62 -3.87 10.58
N GLN A 683 -5.52 -4.28 9.93
CA GLN A 683 -5.19 -3.72 8.63
C GLN A 683 -6.27 -4.05 7.61
N THR A 684 -6.67 -3.03 6.83
CA THR A 684 -7.75 -3.19 5.88
C THR A 684 -7.32 -3.88 4.59
N ARG A 685 -6.01 -3.93 4.31
CA ARG A 685 -5.48 -4.55 3.10
C ARG A 685 -6.09 -3.89 1.85
N ARG A 686 -5.70 -2.63 1.65
CA ARG A 686 -6.30 -1.82 0.60
C ARG A 686 -6.20 -2.49 -0.78
N SER A 687 -5.16 -3.29 -1.01
CA SER A 687 -5.00 -3.98 -2.29
C SER A 687 -5.70 -5.33 -2.21
N THR A 688 -6.97 -5.35 -2.57
CA THR A 688 -7.78 -6.56 -2.60
C THR A 688 -8.33 -6.79 -4.00
N PHE A 689 -9.20 -7.79 -4.11
CA PHE A 689 -9.86 -8.18 -5.34
C PHE A 689 -11.37 -8.14 -5.17
N ASP A 690 -11.87 -7.14 -4.44
CA ASP A 690 -13.26 -7.11 -4.02
C ASP A 690 -14.21 -6.60 -5.09
N ASN A 691 -13.81 -5.61 -5.88
CA ASN A 691 -14.67 -5.08 -6.93
C ASN A 691 -13.95 -5.15 -8.26
N PHE A 692 -14.51 -4.53 -9.29
CA PHE A 692 -13.80 -4.44 -10.55
C PHE A 692 -12.74 -3.33 -10.51
N PRO A 693 -13.06 -2.12 -10.04
CA PRO A 693 -11.99 -1.10 -9.95
C PRO A 693 -10.86 -1.50 -9.03
N GLN A 694 -11.17 -2.08 -7.87
CA GLN A 694 -10.13 -2.48 -6.93
C GLN A 694 -9.29 -3.62 -7.47
N SER A 695 -9.91 -4.62 -8.10
CA SER A 695 -9.17 -5.68 -8.73
C SER A 695 -8.36 -5.23 -9.93
N LEU A 696 -8.81 -4.17 -10.62
CA LEU A 696 -7.99 -3.59 -11.69
C LEU A 696 -6.77 -2.89 -11.12
N LEU A 697 -6.96 -2.14 -10.03
CA LEU A 697 -5.82 -1.47 -9.40
C LEU A 697 -4.81 -2.47 -8.86
N THR A 698 -5.29 -3.55 -8.24
CA THR A 698 -4.37 -4.57 -7.73
C THR A 698 -3.58 -5.23 -8.84
N VAL A 699 -4.25 -5.56 -9.94
CA VAL A 699 -3.56 -6.20 -11.07
C VAL A 699 -2.57 -5.23 -11.70
N PHE A 700 -2.94 -3.95 -11.81
CA PHE A 700 -2.00 -2.97 -12.35
C PHE A 700 -0.78 -2.82 -11.43
N GLN A 701 -0.99 -2.83 -10.12
CA GLN A 701 0.13 -2.74 -9.19
C GLN A 701 1.05 -3.95 -9.31
N ILE A 702 0.48 -5.15 -9.44
CA ILE A 702 1.30 -6.34 -9.66
C ILE A 702 2.04 -6.24 -10.98
N LEU A 703 1.40 -5.68 -12.00
CA LEU A 703 2.05 -5.52 -13.30
C LEU A 703 3.26 -4.59 -13.21
N THR A 704 3.11 -3.47 -12.50
CA THR A 704 4.25 -2.60 -12.28
C THR A 704 5.32 -3.28 -11.44
N GLY A 705 4.93 -4.26 -10.63
CA GLY A 705 5.85 -5.05 -9.86
C GLY A 705 6.04 -4.61 -8.42
N GLU A 706 5.60 -3.40 -8.08
CA GLU A 706 5.80 -2.88 -6.73
C GLU A 706 4.93 -3.65 -5.75
N ASP A 707 5.57 -4.22 -4.72
CA ASP A 707 4.89 -4.96 -3.67
C ASP A 707 4.05 -6.10 -4.24
N TRP A 708 4.55 -6.73 -5.32
CA TRP A 708 3.84 -7.86 -5.90
C TRP A 708 3.89 -9.08 -5.00
N ASN A 709 4.89 -9.16 -4.12
CA ASN A 709 4.99 -10.31 -3.21
C ASN A 709 4.08 -10.15 -2.00
N SER A 710 3.74 -8.92 -1.61
CA SER A 710 2.85 -8.71 -0.48
C SER A 710 1.43 -9.16 -0.81
N VAL A 711 0.99 -9.00 -2.06
CA VAL A 711 -0.31 -9.51 -2.48
C VAL A 711 -0.32 -11.04 -2.56
N MET A 712 0.78 -11.66 -3.00
CA MET A 712 0.85 -13.11 -3.05
C MET A 712 0.93 -13.73 -1.68
N TYR A 713 1.63 -13.10 -0.74
CA TYR A 713 1.61 -13.56 0.65
C TYR A 713 0.21 -13.49 1.25
N ASP A 714 -0.65 -12.61 0.75
CA ASP A 714 -2.02 -12.53 1.21
C ASP A 714 -2.93 -13.52 0.51
N GLY A 715 -2.71 -13.78 -0.77
CA GLY A 715 -3.47 -14.76 -1.50
C GLY A 715 -3.11 -16.18 -1.11
N ILE A 716 -1.93 -16.35 -0.52
CA ILE A 716 -1.53 -17.68 -0.04
C ILE A 716 -2.24 -18.02 1.27
N MET A 717 -2.28 -17.08 2.21
CA MET A 717 -2.98 -17.32 3.47
C MET A 717 -4.50 -17.30 3.32
N ALA A 718 -5.02 -16.76 2.23
CA ALA A 718 -6.46 -16.78 1.98
C ALA A 718 -6.94 -18.14 1.51
N TYR A 719 -6.04 -19.06 1.18
CA TYR A 719 -6.39 -20.41 0.75
C TYR A 719 -5.81 -21.45 1.71
N GLY A 720 -5.64 -21.07 2.98
CA GLY A 720 -4.99 -21.93 3.93
C GLY A 720 -3.78 -21.27 4.54
N GLY A 721 -2.59 -21.78 4.19
CA GLY A 721 -1.35 -21.20 4.62
C GLY A 721 -0.18 -21.76 3.84
N PRO A 722 0.97 -21.91 4.48
CA PRO A 722 2.11 -22.55 3.81
C PRO A 722 1.95 -24.07 3.74
N SER A 723 0.81 -24.54 3.25
CA SER A 723 0.51 -25.95 3.09
C SER A 723 0.67 -26.33 1.62
N PHE A 724 0.48 -27.62 1.33
CA PHE A 724 0.69 -28.08 -0.03
C PHE A 724 -0.38 -27.56 -0.99
N PRO A 725 -1.66 -27.89 -0.83
CA PRO A 725 -2.63 -27.47 -1.85
C PRO A 725 -2.91 -25.97 -1.83
N GLY A 726 -2.87 -25.34 -0.65
CA GLY A 726 -3.16 -23.93 -0.58
C GLY A 726 -2.12 -23.07 -1.27
N MET A 727 -0.85 -23.46 -1.19
CA MET A 727 0.23 -22.66 -1.75
C MET A 727 0.36 -22.79 -3.26
N LEU A 728 -0.38 -23.70 -3.88
CA LEU A 728 -0.39 -23.78 -5.34
C LEU A 728 -1.10 -22.61 -5.99
N VAL A 729 -1.51 -21.62 -5.19
CA VAL A 729 -2.15 -20.41 -5.70
C VAL A 729 -1.14 -19.36 -6.14
N CYS A 730 0.13 -19.53 -5.79
CA CYS A 730 1.16 -18.59 -6.22
C CYS A 730 1.47 -18.68 -7.70
N ILE A 731 1.03 -19.74 -8.37
CA ILE A 731 1.16 -19.84 -9.83
C ILE A 731 0.37 -18.76 -10.55
N TYR A 732 -0.73 -18.29 -9.96
CA TYR A 732 -1.45 -17.16 -10.52
C TYR A 732 -0.58 -15.90 -10.56
N PHE A 733 0.03 -15.54 -9.43
CA PHE A 733 0.88 -14.36 -9.37
C PHE A 733 2.15 -14.50 -10.19
N ILE A 734 2.78 -15.68 -10.18
CA ILE A 734 3.99 -15.89 -10.96
C ILE A 734 3.69 -15.74 -12.45
N ILE A 735 2.63 -16.40 -12.92
CA ILE A 735 2.25 -16.30 -14.32
C ILE A 735 1.86 -14.88 -14.67
N LEU A 736 1.10 -14.21 -13.82
CA LEU A 736 0.71 -12.84 -14.10
C LEU A 736 1.91 -11.92 -14.21
N PHE A 737 2.89 -12.04 -13.30
CA PHE A 737 4.08 -11.22 -13.36
C PHE A 737 4.90 -11.50 -14.63
N ILE A 738 5.23 -12.77 -14.89
CA ILE A 738 6.14 -13.06 -15.99
C ILE A 738 5.46 -12.97 -17.35
N CYS A 739 4.13 -12.92 -17.40
CA CYS A 739 3.43 -12.71 -18.66
C CYS A 739 2.88 -11.31 -18.81
N GLY A 740 2.97 -10.48 -17.76
CA GLY A 740 2.62 -9.09 -17.89
C GLY A 740 3.84 -8.25 -18.17
N ASN A 741 4.95 -8.55 -17.51
CA ASN A 741 6.19 -7.84 -17.79
C ASN A 741 6.79 -8.19 -19.14
N TYR A 742 6.29 -9.24 -19.80
CA TYR A 742 6.69 -9.54 -21.17
C TYR A 742 5.90 -8.73 -22.18
N ILE A 743 4.57 -8.69 -22.04
CA ILE A 743 3.74 -7.84 -22.90
C ILE A 743 3.98 -6.35 -22.64
N LEU A 744 4.45 -5.99 -21.45
CA LEU A 744 4.80 -4.60 -21.17
C LEU A 744 6.11 -4.18 -21.83
N LEU A 745 6.95 -5.13 -22.23
CA LEU A 745 8.18 -4.84 -22.96
C LEU A 745 8.03 -5.10 -24.45
N ASN A 746 7.03 -5.88 -24.84
CA ASN A 746 6.76 -6.13 -26.25
C ASN A 746 5.70 -5.19 -26.83
N VAL A 747 5.16 -4.27 -26.02
CA VAL A 747 4.11 -3.38 -26.50
C VAL A 747 4.61 -1.94 -26.49
N PHE A 748 5.49 -1.62 -25.54
CA PHE A 748 5.99 -0.26 -25.38
C PHE A 748 7.37 -0.07 -25.99
N LEU A 749 8.30 -0.98 -25.72
CA LEU A 749 9.60 -0.93 -26.39
C LEU A 749 9.46 -1.09 -27.89
N ALA A 750 8.52 -1.94 -28.34
CA ALA A 750 8.28 -2.09 -29.76
C ALA A 750 7.82 -0.79 -30.40
N ILE A 751 6.85 -0.11 -29.76
CA ILE A 751 6.38 1.16 -30.27
C ILE A 751 7.52 2.17 -30.32
N ALA A 752 8.26 2.30 -29.21
CA ALA A 752 9.33 3.29 -29.15
C ALA A 752 10.39 3.04 -30.21
N VAL A 753 10.83 1.79 -30.35
CA VAL A 753 11.89 1.47 -31.30
C VAL A 753 11.41 1.66 -32.73
N ASP A 754 10.24 1.10 -33.06
CA ASP A 754 9.76 1.14 -34.43
C ASP A 754 9.25 2.51 -34.85
N ASN A 755 9.08 3.44 -33.92
CA ASN A 755 8.79 4.83 -34.29
C ASN A 755 10.03 5.71 -34.29
N LEU A 756 10.95 5.51 -33.34
CA LEU A 756 12.17 6.30 -33.32
C LEU A 756 13.14 5.91 -34.43
N ALA A 757 13.04 4.69 -34.95
CA ALA A 757 13.82 4.32 -36.13
C ALA A 757 13.28 4.98 -37.40
N ASP A 758 11.97 5.15 -37.50
CA ASP A 758 11.39 5.87 -38.63
C ASP A 758 11.68 7.37 -38.53
N ALA A 759 11.68 7.90 -37.30
CA ALA A 759 11.97 9.32 -37.13
C ALA A 759 13.38 9.67 -37.59
N GLU A 760 14.35 8.81 -37.27
CA GLU A 760 15.73 9.06 -37.71
C GLU A 760 15.83 9.04 -39.23
N SER A 761 15.18 8.08 -39.87
CA SER A 761 15.22 8.01 -41.33
C SER A 761 14.56 9.24 -41.96
N LEU A 762 13.44 9.68 -41.39
CA LEU A 762 12.79 10.89 -41.88
C LEU A 762 13.70 12.11 -41.74
N THR A 763 14.35 12.25 -40.58
CA THR A 763 15.25 13.38 -40.36
C THR A 763 16.43 13.34 -41.33
N SER A 764 16.96 12.14 -41.58
CA SER A 764 18.05 12.00 -42.55
C SER A 764 17.57 12.41 -43.94
N ALA A 765 16.34 12.03 -44.30
CA ALA A 765 15.80 12.44 -45.60
C ALA A 765 15.69 13.95 -45.71
N GLN A 766 15.18 14.61 -44.66
CA GLN A 766 15.07 16.06 -44.69
C GLN A 766 16.45 16.71 -44.80
N LYS A 767 17.43 16.21 -44.04
CA LYS A 767 18.77 16.78 -44.08
C LYS A 767 19.39 16.63 -45.46
N GLU A 768 19.26 15.44 -46.06
CA GLU A 768 19.82 15.21 -47.38
C GLU A 768 19.16 16.09 -48.43
N GLU A 769 17.83 16.22 -48.37
CA GLU A 769 17.12 17.07 -49.34
C GLU A 769 17.55 18.52 -49.19
N GLU A 770 17.67 19.01 -47.95
CA GLU A 770 18.07 20.39 -47.72
C GLU A 770 19.48 20.62 -48.25
N GLU A 771 20.40 19.68 -47.98
CA GLU A 771 21.78 19.83 -48.44
C GLU A 771 21.85 19.82 -49.96
N GLU A 772 21.13 18.90 -50.60
CA GLU A 772 21.15 18.83 -52.05
C GLU A 772 20.57 20.09 -52.68
N LYS A 773 19.45 20.57 -52.16
CA LYS A 773 18.83 21.78 -52.71
C LYS A 773 19.74 22.98 -52.54
N GLU A 774 20.35 23.14 -51.36
CA GLU A 774 21.24 24.26 -51.12
C GLU A 774 22.47 24.19 -52.03
N ARG A 775 23.04 23.00 -52.20
CA ARG A 775 24.18 22.84 -53.10
C ARG A 775 23.80 23.18 -54.54
N LYS A 776 22.61 22.73 -54.97
CA LYS A 776 22.17 23.03 -56.33
C LYS A 776 21.98 24.53 -56.53
N LYS A 777 21.40 25.21 -55.53
CA LYS A 777 21.15 26.65 -55.66
C LYS A 777 22.45 27.42 -55.89
N LEU A 778 23.46 27.18 -55.06
CA LEU A 778 24.72 27.90 -55.20
C LEU A 778 25.43 27.53 -56.49
N ALA A 779 25.37 26.25 -56.89
CA ALA A 779 26.07 25.81 -58.09
C ALA A 779 25.37 26.30 -59.35
N ARG A 780 24.04 26.16 -59.41
CA ARG A 780 23.31 26.53 -60.62
C ARG A 780 23.31 28.03 -60.84
N THR A 781 23.06 28.81 -59.78
CA THR A 781 22.95 30.26 -59.94
C THR A 781 24.30 30.90 -60.20
N ALA A 782 25.32 30.50 -59.45
CA ALA A 782 26.66 31.11 -59.52
C ALA A 782 27.63 30.08 -60.10
N SER A 783 27.85 30.15 -61.40
CA SER A 783 28.81 29.26 -62.07
C SER A 783 29.23 29.85 -63.41
N ARG A 895 62.53 15.61 -21.18
CA ARG A 895 61.82 15.41 -19.92
C ARG A 895 61.50 13.93 -19.70
N ILE A 896 61.64 13.48 -18.44
CA ILE A 896 61.31 12.10 -18.08
C ILE A 896 59.82 11.91 -17.82
N VAL A 897 59.03 12.99 -17.86
CA VAL A 897 57.60 12.87 -17.57
C VAL A 897 56.91 12.00 -18.60
N ASN A 898 57.25 12.18 -19.87
CA ASN A 898 56.62 11.44 -20.97
C ASN A 898 57.00 9.97 -21.00
N ASP A 899 57.77 9.48 -20.02
CA ASP A 899 58.12 8.07 -19.97
C ASP A 899 56.94 7.26 -19.44
N THR A 900 57.07 5.93 -19.53
CA THR A 900 56.01 5.03 -19.11
C THR A 900 56.01 4.76 -17.61
N ILE A 901 57.20 4.66 -17.00
CA ILE A 901 57.28 4.27 -15.59
C ILE A 901 56.62 5.32 -14.71
N PHE A 902 56.85 6.61 -14.99
CA PHE A 902 56.24 7.66 -14.18
C PHE A 902 54.73 7.66 -14.29
N THR A 903 54.21 7.50 -15.52
CA THR A 903 52.76 7.46 -15.70
C THR A 903 52.14 6.27 -14.98
N ASN A 904 52.77 5.09 -15.11
CA ASN A 904 52.23 3.90 -14.47
C ASN A 904 52.28 4.01 -12.95
N LEU A 905 53.37 4.52 -12.39
CA LEU A 905 53.47 4.69 -10.95
C LEU A 905 52.53 5.77 -10.42
N ILE A 906 52.29 6.84 -11.18
CA ILE A 906 51.29 7.82 -10.79
C ILE A 906 49.89 7.23 -10.81
N LEU A 907 49.58 6.41 -11.83
CA LEU A 907 48.31 5.71 -11.86
C LEU A 907 48.15 4.78 -10.67
N PHE A 908 49.22 4.07 -10.28
CA PHE A 908 49.18 3.22 -9.09
C PHE A 908 48.97 4.03 -7.83
N PHE A 909 49.62 5.18 -7.71
CA PHE A 909 49.43 6.05 -6.56
C PHE A 909 48.01 6.60 -6.49
N ILE A 910 47.38 6.81 -7.65
CA ILE A 910 45.98 7.25 -7.66
C ILE A 910 45.10 6.20 -6.99
N LEU A 911 45.31 4.93 -7.35
CA LEU A 911 44.57 3.84 -6.72
C LEU A 911 44.87 3.77 -5.23
N LEU A 912 46.14 3.94 -4.85
CA LEU A 912 46.48 3.93 -3.44
C LEU A 912 45.75 5.02 -2.67
N SER A 913 45.71 6.23 -3.23
CA SER A 913 45.00 7.33 -2.58
C SER A 913 43.50 7.04 -2.48
N SER A 914 42.93 6.46 -3.54
CA SER A 914 41.50 6.13 -3.50
C SER A 914 41.19 5.11 -2.41
N ILE A 915 42.00 4.06 -2.31
CA ILE A 915 41.76 3.07 -1.26
C ILE A 915 42.00 3.65 0.11
N SER A 916 42.99 4.54 0.26
CA SER A 916 43.20 5.22 1.53
C SER A 916 42.01 6.09 1.91
N LEU A 917 41.36 6.73 0.94
CA LEU A 917 40.14 7.48 1.18
C LEU A 917 38.95 6.60 1.51
N ALA A 918 38.88 5.39 0.94
CA ALA A 918 37.73 4.52 1.17
C ALA A 918 37.81 3.77 2.50
N ALA A 919 38.94 3.81 3.18
CA ALA A 919 39.14 3.06 4.43
C ALA A 919 38.98 3.93 5.67
N GLU A 920 38.51 5.17 5.53
CA GLU A 920 38.37 6.04 6.68
C GLU A 920 37.21 5.58 7.56
N ASP A 921 37.27 5.97 8.84
CA ASP A 921 36.22 5.61 9.79
C ASP A 921 35.17 6.72 9.81
N PRO A 922 33.95 6.46 9.34
CA PRO A 922 32.93 7.52 9.26
C PRO A 922 32.52 8.05 10.62
N VAL A 923 32.05 7.15 11.48
CA VAL A 923 31.48 7.57 12.76
C VAL A 923 32.58 7.95 13.74
N GLN A 924 33.59 7.11 13.87
CA GLN A 924 34.67 7.37 14.81
C GLN A 924 35.55 8.50 14.30
N HIS A 925 36.00 9.35 15.23
CA HIS A 925 36.87 10.47 14.91
C HIS A 925 38.26 10.32 15.53
N THR A 926 38.33 10.11 16.85
CA THR A 926 39.60 9.90 17.54
C THR A 926 39.90 8.41 17.55
N SER A 927 40.30 7.92 16.38
CA SER A 927 40.64 6.52 16.20
C SER A 927 42.00 6.41 15.53
N PHE A 928 42.66 5.27 15.74
CA PHE A 928 43.96 5.04 15.12
C PHE A 928 43.85 4.83 13.62
N ARG A 929 42.79 4.19 13.13
CA ARG A 929 42.65 4.01 11.69
C ARG A 929 42.52 5.34 10.99
N ASN A 930 41.73 6.25 11.54
CA ASN A 930 41.61 7.57 10.92
C ASN A 930 42.84 8.42 11.11
N HIS A 931 43.92 7.85 11.65
CA HIS A 931 45.19 8.54 11.83
C HIS A 931 46.26 8.09 10.85
N ILE A 932 46.42 6.78 10.66
CA ILE A 932 47.46 6.29 9.74
C ILE A 932 47.15 6.72 8.31
N LEU A 933 45.93 6.45 7.83
CA LEU A 933 45.54 6.98 6.53
C LEU A 933 45.21 8.46 6.59
N GLY A 934 45.03 9.01 7.80
CA GLY A 934 45.04 10.44 7.97
C GLY A 934 46.42 11.04 8.01
N ASN A 935 47.46 10.19 8.01
CA ASN A 935 48.85 10.62 7.93
C ASN A 935 49.49 10.27 6.60
N ALA A 936 49.08 9.17 5.97
CA ALA A 936 49.62 8.81 4.66
C ALA A 936 49.24 9.82 3.59
N ASP A 937 48.17 10.59 3.80
CA ASP A 937 47.82 11.64 2.87
C ASP A 937 48.89 12.73 2.82
N TYR A 938 49.61 12.93 3.93
CA TYR A 938 50.69 13.91 3.95
C TYR A 938 51.77 13.56 2.93
N VAL A 939 52.23 12.29 2.96
CA VAL A 939 53.23 11.87 1.99
C VAL A 939 52.60 11.70 0.61
N PHE A 940 51.32 11.32 0.56
CA PHE A 940 50.65 11.08 -0.72
C PHE A 940 50.59 12.35 -1.55
N THR A 941 50.21 13.47 -0.94
CA THR A 941 50.14 14.72 -1.70
C THR A 941 51.53 15.23 -2.06
N SER A 942 52.57 14.78 -1.35
CA SER A 942 53.92 15.19 -1.67
C SER A 942 54.32 14.73 -3.06
N ILE A 943 54.01 13.48 -3.41
CA ILE A 943 54.29 12.99 -4.75
C ILE A 943 53.45 13.74 -5.78
N PHE A 944 52.16 13.93 -5.47
CA PHE A 944 51.28 14.60 -6.42
C PHE A 944 51.65 16.06 -6.60
N THR A 945 52.08 16.75 -5.54
CA THR A 945 52.61 18.09 -5.70
C THR A 945 53.86 18.08 -6.58
N LEU A 946 54.74 17.10 -6.36
CA LEU A 946 55.95 16.97 -7.17
C LEU A 946 55.59 16.73 -8.63
N GLU A 947 54.60 15.86 -8.88
CA GLU A 947 54.28 15.44 -10.25
C GLU A 947 53.96 16.64 -11.13
N ILE A 948 53.22 17.62 -10.61
CA ILE A 948 52.91 18.81 -11.39
C ILE A 948 54.16 19.65 -11.59
N ILE A 949 55.04 19.72 -10.58
CA ILE A 949 56.17 20.63 -10.62
C ILE A 949 57.16 20.25 -11.73
N LEU A 950 57.58 18.99 -11.79
CA LEU A 950 58.58 18.65 -12.79
C LEU A 950 57.97 18.48 -14.17
N LYS A 951 56.64 18.37 -14.27
CA LYS A 951 55.97 18.35 -15.56
C LYS A 951 55.54 19.74 -16.02
N MET A 952 55.52 20.73 -15.12
CA MET A 952 55.26 22.10 -15.53
C MET A 952 56.36 22.60 -16.46
N THR A 953 57.62 22.25 -16.16
CA THR A 953 58.74 22.72 -16.96
C THR A 953 58.62 22.27 -18.42
N ALA A 954 57.85 21.22 -18.69
CA ALA A 954 57.65 20.74 -20.05
C ALA A 954 56.57 21.51 -20.80
N TYR A 955 55.95 22.50 -20.18
CA TYR A 955 54.89 23.28 -20.81
C TYR A 955 54.92 24.68 -20.22
N GLY A 956 53.91 25.48 -20.53
CA GLY A 956 53.82 26.83 -20.00
C GLY A 956 52.40 27.39 -20.05
N ARG A 966 47.06 24.95 -21.27
CA ARG A 966 46.76 24.10 -20.13
C ARG A 966 45.47 23.31 -20.37
N ASN A 967 45.59 21.98 -20.42
CA ASN A 967 44.44 21.13 -20.64
C ASN A 967 43.54 21.12 -19.41
N TYR A 968 42.25 20.83 -19.62
CA TYR A 968 41.29 20.84 -18.53
C TYR A 968 41.61 19.77 -17.49
N PHE A 969 42.13 18.62 -17.92
CA PHE A 969 42.51 17.58 -16.97
C PHE A 969 43.67 18.04 -16.10
N ASN A 970 44.60 18.80 -16.67
CA ASN A 970 45.68 19.37 -15.86
C ASN A 970 45.14 20.36 -14.84
N ILE A 971 44.11 21.14 -15.23
CA ILE A 971 43.49 22.05 -14.28
C ILE A 971 42.81 21.28 -13.16
N LEU A 972 42.15 20.17 -13.49
CA LEU A 972 41.54 19.34 -12.46
C LEU A 972 42.58 18.76 -11.52
N ASP A 973 43.74 18.40 -12.04
CA ASP A 973 44.69 17.76 -11.16
C ASP A 973 45.30 18.79 -10.28
N LEU A 974 45.25 20.02 -10.72
CA LEU A 974 45.76 21.07 -9.86
C LEU A 974 44.76 21.26 -8.76
N LEU A 975 43.51 21.44 -9.14
CA LEU A 975 42.51 21.63 -8.15
C LEU A 975 42.68 20.58 -7.11
N VAL A 976 42.66 19.32 -7.51
CA VAL A 976 42.73 18.28 -6.51
C VAL A 976 43.93 18.54 -5.65
N VAL A 977 45.12 18.60 -6.25
CA VAL A 977 46.28 18.75 -5.40
C VAL A 977 46.05 19.94 -4.52
N SER A 978 45.30 20.90 -4.98
CA SER A 978 45.14 22.09 -4.20
C SER A 978 44.34 21.83 -2.95
N VAL A 979 43.13 21.29 -3.07
CA VAL A 979 42.33 21.12 -1.89
C VAL A 979 43.17 20.53 -0.82
N SER A 980 43.68 19.35 -1.06
CA SER A 980 44.58 18.74 -0.11
C SER A 980 45.42 19.79 0.50
N LEU A 981 46.13 20.52 -0.33
CA LEU A 981 47.04 21.52 0.16
C LEU A 981 46.35 22.54 1.05
N ILE A 982 45.36 23.24 0.50
CA ILE A 982 44.67 24.26 1.25
C ILE A 982 43.75 23.63 2.27
N SER A 983 44.23 22.64 3.00
CA SER A 983 43.37 21.93 3.91
C SER A 983 44.10 21.58 5.16
N PHE A 984 45.17 20.83 5.06
CA PHE A 984 45.96 20.58 6.25
C PHE A 984 46.66 21.87 6.64
N GLY A 985 46.35 22.95 5.94
CA GLY A 985 46.89 24.25 6.28
C GLY A 985 45.85 25.03 7.08
N ILE A 986 44.56 24.71 6.93
CA ILE A 986 43.57 25.37 7.74
C ILE A 986 43.90 24.93 9.13
N GLN A 987 44.29 23.67 9.30
CA GLN A 987 44.70 23.16 10.60
C GLN A 987 44.16 23.96 11.78
N SER A 988 42.87 24.30 11.79
CA SER A 988 42.29 25.13 12.85
C SER A 988 40.87 25.44 12.56
N SER A 989 40.58 25.82 11.32
CA SER A 989 39.24 26.26 10.99
C SER A 989 38.23 25.16 10.82
N ALA A 990 37.80 24.54 11.92
CA ALA A 990 36.79 23.52 11.81
C ALA A 990 35.64 24.13 11.09
N ILE A 991 35.42 25.42 11.31
CA ILE A 991 34.35 26.14 10.65
C ILE A 991 33.94 25.50 9.36
N ASN A 992 33.04 24.54 9.39
CA ASN A 992 32.73 23.85 8.17
C ASN A 992 34.02 23.76 7.38
N VAL A 993 34.14 24.53 6.30
CA VAL A 993 35.36 24.54 5.51
C VAL A 993 36.01 23.17 5.49
N VAL A 994 36.86 22.82 6.45
CA VAL A 994 37.40 21.47 6.41
C VAL A 994 36.30 20.50 6.02
N LYS A 995 35.22 20.47 6.76
CA LYS A 995 34.12 19.56 6.48
C LYS A 995 33.34 19.97 5.27
N ILE A 996 34.00 20.57 4.31
CA ILE A 996 33.32 20.88 3.06
C ILE A 996 34.43 21.03 2.11
N LEU A 997 35.58 20.58 2.53
CA LEU A 997 36.69 20.60 1.66
C LEU A 997 37.19 19.20 1.69
N ARG A 998 36.75 18.44 2.67
CA ARG A 998 37.12 17.04 2.74
C ARG A 998 36.26 16.25 1.80
N VAL A 999 35.00 16.62 1.68
CA VAL A 999 34.11 15.94 0.78
C VAL A 999 34.37 16.44 -0.59
N LEU A 1000 35.62 16.70 -0.90
CA LEU A 1000 35.96 17.16 -2.20
C LEU A 1000 37.23 16.50 -2.57
N ARG A 1001 37.66 15.56 -1.77
CA ARG A 1001 38.81 14.83 -2.15
C ARG A 1001 38.27 13.78 -3.01
N VAL A 1002 36.98 13.47 -2.91
CA VAL A 1002 36.41 12.38 -3.65
C VAL A 1002 36.62 12.50 -5.13
N LEU A 1003 37.42 13.44 -5.55
CA LEU A 1003 37.70 13.61 -6.96
C LEU A 1003 38.98 12.92 -7.37
N ARG A 1004 39.73 12.39 -6.43
CA ARG A 1004 40.90 11.63 -6.80
C ARG A 1004 40.64 10.63 -7.96
N PRO A 1005 39.69 9.71 -7.82
CA PRO A 1005 39.54 8.76 -8.94
C PRO A 1005 39.49 9.42 -10.30
N LEU A 1006 38.92 10.62 -10.39
CA LEU A 1006 38.71 11.26 -11.69
C LEU A 1006 39.99 11.81 -12.31
N ARG A 1007 41.10 11.84 -11.57
CA ARG A 1007 42.36 12.26 -12.17
C ARG A 1007 43.04 11.14 -12.94
N ALA A 1008 42.49 9.93 -12.89
CA ALA A 1008 43.00 8.81 -13.66
C ALA A 1008 42.38 8.71 -15.05
N ILE A 1009 41.42 9.58 -15.37
CA ILE A 1009 40.77 9.53 -16.68
C ILE A 1009 41.78 9.88 -17.78
N ASN A 1010 42.60 10.90 -17.55
CA ASN A 1010 43.54 11.36 -18.57
C ASN A 1010 44.77 10.47 -18.71
N ARG A 1011 45.05 9.63 -17.73
CA ARG A 1011 46.23 8.77 -17.76
C ARG A 1011 45.91 7.31 -18.04
N ALA A 1012 44.68 7.01 -18.44
CA ALA A 1012 44.21 5.65 -18.67
C ALA A 1012 43.45 5.55 -19.97
N LYS A 1013 44.08 6.01 -21.07
CA LYS A 1013 43.49 5.99 -22.39
C LYS A 1013 42.73 4.71 -22.65
N GLY A 1014 41.46 4.84 -23.01
CA GLY A 1014 40.53 3.73 -22.98
C GLY A 1014 39.46 4.01 -21.94
N LEU A 1015 39.86 4.66 -20.85
CA LEU A 1015 38.93 5.19 -19.87
C LEU A 1015 38.54 6.63 -20.20
N LYS A 1016 39.39 7.36 -20.91
CA LYS A 1016 39.01 8.67 -21.43
C LYS A 1016 38.04 8.51 -22.60
N HIS A 1017 38.23 7.47 -23.41
CA HIS A 1017 37.38 7.27 -24.57
C HIS A 1017 35.93 6.98 -24.16
N VAL A 1018 35.73 6.17 -23.12
CA VAL A 1018 34.37 5.88 -22.68
C VAL A 1018 33.72 7.13 -22.08
N VAL A 1019 34.51 7.96 -21.39
CA VAL A 1019 33.97 9.20 -20.84
C VAL A 1019 33.53 10.12 -21.98
N GLN A 1020 34.36 10.26 -23.01
CA GLN A 1020 33.97 11.06 -24.16
C GLN A 1020 32.75 10.50 -24.87
N CYS A 1021 32.66 9.18 -25.02
CA CYS A 1021 31.50 8.56 -25.64
C CYS A 1021 30.24 8.82 -24.83
N VAL A 1022 30.32 8.73 -23.50
CA VAL A 1022 29.14 8.98 -22.68
C VAL A 1022 28.76 10.46 -22.72
N PHE A 1023 29.74 11.35 -22.86
CA PHE A 1023 29.42 12.77 -23.02
C PHE A 1023 28.71 13.02 -24.33
N VAL A 1024 29.16 12.41 -25.42
CA VAL A 1024 28.47 12.53 -26.69
C VAL A 1024 27.06 11.96 -26.59
N ALA A 1025 26.93 10.83 -25.89
CA ALA A 1025 25.61 10.21 -25.73
C ALA A 1025 24.66 11.11 -24.95
N ILE A 1026 25.12 11.71 -23.86
CA ILE A 1026 24.26 12.58 -23.07
C ILE A 1026 23.95 13.89 -23.80
N ARG A 1027 24.88 14.38 -24.64
CA ARG A 1027 24.55 15.51 -25.51
C ARG A 1027 23.52 15.15 -26.56
N THR A 1028 23.57 13.93 -27.10
CA THR A 1028 22.58 13.49 -28.07
C THR A 1028 21.21 13.33 -27.43
N ILE A 1029 21.13 12.68 -26.27
CA ILE A 1029 19.84 12.46 -25.60
C ILE A 1029 19.63 13.65 -24.67
N GLY A 1030 19.15 14.75 -25.25
CA GLY A 1030 18.75 15.89 -24.46
C GLY A 1030 17.30 16.25 -24.72
N ASN A 1031 16.85 15.97 -25.94
CA ASN A 1031 15.46 16.26 -26.30
C ASN A 1031 14.50 15.41 -25.49
N ILE A 1032 14.80 14.11 -25.33
CA ILE A 1032 13.93 13.23 -24.58
C ILE A 1032 13.85 13.69 -23.13
N VAL A 1033 14.98 14.02 -22.52
CA VAL A 1033 14.99 14.48 -21.14
C VAL A 1033 14.24 15.79 -20.98
N ILE A 1034 14.44 16.74 -21.89
CA ILE A 1034 13.74 18.03 -21.79
C ILE A 1034 12.24 17.87 -21.94
N VAL A 1035 11.78 17.11 -22.94
CA VAL A 1035 10.34 16.92 -23.13
C VAL A 1035 9.73 15.96 -22.13
N THR A 1036 10.55 15.22 -21.37
CA THR A 1036 10.03 14.45 -20.26
C THR A 1036 9.88 15.31 -19.01
N THR A 1037 10.86 16.18 -18.75
CA THR A 1037 10.72 17.13 -17.65
C THR A 1037 9.56 18.08 -17.88
N LEU A 1038 9.36 18.52 -19.13
CA LEU A 1038 8.25 19.42 -19.43
C LEU A 1038 6.91 18.76 -19.14
N LEU A 1039 6.76 17.48 -19.48
CA LEU A 1039 5.53 16.73 -19.20
C LEU A 1039 5.34 16.45 -17.72
N GLN A 1040 6.42 16.08 -17.04
CA GLN A 1040 6.34 15.88 -15.59
C GLN A 1040 5.95 17.16 -14.87
N PHE A 1041 6.38 18.31 -15.39
CA PHE A 1041 5.98 19.58 -14.80
C PHE A 1041 4.48 19.81 -14.90
N MET A 1042 3.89 19.53 -16.08
CA MET A 1042 2.45 19.69 -16.24
C MET A 1042 1.69 18.71 -15.35
N PHE A 1043 2.18 17.48 -15.26
CA PHE A 1043 1.53 16.51 -14.36
C PHE A 1043 1.64 16.95 -12.91
N ALA A 1044 2.76 17.55 -12.52
CA ALA A 1044 2.92 18.06 -11.17
C ALA A 1044 1.94 19.20 -10.91
N CYS A 1045 1.76 20.09 -11.89
CA CYS A 1045 0.79 21.17 -11.72
C CYS A 1045 -0.63 20.63 -11.59
N ILE A 1046 -0.98 19.62 -12.38
CA ILE A 1046 -2.30 19.00 -12.25
C ILE A 1046 -2.46 18.37 -10.87
N GLY A 1047 -1.42 17.70 -10.39
CA GLY A 1047 -1.47 17.12 -9.06
C GLY A 1047 -1.62 18.16 -7.97
N VAL A 1048 -0.98 19.32 -8.15
CA VAL A 1048 -1.17 20.42 -7.20
C VAL A 1048 -2.61 20.90 -7.22
N GLN A 1049 -3.19 21.03 -8.42
CA GLN A 1049 -4.59 21.45 -8.50
C GLN A 1049 -5.52 20.44 -7.82
N LEU A 1050 -5.23 19.15 -7.95
CA LEU A 1050 -6.12 18.13 -7.43
C LEU A 1050 -5.93 17.81 -5.95
N PHE A 1051 -4.71 17.91 -5.42
CA PHE A 1051 -4.42 17.34 -4.11
C PHE A 1051 -3.76 18.33 -3.15
N LYS A 1052 -3.81 19.63 -3.41
CA LYS A 1052 -3.11 20.56 -2.53
C LYS A 1052 -3.83 20.64 -1.19
N GLY A 1053 -3.07 20.45 -0.11
CA GLY A 1053 -3.62 20.51 1.23
C GLY A 1053 -4.68 19.48 1.55
N LYS A 1054 -4.77 18.40 0.78
CA LYS A 1054 -5.84 17.43 0.98
C LYS A 1054 -5.39 16.13 1.64
N LEU A 1055 -4.11 15.76 1.52
CA LEU A 1055 -3.62 14.50 2.07
C LEU A 1055 -3.02 14.74 3.45
N TYR A 1056 -3.88 15.09 4.40
CA TYR A 1056 -3.52 15.24 5.79
C TYR A 1056 -4.29 14.22 6.61
N THR A 1057 -3.64 13.72 7.67
CA THR A 1057 -4.25 12.70 8.50
C THR A 1057 -3.95 12.96 9.97
N CYS A 1058 -4.93 12.70 10.81
CA CYS A 1058 -4.76 12.68 12.26
C CYS A 1058 -4.44 11.27 12.70
N SER A 1059 -3.64 11.14 13.77
CA SER A 1059 -3.29 9.82 14.27
C SER A 1059 -4.54 9.06 14.72
N ASP A 1060 -5.45 9.76 15.39
CA ASP A 1060 -6.76 9.19 15.71
C ASP A 1060 -7.65 9.32 14.48
N SER A 1061 -8.11 8.19 13.95
CA SER A 1061 -8.88 8.21 12.72
C SER A 1061 -10.34 8.56 13.00
N SER A 1062 -10.56 9.56 13.84
CA SER A 1062 -11.90 10.07 14.11
C SER A 1062 -11.97 11.59 14.08
N LYS A 1063 -10.84 12.29 13.99
CA LYS A 1063 -10.79 13.74 13.96
C LYS A 1063 -10.39 14.18 12.56
N GLN A 1064 -11.15 15.11 11.99
CA GLN A 1064 -10.95 15.54 10.62
C GLN A 1064 -10.60 17.03 10.54
N THR A 1065 -9.90 17.54 11.53
CA THR A 1065 -9.50 18.95 11.56
C THR A 1065 -8.30 19.08 12.49
N GLU A 1066 -7.38 19.99 12.13
CA GLU A 1066 -6.21 20.20 12.97
C GLU A 1066 -6.60 20.69 14.36
N ALA A 1067 -7.57 21.61 14.44
CA ALA A 1067 -8.06 22.07 15.73
C ALA A 1067 -8.75 20.95 16.50
N GLU A 1068 -9.20 19.91 15.81
CA GLU A 1068 -9.85 18.77 16.42
C GLU A 1068 -8.87 17.63 16.71
N CYS A 1069 -7.58 17.82 16.44
CA CYS A 1069 -6.60 16.75 16.50
C CYS A 1069 -5.49 17.13 17.49
N LYS A 1070 -5.88 17.56 18.68
CA LYS A 1070 -4.95 17.87 19.76
C LYS A 1070 -5.28 17.01 20.97
N GLY A 1071 -4.26 16.78 21.80
CA GLY A 1071 -4.42 15.96 22.98
C GLY A 1071 -3.96 14.54 22.77
N ASN A 1072 -4.52 13.65 23.59
CA ASN A 1072 -4.19 12.23 23.55
C ASN A 1072 -5.41 11.42 23.14
N TYR A 1073 -5.16 10.18 22.74
CA TYR A 1073 -6.23 9.24 22.41
C TYR A 1073 -5.77 7.84 22.75
N ILE A 1074 -6.74 6.95 22.91
CA ILE A 1074 -6.49 5.57 23.33
C ILE A 1074 -6.48 4.68 22.10
N THR A 1075 -5.38 3.97 21.90
CA THR A 1075 -5.28 2.97 20.84
C THR A 1075 -5.05 1.61 21.49
N TYR A 1076 -5.66 0.58 20.93
CA TYR A 1076 -5.66 -0.76 21.50
C TYR A 1076 -4.66 -1.62 20.75
N LYS A 1077 -3.68 -2.16 21.48
CA LYS A 1077 -2.59 -2.90 20.85
C LYS A 1077 -3.08 -4.24 20.33
N ASP A 1078 -2.71 -4.55 19.09
CA ASP A 1078 -3.01 -5.83 18.45
C ASP A 1078 -4.52 -6.07 18.39
N GLY A 1079 -5.28 -4.98 18.29
CA GLY A 1079 -6.72 -5.07 18.19
C GLY A 1079 -7.38 -5.74 19.39
N GLU A 1080 -6.77 -5.60 20.56
CA GLU A 1080 -7.27 -6.20 21.80
C GLU A 1080 -7.94 -5.11 22.62
N VAL A 1081 -9.24 -5.27 22.89
CA VAL A 1081 -9.98 -4.26 23.64
C VAL A 1081 -9.57 -4.17 25.10
N ASP A 1082 -8.78 -5.13 25.59
CA ASP A 1082 -8.32 -5.13 26.97
C ASP A 1082 -6.86 -4.74 27.09
N HIS A 1083 -6.31 -4.06 26.08
CA HIS A 1083 -4.92 -3.59 26.10
C HIS A 1083 -4.87 -2.13 25.66
N PRO A 1084 -5.42 -1.22 26.48
CA PRO A 1084 -5.42 0.19 26.09
C PRO A 1084 -4.02 0.80 26.16
N ILE A 1085 -3.78 1.76 25.26
CA ILE A 1085 -2.52 2.50 25.23
C ILE A 1085 -2.81 3.94 24.83
N ILE A 1086 -2.40 4.89 25.67
CA ILE A 1086 -2.55 6.30 25.33
C ILE A 1086 -1.40 6.73 24.42
N GLN A 1087 -1.74 7.36 23.30
CA GLN A 1087 -0.78 7.93 22.38
C GLN A 1087 -1.20 9.35 22.04
N PRO A 1088 -0.23 10.22 21.74
CA PRO A 1088 -0.57 11.61 21.38
C PRO A 1088 -1.24 11.68 20.01
N ARG A 1089 -2.02 12.74 19.84
CA ARG A 1089 -2.68 13.02 18.57
C ARG A 1089 -1.83 14.01 17.78
N SER A 1090 -1.57 13.68 16.51
CA SER A 1090 -0.70 14.51 15.68
C SER A 1090 -1.33 14.70 14.31
N TRP A 1091 -1.39 15.96 13.87
CA TRP A 1091 -1.84 16.31 12.53
C TRP A 1091 -0.62 16.32 11.61
N GLU A 1092 -0.52 15.30 10.76
CA GLU A 1092 0.67 15.10 9.94
C GLU A 1092 0.30 14.96 8.47
N ASN A 1093 1.22 15.42 7.62
CA ASN A 1093 1.06 15.33 6.18
C ASN A 1093 1.55 13.97 5.69
N SER A 1094 1.36 13.71 4.40
CA SER A 1094 1.90 12.52 3.78
C SER A 1094 3.42 12.62 3.66
N LYS A 1095 4.06 11.47 3.44
CA LYS A 1095 5.50 11.48 3.22
C LYS A 1095 5.86 12.29 1.98
N PHE A 1096 5.11 12.11 0.90
CA PHE A 1096 5.25 12.90 -0.31
C PHE A 1096 3.89 13.50 -0.64
N ASP A 1097 3.84 14.82 -0.77
CA ASP A 1097 2.59 15.55 -0.87
C ASP A 1097 2.60 16.46 -2.08
N PHE A 1098 1.40 16.70 -2.63
CA PHE A 1098 1.23 17.63 -3.74
C PHE A 1098 0.85 19.02 -3.26
N ASP A 1099 1.64 19.58 -2.35
CA ASP A 1099 1.31 20.90 -1.79
C ASP A 1099 1.75 22.02 -2.73
N ASN A 1100 3.05 22.12 -2.97
CA ASN A 1100 3.59 23.05 -3.95
C ASN A 1100 3.99 22.29 -5.21
N VAL A 1101 4.60 22.98 -6.17
CA VAL A 1101 4.95 22.32 -7.42
C VAL A 1101 6.21 21.46 -7.29
N LEU A 1102 7.17 21.84 -6.45
CA LEU A 1102 8.37 21.05 -6.27
C LEU A 1102 8.11 19.75 -5.52
N ALA A 1103 7.28 19.80 -4.48
CA ALA A 1103 6.87 18.59 -3.79
C ALA A 1103 6.09 17.66 -4.71
N ALA A 1104 5.23 18.22 -5.57
CA ALA A 1104 4.55 17.41 -6.57
C ALA A 1104 5.53 16.78 -7.55
N MET A 1105 6.54 17.52 -7.99
CA MET A 1105 7.57 16.96 -8.87
C MET A 1105 8.28 15.79 -8.21
N MET A 1106 8.66 15.96 -6.94
CA MET A 1106 9.34 14.88 -6.22
C MET A 1106 8.44 13.66 -6.06
N ALA A 1107 7.18 13.89 -5.67
CA ALA A 1107 6.26 12.77 -5.51
C ALA A 1107 6.04 12.02 -6.81
N LEU A 1108 5.88 12.76 -7.91
CA LEU A 1108 5.71 12.10 -9.20
C LEU A 1108 6.97 11.38 -9.64
N PHE A 1109 8.15 11.88 -9.28
CA PHE A 1109 9.37 11.15 -9.59
C PHE A 1109 9.43 9.82 -8.86
N THR A 1110 9.14 9.84 -7.55
CA THR A 1110 9.14 8.58 -6.79
C THR A 1110 7.96 7.70 -7.13
N VAL A 1111 6.97 8.22 -7.86
CA VAL A 1111 5.90 7.39 -8.38
C VAL A 1111 6.38 6.71 -9.66
N SER A 1112 7.06 7.48 -10.51
CA SER A 1112 7.60 6.96 -11.75
C SER A 1112 8.73 5.97 -11.56
N THR A 1113 9.39 6.00 -10.40
CA THR A 1113 10.35 4.95 -10.07
C THR A 1113 9.68 3.70 -9.50
N PHE A 1114 8.34 3.68 -9.45
CA PHE A 1114 7.56 2.52 -9.04
C PHE A 1114 7.81 2.13 -7.59
N GLU A 1115 8.21 3.09 -6.75
CA GLU A 1115 8.51 2.83 -5.36
C GLU A 1115 7.53 3.59 -4.49
N GLY A 1116 6.79 2.86 -3.64
CA GLY A 1116 5.85 3.49 -2.74
C GLY A 1116 4.69 4.18 -3.41
N TRP A 1117 4.43 3.92 -4.68
CA TRP A 1117 3.32 4.54 -5.38
C TRP A 1117 1.96 3.98 -4.97
N PRO A 1118 1.80 2.69 -4.60
CA PRO A 1118 0.51 2.25 -4.08
C PRO A 1118 0.09 2.95 -2.80
N GLU A 1119 1.02 3.30 -1.92
CA GLU A 1119 0.69 4.05 -0.71
C GLU A 1119 0.18 5.44 -1.03
N LEU A 1120 0.86 6.16 -1.91
CA LEU A 1120 0.40 7.47 -2.33
C LEU A 1120 -0.93 7.40 -3.08
N LEU A 1121 -1.15 6.36 -3.88
CA LEU A 1121 -2.41 6.21 -4.58
C LEU A 1121 -3.59 6.07 -3.61
N TYR A 1122 -3.46 5.19 -2.63
CA TYR A 1122 -4.55 4.99 -1.67
C TYR A 1122 -4.65 6.10 -0.64
N ARG A 1123 -3.61 6.91 -0.47
CA ARG A 1123 -3.75 8.12 0.33
C ARG A 1123 -4.41 9.24 -0.46
N SER A 1124 -4.21 9.30 -1.76
CA SER A 1124 -4.89 10.27 -2.62
C SER A 1124 -6.33 9.92 -2.88
N ILE A 1125 -6.67 8.63 -2.87
CA ILE A 1125 -8.06 8.22 -3.06
C ILE A 1125 -8.93 8.73 -1.92
N ASP A 1126 -8.39 8.71 -0.70
CA ASP A 1126 -9.19 9.08 0.47
C ASP A 1126 -9.41 10.58 0.56
N SER A 1127 -8.49 11.39 0.05
CA SER A 1127 -8.58 12.84 0.23
C SER A 1127 -9.82 13.39 -0.46
N HIS A 1128 -10.53 14.26 0.23
CA HIS A 1128 -11.76 14.83 -0.32
C HIS A 1128 -11.80 16.35 -0.27
N THR A 1129 -11.31 16.97 0.80
CA THR A 1129 -11.43 18.41 0.98
C THR A 1129 -10.14 18.96 1.57
N GLU A 1130 -9.90 20.25 1.30
CA GLU A 1130 -8.75 20.93 1.86
C GLU A 1130 -8.90 21.08 3.37
N ASP A 1131 -7.79 20.92 4.09
CA ASP A 1131 -7.75 21.04 5.55
C ASP A 1131 -8.68 20.04 6.24
N LYS A 1132 -8.87 18.88 5.63
CA LYS A 1132 -9.73 17.85 6.19
C LYS A 1132 -9.05 16.50 6.10
N GLY A 1133 -9.45 15.58 6.99
CA GLY A 1133 -8.86 14.27 7.03
C GLY A 1133 -9.37 13.37 5.93
N PRO A 1134 -8.87 12.15 5.92
CA PRO A 1134 -9.23 11.20 4.85
C PRO A 1134 -10.59 10.56 5.08
N ILE A 1135 -11.18 10.11 3.98
CA ILE A 1135 -12.44 9.36 3.98
C ILE A 1135 -12.23 8.10 3.14
N TYR A 1136 -12.57 6.95 3.72
CA TYR A 1136 -12.28 5.67 3.08
C TYR A 1136 -12.92 5.58 1.70
N ASN A 1137 -12.08 5.43 0.68
CA ASN A 1137 -12.51 5.22 -0.70
C ASN A 1137 -13.47 6.32 -1.16
N TYR A 1138 -13.11 7.56 -0.86
CA TYR A 1138 -13.95 8.69 -1.27
C TYR A 1138 -14.03 8.78 -2.80
N ARG A 1139 -12.91 9.03 -3.45
CA ARG A 1139 -12.85 9.14 -4.91
C ARG A 1139 -11.86 8.10 -5.43
N VAL A 1140 -12.34 6.88 -5.65
CA VAL A 1140 -11.51 5.85 -6.26
C VAL A 1140 -11.21 6.22 -7.71
N GLU A 1141 -12.11 6.95 -8.36
CA GLU A 1141 -11.94 7.35 -9.75
C GLU A 1141 -10.75 8.28 -9.95
N ILE A 1142 -10.20 8.86 -8.88
CA ILE A 1142 -9.02 9.70 -9.01
C ILE A 1142 -7.77 8.90 -9.36
N SER A 1143 -7.85 7.57 -9.30
CA SER A 1143 -6.73 6.72 -9.69
C SER A 1143 -6.40 6.82 -11.17
N ILE A 1144 -7.30 7.42 -11.97
CA ILE A 1144 -7.04 7.57 -13.39
C ILE A 1144 -5.84 8.49 -13.62
N PHE A 1145 -5.69 9.51 -12.76
CA PHE A 1145 -4.54 10.39 -12.85
C PHE A 1145 -3.23 9.62 -12.72
N PHE A 1146 -3.12 8.80 -11.68
CA PHE A 1146 -1.90 8.02 -11.47
C PHE A 1146 -1.71 7.00 -12.59
N ILE A 1147 -2.79 6.35 -13.02
CA ILE A 1147 -2.67 5.34 -14.07
C ILE A 1147 -2.15 5.98 -15.35
N ILE A 1148 -2.68 7.16 -15.70
CA ILE A 1148 -2.22 7.87 -16.89
C ILE A 1148 -0.76 8.29 -16.72
N TYR A 1149 -0.39 8.74 -15.53
CA TYR A 1149 1.01 9.15 -15.32
C TYR A 1149 1.96 7.98 -15.53
N ILE A 1150 1.66 6.82 -14.93
CA ILE A 1150 2.51 5.65 -15.14
C ILE A 1150 2.50 5.21 -16.60
N ILE A 1151 1.34 5.28 -17.26
CA ILE A 1151 1.29 4.87 -18.66
C ILE A 1151 2.18 5.76 -19.53
N ILE A 1152 2.17 7.06 -19.28
CA ILE A 1152 2.86 8.00 -20.16
C ILE A 1152 4.31 8.23 -19.73
N ILE A 1153 4.53 8.54 -18.46
CA ILE A 1153 5.84 8.98 -17.99
C ILE A 1153 6.67 7.83 -17.42
N ALA A 1154 6.06 6.66 -17.22
CA ALA A 1154 6.79 5.53 -16.66
C ALA A 1154 6.88 4.32 -17.59
N PHE A 1155 5.98 4.19 -18.57
CA PHE A 1155 6.01 3.08 -19.50
C PHE A 1155 6.41 3.51 -20.90
N PHE A 1156 5.97 4.68 -21.35
CA PHE A 1156 6.23 5.15 -22.70
C PHE A 1156 7.46 6.03 -22.80
N MET A 1157 7.59 7.03 -21.96
CA MET A 1157 8.70 7.98 -22.06
C MET A 1157 10.02 7.41 -21.56
N MET A 1158 10.00 6.47 -20.64
CA MET A 1158 11.22 5.80 -20.20
C MET A 1158 11.64 4.67 -21.12
N ASN A 1159 10.77 4.29 -22.07
CA ASN A 1159 11.15 3.37 -23.13
C ASN A 1159 11.54 4.10 -24.41
N ILE A 1160 11.01 5.29 -24.64
CA ILE A 1160 11.48 6.11 -25.76
C ILE A 1160 12.95 6.43 -25.58
N PHE A 1161 13.39 6.68 -24.35
CA PHE A 1161 14.80 6.98 -24.10
C PHE A 1161 15.69 5.78 -24.43
N VAL A 1162 15.29 4.58 -24.01
CA VAL A 1162 16.08 3.39 -24.31
C VAL A 1162 16.10 3.12 -25.81
N GLY A 1163 14.96 3.29 -26.47
CA GLY A 1163 14.92 3.15 -27.92
C GLY A 1163 15.82 4.16 -28.61
N PHE A 1164 15.87 5.38 -28.09
CA PHE A 1164 16.75 6.40 -28.65
C PHE A 1164 18.21 6.01 -28.48
N VAL A 1165 18.58 5.48 -27.31
CA VAL A 1165 19.95 5.03 -27.11
C VAL A 1165 20.30 3.92 -28.09
N ILE A 1166 19.40 2.95 -28.25
CA ILE A 1166 19.63 1.84 -29.18
C ILE A 1166 19.78 2.36 -30.60
N VAL A 1167 18.90 3.27 -31.01
CA VAL A 1167 18.92 3.79 -32.38
C VAL A 1167 20.19 4.60 -32.63
N THR A 1168 20.60 5.42 -31.68
CA THR A 1168 21.83 6.19 -31.84
C THR A 1168 23.04 5.29 -31.94
N PHE A 1169 23.11 4.25 -31.11
CA PHE A 1169 24.23 3.33 -31.18
C PHE A 1169 24.23 2.57 -32.50
N GLN A 1170 23.05 2.20 -33.00
CA GLN A 1170 22.96 1.54 -34.30
C GLN A 1170 23.44 2.46 -35.41
N GLU A 1171 23.07 3.74 -35.36
CA GLU A 1171 23.51 4.69 -36.37
C GLU A 1171 25.03 4.87 -36.31
N GLN A 1172 25.59 4.92 -35.10
CA GLN A 1172 27.03 5.00 -34.96
C GLN A 1172 27.72 3.77 -35.54
N GLY A 1173 27.15 2.59 -35.31
CA GLY A 1173 27.73 1.36 -35.84
C GLY A 1173 27.53 1.17 -37.33
N GLU A 1174 26.57 1.86 -37.93
CA GLU A 1174 26.27 1.72 -39.35
C GLU A 1174 26.95 2.79 -40.21
N GLN A 1175 27.85 3.60 -39.62
CA GLN A 1175 28.40 4.77 -40.30
C GLN A 1175 29.04 4.41 -41.63
N GLU A 1176 30.12 3.66 -41.61
CA GLU A 1176 30.73 3.29 -42.89
C GLU A 1176 30.94 1.79 -43.04
N TYR A 1177 31.29 1.08 -41.96
CA TYR A 1177 31.45 -0.37 -41.95
C TYR A 1177 32.35 -0.88 -43.07
N LYS A 1178 33.21 0.01 -43.60
CA LYS A 1178 34.15 -0.07 -44.72
C LYS A 1178 33.43 0.00 -46.07
N ASN A 1179 32.09 -0.11 -46.05
CA ASN A 1179 31.23 0.27 -47.19
C ASN A 1179 31.70 -0.28 -48.54
N CYS A 1180 32.45 -1.39 -48.51
CA CYS A 1180 33.07 -1.90 -49.74
C CYS A 1180 32.74 -3.38 -49.90
N GLU A 1181 31.67 -3.65 -50.66
CA GLU A 1181 31.24 -4.99 -51.04
C GLU A 1181 31.25 -5.95 -49.85
N LEU A 1182 31.64 -7.21 -50.09
CA LEU A 1182 31.89 -8.19 -49.05
C LEU A 1182 30.70 -8.28 -48.09
N ASP A 1183 29.61 -8.86 -48.62
CA ASP A 1183 28.34 -8.99 -47.92
C ASP A 1183 28.52 -9.42 -46.46
N LYS A 1184 27.60 -8.97 -45.59
CA LYS A 1184 27.82 -8.93 -44.16
C LYS A 1184 28.32 -10.25 -43.58
N ASN A 1185 28.10 -11.36 -44.27
CA ASN A 1185 28.67 -12.63 -43.86
C ASN A 1185 30.01 -12.93 -44.54
N GLN A 1186 30.25 -12.35 -45.72
CA GLN A 1186 31.43 -12.72 -46.49
C GLN A 1186 32.72 -12.31 -45.78
N ARG A 1187 32.69 -11.25 -44.98
CA ARG A 1187 33.87 -10.85 -44.23
C ARG A 1187 34.34 -11.99 -43.32
N GLN A 1188 33.43 -12.49 -42.48
CA GLN A 1188 33.75 -13.59 -41.59
C GLN A 1188 34.05 -14.85 -42.38
N CYS A 1189 33.34 -15.07 -43.49
CA CYS A 1189 33.56 -16.27 -44.29
C CYS A 1189 34.98 -16.32 -44.82
N VAL A 1190 35.45 -15.23 -45.43
CA VAL A 1190 36.80 -15.19 -45.99
C VAL A 1190 37.83 -15.19 -44.87
N GLU A 1191 37.56 -14.48 -43.78
CA GLU A 1191 38.50 -14.49 -42.66
C GLU A 1191 38.69 -15.89 -42.13
N TYR A 1192 37.60 -16.65 -42.02
CA TYR A 1192 37.69 -18.01 -41.49
C TYR A 1192 38.35 -18.94 -42.50
N ALA A 1193 38.03 -18.77 -43.78
CA ALA A 1193 38.68 -19.55 -44.84
C ALA A 1193 40.16 -19.23 -44.98
N LEU A 1194 40.60 -18.12 -44.39
CA LEU A 1194 42.02 -17.78 -44.38
C LEU A 1194 42.74 -18.11 -43.08
N LYS A 1195 42.07 -18.10 -41.92
CA LYS A 1195 42.71 -18.37 -40.63
C LYS A 1195 42.09 -19.57 -39.92
N ALA A 1196 41.74 -20.63 -40.65
CA ALA A 1196 41.24 -21.85 -40.06
C ALA A 1196 42.29 -22.95 -40.20
N ARG A 1197 42.58 -23.61 -39.09
CA ARG A 1197 43.49 -24.75 -39.05
C ARG A 1197 42.73 -25.99 -38.58
N PRO A 1198 43.13 -27.17 -39.05
CA PRO A 1198 42.51 -28.40 -38.54
C PRO A 1198 42.81 -28.60 -37.06
N LEU A 1199 41.86 -29.23 -36.38
CA LEU A 1199 41.92 -29.43 -34.94
C LEU A 1199 42.53 -30.78 -34.61
N ARG A 1200 43.14 -30.86 -33.43
CA ARG A 1200 43.68 -32.12 -32.94
C ARG A 1200 42.56 -33.08 -32.57
N ARG A 1201 42.84 -34.37 -32.67
CA ARG A 1201 41.83 -35.38 -32.38
C ARG A 1201 42.35 -36.39 -31.36
N TYR A 1202 43.66 -36.65 -31.38
CA TYR A 1202 44.31 -37.62 -30.50
C TYR A 1202 43.64 -38.98 -30.61
N ILE A 1203 43.78 -39.57 -31.79
CA ILE A 1203 43.39 -40.97 -31.98
C ILE A 1203 44.37 -41.81 -31.19
N PRO A 1204 43.91 -42.61 -30.22
CA PRO A 1204 44.85 -43.38 -29.40
C PRO A 1204 45.67 -44.36 -30.23
N LYS A 1205 46.94 -44.50 -29.87
CA LYS A 1205 47.86 -45.40 -30.57
C LYS A 1205 47.83 -46.80 -29.96
N ASN A 1206 47.87 -46.90 -28.63
CA ASN A 1206 47.77 -48.20 -27.99
C ASN A 1206 46.42 -48.85 -28.29
N GLN A 1207 46.46 -50.15 -28.56
CA GLN A 1207 45.24 -50.87 -28.93
C GLN A 1207 44.25 -50.98 -27.79
N HIS A 1208 44.72 -51.11 -26.55
CA HIS A 1208 43.83 -51.15 -25.39
C HIS A 1208 43.27 -49.77 -25.07
N GLN A 1209 44.14 -48.75 -25.06
CA GLN A 1209 43.68 -47.39 -24.86
C GLN A 1209 42.69 -46.97 -25.94
N TYR A 1210 42.83 -47.52 -27.15
CA TYR A 1210 41.86 -47.23 -28.21
C TYR A 1210 40.48 -47.73 -27.82
N LYS A 1211 40.38 -48.94 -27.30
CA LYS A 1211 39.08 -49.45 -26.86
C LYS A 1211 38.54 -48.64 -25.69
N VAL A 1212 39.41 -48.30 -24.72
CA VAL A 1212 38.94 -47.53 -23.55
C VAL A 1212 38.40 -46.17 -23.98
N TRP A 1213 39.14 -45.49 -24.87
CA TRP A 1213 38.72 -44.19 -25.35
C TRP A 1213 37.49 -44.31 -26.25
N TYR A 1214 37.33 -45.44 -26.94
CA TYR A 1214 36.10 -45.67 -27.68
C TYR A 1214 34.91 -45.79 -26.73
N VAL A 1215 35.11 -46.47 -25.60
CA VAL A 1215 34.07 -46.52 -24.58
C VAL A 1215 33.72 -45.10 -24.13
N VAL A 1216 34.69 -44.38 -23.56
CA VAL A 1216 34.39 -42.99 -23.22
C VAL A 1216 34.80 -42.10 -24.38
N ASN A 1217 34.00 -42.14 -25.47
CA ASN A 1217 33.94 -41.03 -26.40
C ASN A 1217 32.56 -40.94 -27.06
N SER A 1218 31.62 -41.81 -26.71
CA SER A 1218 30.43 -42.06 -27.50
C SER A 1218 29.20 -41.47 -26.82
N THR A 1219 28.05 -41.67 -27.47
CA THR A 1219 26.80 -41.15 -26.94
C THR A 1219 26.41 -41.86 -25.65
N TYR A 1220 26.75 -43.14 -25.53
CA TYR A 1220 26.33 -43.92 -24.36
C TYR A 1220 26.91 -43.34 -23.08
N PHE A 1221 28.24 -43.17 -23.03
CA PHE A 1221 28.88 -42.70 -21.81
C PHE A 1221 28.46 -41.28 -21.47
N GLU A 1222 28.45 -40.39 -22.46
CA GLU A 1222 28.09 -39.01 -22.22
C GLU A 1222 26.64 -38.89 -21.73
N TYR A 1223 25.73 -39.60 -22.40
CA TYR A 1223 24.32 -39.54 -22.04
C TYR A 1223 24.00 -40.28 -20.75
N LEU A 1224 24.84 -41.22 -20.34
CA LEU A 1224 24.68 -41.84 -19.02
C LEU A 1224 25.22 -40.96 -17.90
N MET A 1225 26.32 -40.25 -18.15
CA MET A 1225 26.77 -39.25 -17.19
C MET A 1225 25.76 -38.12 -17.06
N PHE A 1226 25.14 -37.72 -18.16
CA PHE A 1226 24.10 -36.69 -18.13
C PHE A 1226 22.85 -37.15 -17.40
N VAL A 1227 22.67 -38.46 -17.22
CA VAL A 1227 21.58 -38.99 -16.41
C VAL A 1227 21.97 -39.08 -14.94
N LEU A 1228 23.20 -39.51 -14.66
CA LEU A 1228 23.66 -39.54 -13.27
C LEU A 1228 23.74 -38.15 -12.66
N ILE A 1229 24.14 -37.14 -13.44
CA ILE A 1229 24.16 -35.77 -12.92
C ILE A 1229 22.76 -35.33 -12.51
N LEU A 1230 21.78 -35.59 -13.37
CA LEU A 1230 20.40 -35.22 -13.06
C LEU A 1230 19.88 -35.99 -11.86
N LEU A 1231 20.22 -37.28 -11.75
CA LEU A 1231 19.80 -38.06 -10.58
C LEU A 1231 20.41 -37.49 -9.30
N ASN A 1232 21.69 -37.11 -9.36
CA ASN A 1232 22.33 -36.50 -8.20
C ASN A 1232 21.68 -35.18 -7.81
N THR A 1233 21.33 -34.33 -8.78
CA THR A 1233 20.62 -33.11 -8.47
C THR A 1233 19.23 -33.37 -7.88
N ILE A 1234 18.51 -34.37 -8.39
CA ILE A 1234 17.22 -34.72 -7.81
C ILE A 1234 17.40 -35.18 -6.37
N CYS A 1235 18.41 -36.00 -6.11
CA CYS A 1235 18.69 -36.44 -4.74
C CYS A 1235 19.09 -35.29 -3.84
N LEU A 1236 19.78 -34.28 -4.36
CA LEU A 1236 20.08 -33.07 -3.61
C LEU A 1236 18.85 -32.21 -3.38
N ALA A 1237 17.84 -32.31 -4.23
CA ALA A 1237 16.62 -31.52 -4.09
C ALA A 1237 15.73 -31.99 -2.95
N MET A 1238 15.74 -33.29 -2.62
CA MET A 1238 14.92 -33.82 -1.54
C MET A 1238 15.65 -33.61 -0.22
N GLN A 1239 15.52 -32.41 0.32
CA GLN A 1239 16.13 -32.04 1.61
C GLN A 1239 15.14 -31.13 2.33
N HIS A 1240 14.29 -31.71 3.16
CA HIS A 1240 13.31 -30.93 3.88
C HIS A 1240 13.87 -30.51 5.24
N TYR A 1241 13.07 -29.77 5.99
CA TYR A 1241 13.42 -29.35 7.35
C TYR A 1241 12.64 -30.24 8.32
N GLY A 1242 13.36 -31.04 9.10
CA GLY A 1242 12.73 -32.00 9.98
C GLY A 1242 12.83 -33.41 9.43
N GLN A 1243 13.91 -33.69 8.71
CA GLN A 1243 14.09 -35.01 8.12
C GLN A 1243 14.37 -36.05 9.21
N SER A 1244 13.96 -37.29 8.93
CA SER A 1244 14.27 -38.39 9.81
C SER A 1244 15.74 -38.77 9.69
N CYS A 1245 16.23 -39.51 10.68
CA CYS A 1245 17.61 -39.97 10.64
C CYS A 1245 17.85 -40.94 9.50
N LEU A 1246 16.87 -41.81 9.22
CA LEU A 1246 16.99 -42.74 8.10
C LEU A 1246 17.12 -42.00 6.77
N PHE A 1247 16.33 -40.95 6.58
CA PHE A 1247 16.42 -40.18 5.34
C PHE A 1247 17.81 -39.59 5.17
N LYS A 1248 18.35 -38.98 6.23
CA LYS A 1248 19.65 -38.34 6.13
C LYS A 1248 20.75 -39.36 5.89
N ILE A 1249 20.71 -40.50 6.60
CA ILE A 1249 21.79 -41.46 6.40
C ILE A 1249 21.65 -42.13 5.04
N ALA A 1250 20.44 -42.14 4.46
CA ALA A 1250 20.30 -42.57 3.07
C ALA A 1250 20.93 -41.58 2.11
N MET A 1251 20.71 -40.27 2.36
CA MET A 1251 21.32 -39.26 1.51
C MET A 1251 22.84 -39.35 1.53
N ASN A 1252 23.40 -39.63 2.71
CA ASN A 1252 24.86 -39.72 2.80
C ASN A 1252 25.41 -40.84 1.90
N ILE A 1253 24.83 -42.04 1.98
CA ILE A 1253 25.32 -43.15 1.16
C ILE A 1253 25.06 -42.88 -0.32
N LEU A 1254 23.93 -42.25 -0.64
CA LEU A 1254 23.67 -41.89 -2.04
C LEU A 1254 24.74 -40.94 -2.56
N ASN A 1255 25.12 -39.95 -1.75
CA ASN A 1255 26.17 -39.02 -2.16
C ASN A 1255 27.51 -39.74 -2.33
N MET A 1256 27.83 -40.65 -1.42
CA MET A 1256 29.07 -41.42 -1.56
C MET A 1256 29.06 -42.24 -2.86
N LEU A 1257 27.94 -42.89 -3.16
CA LEU A 1257 27.87 -43.69 -4.38
C LEU A 1257 28.02 -42.82 -5.62
N PHE A 1258 27.36 -41.66 -5.63
CA PHE A 1258 27.46 -40.77 -6.80
C PHE A 1258 28.88 -40.24 -6.97
N THR A 1259 29.52 -39.82 -5.88
CA THR A 1259 30.89 -39.34 -6.01
C THR A 1259 31.86 -40.45 -6.38
N GLY A 1260 31.61 -41.69 -5.97
CA GLY A 1260 32.42 -42.80 -6.41
C GLY A 1260 32.28 -43.04 -7.90
N LEU A 1261 31.04 -43.00 -8.39
CA LEU A 1261 30.82 -43.14 -9.83
C LEU A 1261 31.52 -42.05 -10.61
N PHE A 1262 31.43 -40.81 -10.12
CA PHE A 1262 32.05 -39.70 -10.85
C PHE A 1262 33.57 -39.75 -10.81
N THR A 1263 34.15 -40.18 -9.69
CA THR A 1263 35.61 -40.31 -9.67
C THR A 1263 36.07 -41.49 -10.51
N VAL A 1264 35.25 -42.53 -10.64
CA VAL A 1264 35.59 -43.62 -11.55
C VAL A 1264 35.53 -43.13 -13.00
N GLU A 1265 34.55 -42.27 -13.31
CA GLU A 1265 34.52 -41.65 -14.64
C GLU A 1265 35.76 -40.81 -14.87
N MET A 1266 36.19 -40.06 -13.86
CA MET A 1266 37.39 -39.24 -13.98
C MET A 1266 38.62 -40.11 -14.23
N ILE A 1267 38.73 -41.23 -13.51
CA ILE A 1267 39.85 -42.14 -13.72
C ILE A 1267 39.84 -42.70 -15.13
N LEU A 1268 38.67 -43.11 -15.61
CA LEU A 1268 38.57 -43.64 -16.96
C LEU A 1268 38.97 -42.58 -18.00
N LYS A 1269 38.50 -41.35 -17.82
CA LYS A 1269 38.83 -40.29 -18.76
C LYS A 1269 40.31 -39.96 -18.74
N LEU A 1270 40.91 -39.94 -17.54
CA LEU A 1270 42.35 -39.69 -17.44
C LEU A 1270 43.15 -40.78 -18.13
N ILE A 1271 42.74 -42.03 -17.96
CA ILE A 1271 43.47 -43.13 -18.60
C ILE A 1271 43.31 -43.06 -20.11
N ALA A 1272 42.09 -42.77 -20.59
CA ALA A 1272 41.84 -42.79 -22.03
C ALA A 1272 42.52 -41.62 -22.74
N PHE A 1273 42.37 -40.42 -22.19
CA PHE A 1273 42.85 -39.20 -22.84
C PHE A 1273 44.28 -38.83 -22.46
N LYS A 1274 44.89 -39.54 -21.50
CA LYS A 1274 46.23 -39.24 -21.01
C LYS A 1274 46.22 -37.89 -20.30
N PRO A 1275 47.26 -37.52 -19.54
CA PRO A 1275 47.09 -36.36 -18.65
C PRO A 1275 47.16 -35.00 -19.32
N LYS A 1276 47.86 -34.86 -20.46
CA LYS A 1276 47.77 -33.60 -21.20
C LYS A 1276 46.45 -33.49 -21.96
N GLY A 1277 46.00 -34.58 -22.57
CA GLY A 1277 44.75 -34.54 -23.31
C GLY A 1277 43.54 -34.32 -22.42
N TYR A 1278 43.52 -34.98 -21.26
CA TYR A 1278 42.41 -34.80 -20.32
C TYR A 1278 42.38 -33.37 -19.79
N PHE A 1279 43.54 -32.82 -19.45
CA PHE A 1279 43.60 -31.49 -18.85
C PHE A 1279 43.51 -30.36 -19.87
N SER A 1280 43.67 -30.66 -21.16
CA SER A 1280 43.61 -29.61 -22.17
C SER A 1280 42.19 -29.07 -22.34
N ASP A 1281 41.18 -29.93 -22.18
CA ASP A 1281 39.80 -29.50 -22.35
C ASP A 1281 39.38 -28.62 -21.18
N PRO A 1282 38.84 -27.44 -21.42
CA PRO A 1282 38.44 -26.56 -20.30
C PRO A 1282 37.34 -27.13 -19.44
N TRP A 1283 36.55 -28.08 -19.95
CA TRP A 1283 35.48 -28.65 -19.16
C TRP A 1283 35.92 -29.82 -18.29
N ASN A 1284 37.08 -30.40 -18.56
CA ASN A 1284 37.61 -31.49 -17.75
C ASN A 1284 38.53 -31.01 -16.65
N VAL A 1285 38.91 -29.73 -16.64
CA VAL A 1285 39.67 -29.18 -15.53
C VAL A 1285 38.77 -28.68 -14.41
N PHE A 1286 37.54 -28.27 -14.73
CA PHE A 1286 36.56 -27.93 -13.73
C PHE A 1286 35.86 -29.16 -13.16
N ASP A 1287 35.81 -30.25 -13.92
CA ASP A 1287 35.30 -31.50 -13.38
C ASP A 1287 36.24 -32.08 -12.33
N PHE A 1288 37.54 -31.86 -12.49
CA PHE A 1288 38.50 -32.31 -11.48
C PHE A 1288 38.24 -31.64 -10.14
N LEU A 1289 37.99 -30.33 -10.15
CA LEU A 1289 37.78 -29.60 -8.91
C LEU A 1289 36.54 -30.10 -8.18
N ILE A 1290 35.46 -30.40 -8.91
CA ILE A 1290 34.25 -30.90 -8.27
C ILE A 1290 34.51 -32.25 -7.62
N VAL A 1291 35.28 -33.10 -8.30
CA VAL A 1291 35.57 -34.43 -7.75
C VAL A 1291 36.39 -34.31 -6.46
N ILE A 1292 37.41 -33.45 -6.46
CA ILE A 1292 38.25 -33.28 -5.28
C ILE A 1292 37.42 -32.73 -4.12
N GLY A 1293 36.59 -31.72 -4.39
CA GLY A 1293 35.72 -31.21 -3.36
C GLY A 1293 34.74 -32.24 -2.85
N SER A 1294 34.17 -33.05 -3.75
CA SER A 1294 33.27 -34.12 -3.35
C SER A 1294 34.00 -35.31 -2.75
N ILE A 1295 35.30 -35.44 -2.99
CA ILE A 1295 36.07 -36.50 -2.35
C ILE A 1295 36.62 -36.04 -1.00
N ILE A 1296 36.88 -34.74 -0.84
CA ILE A 1296 37.17 -34.21 0.48
C ILE A 1296 35.92 -34.20 1.34
N ASP A 1297 34.75 -34.00 0.71
CA ASP A 1297 33.50 -33.93 1.45
C ASP A 1297 33.22 -35.24 2.17
N VAL A 1298 33.49 -36.37 1.52
CA VAL A 1298 33.15 -37.67 2.11
C VAL A 1298 33.99 -37.94 3.34
N ILE A 1299 35.31 -37.73 3.25
CA ILE A 1299 36.18 -38.06 4.37
C ILE A 1299 35.90 -37.17 5.56
N LEU A 1300 35.72 -35.87 5.33
CA LEU A 1300 35.40 -34.96 6.42
C LEU A 1300 33.98 -35.14 6.96
N SER A 1301 33.14 -35.90 6.26
CA SER A 1301 31.82 -36.24 6.76
C SER A 1301 31.79 -37.57 7.47
N GLU A 1302 32.93 -38.24 7.60
CA GLU A 1302 33.02 -39.52 8.30
C GLU A 1302 33.51 -39.37 9.73
N THR A 1303 33.60 -38.14 10.23
CA THR A 1303 34.04 -37.89 11.60
C THR A 1303 33.20 -36.80 12.25
N SER A 1352 34.00 -25.11 8.33
CA SER A 1352 34.13 -24.80 6.91
C SER A 1352 33.87 -26.05 6.06
N ILE A 1353 32.99 -26.92 6.55
CA ILE A 1353 32.63 -28.12 5.80
C ILE A 1353 31.66 -27.82 4.67
N THR A 1354 30.85 -26.77 4.82
CA THR A 1354 29.83 -26.46 3.81
C THR A 1354 30.41 -25.87 2.55
N PHE A 1355 31.62 -25.30 2.60
CA PHE A 1355 32.23 -24.74 1.40
C PHE A 1355 32.48 -25.79 0.34
N PHE A 1356 32.64 -27.06 0.73
CA PHE A 1356 32.84 -28.14 -0.22
C PHE A 1356 31.54 -28.86 -0.56
N ARG A 1357 30.46 -28.61 0.16
CA ARG A 1357 29.16 -29.18 -0.18
C ARG A 1357 28.48 -28.44 -1.32
N LEU A 1358 28.97 -27.26 -1.68
CA LEU A 1358 28.43 -26.48 -2.79
C LEU A 1358 29.07 -26.86 -4.13
N PHE A 1359 29.96 -27.84 -4.14
CA PHE A 1359 30.63 -28.26 -5.36
C PHE A 1359 29.78 -29.24 -6.17
N ARG A 1360 29.06 -30.14 -5.50
CA ARG A 1360 28.27 -31.14 -6.21
C ARG A 1360 27.16 -30.50 -7.03
N VAL A 1361 26.50 -29.48 -6.48
CA VAL A 1361 25.44 -28.81 -7.20
C VAL A 1361 25.97 -28.08 -8.44
N MET A 1362 27.24 -27.73 -8.45
CA MET A 1362 27.83 -27.05 -9.60
C MET A 1362 27.97 -27.95 -10.82
N ARG A 1363 27.83 -29.27 -10.65
CA ARG A 1363 27.90 -30.19 -11.79
C ARG A 1363 26.72 -30.00 -12.72
N LEU A 1364 25.67 -29.31 -12.29
CA LEU A 1364 24.49 -29.11 -13.12
C LEU A 1364 24.77 -28.23 -14.34
N VAL A 1365 25.83 -27.41 -14.29
CA VAL A 1365 26.13 -26.52 -15.41
C VAL A 1365 26.59 -27.30 -16.65
N LYS A 1366 26.98 -28.56 -16.49
CA LYS A 1366 27.33 -29.37 -17.65
C LYS A 1366 26.13 -29.57 -18.57
N LEU A 1367 24.94 -29.76 -17.99
CA LEU A 1367 23.73 -29.86 -18.80
C LEU A 1367 23.39 -28.56 -19.51
N LEU A 1368 23.67 -27.41 -18.91
CA LEU A 1368 23.52 -26.13 -19.58
C LEU A 1368 24.54 -25.93 -20.69
N SER A 1369 25.74 -26.50 -20.54
CA SER A 1369 26.76 -26.46 -21.57
C SER A 1369 26.35 -27.15 -22.87
N ARG A 1370 25.73 -28.33 -22.77
CA ARG A 1370 25.34 -29.07 -23.97
C ARG A 1370 24.20 -28.36 -24.68
N GLY A 1371 24.21 -28.43 -26.00
CA GLY A 1371 23.13 -27.86 -26.80
C GLY A 1371 23.40 -26.45 -27.25
N GLU A 1372 23.33 -26.21 -28.55
CA GLU A 1372 23.52 -24.87 -29.09
C GLU A 1372 22.36 -23.97 -28.68
N GLY A 1373 22.46 -22.70 -29.04
CA GLY A 1373 21.50 -21.73 -28.58
C GLY A 1373 21.92 -21.17 -27.24
N ILE A 1374 21.77 -21.96 -26.18
CA ILE A 1374 22.23 -21.55 -24.85
C ILE A 1374 23.73 -21.30 -24.88
N ARG A 1375 24.49 -22.27 -25.37
CA ARG A 1375 25.95 -22.18 -25.32
C ARG A 1375 26.50 -21.16 -26.29
N THR A 1376 25.72 -20.77 -27.29
CA THR A 1376 26.14 -19.71 -28.21
C THR A 1376 25.78 -18.32 -27.68
N LEU A 1377 24.55 -18.15 -27.20
CA LEU A 1377 24.15 -16.86 -26.64
C LEU A 1377 24.99 -16.49 -25.43
N LEU A 1378 25.17 -17.44 -24.50
CA LEU A 1378 25.94 -17.15 -23.30
C LEU A 1378 27.39 -16.80 -23.66
N TRP A 1379 28.00 -17.57 -24.55
CA TRP A 1379 29.39 -17.31 -24.93
C TRP A 1379 29.53 -15.96 -25.63
N THR A 1380 28.63 -15.65 -26.56
CA THR A 1380 28.71 -14.39 -27.28
C THR A 1380 28.56 -13.21 -26.34
N PHE A 1381 27.58 -13.27 -25.43
CA PHE A 1381 27.41 -12.17 -24.49
C PHE A 1381 28.54 -12.08 -23.48
N ILE A 1382 29.11 -13.21 -23.07
CA ILE A 1382 30.25 -13.17 -22.15
C ILE A 1382 31.47 -12.53 -22.82
N LYS A 1383 31.73 -12.90 -24.07
CA LYS A 1383 32.85 -12.29 -24.80
C LYS A 1383 32.58 -10.85 -25.20
N SER A 1384 31.32 -10.44 -25.29
CA SER A 1384 30.99 -9.02 -25.45
C SER A 1384 31.19 -8.23 -24.18
N PHE A 1385 30.83 -8.80 -23.03
CA PHE A 1385 31.15 -8.18 -21.75
C PHE A 1385 32.64 -8.07 -21.51
N GLN A 1386 33.41 -9.09 -21.88
CA GLN A 1386 34.86 -9.06 -21.79
C GLN A 1386 35.50 -8.11 -22.77
N ALA A 1387 34.88 -7.87 -23.92
CA ALA A 1387 35.46 -6.97 -24.92
C ALA A 1387 35.35 -5.50 -24.52
N LEU A 1388 34.46 -5.16 -23.59
CA LEU A 1388 34.26 -3.79 -23.13
C LEU A 1388 34.41 -3.77 -21.60
N PRO A 1389 35.64 -3.83 -21.09
CA PRO A 1389 35.85 -3.77 -19.64
C PRO A 1389 35.90 -2.35 -19.08
N TYR A 1390 35.90 -1.33 -19.93
CA TYR A 1390 35.94 0.05 -19.47
C TYR A 1390 34.56 0.69 -19.38
N VAL A 1391 33.59 0.21 -20.15
CA VAL A 1391 32.22 0.68 -19.99
C VAL A 1391 31.66 0.26 -18.65
N ALA A 1392 32.06 -0.91 -18.14
CA ALA A 1392 31.63 -1.38 -16.83
C ALA A 1392 32.45 -0.80 -15.70
N LEU A 1393 33.55 -0.11 -16.00
CA LEU A 1393 34.34 0.55 -14.96
C LEU A 1393 33.78 1.91 -14.59
N LEU A 1394 32.97 2.52 -15.46
CA LEU A 1394 32.28 3.75 -15.10
C LEU A 1394 31.32 3.51 -13.95
N ILE A 1395 30.64 2.37 -13.94
CA ILE A 1395 29.73 2.05 -12.85
C ILE A 1395 30.50 1.86 -11.55
N VAL A 1396 31.67 1.21 -11.62
CA VAL A 1396 32.49 1.04 -10.43
C VAL A 1396 32.96 2.38 -9.89
N MET A 1397 33.39 3.27 -10.78
CA MET A 1397 33.81 4.60 -10.34
C MET A 1397 32.64 5.37 -9.72
N LEU A 1398 31.46 5.29 -10.33
CA LEU A 1398 30.29 5.97 -9.78
C LEU A 1398 29.95 5.45 -8.39
N PHE A 1399 29.96 4.12 -8.23
CA PHE A 1399 29.67 3.54 -6.92
C PHE A 1399 30.70 3.96 -5.89
N PHE A 1400 31.99 3.97 -6.27
CA PHE A 1400 33.03 4.39 -5.34
C PHE A 1400 32.83 5.82 -4.89
N ILE A 1401 32.63 6.73 -5.86
CA ILE A 1401 32.51 8.16 -5.53
C ILE A 1401 31.28 8.40 -4.66
N TYR A 1402 30.13 7.84 -5.06
CA TYR A 1402 28.92 8.07 -4.30
C TYR A 1402 28.94 7.42 -2.94
N ALA A 1403 29.54 6.24 -2.80
CA ALA A 1403 29.73 5.62 -1.50
C ALA A 1403 30.61 6.45 -0.59
N VAL A 1404 31.70 7.02 -1.10
CA VAL A 1404 32.55 7.86 -0.27
C VAL A 1404 31.82 9.13 0.15
N ILE A 1405 31.07 9.75 -0.78
CA ILE A 1405 30.35 10.98 -0.44
C ILE A 1405 29.29 10.70 0.62
N GLY A 1406 28.52 9.63 0.43
CA GLY A 1406 27.53 9.27 1.44
C GLY A 1406 28.15 8.89 2.77
N MET A 1407 29.32 8.25 2.72
CA MET A 1407 30.04 7.91 3.94
C MET A 1407 30.43 9.18 4.70
N GLN A 1408 30.92 10.19 3.99
CA GLN A 1408 31.31 11.43 4.65
C GLN A 1408 30.11 12.19 5.19
N VAL A 1409 29.00 12.25 4.43
CA VAL A 1409 27.88 13.08 4.83
C VAL A 1409 27.01 12.37 5.87
N PHE A 1410 26.45 11.21 5.52
CA PHE A 1410 25.48 10.53 6.36
C PHE A 1410 26.10 9.46 7.24
N GLY A 1411 27.40 9.57 7.52
CA GLY A 1411 28.08 8.53 8.28
C GLY A 1411 27.63 8.43 9.73
N LYS A 1412 27.36 9.57 10.35
CA LYS A 1412 27.19 9.63 11.80
C LYS A 1412 25.75 9.45 12.27
N ILE A 1413 24.81 9.19 11.37
CA ILE A 1413 23.41 9.03 11.77
C ILE A 1413 23.27 7.80 12.65
N ALA A 1414 22.54 7.95 13.75
CA ALA A 1414 22.34 6.85 14.69
C ALA A 1414 21.52 5.74 14.04
N LEU A 1415 21.86 4.49 14.39
CA LEU A 1415 21.24 3.32 13.80
C LEU A 1415 20.11 2.84 14.69
N ASN A 1416 18.89 3.28 14.40
CA ASN A 1416 17.70 2.76 15.05
C ASN A 1416 17.04 1.74 14.13
N ASP A 1417 16.69 0.58 14.68
CA ASP A 1417 16.08 -0.49 13.91
C ASP A 1417 14.63 -0.22 13.55
N THR A 1418 14.02 0.82 14.12
CA THR A 1418 12.66 1.21 13.76
C THR A 1418 12.62 2.15 12.57
N THR A 1419 13.77 2.53 12.02
CA THR A 1419 13.88 3.40 10.87
C THR A 1419 14.55 2.63 9.72
N GLU A 1420 14.84 3.34 8.64
CA GLU A 1420 15.44 2.73 7.45
C GLU A 1420 16.96 2.86 7.43
N ILE A 1421 17.56 3.40 8.49
CA ILE A 1421 19.01 3.39 8.66
C ILE A 1421 19.26 2.58 9.93
N ASN A 1422 19.48 1.28 9.75
CA ASN A 1422 19.59 0.34 10.86
C ASN A 1422 20.94 -0.37 10.80
N ARG A 1423 21.08 -1.41 11.63
CA ARG A 1423 22.30 -2.20 11.65
C ARG A 1423 22.60 -2.81 10.29
N ASN A 1424 21.57 -3.18 9.53
CA ASN A 1424 21.76 -3.80 8.23
C ASN A 1424 22.00 -2.78 7.12
N ASN A 1425 21.42 -1.59 7.23
CA ASN A 1425 21.49 -0.56 6.20
C ASN A 1425 22.07 0.70 6.82
N ASN A 1426 23.34 1.00 6.50
CA ASN A 1426 23.99 2.18 7.08
C ASN A 1426 25.17 2.57 6.19
N PHE A 1427 25.70 3.76 6.47
CA PHE A 1427 26.83 4.32 5.74
C PHE A 1427 28.14 4.22 6.51
N GLN A 1428 28.18 3.40 7.56
CA GLN A 1428 29.30 3.41 8.50
C GLN A 1428 30.51 2.63 8.02
N THR A 1429 30.44 2.00 6.84
CA THR A 1429 31.60 1.32 6.27
C THR A 1429 31.47 1.37 4.75
N PHE A 1430 32.62 1.29 4.07
CA PHE A 1430 32.60 1.28 2.61
C PHE A 1430 31.84 0.07 2.06
N PRO A 1431 32.06 -1.16 2.52
CA PRO A 1431 31.19 -2.25 2.04
C PRO A 1431 29.72 -2.00 2.29
N GLN A 1432 29.36 -1.46 3.46
CA GLN A 1432 27.96 -1.22 3.78
C GLN A 1432 27.37 -0.08 2.96
N ALA A 1433 28.14 0.98 2.71
CA ALA A 1433 27.69 2.04 1.82
C ALA A 1433 27.51 1.54 0.39
N VAL A 1434 28.42 0.70 -0.09
CA VAL A 1434 28.27 0.13 -1.43
C VAL A 1434 27.04 -0.76 -1.50
N LEU A 1435 26.78 -1.53 -0.44
CA LEU A 1435 25.57 -2.34 -0.40
C LEU A 1435 24.31 -1.48 -0.40
N LEU A 1436 24.32 -0.37 0.35
CA LEU A 1436 23.19 0.53 0.33
C LEU A 1436 22.95 1.12 -1.06
N LEU A 1437 24.04 1.51 -1.73
CA LEU A 1437 23.90 2.04 -3.09
C LEU A 1437 23.40 0.97 -4.05
N PHE A 1438 23.85 -0.27 -3.88
CA PHE A 1438 23.36 -1.36 -4.70
C PHE A 1438 21.86 -1.57 -4.49
N ARG A 1439 21.42 -1.51 -3.24
CA ARG A 1439 19.99 -1.63 -2.94
C ARG A 1439 19.20 -0.50 -3.57
N CYS A 1440 19.71 0.74 -3.49
CA CYS A 1440 19.03 1.86 -4.10
C CYS A 1440 18.97 1.74 -5.63
N ALA A 1441 20.06 1.27 -6.23
CA ALA A 1441 20.07 1.02 -7.67
C ALA A 1441 19.04 -0.04 -8.05
N THR A 1442 18.91 -1.07 -7.22
CA THR A 1442 17.85 -2.05 -7.40
C THR A 1442 16.47 -1.41 -7.27
N GLY A 1443 16.39 -0.22 -6.67
CA GLY A 1443 15.11 0.43 -6.45
C GLY A 1443 14.30 -0.29 -5.40
N GLU A 1444 14.77 -0.24 -4.15
CA GLU A 1444 14.16 -0.97 -3.05
C GLU A 1444 13.94 0.00 -1.89
N ALA A 1445 12.80 0.70 -1.93
CA ALA A 1445 12.44 1.68 -0.90
C ALA A 1445 13.55 2.71 -0.71
N TRP A 1446 14.12 3.18 -1.82
CA TRP A 1446 15.18 4.17 -1.75
C TRP A 1446 14.67 5.50 -1.22
N GLN A 1447 13.41 5.85 -1.49
CA GLN A 1447 12.86 7.09 -0.97
C GLN A 1447 12.75 7.04 0.55
N ASP A 1448 12.52 5.85 1.12
CA ASP A 1448 12.51 5.73 2.58
C ASP A 1448 13.89 6.03 3.16
N ILE A 1449 14.95 5.56 2.48
CA ILE A 1449 16.31 5.88 2.92
C ILE A 1449 16.56 7.38 2.78
N MET A 1450 16.07 7.98 1.70
CA MET A 1450 16.25 9.42 1.53
C MET A 1450 15.57 10.19 2.66
N LEU A 1451 14.36 9.79 3.03
CA LEU A 1451 13.66 10.44 4.13
C LEU A 1451 14.34 10.18 5.47
N ALA A 1452 14.93 9.00 5.64
CA ALA A 1452 15.67 8.71 6.86
C ALA A 1452 17.02 9.44 6.91
N CYS A 1453 17.49 9.97 5.80
CA CYS A 1453 18.69 10.79 5.77
C CYS A 1453 18.37 12.28 5.78
N MET A 1454 17.12 12.66 6.03
CA MET A 1454 16.72 14.05 6.10
C MET A 1454 17.34 14.71 7.34
N PRO A 1455 17.54 16.02 7.32
CA PRO A 1455 18.09 16.69 8.50
C PRO A 1455 17.15 16.60 9.69
N GLY A 1456 17.73 16.46 10.88
CA GLY A 1456 16.96 16.39 12.10
C GLY A 1456 16.96 15.03 12.76
N LYS A 1457 18.03 14.26 12.57
CA LYS A 1457 18.17 12.95 13.19
C LYS A 1457 19.25 12.98 14.26
N LYS A 1458 19.29 11.92 15.05
CA LYS A 1458 20.22 11.80 16.15
C LYS A 1458 21.55 11.25 15.66
N CYS A 1459 22.65 11.84 16.14
CA CYS A 1459 23.97 11.38 15.78
C CYS A 1459 24.34 10.13 16.59
N ALA A 1460 25.30 9.39 16.07
CA ALA A 1460 25.72 8.15 16.72
C ALA A 1460 26.42 8.45 18.04
N PRO A 1461 26.24 7.61 19.06
CA PRO A 1461 26.91 7.85 20.34
C PRO A 1461 28.42 7.94 20.24
N GLU A 1462 29.03 7.13 19.38
CA GLU A 1462 30.49 7.16 19.24
C GLU A 1462 30.97 8.50 18.69
N SER A 1463 30.25 9.06 17.72
CA SER A 1463 30.63 10.32 17.10
C SER A 1463 30.26 11.45 18.06
N GLU A 1464 31.20 11.79 18.93
CA GLU A 1464 31.05 12.86 19.92
C GLU A 1464 29.82 12.64 20.80
N THR A 1469 24.08 19.67 25.51
CA THR A 1469 25.04 19.95 24.46
C THR A 1469 24.34 20.24 23.14
N GLU A 1470 25.13 20.50 22.09
CA GLU A 1470 24.57 20.77 20.78
C GLU A 1470 23.90 19.56 20.16
N GLY A 1471 24.14 18.36 20.69
CA GLY A 1471 23.61 17.14 20.10
C GLY A 1471 22.14 16.91 20.36
N GLU A 1472 21.29 17.84 19.91
CA GLU A 1472 19.85 17.61 19.97
C GLU A 1472 19.39 16.77 18.79
N THR A 1473 19.55 17.28 17.57
CA THR A 1473 19.29 16.56 16.33
C THR A 1473 20.16 17.12 15.21
N PRO A 1474 21.48 17.05 15.32
CA PRO A 1474 22.36 17.66 14.31
C PRO A 1474 22.78 16.72 13.18
N CYS A 1475 22.26 15.51 13.13
CA CYS A 1475 22.67 14.52 12.14
C CYS A 1475 21.66 14.47 11.00
N GLY A 1476 22.16 14.23 9.79
CA GLY A 1476 21.32 14.25 8.61
C GLY A 1476 21.38 15.59 7.91
N SER A 1477 21.45 15.58 6.58
CA SER A 1477 21.59 16.78 5.79
C SER A 1477 20.46 16.90 4.77
N SER A 1478 20.22 18.12 4.33
CA SER A 1478 19.27 18.39 3.26
C SER A 1478 19.82 18.03 1.90
N PHE A 1479 21.08 17.59 1.84
CA PHE A 1479 21.71 17.11 0.62
C PHE A 1479 21.13 15.79 0.13
N ALA A 1480 20.27 15.14 0.94
CA ALA A 1480 19.81 13.79 0.61
C ALA A 1480 19.01 13.76 -0.67
N VAL A 1481 18.22 14.80 -0.95
CA VAL A 1481 17.40 14.83 -2.16
C VAL A 1481 18.29 14.77 -3.39
N PHE A 1482 19.21 15.73 -3.52
CA PHE A 1482 20.11 15.77 -4.66
C PHE A 1482 21.09 14.61 -4.65
N TYR A 1483 21.30 13.97 -3.50
CA TYR A 1483 22.14 12.78 -3.47
C TYR A 1483 21.42 11.60 -4.10
N PHE A 1484 20.26 11.22 -3.54
CA PHE A 1484 19.60 10.00 -3.97
C PHE A 1484 18.97 10.12 -5.35
N ILE A 1485 18.33 11.25 -5.65
CA ILE A 1485 17.70 11.38 -6.96
C ILE A 1485 18.76 11.37 -8.06
N SER A 1486 19.83 12.13 -7.87
CA SER A 1486 20.90 12.18 -8.86
C SER A 1486 21.59 10.83 -8.98
N PHE A 1487 21.81 10.13 -7.87
CA PHE A 1487 22.41 8.80 -7.97
C PHE A 1487 21.52 7.85 -8.75
N TYR A 1488 20.21 7.88 -8.48
CA TYR A 1488 19.30 7.01 -9.22
C TYR A 1488 19.37 7.30 -10.72
N MET A 1489 19.28 8.57 -11.10
CA MET A 1489 19.30 8.92 -12.51
C MET A 1489 20.63 8.54 -13.17
N LEU A 1490 21.74 8.84 -12.50
CA LEU A 1490 23.06 8.56 -13.07
C LEU A 1490 23.29 7.05 -13.20
N CYS A 1491 22.92 6.29 -12.17
CA CYS A 1491 23.10 4.85 -12.23
C CYS A 1491 22.23 4.22 -13.31
N ALA A 1492 20.99 4.69 -13.44
CA ALA A 1492 20.14 4.18 -14.52
C ALA A 1492 20.75 4.49 -15.88
N PHE A 1493 21.25 5.71 -16.08
CA PHE A 1493 21.85 6.07 -17.36
C PHE A 1493 23.06 5.21 -17.65
N LEU A 1494 23.94 5.02 -16.67
CA LEU A 1494 25.14 4.23 -16.88
C LEU A 1494 24.83 2.76 -17.12
N ILE A 1495 23.88 2.19 -16.40
CA ILE A 1495 23.49 0.80 -16.62
C ILE A 1495 22.91 0.60 -18.01
N ILE A 1496 22.04 1.53 -18.45
CA ILE A 1496 21.47 1.43 -19.78
C ILE A 1496 22.55 1.59 -20.83
N ASN A 1497 23.52 2.48 -20.58
CA ASN A 1497 24.63 2.66 -21.50
C ASN A 1497 25.43 1.37 -21.66
N LEU A 1498 25.75 0.72 -20.54
CA LEU A 1498 26.49 -0.54 -20.61
C LEU A 1498 25.68 -1.61 -21.33
N PHE A 1499 24.38 -1.70 -21.02
CA PHE A 1499 23.53 -2.71 -21.64
C PHE A 1499 23.49 -2.54 -23.16
N VAL A 1500 23.25 -1.32 -23.62
CA VAL A 1500 23.13 -1.10 -25.05
C VAL A 1500 24.49 -1.24 -25.73
N ALA A 1501 25.58 -0.86 -25.04
CA ALA A 1501 26.90 -1.05 -25.62
C ALA A 1501 27.18 -2.52 -25.85
N VAL A 1502 26.87 -3.37 -24.86
CA VAL A 1502 27.04 -4.81 -25.05
C VAL A 1502 26.15 -5.33 -26.17
N ILE A 1503 24.90 -4.87 -26.19
CA ILE A 1503 23.94 -5.34 -27.19
C ILE A 1503 24.45 -5.04 -28.60
N MET A 1504 24.93 -3.81 -28.81
CA MET A 1504 25.41 -3.42 -30.13
C MET A 1504 26.77 -4.03 -30.47
N ASP A 1505 27.61 -4.31 -29.47
CA ASP A 1505 28.83 -5.06 -29.75
C ASP A 1505 28.50 -6.50 -30.15
N ASN A 1506 27.37 -7.03 -29.72
CA ASN A 1506 26.99 -8.38 -30.08
C ASN A 1506 25.76 -8.38 -30.99
N PHE A 1507 25.74 -7.49 -31.97
CA PHE A 1507 24.57 -7.34 -32.83
C PHE A 1507 24.61 -8.22 -34.08
N ASP A 1508 25.65 -9.03 -34.26
CA ASP A 1508 25.65 -9.97 -35.37
C ASP A 1508 24.87 -11.22 -35.03
N TYR A 1509 25.09 -11.77 -33.84
CA TYR A 1509 24.33 -12.94 -33.40
C TYR A 1509 22.86 -12.60 -33.18
N LEU A 1510 22.57 -11.41 -32.64
CA LEU A 1510 21.20 -11.06 -32.27
C LEU A 1510 20.29 -10.94 -33.48
N THR A 1511 20.83 -10.79 -34.68
CA THR A 1511 20.04 -10.80 -35.91
C THR A 1511 20.90 -11.43 -37.00
N ARG A 1512 20.73 -12.74 -37.20
CA ARG A 1512 21.62 -13.50 -38.07
C ARG A 1512 20.94 -14.13 -39.28
N ASP A 1513 19.61 -14.29 -39.25
CA ASP A 1513 18.86 -14.89 -40.37
C ASP A 1513 19.43 -16.28 -40.70
N TRP A 1514 19.23 -17.19 -39.74
CA TRP A 1514 19.86 -18.51 -39.67
C TRP A 1514 19.58 -19.39 -40.87
N SER A 1515 18.78 -18.98 -41.86
CA SER A 1515 18.58 -19.75 -43.09
C SER A 1515 19.69 -19.49 -44.10
N ILE A 1516 20.75 -18.80 -43.70
CA ILE A 1516 21.89 -18.51 -44.55
C ILE A 1516 23.13 -19.13 -43.90
N LEU A 1517 24.22 -19.17 -44.66
CA LEU A 1517 25.46 -19.75 -44.17
C LEU A 1517 26.08 -18.81 -43.14
N GLY A 1518 26.99 -19.35 -42.32
CA GLY A 1518 27.63 -18.59 -41.28
C GLY A 1518 28.55 -19.45 -40.44
N PRO A 1519 28.93 -18.97 -39.26
CA PRO A 1519 29.79 -19.78 -38.37
C PRO A 1519 29.19 -21.14 -38.03
N HIS A 1520 27.87 -21.21 -37.89
CA HIS A 1520 27.21 -22.48 -37.58
C HIS A 1520 27.40 -23.50 -38.71
N HIS A 1521 27.46 -23.03 -39.96
CA HIS A 1521 27.53 -23.91 -41.12
C HIS A 1521 28.96 -24.19 -41.57
N LEU A 1522 29.94 -23.66 -40.86
CA LEU A 1522 31.35 -23.81 -41.25
C LEU A 1522 32.23 -24.33 -40.12
N ASP A 1523 31.96 -23.94 -38.87
CA ASP A 1523 32.57 -24.64 -37.76
C ASP A 1523 32.13 -26.10 -37.74
N GLU A 1524 31.02 -26.38 -38.38
CA GLU A 1524 30.66 -27.76 -38.51
C GLU A 1524 31.69 -28.34 -39.45
N PHE A 1525 31.89 -27.69 -40.59
CA PHE A 1525 32.86 -28.19 -41.56
C PHE A 1525 34.15 -28.54 -40.89
N LYS A 1526 34.75 -27.57 -40.24
CA LYS A 1526 36.03 -27.82 -39.63
C LYS A 1526 36.00 -29.16 -38.94
N ARG A 1527 34.93 -29.42 -38.23
CA ARG A 1527 34.84 -30.68 -37.53
C ARG A 1527 34.71 -31.73 -38.56
N ILE A 1528 33.72 -31.60 -39.43
CA ILE A 1528 33.48 -32.67 -40.38
C ILE A 1528 34.77 -33.11 -41.08
N TRP A 1529 35.82 -32.28 -41.05
CA TRP A 1529 37.08 -32.72 -41.63
C TRP A 1529 37.50 -33.86 -40.79
N ALA A 1530 37.61 -33.62 -39.51
CA ALA A 1530 37.94 -34.68 -38.59
C ALA A 1530 38.43 -35.93 -39.23
N GLU A 1531 37.62 -36.98 -39.14
CA GLU A 1531 38.01 -38.26 -39.69
C GLU A 1531 39.17 -38.18 -40.63
N TYR A 1532 38.98 -37.50 -41.74
CA TYR A 1532 40.00 -37.38 -42.75
C TYR A 1532 41.13 -36.50 -42.31
N ASP A 1533 41.54 -36.62 -41.06
CA ASP A 1533 42.69 -35.87 -40.57
C ASP A 1533 42.86 -36.04 -39.09
N PRO A 1534 44.11 -35.97 -38.66
CA PRO A 1534 44.30 -36.05 -37.23
C PRO A 1534 44.90 -34.76 -36.74
N GLU A 1535 46.21 -34.72 -36.61
CA GLU A 1535 46.88 -33.53 -36.06
C GLU A 1535 47.21 -32.53 -37.14
N ALA A 1536 46.50 -31.42 -37.15
CA ALA A 1536 46.69 -30.34 -38.11
C ALA A 1536 46.74 -30.82 -39.55
N LYS A 1537 47.84 -30.49 -40.25
CA LYS A 1537 48.12 -30.97 -41.60
C LYS A 1537 47.07 -30.48 -42.60
N GLY A 1538 45.86 -31.02 -42.52
CA GLY A 1538 44.80 -30.68 -43.43
C GLY A 1538 44.82 -31.41 -44.76
N ARG A 1539 45.67 -32.43 -44.90
CA ARG A 1539 45.78 -33.15 -46.17
C ARG A 1539 44.60 -34.09 -46.36
N ILE A 1540 44.06 -34.11 -47.57
CA ILE A 1540 42.85 -34.88 -47.87
C ILE A 1540 43.19 -36.34 -48.16
N LYS A 1541 42.15 -37.18 -48.20
CA LYS A 1541 42.27 -38.59 -48.51
C LYS A 1541 41.91 -38.88 -49.96
N HIS A 1542 41.54 -37.79 -50.66
CA HIS A 1542 41.10 -37.85 -52.04
C HIS A 1542 39.71 -38.35 -51.87
N LEU A 1543 39.57 -39.39 -51.05
CA LEU A 1543 38.25 -39.97 -50.80
C LEU A 1543 37.43 -39.16 -49.81
N ASP A 1544 37.84 -37.92 -49.56
CA ASP A 1544 37.05 -37.06 -48.71
C ASP A 1544 36.41 -36.11 -49.63
N VAL A 1545 37.21 -35.51 -50.48
CA VAL A 1545 36.66 -34.64 -51.46
C VAL A 1545 35.68 -35.40 -52.36
N VAL A 1546 35.70 -36.73 -52.29
CA VAL A 1546 34.75 -37.54 -53.07
C VAL A 1546 33.59 -38.06 -52.23
N THR A 1547 33.70 -37.95 -50.91
CA THR A 1547 32.61 -38.38 -50.06
C THR A 1547 31.99 -37.20 -49.34
N LEU A 1548 32.52 -36.01 -49.58
CA LEU A 1548 32.05 -34.84 -48.85
C LEU A 1548 30.57 -34.73 -48.59
N LEU A 1549 29.85 -34.17 -49.55
CA LEU A 1549 28.42 -33.93 -49.38
C LEU A 1549 27.70 -34.97 -48.55
N ARG A 1550 28.06 -36.22 -48.71
CA ARG A 1550 27.40 -37.30 -48.00
C ARG A 1550 27.15 -37.01 -46.53
N ARG A 1551 27.94 -36.14 -45.94
CA ARG A 1551 27.72 -35.78 -44.56
C ARG A 1551 27.36 -34.33 -44.48
N ILE A 1552 28.05 -33.51 -45.25
CA ILE A 1552 27.80 -32.08 -45.22
C ILE A 1552 26.32 -31.82 -45.46
N GLN A 1553 25.80 -30.80 -44.78
CA GLN A 1553 24.40 -30.48 -44.92
C GLN A 1553 24.20 -29.61 -46.13
N PRO A 1554 22.98 -29.62 -46.66
CA PRO A 1554 22.72 -28.85 -47.88
C PRO A 1554 22.80 -27.33 -47.74
N PRO A 1555 22.12 -26.72 -46.75
CA PRO A 1555 22.06 -25.25 -46.68
C PRO A 1555 23.40 -24.62 -46.39
N LEU A 1556 24.47 -25.31 -46.72
CA LEU A 1556 25.78 -24.82 -46.42
C LEU A 1556 26.75 -25.42 -47.39
N GLY A 1557 26.62 -26.73 -47.59
CA GLY A 1557 27.50 -27.43 -48.49
C GLY A 1557 26.65 -28.14 -49.51
N PHE A 1558 26.00 -29.22 -49.11
CA PHE A 1558 25.14 -29.96 -50.04
C PHE A 1558 24.35 -31.05 -49.33
N GLY A 1559 23.29 -31.55 -49.96
CA GLY A 1559 22.42 -32.50 -49.28
C GLY A 1559 22.38 -33.98 -49.53
N LYS A 1560 23.46 -34.69 -49.21
CA LYS A 1560 23.48 -36.16 -49.32
C LYS A 1560 23.13 -36.72 -50.71
N LEU A 1561 23.04 -35.88 -51.73
CA LEU A 1561 22.61 -36.34 -53.03
C LEU A 1561 23.71 -37.08 -53.78
N CYS A 1562 23.66 -37.05 -55.11
CA CYS A 1562 24.66 -37.73 -55.91
C CYS A 1562 25.89 -36.86 -56.10
N PRO A 1563 27.08 -37.42 -55.84
CA PRO A 1563 28.34 -36.67 -55.98
C PRO A 1563 28.51 -36.04 -57.36
N HIS A 1564 27.80 -36.56 -58.35
CA HIS A 1564 27.94 -36.04 -59.71
C HIS A 1564 26.72 -35.28 -60.09
N ARG A 1565 25.81 -35.07 -59.15
CA ARG A 1565 24.67 -34.24 -59.46
C ARG A 1565 25.30 -33.08 -60.18
N VAL A 1566 24.78 -32.70 -61.34
CA VAL A 1566 25.32 -31.53 -62.01
C VAL A 1566 25.79 -30.56 -60.96
N ALA A 1567 24.97 -30.31 -59.94
CA ALA A 1567 25.33 -29.38 -58.89
C ALA A 1567 26.43 -29.92 -57.99
N CYS A 1568 26.46 -31.23 -57.75
CA CYS A 1568 27.55 -31.83 -56.96
C CYS A 1568 28.78 -32.11 -57.80
N LYS A 1569 28.60 -32.39 -59.07
CA LYS A 1569 29.75 -32.55 -59.92
C LYS A 1569 30.27 -31.16 -60.06
N ARG A 1570 29.39 -30.19 -59.92
CA ARG A 1570 29.84 -28.84 -59.95
C ARG A 1570 30.80 -28.72 -58.79
N LEU A 1571 30.49 -29.34 -57.67
CA LEU A 1571 31.43 -29.34 -56.55
C LEU A 1571 32.77 -29.88 -57.02
N VAL A 1572 32.76 -30.74 -58.02
CA VAL A 1572 34.02 -31.24 -58.56
C VAL A 1572 34.53 -30.25 -59.57
N SER A 1573 33.60 -29.63 -60.29
CA SER A 1573 33.99 -28.59 -61.24
C SER A 1573 34.70 -27.57 -60.43
N MET A 1574 34.28 -27.39 -59.17
CA MET A 1574 34.99 -26.52 -58.29
C MET A 1574 36.20 -27.37 -58.01
N ASN A 1575 37.37 -26.96 -58.51
CA ASN A 1575 38.52 -27.82 -58.37
C ASN A 1575 39.64 -27.25 -57.52
N MET A 1576 40.84 -27.17 -58.07
CA MET A 1576 41.99 -26.75 -57.28
C MET A 1576 42.12 -25.24 -57.10
N PRO A 1577 41.87 -24.72 -55.88
CA PRO A 1577 42.07 -23.29 -55.75
C PRO A 1577 43.48 -23.05 -55.29
N LEU A 1578 44.42 -23.27 -56.19
CA LEU A 1578 45.83 -23.10 -55.85
C LEU A 1578 46.23 -24.05 -54.73
N ASN A 1579 46.48 -25.32 -55.08
CA ASN A 1579 46.95 -26.31 -54.09
C ASN A 1579 47.38 -27.54 -54.89
N SER A 1580 46.88 -28.72 -54.52
CA SER A 1580 47.19 -29.93 -55.27
C SER A 1580 46.05 -30.93 -55.13
N ASP A 1581 45.52 -31.43 -56.25
CA ASP A 1581 44.40 -32.35 -56.23
C ASP A 1581 44.63 -33.42 -55.18
N GLY A 1582 45.87 -33.82 -54.99
CA GLY A 1582 46.17 -34.87 -54.05
C GLY A 1582 45.68 -34.57 -52.67
N THR A 1583 46.24 -33.53 -52.06
CA THR A 1583 45.83 -33.13 -50.72
C THR A 1583 45.46 -31.65 -50.70
N VAL A 1584 44.17 -31.38 -50.54
CA VAL A 1584 43.73 -30.00 -50.52
C VAL A 1584 44.24 -29.36 -49.24
N MET A 1585 44.68 -28.11 -49.34
CA MET A 1585 45.21 -27.42 -48.18
C MET A 1585 44.09 -26.92 -47.30
N PHE A 1586 43.14 -27.80 -46.97
CA PHE A 1586 42.07 -27.43 -46.05
C PHE A 1586 41.34 -26.22 -46.56
N ASN A 1587 41.88 -25.05 -46.25
CA ASN A 1587 41.24 -23.82 -46.65
C ASN A 1587 40.71 -23.96 -48.04
N ALA A 1588 41.37 -24.74 -48.86
CA ALA A 1588 40.95 -24.83 -50.22
C ALA A 1588 39.49 -25.03 -50.28
N THR A 1589 39.08 -26.21 -49.90
CA THR A 1589 37.69 -26.54 -50.04
C THR A 1589 36.86 -25.49 -49.35
N LEU A 1590 37.38 -24.95 -48.25
CA LEU A 1590 36.61 -23.98 -47.48
C LEU A 1590 36.15 -22.91 -48.39
N PHE A 1591 37.10 -22.17 -48.91
CA PHE A 1591 36.74 -21.07 -49.78
C PHE A 1591 35.86 -21.64 -50.82
N ALA A 1592 36.34 -22.69 -51.48
CA ALA A 1592 35.50 -23.18 -52.59
C ALA A 1592 34.04 -23.31 -52.16
N LEU A 1593 33.79 -23.93 -51.00
CA LEU A 1593 32.43 -24.11 -50.54
C LEU A 1593 31.79 -22.78 -50.18
N VAL A 1594 32.55 -21.86 -49.59
CA VAL A 1594 32.00 -20.54 -49.27
C VAL A 1594 31.61 -19.81 -50.54
N ARG A 1595 32.47 -19.86 -51.56
CA ARG A 1595 32.18 -19.16 -52.81
C ARG A 1595 30.97 -19.74 -53.51
N THR A 1596 30.82 -21.08 -53.50
CA THR A 1596 29.67 -21.66 -54.18
C THR A 1596 28.38 -21.48 -53.40
N ALA A 1597 28.46 -21.40 -52.07
CA ALA A 1597 27.25 -21.25 -51.27
C ALA A 1597 26.56 -19.92 -51.57
N LEU A 1598 27.34 -18.85 -51.68
CA LEU A 1598 26.81 -17.52 -51.93
C LEU A 1598 27.92 -16.64 -52.49
N ARG A 1599 27.52 -15.48 -53.03
CA ARG A 1599 28.44 -14.54 -53.66
C ARG A 1599 29.23 -15.21 -54.78
N ILE A 1600 28.52 -15.97 -55.61
CA ILE A 1600 29.16 -16.70 -56.70
C ILE A 1600 29.66 -15.70 -57.76
N LYS A 1601 30.96 -15.71 -58.00
CA LYS A 1601 31.56 -14.87 -59.03
C LYS A 1601 31.71 -15.69 -60.32
N THR A 1602 32.36 -15.10 -61.32
CA THR A 1602 32.49 -15.70 -62.63
C THR A 1602 33.94 -16.12 -62.89
N GLU A 1603 34.19 -16.63 -64.09
CA GLU A 1603 35.51 -17.07 -64.46
C GLU A 1603 36.47 -15.89 -64.58
N GLY A 1604 37.73 -16.13 -64.23
CA GLY A 1604 38.76 -15.11 -64.31
C GLY A 1604 38.81 -14.16 -63.13
N ASN A 1605 37.85 -14.22 -62.21
CA ASN A 1605 37.84 -13.37 -61.03
C ASN A 1605 38.55 -14.03 -59.85
N LEU A 1606 39.79 -14.46 -60.10
CA LEU A 1606 40.60 -15.14 -59.09
C LEU A 1606 41.49 -14.13 -58.35
N GLU A 1607 42.40 -13.50 -59.08
CA GLU A 1607 43.11 -12.36 -58.52
C GLU A 1607 42.20 -11.14 -58.46
N GLN A 1608 41.12 -11.13 -59.23
CA GLN A 1608 40.10 -10.10 -59.06
C GLN A 1608 39.46 -10.20 -57.69
N ALA A 1609 39.21 -11.42 -57.19
CA ALA A 1609 38.76 -11.57 -55.81
C ALA A 1609 39.89 -11.26 -54.84
N ASN A 1610 41.12 -11.66 -55.19
CA ASN A 1610 42.26 -11.34 -54.34
C ASN A 1610 42.40 -9.84 -54.13
N GLU A 1611 42.04 -9.03 -55.11
CA GLU A 1611 42.01 -7.58 -54.92
C GLU A 1611 40.66 -7.07 -54.43
N GLU A 1612 39.58 -7.83 -54.63
CA GLU A 1612 38.32 -7.49 -54.00
C GLU A 1612 38.44 -7.46 -52.49
N LEU A 1613 39.35 -8.28 -51.94
CA LEU A 1613 39.64 -8.10 -50.52
C LEU A 1613 40.91 -7.26 -50.30
N ARG A 1614 42.02 -7.59 -50.98
CA ARG A 1614 43.31 -7.02 -50.61
C ARG A 1614 43.36 -5.51 -50.80
N ALA A 1615 42.62 -4.98 -51.78
CA ALA A 1615 42.76 -3.58 -52.15
C ALA A 1615 42.10 -2.62 -51.17
N ILE A 1616 41.32 -3.11 -50.21
CA ILE A 1616 40.60 -2.24 -49.31
C ILE A 1616 40.89 -2.57 -47.84
N ILE A 1617 40.67 -3.83 -47.45
CA ILE A 1617 40.77 -4.22 -46.05
C ILE A 1617 41.23 -5.67 -45.99
N LYS A 1618 41.44 -6.20 -44.78
CA LYS A 1618 41.91 -7.57 -44.57
C LYS A 1618 43.24 -7.80 -45.30
N LYS A 1619 44.24 -7.07 -44.84
CA LYS A 1619 45.59 -7.15 -45.41
C LYS A 1619 46.02 -8.60 -45.57
N ILE A 1620 46.32 -8.97 -46.81
CA ILE A 1620 46.64 -10.35 -47.12
C ILE A 1620 47.90 -10.83 -46.42
N TRP A 1621 48.91 -9.97 -46.29
CA TRP A 1621 50.21 -10.34 -45.73
C TRP A 1621 50.87 -11.44 -46.56
N LYS A 1622 50.76 -11.34 -47.89
CA LYS A 1622 51.37 -12.22 -48.88
C LYS A 1622 50.70 -13.59 -48.90
N ARG A 1623 49.73 -13.85 -48.02
CA ARG A 1623 49.15 -15.19 -47.88
C ARG A 1623 48.62 -15.78 -49.18
N THR A 1624 48.43 -14.97 -50.23
CA THR A 1624 47.93 -15.50 -51.49
C THR A 1624 48.91 -16.49 -52.13
N SER A 1625 50.02 -16.79 -51.43
CA SER A 1625 50.91 -17.85 -51.84
C SER A 1625 50.22 -19.21 -51.87
N MET A 1626 49.09 -19.36 -51.18
CA MET A 1626 48.37 -20.62 -51.17
C MET A 1626 46.98 -20.52 -51.80
N LYS A 1627 46.55 -19.32 -52.16
CA LYS A 1627 45.28 -19.12 -52.87
C LYS A 1627 45.54 -18.10 -53.98
N LEU A 1628 45.56 -18.58 -55.22
CA LEU A 1628 45.64 -17.73 -56.40
C LEU A 1628 44.45 -17.92 -57.32
N LEU A 1629 44.15 -19.17 -57.69
CA LEU A 1629 43.01 -19.47 -58.54
C LEU A 1629 42.46 -20.85 -58.24
N PHE B 27 -21.36 -57.52 69.18
CA PHE B 27 -21.42 -56.09 69.44
C PHE B 27 -22.46 -55.78 70.51
N PRO B 28 -22.21 -54.74 71.30
CA PRO B 28 -23.15 -54.38 72.38
C PRO B 28 -24.55 -54.11 71.85
N SER B 29 -25.55 -54.55 72.60
CA SER B 29 -26.93 -54.35 72.21
C SER B 29 -27.36 -52.92 72.53
N ALA B 30 -28.66 -52.65 72.35
CA ALA B 30 -29.20 -51.32 72.59
C ALA B 30 -29.10 -50.95 74.07
N VAL B 31 -29.35 -51.91 74.96
CA VAL B 31 -29.41 -51.62 76.39
C VAL B 31 -28.05 -51.17 76.90
N THR B 32 -26.99 -51.91 76.56
CA THR B 32 -25.66 -51.56 77.06
C THR B 32 -25.13 -50.30 76.37
N ILE B 33 -25.39 -50.15 75.07
CA ILE B 33 -24.94 -48.95 74.37
C ILE B 33 -25.61 -47.71 74.96
N LYS B 34 -26.87 -47.85 75.36
CA LYS B 34 -27.53 -46.76 76.09
C LYS B 34 -26.81 -46.47 77.40
N SER B 35 -26.38 -47.52 78.11
CA SER B 35 -25.64 -47.33 79.36
C SER B 35 -24.30 -46.65 79.11
N TRP B 36 -23.62 -47.04 78.03
CA TRP B 36 -22.35 -46.39 77.68
C TRP B 36 -22.54 -44.90 77.42
N VAL B 37 -23.61 -44.55 76.70
CA VAL B 37 -23.91 -43.15 76.45
C VAL B 37 -24.25 -42.42 77.75
N ASP B 38 -25.03 -43.06 78.63
CA ASP B 38 -25.44 -42.43 79.87
C ASP B 38 -24.23 -42.12 80.75
N LYS B 39 -23.26 -43.03 80.81
CA LYS B 39 -22.02 -42.74 81.53
C LYS B 39 -21.27 -41.59 80.87
N MET B 40 -21.51 -41.35 79.58
CA MET B 40 -20.83 -40.29 78.86
C MET B 40 -21.52 -38.94 79.06
N GLN B 41 -22.86 -38.93 78.99
CA GLN B 41 -23.60 -37.68 79.09
C GLN B 41 -23.36 -37.00 80.43
N GLU B 42 -23.55 -37.74 81.53
CA GLU B 42 -23.35 -37.15 82.85
C GLU B 42 -21.91 -36.71 83.09
N ASP B 43 -20.97 -37.20 82.29
CA ASP B 43 -19.57 -36.82 82.48
C ASP B 43 -19.34 -35.36 82.10
N LEU B 44 -19.84 -34.94 80.93
CA LEU B 44 -19.59 -33.59 80.44
C LEU B 44 -20.83 -32.71 80.44
N VAL B 45 -21.94 -33.21 80.99
CA VAL B 45 -23.02 -32.33 81.42
C VAL B 45 -22.76 -31.78 82.81
N THR B 46 -22.08 -32.54 83.67
CA THR B 46 -21.60 -32.03 84.95
C THR B 46 -20.31 -31.25 84.81
N LEU B 47 -19.36 -31.72 83.99
CA LEU B 47 -18.09 -31.03 83.80
C LEU B 47 -18.26 -29.67 83.14
N ALA B 48 -19.35 -29.46 82.39
CA ALA B 48 -19.64 -28.17 81.79
C ALA B 48 -20.56 -27.31 82.64
N LYS B 49 -21.55 -27.92 83.30
CA LYS B 49 -22.42 -27.17 84.19
C LYS B 49 -21.63 -26.60 85.37
N THR B 50 -20.71 -27.39 85.93
CA THR B 50 -19.99 -27.00 87.13
C THR B 50 -18.82 -26.09 86.83
N ALA B 51 -17.93 -26.49 85.91
CA ALA B 51 -16.72 -25.71 85.65
C ALA B 51 -17.04 -24.32 85.11
N SER B 52 -18.00 -24.23 84.19
CA SER B 52 -18.35 -22.93 83.61
C SER B 52 -18.97 -22.01 84.65
N GLY B 53 -19.97 -22.51 85.37
CA GLY B 53 -20.69 -21.69 86.33
C GLY B 53 -21.94 -21.10 85.72
N VAL B 54 -22.60 -21.86 84.84
CA VAL B 54 -23.81 -21.38 84.18
C VAL B 54 -24.92 -21.13 85.20
N ASN B 55 -24.89 -21.84 86.33
CA ASN B 55 -25.87 -21.61 87.40
C ASN B 55 -25.37 -20.62 88.44
N GLN B 56 -24.07 -20.31 88.45
CA GLN B 56 -23.51 -19.35 89.39
C GLN B 56 -23.13 -18.04 88.70
N LEU B 57 -23.60 -17.83 87.46
CA LEU B 57 -23.60 -16.52 86.84
C LEU B 57 -25.00 -15.92 86.74
N VAL B 58 -26.04 -16.76 86.68
CA VAL B 58 -27.40 -16.25 86.68
C VAL B 58 -27.73 -15.59 88.01
N ASP B 59 -27.22 -16.14 89.12
CA ASP B 59 -27.50 -15.57 90.43
C ASP B 59 -26.92 -14.17 90.54
N ILE B 60 -25.69 -13.96 90.05
CA ILE B 60 -25.10 -12.63 90.02
C ILE B 60 -25.97 -11.70 89.19
N TYR B 61 -26.46 -12.18 88.05
CA TYR B 61 -27.39 -11.44 87.22
C TYR B 61 -28.79 -11.37 87.81
N GLU B 62 -29.00 -11.92 89.02
CA GLU B 62 -30.30 -11.88 89.67
C GLU B 62 -30.25 -11.32 91.09
N LYS B 63 -29.08 -11.18 91.69
CA LYS B 63 -29.00 -10.54 93.00
C LYS B 63 -28.68 -9.06 92.90
N TYR B 64 -27.93 -8.65 91.88
CA TYR B 64 -27.67 -7.23 91.62
C TYR B 64 -28.69 -6.65 90.66
N GLN B 65 -29.98 -6.85 90.97
CA GLN B 65 -31.04 -6.36 90.09
C GLN B 65 -31.23 -4.85 90.18
N ASP B 66 -30.83 -4.23 91.29
CA ASP B 66 -30.98 -2.79 91.45
C ASP B 66 -30.03 -2.00 90.57
N LEU B 67 -29.06 -2.65 89.93
CA LEU B 67 -28.07 -1.97 89.11
C LEU B 67 -28.44 -1.93 87.63
N TYR B 68 -29.61 -2.46 87.30
CA TYR B 68 -30.07 -2.38 85.92
C TYR B 68 -31.57 -2.34 85.83
N THR B 69 -32.08 -2.04 84.65
CA THR B 69 -33.52 -2.02 84.41
C THR B 69 -33.81 -2.77 83.12
N VAL B 70 -34.78 -3.67 83.18
CA VAL B 70 -35.21 -4.41 82.00
C VAL B 70 -36.13 -3.52 81.17
N GLU B 71 -35.77 -3.32 79.90
CA GLU B 71 -36.52 -2.40 79.07
C GLU B 71 -37.04 -3.10 77.82
N PRO B 72 -38.25 -2.80 77.38
CA PRO B 72 -38.80 -3.47 76.20
C PRO B 72 -38.09 -3.04 74.92
N ASN B 73 -38.24 -3.88 73.90
CA ASN B 73 -37.69 -3.65 72.57
C ASN B 73 -38.80 -3.72 71.53
N ASN B 74 -39.87 -2.97 71.77
CA ASN B 74 -41.06 -2.97 70.93
C ASN B 74 -40.70 -2.90 69.45
N ALA B 75 -41.10 -3.94 68.71
CA ALA B 75 -40.67 -4.06 67.32
C ALA B 75 -41.29 -2.99 66.44
N ARG B 76 -42.53 -2.59 66.70
CA ARG B 76 -43.21 -1.64 65.84
C ARG B 76 -42.50 -0.30 65.82
N GLN B 77 -42.17 0.23 67.00
CA GLN B 77 -41.56 1.56 67.07
C GLN B 77 -40.18 1.58 66.41
N LEU B 78 -39.36 0.56 66.68
CA LEU B 78 -37.98 0.57 66.20
C LEU B 78 -37.88 0.57 64.69
N VAL B 79 -38.95 0.17 63.98
CA VAL B 79 -38.96 0.29 62.53
C VAL B 79 -39.57 1.60 62.07
N GLU B 80 -40.55 2.14 62.78
CA GLU B 80 -41.08 3.45 62.42
C GLU B 80 -40.09 4.56 62.72
N ILE B 81 -39.40 4.49 63.87
CA ILE B 81 -38.39 5.49 64.19
C ILE B 81 -37.20 5.40 63.25
N ALA B 82 -36.77 4.20 62.88
CA ALA B 82 -35.64 4.02 61.98
C ALA B 82 -36.01 4.25 60.52
N ALA B 83 -37.29 4.28 60.18
CA ALA B 83 -37.69 4.62 58.82
C ALA B 83 -37.90 6.12 58.63
N ARG B 84 -38.32 6.82 59.68
CA ARG B 84 -38.39 8.28 59.61
C ARG B 84 -37.00 8.89 59.44
N ASP B 85 -36.02 8.36 60.16
CA ASP B 85 -34.66 8.89 60.07
C ASP B 85 -34.05 8.65 58.70
N ILE B 86 -34.29 7.48 58.12
CA ILE B 86 -33.77 7.19 56.78
C ILE B 86 -34.41 8.13 55.76
N GLU B 87 -35.71 8.40 55.92
CA GLU B 87 -36.38 9.33 55.03
C GLU B 87 -35.81 10.74 55.17
N LYS B 88 -35.51 11.18 56.39
CA LYS B 88 -34.92 12.50 56.60
C LYS B 88 -33.53 12.58 55.98
N LEU B 89 -32.73 11.52 56.14
CA LEU B 89 -31.39 11.52 55.55
C LEU B 89 -31.46 11.58 54.03
N LEU B 90 -32.38 10.83 53.43
CA LEU B 90 -32.54 10.84 51.99
C LEU B 90 -33.31 12.07 51.50
N SER B 91 -33.89 12.85 52.41
CA SER B 91 -34.49 14.12 52.05
C SER B 91 -33.56 15.30 52.29
N ASN B 92 -32.58 15.15 53.18
CA ASN B 92 -31.54 16.17 53.30
C ASN B 92 -30.77 16.30 52.00
N ARG B 93 -30.45 15.17 51.37
CA ARG B 93 -29.73 15.15 50.11
C ARG B 93 -30.65 15.36 48.91
N SER B 94 -31.96 15.41 49.11
CA SER B 94 -32.88 15.81 48.06
C SER B 94 -33.05 17.32 47.99
N LYS B 95 -32.92 18.01 49.14
CA LYS B 95 -32.90 19.47 49.15
C LYS B 95 -31.55 20.02 48.71
N ALA B 96 -30.50 19.21 48.74
CA ALA B 96 -29.20 19.62 48.21
C ALA B 96 -29.10 19.43 46.71
N LEU B 97 -29.83 18.45 46.16
CA LEU B 97 -29.86 18.27 44.72
C LEU B 97 -30.71 19.35 44.05
N VAL B 98 -31.85 19.68 44.64
CA VAL B 98 -32.73 20.69 44.08
C VAL B 98 -32.08 22.07 44.20
N ARG B 99 -31.42 22.34 45.34
CA ARG B 99 -30.70 23.60 45.50
C ARG B 99 -29.54 23.71 44.53
N LEU B 100 -29.07 22.60 43.99
CA LEU B 100 -27.93 22.57 43.08
C LEU B 100 -28.32 22.63 41.61
N ALA B 101 -29.43 22.01 41.23
CA ALA B 101 -29.87 22.02 39.85
C ALA B 101 -30.53 23.33 39.44
N LEU B 102 -31.13 24.06 40.38
CA LEU B 102 -31.74 25.34 40.08
C LEU B 102 -30.71 26.46 39.92
N GLU B 103 -29.51 26.29 40.45
CA GLU B 103 -28.42 27.25 40.29
C GLU B 103 -27.42 26.83 39.22
N ALA B 104 -27.62 25.66 38.61
CA ALA B 104 -26.84 25.24 37.45
C ALA B 104 -27.59 25.45 36.15
N GLU B 105 -28.88 25.75 36.21
CA GLU B 105 -29.68 26.06 35.03
C GLU B 105 -29.84 27.56 34.80
N LYS B 106 -29.91 28.35 35.88
CA LYS B 106 -29.97 29.80 35.74
C LYS B 106 -28.63 30.38 35.30
N VAL B 107 -27.53 29.81 35.80
CA VAL B 107 -26.21 30.30 35.42
C VAL B 107 -25.92 30.01 33.95
N GLN B 108 -26.25 28.80 33.49
CA GLN B 108 -26.02 28.45 32.10
C GLN B 108 -26.85 29.30 31.16
N ALA B 109 -28.08 29.61 31.56
CA ALA B 109 -28.94 30.44 30.71
C ALA B 109 -28.37 31.84 30.53
N ALA B 110 -27.58 32.32 31.50
CA ALA B 110 -26.94 33.62 31.42
C ALA B 110 -25.48 33.53 31.00
N HIS B 111 -25.14 32.58 30.14
CA HIS B 111 -23.78 32.35 29.69
C HIS B 111 -23.62 32.83 28.26
N GLN B 112 -22.57 33.61 28.01
CA GLN B 112 -22.24 34.10 26.68
C GLN B 112 -21.20 33.18 26.06
N TRP B 113 -21.51 32.65 24.88
CA TRP B 113 -20.64 31.65 24.25
C TRP B 113 -19.35 32.27 23.75
N ARG B 114 -18.30 32.20 24.56
CA ARG B 114 -16.99 32.69 24.16
C ARG B 114 -16.31 31.66 23.25
N GLU B 115 -16.10 32.03 21.98
CA GLU B 115 -15.50 31.10 21.03
C GLU B 115 -14.00 31.08 21.12
N ASP B 116 -13.35 32.25 21.12
CA ASP B 116 -11.90 32.32 21.24
C ASP B 116 -11.48 33.34 22.27
N PHE B 117 -12.23 33.47 23.36
CA PHE B 117 -11.86 34.34 24.47
C PHE B 117 -11.00 33.61 25.49
N ALA B 118 -10.23 32.62 25.05
CA ALA B 118 -9.40 31.83 25.96
C ALA B 118 -8.37 32.69 26.68
N SER B 119 -8.10 33.90 26.16
CA SER B 119 -7.19 34.80 26.85
C SER B 119 -7.72 35.25 28.20
N ASN B 120 -9.00 35.01 28.48
CA ASN B 120 -9.58 35.30 29.79
C ASN B 120 -9.09 34.33 30.87
N GLU B 121 -8.40 33.26 30.50
CA GLU B 121 -7.70 32.38 31.43
C GLU B 121 -8.66 31.78 32.46
N VAL B 122 -9.54 30.90 31.98
CA VAL B 122 -10.38 30.13 32.88
C VAL B 122 -9.48 29.35 33.84
N VAL B 123 -9.91 29.26 35.09
CA VAL B 123 -9.09 28.69 36.16
C VAL B 123 -9.87 27.56 36.82
N TYR B 124 -9.22 26.41 36.98
CA TYR B 124 -9.84 25.24 37.59
C TYR B 124 -8.72 24.37 38.16
N TYR B 125 -9.07 23.15 38.57
CA TYR B 125 -8.11 22.19 39.10
C TYR B 125 -8.38 20.84 38.45
N ASN B 126 -7.54 20.47 37.47
CA ASN B 126 -7.62 19.14 36.89
C ASN B 126 -7.26 18.11 37.95
N ALA B 127 -8.06 17.04 38.04
CA ALA B 127 -7.82 16.05 39.08
C ALA B 127 -6.58 15.22 38.79
N LYS B 128 -6.35 14.89 37.52
CA LYS B 128 -5.28 13.97 37.14
C LYS B 128 -4.05 14.74 36.68
N ASP B 129 -3.37 15.37 37.64
CA ASP B 129 -2.13 16.07 37.34
C ASP B 129 -1.30 16.21 38.61
N ASP B 130 0.01 16.14 38.43
CA ASP B 130 0.98 16.35 39.51
C ASP B 130 2.40 16.39 38.96
N GLU B 139 -0.88 25.76 29.81
CA GLU B 139 -1.89 25.44 28.82
C GLU B 139 -2.56 26.71 28.29
N PRO B 140 -2.83 26.74 26.99
CA PRO B 140 -3.45 27.93 26.39
C PRO B 140 -4.89 28.09 26.84
N GLY B 141 -5.17 29.16 27.56
CA GLY B 141 -6.51 29.48 28.00
C GLY B 141 -6.92 28.90 29.33
N SER B 142 -6.10 28.05 29.94
CA SER B 142 -6.44 27.41 31.20
C SER B 142 -5.30 27.57 32.19
N GLN B 143 -5.63 28.06 33.39
CA GLN B 143 -4.69 28.10 34.50
C GLN B 143 -4.77 26.77 35.25
N ARG B 144 -4.16 26.71 36.43
CA ARG B 144 -4.14 25.49 37.22
C ARG B 144 -4.01 25.84 38.69
N ILE B 145 -4.99 25.43 39.49
CA ILE B 145 -4.98 25.70 40.92
C ILE B 145 -4.24 24.58 41.64
N LYS B 146 -3.37 24.96 42.58
CA LYS B 146 -2.68 24.00 43.43
C LYS B 146 -3.28 24.06 44.83
N PRO B 147 -3.93 23.01 45.31
CA PRO B 147 -4.62 23.08 46.61
C PRO B 147 -3.72 22.70 47.78
N VAL B 148 -4.28 22.76 48.99
CA VAL B 148 -3.52 22.44 50.20
C VAL B 148 -3.63 20.96 50.55
N PHE B 149 -4.81 20.36 50.32
CA PHE B 149 -5.03 18.92 50.45
C PHE B 149 -4.77 18.44 51.89
N ILE B 150 -5.61 18.93 52.80
CA ILE B 150 -5.65 18.34 54.14
C ILE B 150 -6.30 16.96 54.06
N GLU B 151 -6.08 16.16 55.10
CA GLU B 151 -6.58 14.80 55.18
C GLU B 151 -7.78 14.74 56.12
N ASP B 152 -8.86 14.12 55.67
CA ASP B 152 -10.09 14.04 56.43
C ASP B 152 -10.41 12.59 56.77
N ALA B 153 -11.10 12.41 57.89
CA ALA B 153 -11.50 11.10 58.37
C ALA B 153 -12.83 10.63 57.81
N ASN B 154 -13.75 11.56 57.50
CA ASN B 154 -15.00 11.16 56.86
C ASN B 154 -14.76 10.50 55.52
N PHE B 155 -13.85 11.07 54.73
CA PHE B 155 -13.36 10.43 53.53
C PHE B 155 -12.14 9.57 53.88
N GLY B 156 -11.57 8.91 52.88
CA GLY B 156 -10.38 8.12 53.10
C GLY B 156 -9.18 8.69 52.36
N ARG B 157 -9.32 9.91 51.87
CA ARG B 157 -8.29 10.53 51.03
C ARG B 157 -7.95 11.92 51.54
N GLN B 158 -7.17 12.67 50.76
CA GLN B 158 -6.85 14.05 51.07
C GLN B 158 -7.79 14.95 50.29
N ILE B 159 -8.54 15.79 51.00
CA ILE B 159 -9.58 16.62 50.40
C ILE B 159 -9.40 18.05 50.87
N SER B 160 -9.63 19.00 49.96
CA SER B 160 -9.64 20.41 50.27
C SER B 160 -11.03 20.98 50.05
N TYR B 161 -11.48 21.83 50.97
CA TYR B 161 -12.83 22.38 50.94
C TYR B 161 -12.91 23.75 50.28
N GLN B 162 -11.95 24.09 49.43
CA GLN B 162 -11.87 25.43 48.85
C GLN B 162 -12.37 25.51 47.42
N HIS B 163 -12.35 24.42 46.68
CA HIS B 163 -12.80 24.43 45.28
C HIS B 163 -13.21 23.01 44.90
N ALA B 164 -13.69 22.87 43.67
CA ALA B 164 -14.14 21.59 43.15
C ALA B 164 -13.21 21.11 42.06
N ALA B 165 -12.85 19.82 42.13
CA ALA B 165 -11.96 19.23 41.14
C ALA B 165 -12.74 18.91 39.87
N VAL B 166 -12.00 18.79 38.77
CA VAL B 166 -12.56 18.50 37.45
C VAL B 166 -11.86 17.27 36.89
N HIS B 167 -12.63 16.30 36.44
CA HIS B 167 -12.10 15.12 35.78
C HIS B 167 -12.41 15.21 34.30
N ILE B 168 -11.38 15.29 33.48
CA ILE B 168 -11.51 15.31 32.02
C ILE B 168 -10.96 14.00 31.48
N PRO B 169 -11.76 13.20 30.76
CA PRO B 169 -11.27 11.90 30.29
C PRO B 169 -10.07 12.05 29.36
N THR B 170 -9.22 11.02 29.35
CA THR B 170 -8.01 11.05 28.54
C THR B 170 -8.31 11.22 27.07
N ASP B 171 -9.46 10.73 26.59
CA ASP B 171 -9.84 10.86 25.20
C ASP B 171 -10.46 12.21 24.89
N ILE B 172 -10.79 13.01 25.90
CA ILE B 172 -11.37 14.33 25.71
C ILE B 172 -10.27 15.35 25.92
N TYR B 173 -10.02 16.18 24.91
CA TYR B 173 -8.96 17.18 24.96
C TYR B 173 -9.48 18.45 25.62
N GLU B 174 -8.80 18.89 26.68
CA GLU B 174 -9.13 20.16 27.31
C GLU B 174 -8.69 21.31 26.40
N GLY B 175 -8.92 22.53 26.86
CA GLY B 175 -8.56 23.67 26.06
C GLY B 175 -9.31 23.79 24.76
N SER B 176 -10.42 23.06 24.62
CA SER B 176 -11.27 23.13 23.44
C SER B 176 -12.40 24.13 23.68
N THR B 177 -13.01 24.56 22.58
CA THR B 177 -14.08 25.55 22.68
C THR B 177 -15.27 25.02 23.48
N ILE B 178 -15.62 23.75 23.28
CA ILE B 178 -16.70 23.16 24.06
C ILE B 178 -16.30 22.99 25.52
N VAL B 179 -15.10 22.46 25.75
CA VAL B 179 -14.66 22.16 27.12
C VAL B 179 -14.40 23.45 27.90
N LEU B 180 -13.70 24.39 27.29
CA LEU B 180 -13.37 25.63 28.00
C LEU B 180 -14.61 26.44 28.34
N ASN B 181 -15.64 26.37 27.50
CA ASN B 181 -16.89 27.06 27.81
C ASN B 181 -17.54 26.44 29.04
N GLU B 182 -17.50 25.11 29.17
CA GLU B 182 -18.13 24.46 30.31
C GLU B 182 -17.35 24.69 31.59
N LEU B 183 -16.02 24.77 31.52
CA LEU B 183 -15.26 25.10 32.73
C LEU B 183 -15.45 26.54 33.16
N ASN B 184 -16.08 27.37 32.33
CA ASN B 184 -16.34 28.77 32.68
C ASN B 184 -17.72 28.94 33.32
N TRP B 185 -18.76 28.33 32.76
CA TRP B 185 -20.08 28.50 33.33
C TRP B 185 -20.35 27.52 34.47
N THR B 186 -19.64 26.39 34.53
CA THR B 186 -19.69 25.53 35.71
C THR B 186 -18.64 25.95 36.72
N SER B 187 -18.61 27.23 37.04
CA SER B 187 -17.76 27.76 38.08
C SER B 187 -18.54 28.46 39.18
N ALA B 188 -19.80 28.81 38.93
CA ALA B 188 -20.68 29.27 40.00
C ALA B 188 -21.20 28.12 40.84
N LEU B 189 -20.98 26.88 40.41
CA LEU B 189 -21.35 25.73 41.21
C LEU B 189 -20.53 25.65 42.50
N ASP B 190 -19.24 26.01 42.43
CA ASP B 190 -18.38 25.92 43.60
C ASP B 190 -18.87 26.80 44.74
N GLU B 191 -19.69 27.80 44.46
CA GLU B 191 -20.28 28.60 45.52
C GLU B 191 -21.49 27.93 46.16
N VAL B 192 -22.29 27.21 45.38
CA VAL B 192 -23.39 26.44 45.94
C VAL B 192 -22.92 25.05 46.36
N PHE B 193 -21.88 24.52 45.72
CA PHE B 193 -21.20 23.34 46.26
C PHE B 193 -20.69 23.63 47.66
N LYS B 194 -20.09 24.80 47.86
CA LYS B 194 -19.55 25.23 49.14
C LYS B 194 -20.62 25.63 50.13
N LYS B 195 -21.89 25.64 49.72
CA LYS B 195 -23.00 26.01 50.58
C LYS B 195 -23.83 24.84 51.06
N ASN B 196 -23.91 23.76 50.28
CA ASN B 196 -24.63 22.57 50.73
C ASN B 196 -23.95 21.92 51.92
N ARG B 197 -22.63 22.08 52.04
CA ARG B 197 -21.90 21.38 53.09
C ARG B 197 -22.19 21.94 54.46
N GLU B 198 -22.34 23.26 54.58
CA GLU B 198 -22.47 23.88 55.89
C GLU B 198 -23.73 23.43 56.63
N GLU B 199 -24.87 23.34 55.92
CA GLU B 199 -26.09 22.86 56.56
C GLU B 199 -25.93 21.43 57.05
N ASP B 200 -25.37 20.55 56.21
CA ASP B 200 -25.17 19.15 56.59
C ASP B 200 -23.70 18.80 56.38
N PRO B 201 -22.87 18.95 57.43
CA PRO B 201 -21.44 18.69 57.28
C PRO B 201 -21.09 17.25 56.96
N SER B 202 -22.10 16.38 56.87
CA SER B 202 -21.92 14.99 56.51
C SER B 202 -22.01 14.75 55.02
N LEU B 203 -22.11 15.80 54.22
CA LEU B 203 -22.23 15.65 52.77
C LEU B 203 -21.00 14.97 52.19
N LEU B 204 -21.24 13.94 51.38
CA LEU B 204 -20.19 13.26 50.64
C LEU B 204 -20.06 13.90 49.25
N TRP B 205 -19.40 13.19 48.33
CA TRP B 205 -19.18 13.66 46.97
C TRP B 205 -20.45 14.21 46.33
N GLN B 206 -20.43 15.50 46.02
CA GLN B 206 -21.45 16.13 45.19
C GLN B 206 -20.84 16.37 43.82
N VAL B 207 -21.45 15.78 42.79
CA VAL B 207 -20.84 15.74 41.47
C VAL B 207 -21.84 16.21 40.42
N PHE B 208 -21.35 16.99 39.45
CA PHE B 208 -22.12 17.38 38.27
C PHE B 208 -21.50 16.68 37.07
N GLY B 209 -22.20 15.66 36.57
CA GLY B 209 -21.73 14.95 35.40
C GLY B 209 -22.20 15.60 34.12
N SER B 210 -21.34 16.38 33.48
CA SER B 210 -21.74 17.12 32.29
C SER B 210 -21.83 16.20 31.08
N ALA B 211 -22.56 16.65 30.07
CA ALA B 211 -22.69 15.89 28.83
C ALA B 211 -21.47 16.00 27.94
N THR B 212 -20.56 16.94 28.21
CA THR B 212 -19.32 17.01 27.45
C THR B 212 -18.38 15.86 27.82
N GLY B 213 -18.43 15.42 29.07
CA GLY B 213 -17.59 14.32 29.52
C GLY B 213 -16.84 14.64 30.80
N LEU B 214 -16.86 15.90 31.21
CA LEU B 214 -16.13 16.35 32.39
C LEU B 214 -17.05 16.40 33.60
N ALA B 215 -16.65 15.90 34.74
CA ALA B 215 -17.41 15.96 35.95
C ALA B 215 -16.72 16.87 36.85
N ARG B 216 -17.42 17.58 37.68
CA ARG B 216 -16.83 18.46 38.61
C ARG B 216 -17.31 18.10 39.96
N TYR B 217 -16.57 17.36 40.78
CA TYR B 217 -17.03 16.91 42.04
C TYR B 217 -16.66 17.80 43.09
N TYR B 218 -17.34 17.75 44.23
CA TYR B 218 -17.10 18.73 45.27
C TYR B 218 -15.81 18.50 46.06
N PRO B 219 -15.71 17.38 46.78
CA PRO B 219 -14.50 17.23 47.60
C PRO B 219 -13.25 17.30 46.73
N ALA B 220 -12.62 18.47 46.66
CA ALA B 220 -11.43 18.63 45.85
C ALA B 220 -10.43 17.58 46.29
N SER B 221 -10.37 16.49 45.55
CA SER B 221 -9.46 15.43 45.93
C SER B 221 -8.86 14.80 44.73
N PRO B 222 -7.55 14.58 44.75
CA PRO B 222 -6.85 14.05 43.60
C PRO B 222 -7.50 12.82 43.05
N TRP B 223 -7.40 12.52 41.78
CA TRP B 223 -8.08 11.39 41.25
C TRP B 223 -7.36 10.24 41.65
N VAL B 224 -7.95 9.08 41.49
CA VAL B 224 -7.33 7.86 41.93
C VAL B 224 -5.91 7.76 41.44
N LYS B 232 -3.48 2.06 36.28
CA LYS B 232 -2.75 2.37 35.07
C LYS B 232 -3.56 3.26 34.14
N ILE B 233 -4.22 2.65 33.17
CA ILE B 233 -4.96 3.40 32.15
C ILE B 233 -6.29 3.84 32.74
N ASP B 234 -6.57 5.14 32.68
CA ASP B 234 -7.76 5.72 33.30
C ASP B 234 -8.89 5.76 32.27
N LEU B 235 -9.67 4.68 32.22
CA LEU B 235 -10.83 4.61 31.33
C LEU B 235 -12.11 4.94 32.11
N TYR B 236 -12.20 6.19 32.54
CA TYR B 236 -13.36 6.68 33.28
C TYR B 236 -14.07 7.72 32.45
N ASP B 237 -15.37 7.53 32.24
CA ASP B 237 -16.22 8.49 31.56
C ASP B 237 -17.48 8.67 32.38
N VAL B 238 -17.78 9.92 32.76
CA VAL B 238 -18.92 10.17 33.63
C VAL B 238 -20.24 9.84 32.93
N ARG B 239 -20.24 9.79 31.60
CA ARG B 239 -21.47 9.54 30.87
C ARG B 239 -21.85 8.06 30.81
N ARG B 240 -20.98 7.17 31.29
CA ARG B 240 -21.28 5.74 31.32
C ARG B 240 -21.63 5.24 32.70
N ARG B 241 -21.48 6.06 33.74
CA ARG B 241 -21.70 5.61 35.10
C ARG B 241 -23.17 5.28 35.33
N PRO B 242 -23.46 4.32 36.21
CA PRO B 242 -24.87 3.96 36.46
C PRO B 242 -25.69 5.11 36.99
N TRP B 243 -25.11 6.00 37.80
CA TRP B 243 -25.88 7.12 38.35
C TRP B 243 -26.15 8.20 37.31
N TYR B 244 -25.46 8.17 36.17
CA TYR B 244 -25.69 9.13 35.10
C TYR B 244 -26.70 8.58 34.09
N ILE B 245 -26.52 7.33 33.67
CA ILE B 245 -27.45 6.72 32.72
C ILE B 245 -28.84 6.59 33.32
N GLN B 246 -28.93 6.38 34.63
CA GLN B 246 -30.22 6.28 35.30
C GLN B 246 -31.00 7.58 35.19
N GLY B 247 -30.34 8.73 35.34
CA GLY B 247 -31.03 10.00 35.32
C GLY B 247 -31.06 10.67 33.96
N ALA B 248 -30.32 10.13 33.00
CA ALA B 248 -30.31 10.70 31.65
C ALA B 248 -31.51 10.28 30.82
N ALA B 249 -32.23 9.24 31.23
CA ALA B 249 -33.38 8.76 30.48
C ALA B 249 -34.18 7.82 31.37
N SER B 250 -35.40 7.52 30.92
CA SER B 250 -36.27 6.56 31.59
C SER B 250 -35.84 5.15 31.25
N PRO B 251 -36.37 4.13 31.97
CA PRO B 251 -36.07 2.74 31.61
C PRO B 251 -36.40 2.42 30.16
N LYS B 252 -35.91 1.30 29.64
CA LYS B 252 -36.08 0.97 28.23
C LYS B 252 -36.34 -0.52 28.08
N ASP B 253 -36.62 -0.91 26.84
CA ASP B 253 -36.89 -2.29 26.45
C ASP B 253 -36.08 -2.65 25.22
N MET B 254 -34.79 -2.32 25.25
CA MET B 254 -33.96 -2.42 24.06
C MET B 254 -33.83 -3.87 23.59
N LEU B 255 -34.02 -4.08 22.30
CA LEU B 255 -33.76 -5.34 21.64
C LEU B 255 -32.68 -5.11 20.60
N ILE B 256 -31.60 -5.89 20.68
CA ILE B 256 -30.42 -5.68 19.84
C ILE B 256 -30.48 -6.65 18.67
N LEU B 257 -30.41 -6.09 17.46
CA LEU B 257 -30.38 -6.88 16.24
C LEU B 257 -28.96 -6.88 15.70
N VAL B 258 -28.39 -8.06 15.49
CA VAL B 258 -27.02 -8.23 15.05
C VAL B 258 -27.03 -8.84 13.65
N ASP B 259 -26.32 -8.21 12.72
CA ASP B 259 -26.18 -8.74 11.38
C ASP B 259 -25.07 -9.78 11.39
N VAL B 260 -25.42 -11.04 11.17
CA VAL B 260 -24.44 -12.12 11.14
C VAL B 260 -24.40 -12.72 9.75
N SER B 261 -24.68 -11.90 8.74
CA SER B 261 -24.61 -12.35 7.35
C SER B 261 -23.15 -12.52 6.94
N GLY B 262 -22.95 -12.91 5.68
CA GLY B 262 -21.61 -13.20 5.21
C GLY B 262 -20.71 -11.99 5.16
N SER B 263 -21.25 -10.85 4.71
CA SER B 263 -20.43 -9.67 4.45
C SER B 263 -19.82 -9.05 5.70
N VAL B 264 -20.26 -9.45 6.90
CA VAL B 264 -19.71 -8.88 8.13
C VAL B 264 -18.55 -9.69 8.69
N SER B 265 -18.19 -10.79 8.05
CA SER B 265 -17.09 -11.62 8.55
C SER B 265 -15.77 -10.87 8.45
N GLY B 266 -14.86 -11.21 9.35
CA GLY B 266 -13.54 -10.60 9.38
C GLY B 266 -13.43 -9.61 10.53
N LEU B 267 -12.97 -8.39 10.22
CA LEU B 267 -12.82 -7.36 11.23
C LEU B 267 -14.15 -6.76 11.65
N THR B 268 -15.10 -6.66 10.73
CA THR B 268 -16.39 -6.05 11.05
C THR B 268 -17.12 -6.80 12.15
N LEU B 269 -17.11 -8.14 12.10
CA LEU B 269 -17.73 -8.94 13.14
C LEU B 269 -17.02 -8.81 14.48
N LYS B 270 -15.72 -8.52 14.48
CA LYS B 270 -15.00 -8.28 15.72
C LYS B 270 -15.43 -6.98 16.38
N LEU B 271 -15.67 -5.93 15.59
CA LEU B 271 -16.19 -4.69 16.14
C LEU B 271 -17.66 -4.78 16.53
N ILE B 272 -18.42 -5.68 15.91
CA ILE B 272 -19.82 -5.86 16.28
C ILE B 272 -19.95 -6.62 17.59
N ARG B 273 -19.13 -7.66 17.79
CA ARG B 273 -19.18 -8.40 19.03
C ARG B 273 -18.76 -7.55 20.22
N THR B 274 -17.86 -6.59 19.99
CA THR B 274 -17.47 -5.67 21.05
C THR B 274 -18.51 -4.57 21.27
N SER B 275 -19.11 -4.08 20.19
CA SER B 275 -20.11 -3.02 20.32
C SER B 275 -21.36 -3.52 21.05
N VAL B 276 -21.81 -4.73 20.75
CA VAL B 276 -22.94 -5.31 21.46
C VAL B 276 -22.58 -5.53 22.92
N SER B 277 -21.36 -5.97 23.20
CA SER B 277 -20.91 -6.18 24.57
C SER B 277 -20.64 -4.88 25.31
N GLU B 278 -20.48 -3.76 24.59
CA GLU B 278 -20.24 -2.47 25.23
C GLU B 278 -21.52 -1.69 25.48
N MET B 279 -22.57 -1.92 24.68
CA MET B 279 -23.86 -1.29 24.95
C MET B 279 -24.60 -1.97 26.09
N LEU B 280 -24.45 -3.29 26.23
CA LEU B 280 -25.04 -3.99 27.36
C LEU B 280 -24.56 -3.45 28.69
N GLU B 281 -23.35 -2.90 28.75
CA GLU B 281 -22.83 -2.27 29.95
C GLU B 281 -23.52 -0.96 30.28
N THR B 282 -24.33 -0.43 29.36
CA THR B 282 -25.13 0.78 29.60
C THR B 282 -26.55 0.45 30.02
N LEU B 283 -26.76 -0.68 30.67
CA LEU B 283 -28.08 -1.15 31.05
C LEU B 283 -28.14 -1.42 32.55
N SER B 284 -29.24 -1.01 33.15
CA SER B 284 -29.47 -1.18 34.58
C SER B 284 -30.43 -2.35 34.81
N ASP B 285 -30.81 -2.57 36.06
CA ASP B 285 -31.71 -3.65 36.41
C ASP B 285 -33.17 -3.31 36.18
N ASP B 286 -33.49 -2.05 35.86
CA ASP B 286 -34.85 -1.65 35.51
C ASP B 286 -35.12 -1.77 34.02
N ASP B 287 -34.14 -2.17 33.23
CA ASP B 287 -34.25 -2.28 31.78
C ASP B 287 -34.24 -3.76 31.38
N PHE B 288 -34.94 -4.06 30.28
CA PHE B 288 -35.06 -5.42 29.78
C PHE B 288 -34.46 -5.48 28.38
N VAL B 289 -33.62 -6.50 28.15
CA VAL B 289 -32.86 -6.59 26.91
C VAL B 289 -32.92 -8.02 26.38
N ASN B 290 -32.73 -8.14 25.08
CA ASN B 290 -32.57 -9.43 24.41
C ASN B 290 -31.84 -9.19 23.10
N VAL B 291 -31.00 -10.14 22.71
CA VAL B 291 -30.16 -10.02 21.53
C VAL B 291 -30.58 -11.08 20.52
N ALA B 292 -30.83 -10.65 19.29
CA ALA B 292 -31.20 -11.54 18.19
C ALA B 292 -30.15 -11.42 17.08
N SER B 293 -30.34 -12.20 16.02
CA SER B 293 -29.42 -12.19 14.90
C SER B 293 -30.14 -12.74 13.67
N PHE B 294 -29.84 -12.17 12.51
CA PHE B 294 -30.49 -12.57 11.27
C PHE B 294 -29.45 -12.78 10.19
N ASN B 295 -29.57 -13.92 9.50
CA ASN B 295 -28.68 -14.31 8.40
C ASN B 295 -29.48 -14.93 7.28
N SER B 296 -30.67 -14.36 7.01
CA SER B 296 -31.77 -14.91 6.21
C SER B 296 -32.61 -15.84 7.05
N ASN B 297 -32.30 -15.98 8.34
CA ASN B 297 -33.16 -16.63 9.30
C ASN B 297 -33.00 -15.90 10.63
N ALA B 298 -34.13 -15.54 11.24
CA ALA B 298 -34.11 -14.75 12.46
C ALA B 298 -34.19 -15.68 13.67
N GLN B 299 -33.23 -15.53 14.58
CA GLN B 299 -33.16 -16.40 15.75
C GLN B 299 -32.44 -15.65 16.87
N ASP B 300 -32.64 -16.13 18.09
CA ASP B 300 -31.93 -15.57 19.23
C ASP B 300 -30.52 -16.15 19.29
N VAL B 301 -29.62 -15.41 19.94
CA VAL B 301 -28.26 -15.89 20.13
C VAL B 301 -28.10 -16.71 21.41
N SER B 302 -29.07 -16.63 22.33
CA SER B 302 -28.95 -17.30 23.62
C SER B 302 -30.16 -18.17 23.90
N CYS B 303 -30.28 -18.63 25.14
CA CYS B 303 -31.34 -19.54 25.56
C CYS B 303 -32.60 -18.83 26.04
N PHE B 304 -32.64 -17.50 25.95
CA PHE B 304 -33.68 -16.74 26.64
C PHE B 304 -35.01 -16.78 25.89
N GLN B 305 -35.01 -16.38 24.62
CA GLN B 305 -36.16 -16.42 23.72
C GLN B 305 -37.22 -15.36 24.02
N HIS B 306 -36.95 -14.43 24.93
CA HIS B 306 -37.84 -13.29 25.15
C HIS B 306 -37.04 -12.19 25.85
N LEU B 307 -37.72 -11.12 26.23
CA LEU B 307 -37.09 -10.01 26.92
C LEU B 307 -36.84 -10.38 28.37
N VAL B 308 -35.58 -10.38 28.78
CA VAL B 308 -35.21 -10.70 30.15
C VAL B 308 -34.64 -9.46 30.80
N GLN B 309 -34.61 -9.46 32.14
CA GLN B 309 -34.02 -8.36 32.87
C GLN B 309 -32.53 -8.26 32.56
N ALA B 310 -31.95 -7.10 32.85
CA ALA B 310 -30.56 -6.82 32.53
C ALA B 310 -29.70 -6.79 33.78
N ASN B 311 -29.94 -7.72 34.70
CA ASN B 311 -29.10 -7.83 35.88
C ASN B 311 -27.75 -8.44 35.50
N VAL B 312 -26.90 -8.65 36.51
CA VAL B 312 -25.53 -9.07 36.26
C VAL B 312 -25.49 -10.44 35.60
N ARG B 313 -26.30 -11.38 36.09
CA ARG B 313 -26.21 -12.76 35.62
C ARG B 313 -26.76 -12.89 34.20
N ASN B 314 -27.92 -12.29 33.93
CA ASN B 314 -28.51 -12.38 32.60
C ASN B 314 -27.68 -11.65 31.55
N LYS B 315 -27.00 -10.57 31.94
CA LYS B 315 -26.15 -9.84 31.02
C LYS B 315 -24.89 -10.61 30.64
N LYS B 316 -24.42 -11.51 31.49
CA LYS B 316 -23.25 -12.33 31.16
C LYS B 316 -23.60 -13.44 30.19
N VAL B 317 -24.80 -14.01 30.28
CA VAL B 317 -25.23 -15.02 29.32
C VAL B 317 -25.37 -14.40 27.93
N LEU B 318 -25.91 -13.19 27.86
CA LEU B 318 -26.13 -12.54 26.57
C LEU B 318 -24.82 -12.11 25.92
N LYS B 319 -23.85 -11.64 26.69
CA LYS B 319 -22.57 -11.20 26.15
C LYS B 319 -21.57 -12.34 26.02
N ASP B 320 -21.89 -13.53 26.52
CA ASP B 320 -21.10 -14.72 26.24
C ASP B 320 -21.58 -15.46 24.99
N ALA B 321 -22.87 -15.42 24.70
CA ALA B 321 -23.39 -15.96 23.46
C ALA B 321 -23.09 -15.05 22.27
N VAL B 322 -22.91 -13.75 22.51
CA VAL B 322 -22.52 -12.84 21.44
C VAL B 322 -21.10 -13.14 20.98
N ASN B 323 -20.21 -13.49 21.91
CA ASN B 323 -18.83 -13.80 21.59
C ASN B 323 -18.66 -15.16 20.93
N ASN B 324 -19.77 -15.82 20.55
CA ASN B 324 -19.72 -17.13 19.92
C ASN B 324 -20.51 -17.17 18.61
N ILE B 325 -20.76 -16.02 17.99
CA ILE B 325 -21.52 -15.96 16.76
C ILE B 325 -20.57 -16.01 15.57
N THR B 326 -21.03 -16.66 14.50
CA THR B 326 -20.26 -16.79 13.27
C THR B 326 -21.03 -16.14 12.13
N ALA B 327 -20.29 -15.53 11.21
CA ALA B 327 -20.86 -14.79 10.09
C ALA B 327 -20.91 -15.69 8.86
N LYS B 328 -22.11 -15.97 8.37
CA LYS B 328 -22.29 -16.80 7.19
C LYS B 328 -23.72 -16.70 6.66
N GLY B 329 -23.88 -16.53 5.35
CA GLY B 329 -25.17 -16.52 4.71
C GLY B 329 -25.53 -15.15 4.17
N ILE B 330 -26.63 -15.13 3.42
CA ILE B 330 -27.15 -13.90 2.84
C ILE B 330 -27.86 -13.10 3.93
N THR B 331 -28.20 -11.85 3.65
CA THR B 331 -28.86 -10.98 4.61
C THR B 331 -30.31 -10.75 4.19
N ASP B 332 -31.19 -10.66 5.20
CA ASP B 332 -32.62 -10.44 4.98
C ASP B 332 -33.11 -9.50 6.07
N TYR B 333 -33.18 -8.20 5.74
CA TYR B 333 -33.58 -7.21 6.73
C TYR B 333 -35.05 -7.34 7.11
N LYS B 334 -35.89 -7.80 6.19
CA LYS B 334 -37.32 -7.91 6.48
C LYS B 334 -37.60 -9.05 7.45
N LYS B 335 -36.92 -10.19 7.30
CA LYS B 335 -37.15 -11.31 8.19
C LYS B 335 -36.57 -11.05 9.59
N GLY B 336 -35.44 -10.35 9.66
CA GLY B 336 -34.86 -10.02 10.95
C GLY B 336 -35.56 -8.91 11.69
N PHE B 337 -36.33 -8.09 10.99
CA PHE B 337 -37.06 -7.00 11.63
C PHE B 337 -38.44 -7.42 12.13
N SER B 338 -39.08 -8.37 11.47
CA SER B 338 -40.32 -8.92 11.99
C SER B 338 -40.10 -9.63 13.31
N PHE B 339 -38.99 -10.35 13.45
CA PHE B 339 -38.61 -10.97 14.71
C PHE B 339 -38.35 -9.95 15.81
N ALA B 340 -37.96 -8.73 15.43
CA ALA B 340 -37.68 -7.70 16.44
C ALA B 340 -38.97 -7.08 16.97
N PHE B 341 -39.86 -6.67 16.07
CA PHE B 341 -41.12 -6.07 16.52
C PHE B 341 -41.98 -7.09 17.26
N GLU B 342 -42.04 -8.33 16.76
CA GLU B 342 -42.87 -9.35 17.40
C GLU B 342 -42.37 -9.74 18.78
N GLN B 343 -41.11 -9.47 19.10
CA GLN B 343 -40.59 -9.72 20.44
C GLN B 343 -40.84 -8.56 21.39
N LEU B 344 -41.21 -7.39 20.88
CA LEU B 344 -41.57 -6.25 21.70
C LEU B 344 -43.07 -6.14 21.94
N LEU B 345 -43.85 -7.09 21.42
CA LEU B 345 -45.29 -7.11 21.62
C LEU B 345 -45.72 -8.29 22.50
N ASN B 346 -44.78 -8.90 23.21
CA ASN B 346 -45.06 -10.10 23.99
C ASN B 346 -46.09 -9.86 25.07
N TYR B 347 -45.74 -9.05 26.07
CA TYR B 347 -46.62 -8.67 27.18
C TYR B 347 -47.05 -9.87 28.03
N ASN B 348 -46.62 -11.07 27.69
CA ASN B 348 -46.79 -12.20 28.60
C ASN B 348 -45.74 -12.16 29.70
N VAL B 349 -44.50 -11.84 29.35
CA VAL B 349 -43.39 -11.79 30.29
C VAL B 349 -43.41 -10.44 31.01
N SER B 350 -42.62 -10.34 32.07
CA SER B 350 -42.47 -9.06 32.76
C SER B 350 -41.60 -8.13 31.92
N ARG B 351 -42.10 -6.91 31.69
CA ARG B 351 -41.36 -5.93 30.90
C ARG B 351 -41.29 -4.61 31.65
N ALA B 352 -40.70 -3.59 31.03
CA ALA B 352 -40.61 -2.28 31.65
C ALA B 352 -41.74 -1.34 31.24
N ASN B 353 -42.42 -1.62 30.13
CA ASN B 353 -43.49 -0.77 29.61
C ASN B 353 -43.01 0.68 29.50
N CYS B 354 -41.91 0.86 28.77
CA CYS B 354 -41.24 2.14 28.64
C CYS B 354 -40.63 2.19 27.25
N ASN B 355 -39.63 3.05 27.05
CA ASN B 355 -39.01 3.25 25.75
C ASN B 355 -38.69 1.92 25.07
N LYS B 356 -39.36 1.65 23.96
CA LYS B 356 -39.13 0.45 23.16
C LYS B 356 -38.22 0.83 22.01
N ILE B 357 -37.01 0.28 21.99
CA ILE B 357 -36.02 0.65 21.00
C ILE B 357 -35.44 -0.61 20.37
N ILE B 358 -35.12 -0.51 19.09
CA ILE B 358 -34.45 -1.56 18.34
C ILE B 358 -33.14 -1.01 17.83
N MET B 359 -32.04 -1.69 18.17
CA MET B 359 -30.71 -1.23 17.78
C MET B 359 -30.11 -2.23 16.81
N LEU B 360 -29.94 -1.81 15.56
CA LEU B 360 -29.51 -2.68 14.48
C LEU B 360 -28.01 -2.49 14.24
N PHE B 361 -27.26 -3.58 14.35
CA PHE B 361 -25.82 -3.58 14.08
C PHE B 361 -25.57 -4.24 12.74
N THR B 362 -24.95 -3.51 11.82
CA THR B 362 -24.71 -4.00 10.47
C THR B 362 -23.66 -3.12 9.83
N ASP B 363 -23.37 -3.39 8.55
CA ASP B 363 -22.45 -2.57 7.77
C ASP B 363 -23.19 -1.71 6.75
N GLY B 364 -24.00 -2.32 5.90
CA GLY B 364 -24.75 -1.59 4.90
C GLY B 364 -25.70 -2.51 4.19
N GLY B 365 -26.36 -1.97 3.19
CA GLY B 365 -27.31 -2.77 2.43
C GLY B 365 -28.01 -1.93 1.38
N GLU B 366 -29.02 -2.54 0.77
CA GLU B 366 -29.79 -1.90 -0.29
C GLU B 366 -31.30 -2.04 -0.08
N GLU B 367 -31.73 -2.55 1.08
CA GLU B 367 -33.13 -2.75 1.37
C GLU B 367 -33.56 -1.82 2.50
N ARG B 368 -34.69 -1.13 2.31
CA ARG B 368 -35.22 -0.24 3.31
C ARG B 368 -36.33 -0.86 4.14
N ALA B 369 -36.93 -1.97 3.68
CA ALA B 369 -37.97 -2.69 4.41
C ALA B 369 -39.13 -1.76 4.77
N GLN B 370 -39.61 -1.02 3.78
CA GLN B 370 -40.72 -0.10 4.02
C GLN B 370 -41.98 -0.82 4.45
N GLU B 371 -42.24 -1.99 3.88
CA GLU B 371 -43.46 -2.72 4.22
C GLU B 371 -43.47 -3.16 5.67
N ILE B 372 -42.33 -3.62 6.19
CA ILE B 372 -42.26 -4.07 7.58
C ILE B 372 -42.46 -2.89 8.53
N PHE B 373 -41.89 -1.73 8.20
CA PHE B 373 -42.00 -0.57 9.07
C PHE B 373 -43.40 0.04 9.07
N ASN B 374 -44.28 -0.38 8.16
CA ASN B 374 -45.67 0.05 8.18
C ASN B 374 -46.61 -1.00 8.72
N LYS B 375 -46.25 -2.29 8.66
CA LYS B 375 -47.09 -3.32 9.25
C LYS B 375 -47.02 -3.30 10.77
N TYR B 376 -45.89 -2.87 11.33
CA TYR B 376 -45.71 -2.83 12.78
C TYR B 376 -45.59 -1.41 13.31
N ASN B 377 -44.65 -0.63 12.81
CA ASN B 377 -44.37 0.70 13.35
C ASN B 377 -45.09 1.77 12.53
N LYS B 378 -46.42 1.69 12.55
CA LYS B 378 -47.22 2.70 11.87
C LYS B 378 -47.41 3.94 12.73
N ASP B 379 -47.58 3.78 14.04
CA ASP B 379 -47.77 4.88 14.95
C ASP B 379 -46.46 5.40 15.53
N LYS B 380 -45.33 4.82 15.13
CA LYS B 380 -44.00 5.24 15.57
C LYS B 380 -43.88 5.19 17.09
N LYS B 381 -44.18 4.01 17.64
CA LYS B 381 -43.98 3.77 19.06
C LYS B 381 -42.61 3.17 19.35
N VAL B 382 -41.97 2.58 18.36
CA VAL B 382 -40.67 1.92 18.52
C VAL B 382 -39.61 2.77 17.83
N ARG B 383 -38.57 3.14 18.59
CA ARG B 383 -37.43 3.86 18.03
C ARG B 383 -36.43 2.88 17.46
N VAL B 384 -35.86 3.22 16.30
CA VAL B 384 -34.90 2.35 15.63
C VAL B 384 -33.58 3.12 15.53
N PHE B 385 -32.57 2.66 16.26
CA PHE B 385 -31.22 3.21 16.18
C PHE B 385 -30.39 2.27 15.32
N THR B 386 -29.77 2.82 14.27
CA THR B 386 -29.02 2.02 13.31
C THR B 386 -27.54 2.35 13.41
N PHE B 387 -26.71 1.32 13.51
CA PHE B 387 -25.26 1.46 13.61
C PHE B 387 -24.62 0.85 12.37
N SER B 388 -23.75 1.61 11.72
CA SER B 388 -22.98 1.13 10.58
C SER B 388 -21.55 0.88 11.08
N VAL B 389 -21.19 -0.39 11.19
CA VAL B 389 -19.96 -0.80 11.87
C VAL B 389 -18.94 -1.25 10.83
N GLY B 390 -17.70 -0.78 11.00
CA GLY B 390 -16.59 -1.26 10.20
C GLY B 390 -16.22 -0.32 9.07
N GLN B 391 -15.10 -0.63 8.43
CA GLN B 391 -14.62 0.10 7.27
C GLN B 391 -14.94 -0.71 6.02
N HIS B 392 -15.87 -0.22 5.22
CA HIS B 392 -16.36 -0.97 4.08
C HIS B 392 -16.84 0.02 3.01
N ASN B 393 -17.34 -0.53 1.90
CA ASN B 393 -17.89 0.24 0.80
C ASN B 393 -19.27 -0.33 0.50
N TYR B 394 -20.28 0.13 1.22
CA TYR B 394 -21.66 -0.32 1.04
C TYR B 394 -22.58 0.86 1.17
N ASP B 395 -23.77 0.74 0.57
CA ASP B 395 -24.74 1.81 0.61
C ASP B 395 -25.30 1.96 2.02
N ARG B 396 -25.00 3.09 2.67
CA ARG B 396 -25.52 3.40 3.99
C ARG B 396 -26.75 4.29 3.91
N GLY B 397 -27.23 4.59 2.72
CA GLY B 397 -28.42 5.39 2.53
C GLY B 397 -29.68 4.75 3.10
N PRO B 398 -29.94 3.49 2.75
CA PRO B 398 -31.08 2.79 3.36
C PRO B 398 -30.99 2.69 4.87
N ILE B 399 -29.79 2.59 5.42
CA ILE B 399 -29.63 2.50 6.87
C ILE B 399 -30.03 3.80 7.55
N GLN B 400 -29.67 4.94 6.96
CA GLN B 400 -30.04 6.23 7.55
C GLN B 400 -31.52 6.51 7.44
N TRP B 401 -32.21 5.90 6.47
CA TRP B 401 -33.65 6.11 6.34
C TRP B 401 -34.41 5.46 7.48
N MET B 402 -33.96 4.28 7.93
CA MET B 402 -34.64 3.60 9.03
C MET B 402 -34.59 4.42 10.30
N ALA B 403 -33.45 5.09 10.55
CA ALA B 403 -33.27 5.89 11.75
C ALA B 403 -33.95 7.25 11.67
N CYS B 404 -34.41 7.67 10.50
CA CYS B 404 -35.07 8.96 10.35
C CYS B 404 -36.59 8.85 10.37
N GLU B 405 -37.16 7.90 9.61
CA GLU B 405 -38.60 7.69 9.66
C GLU B 405 -39.04 7.26 11.05
N ASN B 406 -38.40 6.22 11.59
CA ASN B 406 -38.56 5.88 13.00
C ASN B 406 -37.71 6.83 13.84
N LYS B 407 -38.26 7.28 14.95
CA LYS B 407 -37.66 8.40 15.69
C LYS B 407 -36.37 7.99 16.40
N GLY B 408 -35.33 7.68 15.63
CA GLY B 408 -34.09 7.23 16.20
C GLY B 408 -32.88 8.07 15.83
N TYR B 409 -31.74 7.42 15.60
CA TYR B 409 -30.51 8.10 15.26
C TYR B 409 -29.62 7.14 14.50
N TYR B 410 -28.64 7.69 13.77
CA TYR B 410 -27.73 6.90 12.96
C TYR B 410 -26.31 7.13 13.43
N TYR B 411 -25.58 6.05 13.68
CA TYR B 411 -24.23 6.11 14.20
C TYR B 411 -23.29 5.30 13.31
N GLU B 412 -22.00 5.65 13.38
CA GLU B 412 -20.96 4.96 12.63
C GLU B 412 -19.85 4.56 13.58
N ILE B 413 -19.43 3.29 13.49
CA ILE B 413 -18.37 2.77 14.34
C ILE B 413 -17.28 2.19 13.44
N PRO B 414 -16.32 3.00 13.00
CA PRO B 414 -15.34 2.52 12.01
C PRO B 414 -14.15 1.79 12.62
N SER B 415 -13.92 1.95 13.92
CA SER B 415 -12.76 1.34 14.55
C SER B 415 -13.09 1.05 16.02
N ILE B 416 -12.12 0.49 16.73
CA ILE B 416 -12.33 0.13 18.13
C ILE B 416 -12.48 1.37 19.00
N GLY B 417 -11.73 2.43 18.70
CA GLY B 417 -11.78 3.63 19.51
C GLY B 417 -13.09 4.38 19.45
N ALA B 418 -13.95 4.08 18.46
CA ALA B 418 -15.25 4.72 18.33
C ALA B 418 -16.35 3.93 19.01
N ILE B 419 -16.04 2.76 19.59
CA ILE B 419 -17.09 1.95 20.21
C ILE B 419 -17.58 2.60 21.49
N ARG B 420 -16.67 3.09 22.33
CA ARG B 420 -17.08 3.62 23.62
C ARG B 420 -17.87 4.92 23.49
N ILE B 421 -17.50 5.78 22.54
CA ILE B 421 -18.15 7.09 22.42
C ILE B 421 -19.46 7.02 21.64
N ASN B 422 -19.70 5.96 20.87
CA ASN B 422 -20.89 5.88 20.03
C ASN B 422 -21.99 4.99 20.60
N THR B 423 -21.69 4.17 21.60
CA THR B 423 -22.69 3.29 22.20
C THR B 423 -23.36 3.91 23.42
N GLN B 424 -23.04 5.18 23.73
CA GLN B 424 -23.66 5.87 24.84
C GLN B 424 -24.44 7.12 24.43
N GLU B 425 -24.33 7.56 23.18
CA GLU B 425 -25.01 8.75 22.72
C GLU B 425 -26.45 8.49 22.29
N TYR B 426 -26.90 7.23 22.32
CA TYR B 426 -28.31 6.95 22.07
C TYR B 426 -29.20 7.43 23.21
N LEU B 427 -28.62 7.83 24.34
CA LEU B 427 -29.37 8.34 25.47
C LEU B 427 -29.74 9.81 25.32
N ASP B 428 -29.12 10.53 24.39
CA ASP B 428 -29.54 11.90 24.09
C ASP B 428 -30.83 11.93 23.29
N VAL B 429 -31.17 10.84 22.60
CA VAL B 429 -32.44 10.75 21.90
C VAL B 429 -33.57 10.26 22.81
N LEU B 430 -33.28 9.38 23.77
CA LEU B 430 -34.29 8.91 24.71
C LEU B 430 -34.65 9.94 25.76
N GLY B 431 -33.80 10.95 25.96
CA GLY B 431 -34.07 12.02 26.90
C GLY B 431 -34.86 13.18 26.34
N ARG B 432 -35.15 13.19 25.03
CA ARG B 432 -35.94 14.27 24.46
C ARG B 432 -37.34 14.37 25.06
N PRO B 433 -38.12 13.30 25.19
CA PRO B 433 -39.43 13.43 25.84
C PRO B 433 -39.34 13.83 27.30
N MET B 434 -38.22 13.55 27.97
CA MET B 434 -38.06 13.91 29.36
C MET B 434 -37.78 15.39 29.57
N VAL B 435 -37.05 16.01 28.65
CA VAL B 435 -36.78 17.45 28.75
C VAL B 435 -38.07 18.24 28.62
N LEU B 436 -38.89 17.90 27.64
CA LEU B 436 -40.13 18.64 27.39
C LEU B 436 -41.18 18.43 28.46
N ALA B 437 -41.00 17.46 29.35
CA ALA B 437 -41.94 17.27 30.45
C ALA B 437 -41.91 18.46 31.40
N GLY B 438 -40.73 19.03 31.64
CA GLY B 438 -40.61 20.19 32.50
C GLY B 438 -40.26 19.83 33.92
N ASP B 439 -40.88 20.51 34.89
CA ASP B 439 -40.61 20.24 36.29
C ASP B 439 -41.18 18.90 36.76
N LYS B 440 -42.01 18.25 35.93
CA LYS B 440 -42.51 16.92 36.30
C LYS B 440 -41.43 15.86 36.19
N ALA B 441 -40.36 16.12 35.45
CA ALA B 441 -39.25 15.18 35.30
C ALA B 441 -38.17 15.37 36.35
N LYS B 442 -38.34 16.32 37.27
CA LYS B 442 -37.35 16.57 38.32
C LYS B 442 -37.70 15.72 39.53
N GLN B 443 -37.32 14.44 39.45
CA GLN B 443 -37.55 13.49 40.52
C GLN B 443 -36.22 12.86 40.92
N VAL B 444 -35.89 12.94 42.21
CA VAL B 444 -34.65 12.35 42.70
C VAL B 444 -34.75 10.83 42.63
N GLN B 445 -33.74 10.19 42.04
CA GLN B 445 -33.73 8.75 41.83
C GLN B 445 -32.46 8.19 42.43
N TRP B 446 -32.61 7.21 43.32
CA TRP B 446 -31.46 6.59 43.97
C TRP B 446 -31.08 5.29 43.26
N THR B 447 -29.80 5.12 43.02
CA THR B 447 -29.29 3.99 42.25
C THR B 447 -29.08 2.78 43.16
N ASN B 448 -28.64 1.69 42.55
CA ASN B 448 -28.32 0.48 43.29
C ASN B 448 -27.07 0.69 44.14
N VAL B 449 -26.79 -0.27 45.01
CA VAL B 449 -25.57 -0.22 45.81
C VAL B 449 -24.38 -0.58 44.92
N TYR B 450 -23.38 0.28 44.90
CA TYR B 450 -22.20 0.06 44.07
C TYR B 450 -20.98 0.61 44.79
N LEU B 451 -19.81 0.16 44.35
CA LEU B 451 -18.55 0.62 44.93
C LEU B 451 -18.17 1.96 44.31
N ASP B 452 -17.83 2.92 45.17
CA ASP B 452 -17.49 4.25 44.71
C ASP B 452 -16.22 4.22 43.86
N ALA B 453 -16.19 5.08 42.84
CA ALA B 453 -15.00 5.18 41.99
C ALA B 453 -13.81 5.69 42.78
N LEU B 454 -14.01 6.67 43.66
CA LEU B 454 -12.92 7.23 44.46
C LEU B 454 -12.80 6.54 45.81
N GLU B 455 -12.78 5.21 45.80
CA GLU B 455 -12.45 4.35 46.93
C GLU B 455 -13.09 4.84 48.23
N LEU B 456 -14.42 4.81 48.26
CA LEU B 456 -15.17 5.20 49.45
C LEU B 456 -16.10 4.09 49.93
N GLY B 457 -15.96 2.87 49.44
CA GLY B 457 -16.78 1.77 49.90
C GLY B 457 -18.06 1.60 49.12
N LEU B 458 -19.13 1.19 49.80
CA LEU B 458 -20.43 0.98 49.17
C LEU B 458 -21.28 2.22 49.39
N VAL B 459 -21.75 2.82 48.29
CA VAL B 459 -22.52 4.06 48.34
C VAL B 459 -23.71 3.96 47.40
N ILE B 460 -24.73 4.74 47.70
CA ILE B 460 -25.83 4.98 46.78
C ILE B 460 -25.78 6.46 46.38
N THR B 461 -26.36 6.77 45.23
CA THR B 461 -26.23 8.10 44.65
C THR B 461 -27.59 8.64 44.27
N GLY B 462 -27.87 9.89 44.66
CA GLY B 462 -29.03 10.59 44.16
C GLY B 462 -28.80 11.08 42.74
N THR B 463 -29.85 11.64 42.16
CA THR B 463 -29.78 12.02 40.76
C THR B 463 -30.87 13.03 40.43
N LEU B 464 -30.48 14.10 39.71
CA LEU B 464 -31.42 15.09 39.21
C LEU B 464 -30.87 15.68 37.92
N PRO B 465 -31.48 15.38 36.77
CA PRO B 465 -30.99 15.95 35.51
C PRO B 465 -31.27 17.45 35.43
N VAL B 466 -30.37 18.15 34.75
CA VAL B 466 -30.52 19.58 34.51
C VAL B 466 -30.77 19.80 33.03
N PHE B 467 -31.49 20.88 32.73
CA PHE B 467 -31.97 21.15 31.39
C PHE B 467 -31.36 22.44 30.84
N ASN B 468 -31.32 22.53 29.53
CA ASN B 468 -30.88 23.74 28.84
C ASN B 468 -32.10 24.64 28.64
N ILE B 469 -32.10 25.80 29.30
CA ILE B 469 -33.24 26.70 29.27
C ILE B 469 -32.87 28.08 28.76
N THR B 470 -31.81 28.19 27.96
CA THR B 470 -31.47 29.47 27.35
C THR B 470 -32.59 29.92 26.42
N GLY B 471 -32.96 31.19 26.54
CA GLY B 471 -34.08 31.71 25.76
C GLY B 471 -35.39 31.08 26.14
N GLN B 472 -35.66 30.99 27.44
CA GLN B 472 -36.91 30.40 27.90
C GLN B 472 -38.08 31.37 27.73
N PHE B 473 -37.97 32.56 28.32
CA PHE B 473 -39.05 33.54 28.23
C PHE B 473 -39.21 34.07 26.81
N GLU B 474 -38.11 34.48 26.19
CA GLU B 474 -38.11 34.89 24.79
C GLU B 474 -38.11 33.62 23.93
N ASN B 475 -39.13 33.47 23.10
CA ASN B 475 -39.40 32.19 22.45
C ASN B 475 -38.34 31.92 21.39
N LYS B 476 -37.27 31.22 21.80
CA LYS B 476 -36.31 30.64 20.87
C LYS B 476 -35.89 29.26 21.33
N THR B 477 -36.63 28.63 22.23
CA THR B 477 -36.27 27.36 22.83
C THR B 477 -36.60 26.24 21.84
N ASN B 478 -36.23 25.00 22.20
CA ASN B 478 -36.41 23.80 21.39
C ASN B 478 -35.53 23.79 20.14
N LEU B 479 -34.50 24.64 20.09
CA LEU B 479 -33.53 24.56 19.02
C LEU B 479 -32.51 23.46 19.33
N LYS B 480 -31.75 23.63 20.41
CA LYS B 480 -30.94 22.56 20.98
C LYS B 480 -31.32 22.31 22.44
N ASN B 481 -32.38 22.94 22.92
CA ASN B 481 -32.80 22.83 24.31
C ASN B 481 -33.65 21.61 24.57
N GLN B 482 -33.60 20.61 23.70
CA GLN B 482 -34.22 19.31 23.93
C GLN B 482 -33.27 18.32 24.57
N LEU B 483 -32.03 18.72 24.82
CA LEU B 483 -31.02 17.87 25.43
C LEU B 483 -30.70 18.37 26.83
N ILE B 484 -30.27 17.45 27.69
CA ILE B 484 -29.88 17.79 29.05
C ILE B 484 -28.43 18.25 29.06
N LEU B 485 -28.12 19.20 29.94
CA LEU B 485 -26.73 19.61 30.10
C LEU B 485 -25.93 18.56 30.86
N GLY B 486 -26.53 17.96 31.87
CA GLY B 486 -25.85 16.93 32.63
C GLY B 486 -26.74 16.43 33.75
N VAL B 487 -26.21 15.46 34.49
CA VAL B 487 -26.90 14.84 35.62
C VAL B 487 -26.10 15.13 36.88
N MET B 488 -26.78 15.57 37.93
CA MET B 488 -26.15 15.91 39.20
C MET B 488 -26.44 14.83 40.22
N GLY B 489 -25.40 14.38 40.93
CA GLY B 489 -25.54 13.31 41.88
C GLY B 489 -24.95 13.67 43.22
N VAL B 490 -25.40 12.95 44.24
CA VAL B 490 -24.89 13.09 45.60
C VAL B 490 -24.83 11.71 46.23
N ASP B 491 -23.73 11.42 46.93
CA ASP B 491 -23.46 10.08 47.43
C ASP B 491 -23.86 9.96 48.90
N VAL B 492 -24.53 8.86 49.23
CA VAL B 492 -24.83 8.49 50.61
C VAL B 492 -24.15 7.15 50.88
N SER B 493 -23.30 7.12 51.90
CA SER B 493 -22.56 5.91 52.23
C SER B 493 -23.42 4.99 53.08
N LEU B 494 -23.27 3.68 52.83
CA LEU B 494 -24.02 2.69 53.60
C LEU B 494 -23.62 2.67 55.07
N GLU B 495 -22.44 3.18 55.42
CA GLU B 495 -22.08 3.34 56.82
C GLU B 495 -22.86 4.47 57.48
N ASP B 496 -23.45 5.38 56.69
CA ASP B 496 -24.33 6.40 57.23
C ASP B 496 -25.73 5.84 57.47
N ILE B 497 -26.25 5.07 56.52
CA ILE B 497 -27.53 4.37 56.72
C ILE B 497 -27.45 3.31 57.81
N LYS B 498 -26.25 2.86 58.16
CA LYS B 498 -26.05 1.92 59.25
C LYS B 498 -25.93 2.62 60.60
N ARG B 499 -25.97 3.95 60.62
CA ARG B 499 -25.89 4.71 61.86
C ARG B 499 -27.25 5.15 62.38
N LEU B 500 -28.30 5.09 61.56
CA LEU B 500 -29.65 5.36 62.02
C LEU B 500 -30.39 4.11 62.44
N THR B 501 -29.74 2.94 62.36
CA THR B 501 -30.32 1.67 62.78
C THR B 501 -29.38 1.00 63.76
N PRO B 502 -29.33 1.48 65.01
CA PRO B 502 -28.44 0.87 66.00
C PRO B 502 -28.83 -0.56 66.30
N ARG B 503 -27.82 -1.40 66.52
CA ARG B 503 -28.02 -2.83 66.74
C ARG B 503 -27.61 -3.32 68.12
N PHE B 504 -26.84 -2.54 68.87
CA PHE B 504 -26.26 -3.00 70.12
C PHE B 504 -27.25 -3.04 71.26
N THR B 505 -28.55 -2.91 71.00
CA THR B 505 -29.56 -3.00 72.02
C THR B 505 -30.54 -4.15 71.82
N LEU B 506 -30.61 -4.75 70.62
CA LEU B 506 -31.60 -5.79 70.40
C LEU B 506 -31.11 -7.14 70.91
N CYS B 507 -30.14 -7.74 70.22
CA CYS B 507 -29.51 -9.01 70.56
C CYS B 507 -28.47 -9.33 69.49
N PRO B 508 -27.58 -10.30 69.73
CA PRO B 508 -26.64 -10.69 68.65
C PRO B 508 -27.33 -11.24 67.41
N ASN B 509 -28.51 -11.83 67.53
CA ASN B 509 -29.19 -12.47 66.42
C ASN B 509 -30.19 -11.55 65.71
N GLY B 510 -30.34 -10.32 66.17
CA GLY B 510 -31.26 -9.37 65.57
C GLY B 510 -30.55 -8.39 64.65
N TYR B 511 -31.25 -7.95 63.61
CA TYR B 511 -30.65 -7.05 62.64
C TYR B 511 -31.74 -6.34 61.85
N TYR B 512 -31.34 -5.33 61.11
CA TYR B 512 -32.20 -4.59 60.19
C TYR B 512 -31.83 -4.97 58.76
N PHE B 513 -32.81 -4.86 57.86
CA PHE B 513 -32.51 -4.98 56.44
C PHE B 513 -33.55 -4.21 55.64
N ALA B 514 -33.14 -3.78 54.45
CA ALA B 514 -33.99 -2.99 53.57
C ALA B 514 -33.69 -3.34 52.13
N ILE B 515 -34.73 -3.34 51.29
CA ILE B 515 -34.59 -3.73 49.88
C ILE B 515 -35.28 -2.71 48.99
N ASP B 516 -34.84 -2.67 47.74
CA ASP B 516 -35.43 -1.85 46.68
C ASP B 516 -36.76 -2.47 46.25
N PRO B 517 -37.53 -1.83 45.32
CA PRO B 517 -38.65 -2.52 44.69
C PRO B 517 -38.20 -3.48 43.60
N ASN B 518 -37.07 -4.14 43.84
CA ASN B 518 -36.49 -5.13 42.93
C ASN B 518 -36.06 -6.39 43.66
N GLY B 519 -35.99 -6.38 44.99
CA GLY B 519 -35.52 -7.50 45.77
C GLY B 519 -34.10 -7.34 46.27
N TYR B 520 -33.29 -6.54 45.58
CA TYR B 520 -31.91 -6.34 45.99
C TYR B 520 -31.85 -5.61 47.32
N VAL B 521 -30.96 -6.06 48.19
CA VAL B 521 -30.82 -5.45 49.51
C VAL B 521 -29.97 -4.19 49.38
N LEU B 522 -30.40 -3.14 50.08
CA LEU B 522 -29.58 -1.95 50.26
C LEU B 522 -28.82 -1.97 51.58
N LEU B 523 -29.38 -2.61 52.60
CA LEU B 523 -28.75 -2.73 53.91
C LEU B 523 -29.06 -4.12 54.45
N HIS B 524 -28.03 -4.87 54.81
CA HIS B 524 -28.18 -6.22 55.34
C HIS B 524 -26.84 -6.70 55.89
N PRO B 525 -26.83 -7.44 57.03
CA PRO B 525 -25.58 -7.95 57.59
C PRO B 525 -25.04 -9.19 56.88
N ASN B 526 -25.22 -9.22 55.56
CA ASN B 526 -24.59 -10.25 54.73
C ASN B 526 -24.05 -9.65 53.45
N LEU B 527 -24.11 -8.34 53.28
CA LEU B 527 -23.65 -7.67 52.07
C LEU B 527 -22.26 -7.10 52.34
N GLN B 528 -21.27 -7.59 51.59
CA GLN B 528 -19.89 -7.22 51.84
C GLN B 528 -19.36 -6.31 50.76
N PRO B 529 -18.44 -5.40 51.09
CA PRO B 529 -17.91 -4.46 50.08
C PRO B 529 -17.03 -5.15 49.06
N LYS B 530 -17.63 -5.97 48.20
CA LYS B 530 -16.89 -6.70 47.18
C LYS B 530 -17.86 -7.07 46.07
N PRO B 531 -17.43 -7.08 44.82
CA PRO B 531 -18.34 -7.36 43.71
C PRO B 531 -18.89 -8.77 43.76
N ILE B 532 -20.09 -8.93 43.23
CA ILE B 532 -20.75 -10.23 43.17
C ILE B 532 -20.27 -10.96 41.93
N GLY B 533 -20.32 -12.30 41.98
CA GLY B 533 -19.83 -13.13 40.91
C GLY B 533 -20.93 -13.61 39.99
N VAL B 534 -20.55 -13.91 38.75
CA VAL B 534 -21.49 -14.36 37.75
C VAL B 534 -21.17 -15.75 37.20
N GLY B 535 -19.94 -16.22 37.32
CA GLY B 535 -19.60 -17.55 36.85
C GLY B 535 -18.24 -17.95 37.36
N ILE B 536 -17.81 -19.14 36.95
CA ILE B 536 -16.50 -19.66 37.34
C ILE B 536 -15.40 -18.79 36.73
N PRO B 537 -14.26 -18.62 37.40
CA PRO B 537 -13.19 -17.77 36.85
C PRO B 537 -12.39 -18.49 35.79
N THR B 538 -12.11 -17.78 34.70
CA THR B 538 -11.32 -18.29 33.59
C THR B 538 -10.20 -17.32 33.26
N ILE B 539 -9.05 -17.85 32.89
CA ILE B 539 -7.91 -17.04 32.48
C ILE B 539 -7.03 -17.85 31.53
N ASN B 540 -6.64 -17.25 30.42
CA ASN B 540 -5.79 -17.91 29.44
C ASN B 540 -4.32 -17.75 29.80
N SER B 553 -15.78 -1.56 40.43
CA SER B 553 -16.71 -0.45 40.49
C SER B 553 -17.54 -0.35 39.20
N GLN B 554 -17.07 -1.03 38.15
CA GLN B 554 -17.76 -0.99 36.87
C GLN B 554 -19.12 -1.68 36.92
N GLU B 555 -19.37 -2.51 37.93
CA GLU B 555 -20.64 -3.21 38.06
C GLU B 555 -21.20 -3.00 39.46
N PRO B 556 -22.51 -2.96 39.61
CA PRO B 556 -23.11 -2.74 40.93
C PRO B 556 -23.07 -4.00 41.79
N VAL B 557 -23.20 -3.78 43.09
CA VAL B 557 -23.28 -4.86 44.06
C VAL B 557 -24.78 -5.08 44.31
N THR B 558 -25.39 -5.92 43.49
CA THR B 558 -26.82 -6.19 43.54
C THR B 558 -27.03 -7.60 44.06
N LEU B 559 -27.32 -7.72 45.35
CA LEU B 559 -27.55 -9.00 46.02
C LEU B 559 -29.01 -9.08 46.42
N ASP B 560 -29.70 -10.10 45.94
CA ASP B 560 -31.12 -10.24 46.23
C ASP B 560 -31.33 -10.60 47.71
N PHE B 561 -32.53 -10.28 48.20
CA PHE B 561 -32.86 -10.61 49.58
C PHE B 561 -32.93 -12.11 49.81
N LEU B 562 -33.47 -12.85 48.84
CA LEU B 562 -33.55 -14.30 48.95
C LEU B 562 -32.21 -14.98 48.76
N ASP B 563 -31.22 -14.28 48.23
CA ASP B 563 -29.87 -14.82 48.10
C ASP B 563 -28.96 -14.39 49.24
N ALA B 564 -29.43 -13.52 50.14
CA ALA B 564 -28.65 -13.11 51.30
C ALA B 564 -28.97 -13.94 52.54
N GLU B 565 -30.15 -14.53 52.62
CA GLU B 565 -30.55 -15.39 53.72
C GLU B 565 -30.81 -16.80 53.18
N LEU B 566 -31.33 -17.66 54.05
CA LEU B 566 -31.72 -19.00 53.64
C LEU B 566 -33.15 -18.95 53.12
N GLU B 567 -33.33 -19.35 51.87
CA GLU B 567 -34.63 -19.24 51.22
C GLU B 567 -35.65 -20.14 51.90
N ASN B 568 -36.90 -19.70 51.87
CA ASN B 568 -38.00 -20.40 52.53
C ASN B 568 -39.24 -20.24 51.68
N ASP B 569 -40.39 -20.62 52.22
CA ASP B 569 -41.67 -20.35 51.60
C ASP B 569 -42.40 -19.17 52.23
N ILE B 570 -42.05 -18.82 53.46
CA ILE B 570 -42.63 -17.65 54.11
C ILE B 570 -41.83 -16.39 53.81
N LYS B 571 -40.51 -16.52 53.61
CA LYS B 571 -39.70 -15.35 53.30
C LYS B 571 -40.07 -14.76 51.95
N VAL B 572 -40.44 -15.60 50.99
CA VAL B 572 -40.91 -15.11 49.70
C VAL B 572 -42.18 -14.29 49.88
N GLU B 573 -43.11 -14.78 50.72
CA GLU B 573 -44.30 -14.01 51.02
C GLU B 573 -43.95 -12.69 51.70
N ILE B 574 -43.01 -12.72 52.64
CA ILE B 574 -42.58 -11.49 53.31
C ILE B 574 -41.91 -10.56 52.30
N ARG B 575 -41.05 -11.10 51.44
CA ARG B 575 -40.38 -10.28 50.44
C ARG B 575 -41.39 -9.65 49.47
N ASN B 576 -42.38 -10.43 49.03
CA ASN B 576 -43.37 -9.90 48.09
C ASN B 576 -44.20 -8.80 48.74
N LYS B 577 -44.62 -8.99 49.98
CA LYS B 577 -45.40 -7.99 50.70
C LYS B 577 -44.57 -6.78 51.12
N MET B 578 -43.24 -6.87 51.03
CA MET B 578 -42.39 -5.73 51.33
C MET B 578 -42.08 -4.88 50.11
N ILE B 579 -42.13 -5.46 48.91
CA ILE B 579 -41.94 -4.67 47.70
C ILE B 579 -43.10 -3.72 47.47
N ASP B 580 -44.33 -4.16 47.78
CA ASP B 580 -45.52 -3.35 47.58
C ASP B 580 -45.68 -2.28 48.65
N GLY B 581 -44.84 -2.27 49.68
CA GLY B 581 -44.91 -1.26 50.71
C GLY B 581 -46.13 -1.39 51.60
N GLU B 582 -46.25 -2.52 52.28
CA GLU B 582 -47.35 -2.77 53.21
C GLU B 582 -46.78 -3.04 54.59
N SER B 583 -47.32 -2.37 55.60
CA SER B 583 -46.91 -2.65 56.97
C SER B 583 -47.50 -3.97 57.44
N GLY B 584 -46.83 -4.60 58.39
CA GLY B 584 -47.28 -5.86 58.93
C GLY B 584 -46.13 -6.65 59.51
N GLU B 585 -46.48 -7.62 60.37
CA GLU B 585 -45.52 -8.47 61.03
C GLU B 585 -45.88 -9.94 60.81
N LYS B 586 -44.90 -10.80 61.04
CA LYS B 586 -45.11 -12.25 60.87
C LYS B 586 -44.05 -12.98 61.67
N THR B 587 -44.48 -13.78 62.64
CA THR B 587 -43.59 -14.57 63.48
C THR B 587 -43.70 -16.03 63.07
N PHE B 588 -42.56 -16.68 62.88
CA PHE B 588 -42.52 -18.06 62.41
C PHE B 588 -41.22 -18.70 62.86
N ARG B 589 -41.00 -19.94 62.41
CA ARG B 589 -39.79 -20.69 62.71
C ARG B 589 -39.02 -20.89 61.41
N THR B 590 -37.74 -20.51 61.42
CA THR B 590 -36.92 -20.54 60.22
C THR B 590 -35.55 -21.13 60.54
N LEU B 591 -34.87 -21.58 59.49
CA LEU B 591 -33.52 -22.11 59.60
C LEU B 591 -32.52 -20.96 59.52
N VAL B 592 -31.64 -20.86 60.51
CA VAL B 592 -30.68 -19.77 60.61
C VAL B 592 -29.29 -20.34 60.39
N LYS B 593 -28.60 -19.82 59.38
CA LYS B 593 -27.20 -20.20 59.17
C LYS B 593 -26.30 -19.45 60.15
N SER B 594 -25.28 -20.14 60.62
CA SER B 594 -24.34 -19.56 61.57
C SER B 594 -23.39 -18.61 60.85
N GLN B 595 -22.68 -17.80 61.64
CA GLN B 595 -21.74 -16.84 61.06
C GLN B 595 -20.65 -17.54 60.28
N ASP B 596 -20.10 -18.61 60.84
CA ASP B 596 -19.23 -19.50 60.06
C ASP B 596 -20.11 -20.45 59.26
N GLU B 597 -19.90 -20.50 57.96
CA GLU B 597 -20.80 -21.23 57.10
C GLU B 597 -20.60 -22.74 57.24
N ARG B 598 -20.88 -23.27 58.42
CA ARG B 598 -20.73 -24.69 58.69
C ARG B 598 -21.89 -25.32 59.45
N TYR B 599 -22.77 -24.53 60.07
CA TYR B 599 -23.85 -25.07 60.88
C TYR B 599 -25.17 -24.45 60.46
N ILE B 600 -26.26 -25.15 60.78
CA ILE B 600 -27.62 -24.67 60.58
C ILE B 600 -28.41 -24.94 61.86
N ASP B 601 -29.14 -23.94 62.32
CA ASP B 601 -29.88 -24.04 63.57
C ASP B 601 -31.30 -23.54 63.35
N LYS B 602 -32.26 -24.23 63.98
CA LYS B 602 -33.66 -23.85 63.89
C LYS B 602 -34.02 -22.92 65.04
N GLY B 603 -34.65 -21.79 64.70
CA GLY B 603 -35.02 -20.82 65.71
C GLY B 603 -36.27 -20.08 65.34
N ASN B 604 -36.81 -19.35 66.30
CA ASN B 604 -38.01 -18.55 66.13
C ASN B 604 -37.63 -17.09 65.89
N ARG B 605 -38.21 -16.49 64.86
CA ARG B 605 -37.95 -15.11 64.51
C ARG B 605 -39.28 -14.37 64.33
N THR B 606 -39.20 -13.04 64.32
CA THR B 606 -40.39 -12.19 64.18
C THR B 606 -40.01 -11.03 63.27
N TYR B 607 -40.46 -11.09 62.02
CA TYR B 607 -40.19 -10.02 61.07
C TYR B 607 -41.24 -8.93 61.19
N THR B 608 -40.79 -7.68 61.23
CA THR B 608 -41.66 -6.52 61.26
C THR B 608 -41.13 -5.49 60.28
N TRP B 609 -41.99 -5.02 59.37
CA TRP B 609 -41.54 -4.14 58.30
C TRP B 609 -42.54 -3.02 58.07
N THR B 610 -42.02 -1.88 57.66
CA THR B 610 -42.79 -0.73 57.22
C THR B 610 -42.08 -0.10 56.03
N PRO B 611 -42.82 0.57 55.14
CA PRO B 611 -42.17 1.21 54.00
C PRO B 611 -41.64 2.59 54.37
N VAL B 612 -40.48 2.92 53.80
CA VAL B 612 -39.95 4.27 53.94
C VAL B 612 -40.77 5.21 53.08
N ASN B 613 -41.35 6.25 53.71
CA ASN B 613 -42.40 7.01 53.06
C ASN B 613 -41.87 7.85 51.91
N GLY B 614 -40.78 8.59 52.15
CA GLY B 614 -40.28 9.50 51.12
C GLY B 614 -39.69 8.81 49.92
N THR B 615 -39.22 7.58 50.07
CA THR B 615 -38.53 6.85 49.02
C THR B 615 -39.30 5.58 48.67
N ASP B 616 -38.67 4.73 47.88
CA ASP B 616 -39.24 3.45 47.45
C ASP B 616 -38.62 2.27 48.17
N TYR B 617 -38.16 2.47 49.40
CA TYR B 617 -37.50 1.44 50.18
C TYR B 617 -38.43 0.92 51.26
N SER B 618 -38.18 -0.32 51.68
CA SER B 618 -38.91 -0.96 52.75
C SER B 618 -37.92 -1.48 53.79
N LEU B 619 -38.13 -1.10 55.04
CA LEU B 619 -37.23 -1.44 56.13
C LEU B 619 -37.89 -2.47 57.04
N ALA B 620 -37.12 -3.49 57.43
CA ALA B 620 -37.63 -4.57 58.26
C ALA B 620 -36.67 -4.83 59.42
N LEU B 621 -37.21 -5.42 60.48
CA LEU B 621 -36.46 -5.71 61.70
C LEU B 621 -36.66 -7.17 62.07
N VAL B 622 -35.60 -7.97 61.93
CA VAL B 622 -35.64 -9.38 62.30
C VAL B 622 -35.35 -9.52 63.79
N LEU B 623 -36.40 -9.57 64.59
CA LEU B 623 -36.25 -9.65 66.04
C LEU B 623 -36.67 -11.02 66.53
N PRO B 624 -35.75 -11.87 67.00
CA PRO B 624 -36.15 -13.17 67.52
C PRO B 624 -36.84 -13.05 68.87
N THR B 625 -37.32 -14.17 69.41
CA THR B 625 -37.82 -14.18 70.77
C THR B 625 -36.65 -14.02 71.73
N TYR B 626 -36.93 -14.04 73.04
CA TYR B 626 -35.94 -13.87 74.10
C TYR B 626 -35.10 -12.60 73.91
N SER B 627 -35.56 -11.71 73.03
CA SER B 627 -34.85 -10.47 72.74
C SER B 627 -35.77 -9.26 72.73
N PHE B 628 -37.07 -9.46 73.00
CA PHE B 628 -37.99 -8.33 73.09
C PHE B 628 -37.72 -7.46 74.30
N TYR B 629 -36.91 -7.93 75.24
CA TYR B 629 -36.52 -7.16 76.42
C TYR B 629 -35.00 -7.16 76.50
N TYR B 630 -34.42 -5.99 76.78
CA TYR B 630 -32.98 -5.83 76.90
C TYR B 630 -32.64 -5.20 78.23
N ILE B 631 -31.39 -5.40 78.65
CA ILE B 631 -30.89 -4.91 79.93
C ILE B 631 -30.32 -3.51 79.73
N LYS B 632 -30.79 -2.57 80.53
CA LYS B 632 -30.32 -1.19 80.50
C LYS B 632 -29.55 -0.89 81.77
N ALA B 633 -28.33 -0.38 81.62
CA ALA B 633 -27.49 -0.08 82.78
C ALA B 633 -28.04 1.11 83.56
N LYS B 634 -27.70 1.16 84.85
CA LYS B 634 -28.19 2.21 85.72
C LYS B 634 -27.06 2.77 86.60
N LEU B 635 -25.81 2.44 86.30
CA LEU B 635 -24.69 2.94 87.08
C LEU B 635 -24.49 4.43 86.83
N GLU B 636 -24.54 5.23 87.90
CA GLU B 636 -24.37 6.67 87.80
C GLU B 636 -23.26 7.22 88.67
N GLU B 637 -23.11 6.72 89.89
CA GLU B 637 -22.09 7.23 90.80
C GLU B 637 -20.69 6.93 90.26
N THR B 638 -19.80 7.93 90.36
CA THR B 638 -18.47 7.80 89.78
C THR B 638 -17.67 6.68 90.42
N ILE B 639 -17.72 6.57 91.76
CA ILE B 639 -16.96 5.53 92.43
C ILE B 639 -17.54 4.15 92.13
N THR B 640 -18.86 4.06 91.91
CA THR B 640 -19.46 2.78 91.56
C THR B 640 -18.93 2.27 90.22
N GLN B 641 -18.82 3.16 89.22
CA GLN B 641 -18.21 2.78 87.96
C GLN B 641 -16.70 2.64 88.10
N ALA B 642 -16.11 3.26 89.13
CA ALA B 642 -14.66 3.23 89.28
C ALA B 642 -14.16 1.82 89.56
N ARG B 643 -14.83 1.09 90.47
CA ARG B 643 -14.33 -0.23 90.84
C ARG B 643 -14.37 -1.16 89.64
N TYR B 644 -15.45 -1.11 88.85
CA TYR B 644 -15.53 -1.92 87.64
C TYR B 644 -14.50 -1.47 86.61
N SER B 645 -14.16 -0.19 86.60
CA SER B 645 -13.13 0.30 85.69
C SER B 645 -11.76 -0.28 86.02
N GLU B 646 -11.49 -0.49 87.31
CA GLU B 646 -10.21 -1.06 87.71
C GLU B 646 -10.05 -2.49 87.19
N THR B 647 -11.16 -3.20 86.95
CA THR B 647 -11.08 -4.54 86.42
C THR B 647 -10.52 -4.56 85.00
N LEU B 648 -10.70 -3.48 84.25
CA LEU B 648 -10.24 -3.40 82.87
C LEU B 648 -8.76 -3.08 82.76
N LYS B 649 -8.08 -2.83 83.87
CA LYS B 649 -6.66 -2.51 83.84
C LYS B 649 -5.87 -3.66 83.21
N PRO B 650 -5.10 -3.40 82.15
CA PRO B 650 -4.36 -4.50 81.51
C PRO B 650 -3.07 -4.84 82.23
N ASP B 651 -3.11 -4.79 83.56
CA ASP B 651 -2.07 -5.35 84.41
C ASP B 651 -2.73 -6.16 85.51
N ASN B 652 -3.98 -5.80 85.82
CA ASN B 652 -4.81 -6.53 86.77
C ASN B 652 -5.31 -7.85 86.21
N PHE B 653 -4.90 -8.22 84.99
CA PHE B 653 -5.25 -9.52 84.44
C PHE B 653 -4.81 -10.65 85.36
N GLU B 654 -3.72 -10.44 86.10
CA GLU B 654 -3.12 -11.44 86.98
C GLU B 654 -4.16 -12.19 87.81
N GLU B 655 -5.23 -11.52 88.19
CA GLU B 655 -6.32 -12.14 88.93
C GLU B 655 -7.64 -12.11 88.18
N SER B 656 -7.97 -10.99 87.52
CA SER B 656 -9.26 -10.85 86.85
C SER B 656 -9.38 -11.67 85.58
N GLY B 657 -8.29 -12.23 85.08
CA GLY B 657 -8.33 -12.99 83.83
C GLY B 657 -8.09 -12.12 82.61
N TYR B 658 -7.76 -12.79 81.50
CA TYR B 658 -7.41 -12.09 80.28
C TYR B 658 -8.63 -11.46 79.62
N THR B 659 -8.86 -10.18 79.89
CA THR B 659 -10.07 -9.50 79.45
C THR B 659 -9.91 -8.91 78.05
N PHE B 660 -10.97 -9.02 77.26
CA PHE B 660 -11.06 -8.39 75.95
C PHE B 660 -12.08 -7.25 76.02
N ILE B 661 -12.31 -6.61 74.87
CA ILE B 661 -13.32 -5.56 74.76
C ILE B 661 -13.73 -5.45 73.30
N ALA B 662 -15.02 -5.19 73.08
CA ALA B 662 -15.56 -5.12 71.73
C ALA B 662 -15.29 -3.74 71.13
N PRO B 663 -14.65 -3.64 69.97
CA PRO B 663 -14.30 -2.33 69.38
C PRO B 663 -15.49 -1.67 68.69
N ARG B 664 -16.44 -1.19 69.48
CA ARG B 664 -17.58 -0.46 68.97
C ARG B 664 -17.37 1.03 69.18
N ASP B 665 -18.29 1.84 68.65
CA ASP B 665 -18.19 3.30 68.71
C ASP B 665 -18.61 3.75 70.10
N TYR B 666 -17.70 3.58 71.06
CA TYR B 666 -17.98 4.01 72.42
C TYR B 666 -18.13 5.52 72.51
N CYS B 667 -17.22 6.25 71.87
CA CYS B 667 -17.25 7.71 71.88
C CYS B 667 -16.71 8.23 70.57
N ASN B 668 -17.01 9.50 70.28
CA ASN B 668 -16.75 10.06 68.96
C ASN B 668 -15.26 10.06 68.64
N ASP B 669 -14.43 10.57 69.55
CA ASP B 669 -13.01 10.70 69.24
C ASP B 669 -12.26 9.39 69.47
N LEU B 670 -12.88 8.44 70.15
CA LEU B 670 -12.26 7.13 70.34
C LEU B 670 -12.06 6.43 69.00
N LYS B 671 -10.81 6.13 68.68
CA LYS B 671 -10.46 5.49 67.42
C LYS B 671 -10.52 3.98 67.60
N ILE B 672 -11.39 3.32 66.82
CA ILE B 672 -11.45 1.86 66.86
C ILE B 672 -10.17 1.31 66.26
N SER B 673 -9.72 0.18 66.79
CA SER B 673 -8.46 -0.44 66.38
C SER B 673 -8.64 -1.92 66.16
N ASP B 674 -7.92 -2.45 65.18
CA ASP B 674 -7.92 -3.89 64.94
C ASP B 674 -7.30 -4.64 66.10
N ASN B 675 -6.19 -4.13 66.63
CA ASN B 675 -5.52 -4.77 67.76
C ASN B 675 -6.28 -4.40 69.02
N ASN B 676 -6.72 -5.43 69.76
CA ASN B 676 -7.53 -5.20 70.95
C ASN B 676 -6.74 -4.67 72.13
N THR B 677 -5.44 -5.00 72.23
CA THR B 677 -4.63 -4.46 73.31
C THR B 677 -4.53 -2.95 73.22
N GLU B 678 -4.40 -2.42 72.01
CA GLU B 678 -4.38 -0.97 71.82
C GLU B 678 -5.71 -0.35 72.24
N PHE B 679 -6.83 -0.94 71.80
CA PHE B 679 -8.14 -0.38 72.12
C PHE B 679 -8.42 -0.42 73.61
N LEU B 680 -7.99 -1.48 74.29
CA LEU B 680 -8.21 -1.58 75.72
C LEU B 680 -7.51 -0.44 76.45
N LEU B 681 -6.29 -0.10 76.04
CA LEU B 681 -5.57 1.00 76.68
C LEU B 681 -6.23 2.34 76.38
N ASN B 682 -6.61 2.58 75.13
CA ASN B 682 -7.27 3.83 74.78
C ASN B 682 -8.61 3.97 75.50
N PHE B 683 -9.38 2.88 75.57
CA PHE B 683 -10.62 2.91 76.32
C PHE B 683 -10.36 3.11 77.81
N ASN B 684 -9.32 2.47 78.34
CA ASN B 684 -9.04 2.54 79.77
C ASN B 684 -8.67 3.95 80.19
N GLU B 685 -7.81 4.63 79.41
CA GLU B 685 -7.40 5.98 79.79
C GLU B 685 -8.57 6.96 79.71
N PHE B 686 -9.47 6.76 78.76
CA PHE B 686 -10.60 7.67 78.60
C PHE B 686 -11.54 7.62 79.80
N ILE B 687 -11.56 6.52 80.54
CA ILE B 687 -12.52 6.39 81.63
C ILE B 687 -12.02 7.08 82.91
N ASP B 688 -10.72 7.32 83.03
CA ASP B 688 -10.19 7.92 84.24
C ASP B 688 -10.02 9.44 84.12
N ARG B 689 -9.21 9.89 83.15
CA ARG B 689 -8.91 11.32 83.06
C ARG B 689 -10.12 12.11 82.58
N LYS B 690 -10.79 11.63 81.53
CA LYS B 690 -11.98 12.31 81.03
C LYS B 690 -13.15 12.08 81.97
N THR B 691 -14.11 13.00 81.92
CA THR B 691 -15.26 12.92 82.81
C THR B 691 -16.08 11.67 82.48
N PRO B 692 -16.57 10.94 83.49
CA PRO B 692 -17.43 9.79 83.21
C PRO B 692 -18.69 10.16 82.45
N ASN B 693 -19.25 11.33 82.71
CA ASN B 693 -20.44 11.77 81.97
C ASN B 693 -20.04 12.22 80.56
N ASN B 694 -19.25 13.30 80.48
CA ASN B 694 -18.73 13.86 79.23
C ASN B 694 -19.82 13.93 78.17
N PRO B 695 -20.77 14.86 78.28
CA PRO B 695 -21.93 14.84 77.37
C PRO B 695 -21.56 15.20 75.93
N SER B 696 -20.69 14.37 75.33
CA SER B 696 -20.30 14.53 73.94
C SER B 696 -20.38 13.24 73.15
N CYS B 697 -20.63 12.11 73.80
CA CYS B 697 -20.61 10.81 73.13
C CYS B 697 -21.59 9.88 73.85
N ASN B 698 -21.55 8.60 73.47
CA ASN B 698 -22.52 7.64 73.99
C ASN B 698 -22.36 7.45 75.50
N ALA B 699 -23.46 7.12 76.15
CA ALA B 699 -23.49 6.82 77.58
C ALA B 699 -23.99 5.42 77.89
N ASP B 700 -24.98 4.94 77.13
CA ASP B 700 -25.50 3.59 77.36
C ASP B 700 -24.44 2.54 77.06
N LEU B 701 -23.68 2.73 75.98
CA LEU B 701 -22.63 1.77 75.64
C LEU B 701 -21.55 1.72 76.71
N ILE B 702 -21.14 2.88 77.22
CA ILE B 702 -20.16 2.91 78.29
C ILE B 702 -20.72 2.27 79.56
N ASN B 703 -21.94 2.68 79.93
CA ASN B 703 -22.52 2.21 81.19
C ASN B 703 -22.76 0.71 81.18
N ARG B 704 -23.25 0.17 80.06
CA ARG B 704 -23.50 -1.27 79.99
C ARG B 704 -22.21 -2.06 80.09
N VAL B 705 -21.15 -1.60 79.43
CA VAL B 705 -19.88 -2.33 79.45
C VAL B 705 -19.30 -2.34 80.85
N LEU B 706 -19.30 -1.18 81.52
CA LEU B 706 -18.78 -1.11 82.89
C LEU B 706 -19.62 -1.95 83.83
N LEU B 707 -20.95 -1.91 83.68
CA LEU B 707 -21.81 -2.75 84.51
C LEU B 707 -21.52 -4.22 84.29
N ASP B 708 -21.30 -4.62 83.05
CA ASP B 708 -20.97 -6.02 82.79
C ASP B 708 -19.70 -6.41 83.47
N ALA B 709 -18.75 -5.51 83.47
CA ALA B 709 -17.45 -5.85 84.02
C ALA B 709 -17.57 -6.40 85.43
N GLY B 710 -18.42 -5.79 86.25
CA GLY B 710 -18.59 -6.26 87.62
C GLY B 710 -19.16 -7.66 87.68
N PHE B 711 -20.13 -7.96 86.83
CA PHE B 711 -20.71 -9.30 86.80
C PHE B 711 -19.70 -10.33 86.31
N THR B 712 -19.01 -10.02 85.21
CA THR B 712 -18.04 -10.96 84.66
C THR B 712 -16.86 -11.15 85.61
N ASN B 713 -16.38 -10.07 86.22
CA ASN B 713 -15.28 -10.20 87.18
C ASN B 713 -15.70 -11.01 88.40
N GLU B 714 -16.95 -10.83 88.84
CA GLU B 714 -17.42 -11.54 90.03
C GLU B 714 -17.37 -13.05 89.83
N LEU B 715 -17.75 -13.52 88.64
CA LEU B 715 -17.63 -14.94 88.35
C LEU B 715 -16.17 -15.39 88.39
N VAL B 716 -15.27 -14.57 87.86
CA VAL B 716 -13.86 -14.92 87.86
C VAL B 716 -13.29 -14.92 89.27
N GLN B 717 -13.57 -13.87 90.04
CA GLN B 717 -12.97 -13.70 91.35
C GLN B 717 -13.62 -14.57 92.43
N ASN B 718 -14.83 -15.06 92.21
CA ASN B 718 -15.53 -15.86 93.21
C ASN B 718 -15.62 -17.33 92.87
N TYR B 719 -15.51 -17.71 91.62
CA TYR B 719 -15.54 -19.13 91.28
C TYR B 719 -14.27 -19.60 90.60
N TRP B 720 -13.85 -18.93 89.53
CA TRP B 720 -12.75 -19.41 88.70
C TRP B 720 -11.39 -19.25 89.37
N SER B 721 -11.34 -18.57 90.52
CA SER B 721 -10.13 -18.53 91.34
C SER B 721 -10.15 -19.54 92.48
N LYS B 722 -11.33 -19.94 92.96
CA LYS B 722 -11.40 -20.97 93.98
C LYS B 722 -10.88 -22.30 93.46
N GLN B 723 -11.24 -22.64 92.23
CA GLN B 723 -10.72 -23.81 91.54
C GLN B 723 -9.78 -23.36 90.43
N LYS B 724 -8.65 -24.05 90.29
CA LYS B 724 -7.60 -23.62 89.37
C LYS B 724 -7.42 -24.58 88.21
N ASN B 725 -7.15 -25.86 88.47
CA ASN B 725 -6.91 -26.86 87.44
C ASN B 725 -7.73 -28.10 87.80
N ILE B 726 -8.93 -28.18 87.25
CA ILE B 726 -9.87 -29.26 87.58
C ILE B 726 -9.86 -30.28 86.44
N LYS B 727 -9.22 -31.42 86.69
CA LYS B 727 -9.14 -32.53 85.75
C LYS B 727 -8.88 -32.06 84.32
N GLY B 728 -9.90 -32.13 83.47
CA GLY B 728 -9.78 -31.62 82.13
C GLY B 728 -10.38 -30.23 81.96
N VAL B 729 -9.53 -29.21 82.01
CA VAL B 729 -9.91 -27.83 81.73
C VAL B 729 -8.69 -27.12 81.16
N LYS B 730 -8.81 -26.58 79.96
CA LYS B 730 -7.73 -25.81 79.37
C LYS B 730 -7.99 -24.31 79.34
N ALA B 731 -9.26 -23.89 79.37
CA ALA B 731 -9.60 -22.48 79.38
C ALA B 731 -11.07 -22.32 79.74
N ARG B 732 -11.35 -21.33 80.59
CA ARG B 732 -12.71 -20.96 80.94
C ARG B 732 -12.95 -19.52 80.51
N PHE B 733 -14.06 -19.28 79.81
CA PHE B 733 -14.31 -18.00 79.19
C PHE B 733 -15.75 -17.57 79.42
N VAL B 734 -15.98 -16.27 79.34
CA VAL B 734 -17.31 -15.68 79.38
C VAL B 734 -17.40 -14.63 78.28
N VAL B 735 -18.44 -14.72 77.47
CA VAL B 735 -18.74 -13.73 76.43
C VAL B 735 -20.11 -13.15 76.74
N THR B 736 -20.19 -11.82 76.79
CA THR B 736 -21.39 -11.15 77.28
C THR B 736 -21.87 -10.10 76.29
N ASP B 737 -23.06 -9.57 76.58
CA ASP B 737 -23.68 -8.58 75.69
C ASP B 737 -22.90 -7.27 75.68
N GLY B 738 -22.30 -6.91 76.81
CA GLY B 738 -21.58 -5.64 76.87
C GLY B 738 -20.45 -5.57 75.86
N GLY B 739 -19.69 -6.65 75.72
CA GLY B 739 -18.64 -6.69 74.73
C GLY B 739 -17.28 -7.04 75.30
N ILE B 740 -17.26 -7.59 76.51
CA ILE B 740 -16.02 -7.90 77.21
C ILE B 740 -15.89 -9.40 77.36
N THR B 741 -14.95 -9.99 76.64
CA THR B 741 -14.60 -11.39 76.82
C THR B 741 -13.61 -11.52 77.98
N ARG B 742 -13.68 -12.66 78.67
CA ARG B 742 -12.85 -12.89 79.85
C ARG B 742 -12.45 -14.36 79.89
N VAL B 743 -11.24 -14.66 79.43
CA VAL B 743 -10.66 -16.00 79.57
C VAL B 743 -9.79 -15.98 80.83
N TYR B 744 -10.12 -16.84 81.79
CA TYR B 744 -9.47 -16.77 83.10
C TYR B 744 -7.97 -17.04 83.03
N PRO B 745 -7.48 -18.11 82.40
CA PRO B 745 -6.02 -18.32 82.38
C PRO B 745 -5.34 -17.26 81.53
N LYS B 746 -4.31 -16.63 82.11
CA LYS B 746 -3.52 -15.67 81.34
C LYS B 746 -2.84 -16.35 80.16
N GLU B 747 -2.41 -17.60 80.33
CA GLU B 747 -1.79 -18.36 79.26
C GLU B 747 -2.77 -18.82 78.20
N ALA B 748 -4.09 -18.68 78.44
CA ALA B 748 -5.05 -18.98 77.40
C ALA B 748 -4.77 -18.06 76.21
N GLY B 749 -5.00 -16.76 76.38
CA GLY B 749 -4.45 -15.75 75.51
C GLY B 749 -4.54 -16.04 74.02
N GLU B 750 -3.37 -16.31 73.44
CA GLU B 750 -3.28 -16.59 72.00
C GLU B 750 -4.10 -17.80 71.59
N ASN B 751 -4.42 -18.70 72.53
CA ASN B 751 -5.30 -19.81 72.21
C ASN B 751 -6.68 -19.32 71.81
N TRP B 752 -7.08 -18.15 72.30
CA TRP B 752 -8.32 -17.53 71.87
C TRP B 752 -8.09 -16.80 70.55
N GLN B 753 -8.96 -17.06 69.57
CA GLN B 753 -8.85 -16.42 68.26
C GLN B 753 -10.17 -15.80 67.79
N GLU B 754 -11.21 -15.82 68.62
CA GLU B 754 -12.50 -15.30 68.19
C GLU B 754 -12.46 -13.78 68.09
N ASN B 755 -13.44 -13.24 67.37
CA ASN B 755 -13.53 -11.80 67.20
C ASN B 755 -13.79 -11.12 68.54
N PRO B 756 -13.12 -10.01 68.83
CA PRO B 756 -13.39 -9.29 70.09
C PRO B 756 -14.82 -8.80 70.19
N GLU B 757 -15.45 -8.44 69.07
CA GLU B 757 -16.84 -7.98 69.07
C GLU B 757 -17.73 -9.20 69.29
N THR B 758 -18.48 -9.21 70.39
CA THR B 758 -19.30 -10.37 70.73
C THR B 758 -20.41 -10.59 69.71
N TYR B 759 -20.90 -9.52 69.09
CA TYR B 759 -21.97 -9.64 68.10
C TYR B 759 -21.51 -10.30 66.81
N GLU B 760 -20.20 -10.51 66.64
CA GLU B 760 -19.66 -11.18 65.47
C GLU B 760 -19.00 -12.51 65.85
N ASP B 761 -19.43 -13.10 66.96
CA ASP B 761 -18.91 -14.39 67.42
C ASP B 761 -19.88 -15.49 66.99
N SER B 762 -19.39 -16.42 66.19
CA SER B 762 -20.25 -17.46 65.63
C SER B 762 -20.84 -18.35 66.71
N PHE B 763 -20.01 -18.76 67.68
CA PHE B 763 -20.49 -19.64 68.73
C PHE B 763 -21.46 -18.93 69.67
N TYR B 764 -21.35 -17.60 69.76
CA TYR B 764 -22.25 -16.85 70.64
C TYR B 764 -23.69 -16.97 70.17
N LYS B 765 -23.93 -16.81 68.88
CA LYS B 765 -25.29 -16.89 68.35
C LYS B 765 -25.85 -18.31 68.50
N ARG B 766 -25.04 -19.32 68.24
CA ARG B 766 -25.52 -20.70 68.31
C ARG B 766 -25.95 -21.06 69.72
N SER B 767 -25.17 -20.63 70.73
CA SER B 767 -25.54 -20.90 72.11
C SER B 767 -26.84 -20.20 72.50
N LEU B 768 -27.14 -19.06 71.85
CA LEU B 768 -28.39 -18.37 72.14
C LEU B 768 -29.59 -19.12 71.58
N ASP B 769 -29.45 -19.66 70.36
CA ASP B 769 -30.58 -20.33 69.71
C ASP B 769 -30.97 -21.60 70.44
N ASN B 770 -30.01 -22.46 70.73
CA ASN B 770 -30.29 -23.75 71.34
C ASN B 770 -30.51 -23.60 72.85
N ASP B 771 -30.93 -24.69 73.49
CA ASP B 771 -31.03 -24.76 74.94
C ASP B 771 -30.12 -25.85 75.49
N ASN B 772 -29.14 -26.28 74.70
CA ASN B 772 -28.24 -27.36 75.08
C ASN B 772 -26.80 -26.89 74.96
N TYR B 773 -25.90 -27.58 75.65
CA TYR B 773 -24.48 -27.24 75.60
C TYR B 773 -23.95 -27.42 74.19
N VAL B 774 -23.62 -26.30 73.53
CA VAL B 774 -23.19 -26.34 72.14
C VAL B 774 -21.70 -26.66 72.09
N PHE B 775 -21.33 -27.60 71.22
CA PHE B 775 -19.95 -27.98 70.99
C PHE B 775 -19.53 -27.47 69.61
N THR B 776 -18.46 -26.68 69.58
CA THR B 776 -17.96 -26.13 68.32
C THR B 776 -16.74 -26.95 67.91
N ALA B 777 -16.87 -27.69 66.82
CA ALA B 777 -15.77 -28.51 66.34
C ALA B 777 -14.66 -27.61 65.79
N PRO B 778 -13.41 -27.86 66.23
CA PRO B 778 -12.33 -27.05 65.73
C PRO B 778 -12.12 -27.25 64.28
N TYR B 779 -11.17 -26.55 63.71
CA TYR B 779 -10.99 -26.60 62.29
C TYR B 779 -10.06 -27.71 62.01
N PHE B 780 -10.31 -28.48 60.98
CA PHE B 780 -9.54 -29.68 60.78
C PHE B 780 -8.26 -29.56 60.03
N ASN B 781 -7.58 -28.44 60.22
CA ASN B 781 -6.25 -28.24 59.66
C ASN B 781 -6.03 -26.76 59.75
N LYS B 782 -5.35 -26.15 58.79
CA LYS B 782 -5.25 -24.72 58.80
C LYS B 782 -4.36 -24.23 59.88
N SER B 783 -3.36 -23.46 59.50
CA SER B 783 -2.37 -22.99 60.46
C SER B 783 -2.99 -22.33 61.67
N GLY B 784 -2.22 -22.28 62.75
CA GLY B 784 -2.71 -21.66 63.96
C GLY B 784 -2.36 -22.42 65.22
N PRO B 785 -3.08 -22.15 66.30
CA PRO B 785 -2.83 -22.90 67.53
C PRO B 785 -3.04 -24.37 67.26
N GLY B 786 -4.28 -24.83 67.10
CA GLY B 786 -4.49 -26.26 66.94
C GLY B 786 -5.75 -26.84 67.51
N ALA B 787 -5.64 -27.97 68.20
CA ALA B 787 -6.84 -28.61 68.70
C ALA B 787 -6.53 -29.26 69.99
N TYR B 788 -5.50 -30.08 70.01
CA TYR B 788 -5.09 -30.66 71.25
C TYR B 788 -4.50 -29.51 72.01
N GLU B 789 -3.77 -28.67 71.31
CA GLU B 789 -3.16 -27.53 71.93
C GLU B 789 -4.20 -26.64 72.47
N SER B 790 -5.18 -26.29 71.65
CA SER B 790 -6.21 -25.35 72.08
C SER B 790 -7.32 -26.01 72.87
N GLY B 791 -8.01 -26.96 72.27
CA GLY B 791 -9.05 -27.67 72.97
C GLY B 791 -10.33 -27.80 72.21
N ILE B 792 -11.43 -28.09 72.90
CA ILE B 792 -12.75 -28.17 72.29
C ILE B 792 -13.68 -27.26 73.08
N MET B 793 -14.39 -26.38 72.38
CA MET B 793 -15.24 -25.40 73.03
C MET B 793 -16.60 -26.00 73.39
N VAL B 794 -17.14 -25.55 74.51
CA VAL B 794 -18.45 -25.98 75.00
C VAL B 794 -19.19 -24.72 75.42
N SER B 795 -20.11 -24.25 74.57
CA SER B 795 -20.83 -23.02 74.84
C SER B 795 -22.13 -23.30 75.60
N LYS B 796 -22.59 -22.29 76.34
CA LYS B 796 -23.85 -22.38 77.07
C LYS B 796 -24.29 -20.97 77.42
N ALA B 797 -25.59 -20.70 77.23
CA ALA B 797 -26.14 -19.36 77.41
C ALA B 797 -26.94 -19.29 78.70
N VAL B 798 -26.69 -18.25 79.50
CA VAL B 798 -27.46 -18.04 80.71
C VAL B 798 -28.85 -17.53 80.35
N GLU B 799 -29.84 -17.84 81.20
CA GLU B 799 -31.25 -17.59 80.93
C GLU B 799 -31.92 -16.93 82.13
N ILE B 800 -31.31 -15.84 82.61
CA ILE B 800 -31.77 -15.09 83.78
C ILE B 800 -33.26 -14.75 83.68
N TYR B 801 -33.92 -14.69 84.84
CA TYR B 801 -35.35 -14.44 84.93
C TYR B 801 -35.58 -13.35 85.98
N ILE B 802 -35.84 -12.12 85.54
CA ILE B 802 -35.96 -11.01 86.47
C ILE B 802 -37.39 -10.91 86.99
N GLN B 803 -38.36 -10.64 86.11
CA GLN B 803 -39.78 -10.76 86.44
C GLN B 803 -40.50 -11.41 85.26
N GLY B 804 -40.50 -12.74 85.23
CA GLY B 804 -41.22 -13.46 84.20
C GLY B 804 -40.84 -13.11 82.78
N LYS B 805 -39.62 -12.61 82.57
CA LYS B 805 -39.16 -12.20 81.25
C LYS B 805 -37.84 -12.91 80.95
N LEU B 806 -37.70 -13.39 79.71
CA LEU B 806 -36.51 -14.12 79.31
C LEU B 806 -35.43 -13.16 78.82
N LEU B 807 -34.24 -13.29 79.38
CA LEU B 807 -33.08 -12.53 78.95
C LEU B 807 -31.88 -13.46 78.85
N LYS B 808 -31.04 -13.24 77.84
CA LYS B 808 -29.85 -14.04 77.60
C LYS B 808 -28.66 -13.10 77.48
N PRO B 809 -28.17 -12.57 78.61
CA PRO B 809 -27.10 -11.56 78.55
C PRO B 809 -25.76 -12.10 78.09
N ALA B 810 -25.32 -13.22 78.66
CA ALA B 810 -23.95 -13.68 78.45
C ALA B 810 -23.94 -15.17 78.13
N VAL B 811 -22.75 -15.67 77.80
CA VAL B 811 -22.54 -17.08 77.48
C VAL B 811 -21.27 -17.54 78.19
N VAL B 812 -21.40 -18.50 79.10
CA VAL B 812 -20.25 -19.12 79.74
C VAL B 812 -19.75 -20.24 78.85
N GLY B 813 -18.57 -20.77 79.14
CA GLY B 813 -18.05 -21.88 78.37
C GLY B 813 -16.73 -22.36 78.92
N ILE B 814 -16.35 -23.55 78.45
CA ILE B 814 -15.06 -24.16 78.76
C ILE B 814 -14.40 -24.58 77.46
N LYS B 815 -13.14 -24.98 77.56
CA LYS B 815 -12.33 -25.40 76.41
C LYS B 815 -11.75 -26.78 76.68
N ILE B 816 -12.64 -27.71 77.04
CA ILE B 816 -12.27 -29.06 77.46
C ILE B 816 -11.18 -29.61 76.54
N ASP B 817 -10.09 -30.08 77.15
CA ASP B 817 -9.00 -30.68 76.40
C ASP B 817 -9.40 -32.07 75.93
N VAL B 818 -8.84 -32.48 74.79
CA VAL B 818 -9.11 -33.80 74.27
C VAL B 818 -8.27 -34.87 74.96
N ASN B 819 -7.06 -34.52 75.41
CA ASN B 819 -6.16 -35.53 75.98
C ASN B 819 -6.77 -36.17 77.22
N SER B 820 -7.24 -35.36 78.17
CA SER B 820 -7.92 -35.92 79.33
C SER B 820 -9.26 -36.53 78.96
N TRP B 821 -9.75 -36.29 77.75
CA TRP B 821 -11.01 -36.84 77.29
C TRP B 821 -10.84 -38.19 76.59
N ILE B 822 -9.71 -38.41 75.90
CA ILE B 822 -9.46 -39.70 75.28
C ILE B 822 -9.31 -40.79 76.33
N GLU B 823 -8.61 -40.49 77.43
CA GLU B 823 -8.51 -41.47 78.51
C GLU B 823 -9.87 -41.78 79.10
N ASN B 824 -10.72 -40.77 79.28
CA ASN B 824 -12.10 -41.00 79.69
C ASN B 824 -12.90 -41.69 78.59
N PHE B 825 -12.45 -41.60 77.34
CA PHE B 825 -13.15 -42.25 76.23
C PHE B 825 -13.01 -43.78 76.31
N THR B 826 -11.86 -44.27 76.78
CA THR B 826 -11.60 -45.70 76.76
C THR B 826 -12.59 -46.47 77.62
N LYS B 827 -12.78 -46.04 78.87
CA LYS B 827 -13.70 -46.74 79.77
C LYS B 827 -15.13 -46.56 79.32
N ARG B 843 -9.45 -50.17 71.52
CA ARG B 843 -8.77 -48.89 71.34
C ARG B 843 -7.66 -49.07 70.32
N ASN B 844 -7.67 -48.24 69.27
CA ASN B 844 -6.90 -48.51 68.05
C ASN B 844 -7.23 -49.90 67.53
N SER B 845 -8.50 -50.29 67.67
CA SER B 845 -8.93 -51.66 67.42
C SER B 845 -9.14 -51.86 65.92
N ASP B 846 -9.68 -53.03 65.58
CA ASP B 846 -9.98 -53.34 64.18
C ASP B 846 -11.33 -54.04 64.03
N VAL B 847 -12.12 -54.14 65.10
CA VAL B 847 -13.44 -54.77 65.02
C VAL B 847 -14.50 -53.68 64.92
N MET B 848 -14.55 -52.78 65.89
CA MET B 848 -15.45 -51.64 65.88
C MET B 848 -14.63 -50.36 65.72
N ASP B 849 -15.34 -49.23 65.66
CA ASP B 849 -14.67 -47.93 65.73
C ASP B 849 -15.60 -46.96 66.46
N CYS B 850 -15.38 -46.81 67.77
CA CYS B 850 -16.14 -45.83 68.53
C CYS B 850 -15.78 -44.43 68.06
N VAL B 851 -16.79 -43.63 67.74
CA VAL B 851 -16.59 -42.33 67.12
C VAL B 851 -17.87 -41.51 67.27
N ILE B 852 -17.71 -40.22 67.54
CA ILE B 852 -18.82 -39.31 67.80
C ILE B 852 -18.68 -38.09 66.91
N LEU B 853 -19.83 -37.47 66.61
CA LEU B 853 -19.91 -36.30 65.74
C LEU B 853 -20.82 -35.26 66.36
N ASP B 854 -20.80 -34.05 65.80
CA ASP B 854 -21.64 -32.96 66.30
C ASP B 854 -22.41 -32.31 65.16
N ASP B 855 -23.74 -32.26 65.31
CA ASP B 855 -24.63 -31.28 64.69
C ASP B 855 -24.16 -30.82 63.31
N GLY B 856 -23.84 -31.76 62.43
CA GLY B 856 -23.27 -31.37 61.15
C GLY B 856 -22.24 -32.34 60.61
N GLY B 857 -21.87 -33.33 61.41
CA GLY B 857 -20.98 -34.38 60.95
C GLY B 857 -19.51 -34.12 61.11
N PHE B 858 -19.12 -33.19 61.96
CA PHE B 858 -17.71 -32.93 62.19
C PHE B 858 -17.13 -33.90 63.20
N LEU B 859 -15.83 -34.17 63.08
CA LEU B 859 -15.17 -35.15 63.92
C LEU B 859 -14.76 -34.52 65.24
N LEU B 860 -15.10 -35.17 66.35
CA LEU B 860 -14.67 -34.74 67.67
C LEU B 860 -13.85 -35.78 68.40
N MET B 861 -14.08 -37.06 68.14
CA MET B 861 -13.27 -38.12 68.70
C MET B 861 -13.30 -39.34 67.80
N ALA B 862 -12.51 -40.33 68.17
CA ALA B 862 -12.63 -41.69 67.67
C ALA B 862 -11.68 -42.57 68.48
N ASN B 863 -12.04 -43.85 68.61
CA ASN B 863 -11.16 -44.79 69.27
C ASN B 863 -9.89 -45.04 68.47
N HIS B 864 -9.98 -45.00 67.14
CA HIS B 864 -8.81 -45.10 66.28
C HIS B 864 -8.04 -43.80 66.35
N ASP B 865 -6.79 -43.86 66.83
CA ASP B 865 -6.01 -42.64 67.00
C ASP B 865 -5.63 -41.99 65.68
N ASP B 866 -5.75 -42.69 64.56
CA ASP B 866 -5.58 -42.05 63.27
C ASP B 866 -6.67 -41.02 63.01
N TYR B 867 -7.92 -41.38 63.32
CA TYR B 867 -9.02 -40.42 63.22
C TYR B 867 -8.84 -39.27 64.20
N THR B 868 -8.40 -39.58 65.43
CA THR B 868 -8.23 -38.55 66.45
C THR B 868 -7.23 -37.50 66.02
N ASN B 869 -6.25 -37.88 65.20
CA ASN B 869 -5.33 -36.90 64.63
C ASN B 869 -6.10 -35.89 63.78
N GLN B 870 -6.98 -36.38 62.90
CA GLN B 870 -7.79 -35.50 62.05
C GLN B 870 -9.08 -35.17 62.79
N ILE B 871 -8.96 -34.27 63.77
CA ILE B 871 -10.11 -33.78 64.52
C ILE B 871 -10.69 -32.58 63.78
N GLY B 872 -12.00 -32.44 63.84
CA GLY B 872 -12.69 -31.36 63.18
C GLY B 872 -13.03 -31.62 61.72
N ARG B 873 -12.48 -32.67 61.12
CA ARG B 873 -12.79 -32.99 59.75
C ARG B 873 -14.24 -33.46 59.62
N PHE B 874 -14.84 -33.17 58.48
CA PHE B 874 -16.16 -33.69 58.19
C PHE B 874 -16.11 -35.21 58.07
N PHE B 875 -17.10 -35.88 58.65
CA PHE B 875 -17.14 -37.34 58.64
C PHE B 875 -17.23 -37.91 57.23
N GLY B 876 -17.67 -37.13 56.25
CA GLY B 876 -17.69 -37.58 54.88
C GLY B 876 -16.36 -37.51 54.17
N GLU B 877 -15.38 -36.84 54.75
CA GLU B 877 -14.03 -36.78 54.19
C GLU B 877 -13.09 -37.82 54.79
N ILE B 878 -13.51 -38.52 55.84
CA ILE B 878 -12.72 -39.60 56.41
C ILE B 878 -13.44 -40.94 56.37
N ASP B 879 -14.76 -40.96 56.19
CA ASP B 879 -15.50 -42.20 55.98
C ASP B 879 -16.66 -41.84 55.05
N PRO B 880 -16.45 -41.89 53.72
CA PRO B 880 -17.54 -41.57 52.80
C PRO B 880 -18.78 -42.43 52.96
N SER B 881 -18.63 -43.72 53.20
CA SER B 881 -19.76 -44.65 53.15
C SER B 881 -20.77 -44.40 54.27
N LEU B 882 -20.31 -44.14 55.48
CA LEU B 882 -21.22 -43.87 56.58
C LEU B 882 -21.99 -42.57 56.35
N MET B 883 -21.31 -41.55 55.81
CA MET B 883 -21.93 -40.24 55.66
C MET B 883 -23.10 -40.28 54.70
N ARG B 884 -22.92 -40.93 53.54
CA ARG B 884 -23.98 -40.96 52.54
C ARG B 884 -25.21 -41.71 53.07
N HIS B 885 -24.98 -42.83 53.76
CA HIS B 885 -26.09 -43.61 54.30
C HIS B 885 -26.79 -42.87 55.44
N LEU B 886 -26.05 -42.12 56.24
CA LEU B 886 -26.66 -41.39 57.34
C LEU B 886 -27.67 -40.36 56.85
N VAL B 887 -27.38 -39.72 55.71
CA VAL B 887 -28.35 -38.81 55.12
C VAL B 887 -29.61 -39.55 54.72
N ASN B 888 -29.46 -40.74 54.13
CA ASN B 888 -30.60 -41.50 53.65
C ASN B 888 -31.51 -41.94 54.80
N ILE B 889 -30.93 -42.42 55.90
CA ILE B 889 -31.73 -42.83 57.05
C ILE B 889 -32.33 -41.63 57.77
N SER B 890 -31.95 -40.41 57.36
CA SER B 890 -32.53 -39.17 57.86
C SER B 890 -32.17 -38.91 59.32
N VAL B 891 -30.88 -39.08 59.65
CA VAL B 891 -30.36 -38.54 60.90
C VAL B 891 -29.74 -37.16 60.69
N TYR B 892 -29.31 -36.85 59.47
CA TYR B 892 -28.63 -35.60 59.16
C TYR B 892 -29.29 -34.99 57.92
N ALA B 893 -29.87 -33.80 58.08
CA ALA B 893 -30.37 -33.07 56.93
C ALA B 893 -29.26 -32.24 56.31
N PHE B 894 -29.59 -31.57 55.20
CA PHE B 894 -28.65 -30.67 54.57
C PHE B 894 -29.41 -29.72 53.67
N ASN B 895 -29.07 -28.44 53.75
CA ASN B 895 -29.66 -27.40 52.91
C ASN B 895 -28.54 -26.69 52.17
N LYS B 896 -28.57 -26.76 50.86
CA LYS B 896 -27.55 -26.15 50.02
C LYS B 896 -27.92 -24.72 49.68
N SER B 897 -26.90 -23.90 49.44
CA SER B 897 -27.11 -22.50 49.13
C SER B 897 -25.91 -22.00 48.33
N TYR B 898 -26.11 -20.87 47.66
CA TYR B 898 -25.07 -20.22 46.88
C TYR B 898 -24.65 -18.94 47.59
N ASP B 899 -23.36 -18.63 47.55
CA ASP B 899 -22.83 -17.40 48.13
C ASP B 899 -22.14 -16.64 47.01
N TYR B 900 -22.75 -15.53 46.58
CA TYR B 900 -22.31 -14.83 45.38
C TYR B 900 -21.15 -13.89 45.63
N GLN B 901 -20.79 -13.63 46.89
CA GLN B 901 -19.68 -12.74 47.24
C GLN B 901 -18.60 -13.58 47.89
N SER B 902 -17.72 -14.16 47.08
CA SER B 902 -16.65 -15.01 47.58
C SER B 902 -15.47 -14.91 46.64
N VAL B 903 -14.28 -14.65 47.21
CA VAL B 903 -13.07 -14.72 46.42
C VAL B 903 -12.82 -16.18 46.02
N CYS B 904 -12.25 -16.36 44.84
CA CYS B 904 -12.09 -17.70 44.26
C CYS B 904 -10.66 -17.86 43.76
N GLU B 905 -10.17 -19.09 43.82
CA GLU B 905 -8.84 -19.37 43.31
C GLU B 905 -8.79 -19.10 41.81
N PRO B 906 -7.68 -18.60 41.28
CA PRO B 906 -7.64 -18.22 39.87
C PRO B 906 -7.69 -19.41 38.92
N GLY B 907 -8.88 -19.99 38.77
CA GLY B 907 -9.06 -21.08 37.84
C GLY B 907 -8.73 -20.71 36.41
N ALA B 908 -8.00 -21.57 35.72
CA ALA B 908 -7.57 -21.29 34.36
C ALA B 908 -8.71 -21.58 33.37
N ALA B 909 -8.42 -21.41 32.09
CA ALA B 909 -9.41 -21.66 31.04
C ALA B 909 -9.08 -22.94 30.28
N SER B 970 -3.07 -13.49 43.28
CA SER B 970 -4.33 -12.81 43.05
C SER B 970 -5.47 -13.81 42.86
N LYS B 971 -6.62 -13.53 43.45
CA LYS B 971 -7.78 -14.40 43.40
C LYS B 971 -8.98 -13.61 42.88
N GLN B 972 -9.78 -14.27 42.04
CA GLN B 972 -10.96 -13.65 41.44
C GLN B 972 -12.21 -13.96 42.28
N SER B 973 -13.37 -13.57 41.75
CA SER B 973 -14.64 -13.72 42.44
C SER B 973 -15.57 -14.61 41.62
N CYS B 974 -16.23 -15.55 42.31
CA CYS B 974 -17.19 -16.43 41.66
C CYS B 974 -18.19 -16.90 42.70
N ILE B 975 -19.33 -17.43 42.21
CA ILE B 975 -20.29 -18.06 43.09
C ILE B 975 -19.67 -19.32 43.69
N THR B 976 -20.10 -19.66 44.90
CA THR B 976 -19.56 -20.81 45.61
C THR B 976 -20.70 -21.53 46.30
N GLU B 977 -20.98 -22.76 45.88
CA GLU B 977 -22.03 -23.55 46.50
C GLU B 977 -21.62 -23.95 47.92
N GLN B 978 -22.54 -23.80 48.87
CA GLN B 978 -22.29 -24.11 50.26
C GLN B 978 -23.22 -25.22 50.72
N THR B 979 -22.75 -26.01 51.69
CA THR B 979 -23.52 -27.10 52.26
C THR B 979 -23.37 -27.08 53.78
N GLN B 980 -24.49 -27.35 54.47
CA GLN B 980 -24.51 -27.39 55.92
C GLN B 980 -25.41 -28.52 56.36
N TYR B 981 -25.01 -29.24 57.40
CA TYR B 981 -25.74 -30.41 57.88
C TYR B 981 -26.26 -30.16 59.29
N PHE B 982 -27.39 -30.80 59.61
CA PHE B 982 -28.02 -30.64 60.92
C PHE B 982 -28.98 -31.80 61.15
N PHE B 983 -29.52 -31.87 62.36
CA PHE B 983 -30.41 -32.95 62.75
C PHE B 983 -31.74 -32.85 62.01
N ASP B 984 -32.38 -34.01 61.83
CA ASP B 984 -33.70 -34.09 61.22
C ASP B 984 -34.82 -34.23 62.25
N ASN B 985 -34.79 -35.30 63.04
CA ASN B 985 -35.92 -35.73 63.84
C ASN B 985 -35.66 -35.45 65.30
N ASP B 986 -36.62 -35.83 66.14
CA ASP B 986 -36.53 -35.67 67.58
C ASP B 986 -36.19 -36.98 68.30
N SER B 987 -36.09 -38.08 67.57
CA SER B 987 -35.76 -39.35 68.20
C SER B 987 -34.29 -39.39 68.61
N LYS B 988 -33.96 -40.32 69.51
CA LYS B 988 -32.65 -40.36 70.13
C LYS B 988 -31.86 -41.63 69.84
N SER B 989 -32.49 -42.68 69.33
CA SER B 989 -31.80 -43.96 69.11
C SER B 989 -32.06 -44.43 67.69
N PHE B 990 -30.99 -44.79 66.99
CA PHE B 990 -31.09 -45.34 65.64
C PHE B 990 -30.19 -46.56 65.52
N SER B 991 -30.59 -47.50 64.68
CA SER B 991 -29.81 -48.70 64.44
C SER B 991 -30.21 -49.30 63.10
N GLY B 992 -29.31 -50.09 62.53
CA GLY B 992 -29.57 -50.72 61.26
C GLY B 992 -28.29 -51.25 60.64
N VAL B 993 -28.43 -51.72 59.41
CA VAL B 993 -27.33 -52.32 58.66
C VAL B 993 -27.24 -51.63 57.30
N LEU B 994 -26.02 -51.32 56.88
CA LEU B 994 -25.76 -50.77 55.56
C LEU B 994 -24.82 -51.69 54.80
N ASP B 995 -25.06 -51.80 53.49
CA ASP B 995 -24.29 -52.69 52.62
C ASP B 995 -23.70 -51.89 51.47
N CYS B 996 -22.38 -51.99 51.30
CA CYS B 996 -21.68 -51.32 50.21
C CYS B 996 -20.97 -52.31 49.29
N GLY B 997 -21.54 -53.49 49.07
CA GLY B 997 -20.97 -54.47 48.15
C GLY B 997 -20.43 -55.70 48.85
N ASN B 998 -21.23 -56.76 48.88
CA ASN B 998 -20.87 -58.01 49.56
C ASN B 998 -20.46 -57.75 51.00
N CYS B 999 -21.19 -56.86 51.67
CA CYS B 999 -20.84 -56.44 53.01
C CYS B 999 -22.10 -56.31 53.85
N SER B 1000 -21.93 -56.39 55.17
CA SER B 1000 -23.03 -56.26 56.13
C SER B 1000 -22.44 -55.66 57.40
N ARG B 1001 -22.76 -54.38 57.63
CA ARG B 1001 -22.23 -53.63 58.76
C ARG B 1001 -23.37 -53.10 59.62
N ILE B 1002 -23.48 -53.62 60.84
CA ILE B 1002 -24.50 -53.15 61.77
C ILE B 1002 -24.01 -51.86 62.44
N PHE B 1003 -24.96 -51.05 62.90
CA PHE B 1003 -24.63 -49.85 63.64
C PHE B 1003 -25.73 -49.52 64.62
N HIS B 1004 -25.38 -48.70 65.61
CA HIS B 1004 -26.34 -48.21 66.59
C HIS B 1004 -26.01 -46.76 66.89
N GLY B 1005 -26.98 -45.88 66.69
CA GLY B 1005 -26.80 -44.45 66.91
C GLY B 1005 -27.58 -43.98 68.12
N GLU B 1006 -26.91 -43.20 68.97
CA GLU B 1006 -27.56 -42.59 70.12
C GLU B 1006 -27.04 -41.18 70.30
N LYS B 1007 -27.97 -40.23 70.47
CA LYS B 1007 -27.63 -38.84 70.67
C LYS B 1007 -27.58 -38.53 72.17
N LEU B 1008 -26.55 -37.81 72.58
CA LEU B 1008 -26.45 -37.40 73.98
C LEU B 1008 -27.51 -36.34 74.29
N MET B 1009 -28.14 -36.48 75.45
CA MET B 1009 -29.19 -35.55 75.85
C MET B 1009 -28.60 -34.22 76.30
N ASN B 1010 -29.36 -33.15 76.07
CA ASN B 1010 -28.92 -31.79 76.40
C ASN B 1010 -27.55 -31.49 75.79
N THR B 1011 -27.34 -31.94 74.55
CA THR B 1011 -26.03 -31.95 73.96
C THR B 1011 -26.17 -32.27 72.48
N ASN B 1012 -25.35 -31.64 71.64
CA ASN B 1012 -25.46 -31.78 70.20
C ASN B 1012 -24.52 -32.84 69.63
N LEU B 1013 -24.01 -33.74 70.46
CA LEU B 1013 -23.20 -34.86 69.98
C LEU B 1013 -24.07 -36.08 69.67
N ILE B 1014 -23.53 -36.92 68.79
CA ILE B 1014 -24.18 -38.16 68.37
C ILE B 1014 -23.16 -39.28 68.43
N PHE B 1015 -23.53 -40.40 69.05
CA PHE B 1015 -22.67 -41.57 69.13
C PHE B 1015 -23.18 -42.63 68.16
N ILE B 1016 -22.33 -43.04 67.23
CA ILE B 1016 -22.60 -44.14 66.32
C ILE B 1016 -21.44 -45.13 66.35
N MET B 1017 -21.77 -46.41 66.25
CA MET B 1017 -20.80 -47.49 66.42
C MET B 1017 -20.90 -48.42 65.23
N VAL B 1018 -19.78 -48.63 64.53
CA VAL B 1018 -19.77 -49.37 63.27
C VAL B 1018 -18.57 -50.31 63.28
N GLU B 1019 -18.64 -51.35 62.45
CA GLU B 1019 -17.48 -52.19 62.21
C GLU B 1019 -16.35 -51.37 61.59
N SER B 1020 -15.12 -51.69 61.98
CA SER B 1020 -13.96 -50.96 61.46
C SER B 1020 -13.84 -51.17 59.96
N LYS B 1021 -13.37 -50.12 59.27
CA LYS B 1021 -13.30 -50.14 57.81
C LYS B 1021 -12.34 -51.22 57.29
N GLY B 1022 -11.41 -51.68 58.11
CA GLY B 1022 -10.52 -52.75 57.69
C GLY B 1022 -11.27 -54.04 57.39
N THR B 1023 -12.38 -54.28 58.08
CA THR B 1023 -13.15 -55.50 57.90
C THR B 1023 -13.93 -55.54 56.59
N CYS B 1024 -14.00 -54.42 55.85
CA CYS B 1024 -14.83 -54.42 54.65
C CYS B 1024 -14.19 -53.58 53.55
N PRO B 1025 -13.57 -54.21 52.55
CA PRO B 1025 -12.99 -53.46 51.44
C PRO B 1025 -14.07 -53.04 50.45
N CYS B 1026 -14.39 -51.75 50.43
CA CYS B 1026 -15.35 -51.21 49.49
C CYS B 1026 -15.08 -49.73 49.30
N ASP B 1027 -15.59 -49.18 48.20
CA ASP B 1027 -15.20 -47.87 47.71
C ASP B 1027 -16.38 -46.91 47.76
N THR B 1028 -16.11 -45.68 48.24
CA THR B 1028 -17.08 -44.61 48.23
C THR B 1028 -16.33 -43.29 48.09
N ARG B 1029 -16.91 -42.35 47.36
CA ARG B 1029 -16.29 -41.04 47.15
C ARG B 1029 -16.68 -40.08 48.27
N LEU B 1030 -15.79 -39.14 48.56
CA LEU B 1030 -15.96 -38.24 49.68
C LEU B 1030 -17.23 -37.40 49.53
N LEU B 1031 -18.01 -37.32 50.61
CA LEU B 1031 -19.08 -36.34 50.74
C LEU B 1031 -18.44 -35.10 51.35
N ILE B 1032 -18.00 -34.19 50.50
CA ILE B 1032 -17.28 -33.01 50.95
C ILE B 1032 -18.26 -31.94 51.38
N GLN B 1033 -18.09 -31.44 52.60
CA GLN B 1033 -18.85 -30.29 53.10
C GLN B 1033 -17.86 -29.13 53.21
N ALA B 1034 -17.69 -28.41 52.11
CA ALA B 1034 -16.78 -27.29 52.06
C ALA B 1034 -17.23 -26.36 50.94
N GLU B 1035 -16.74 -25.13 51.00
CA GLU B 1035 -17.07 -24.14 49.98
C GLU B 1035 -16.54 -24.59 48.63
N GLN B 1036 -17.44 -24.97 47.73
CA GLN B 1036 -17.09 -25.51 46.42
C GLN B 1036 -17.51 -24.52 45.34
N THR B 1037 -16.56 -24.15 44.48
CA THR B 1037 -16.86 -23.22 43.41
C THR B 1037 -17.84 -23.84 42.42
N SER B 1038 -18.83 -23.06 42.00
CA SER B 1038 -19.85 -23.53 41.08
C SER B 1038 -20.21 -22.38 40.13
N ASP B 1039 -21.26 -22.58 39.35
CA ASP B 1039 -21.73 -21.58 38.40
C ASP B 1039 -23.24 -21.37 38.41
N GLY B 1040 -24.01 -22.23 39.07
CA GLY B 1040 -25.45 -22.12 39.07
C GLY B 1040 -25.93 -20.94 39.89
N PRO B 1041 -27.25 -20.70 39.88
CA PRO B 1041 -28.31 -21.44 39.19
C PRO B 1041 -28.34 -21.14 37.69
N ASN B 1042 -28.99 -21.98 36.90
CA ASN B 1042 -29.03 -21.78 35.46
C ASN B 1042 -29.97 -20.63 35.11
N PRO B 1043 -29.49 -19.57 34.46
CA PRO B 1043 -30.40 -18.47 34.08
C PRO B 1043 -31.50 -18.90 33.14
N CYS B 1044 -31.26 -19.90 32.28
CA CYS B 1044 -32.27 -20.31 31.32
C CYS B 1044 -33.55 -20.78 32.00
N ASP B 1045 -33.42 -21.47 33.13
CA ASP B 1045 -34.58 -21.92 33.89
C ASP B 1045 -34.98 -20.93 34.99
N MET B 1046 -34.28 -19.81 35.10
CA MET B 1046 -34.61 -18.79 36.09
C MET B 1046 -35.43 -17.65 35.52
N VAL B 1047 -35.32 -17.37 34.21
CA VAL B 1047 -36.11 -16.33 33.58
C VAL B 1047 -37.49 -16.82 33.16
N LYS B 1048 -37.73 -18.12 33.17
CA LYS B 1048 -39.05 -18.67 32.88
C LYS B 1048 -39.96 -18.66 34.09
N GLN B 1049 -39.44 -18.27 35.26
CA GLN B 1049 -40.23 -18.10 36.47
C GLN B 1049 -39.57 -17.02 37.32
N PRO B 1050 -39.54 -15.77 36.85
CA PRO B 1050 -38.80 -14.73 37.57
C PRO B 1050 -39.46 -14.36 38.88
N ARG B 1051 -38.64 -13.90 39.82
CA ARG B 1051 -39.13 -13.48 41.11
C ARG B 1051 -39.91 -12.17 40.98
N TYR B 1052 -40.79 -11.92 41.93
CA TYR B 1052 -41.64 -10.75 41.89
C TYR B 1052 -40.82 -9.47 41.92
N ARG B 1053 -41.28 -8.47 41.16
CA ARG B 1053 -40.58 -7.19 41.06
C ARG B 1053 -41.58 -6.13 40.64
N LYS B 1054 -41.45 -4.94 41.22
CA LYS B 1054 -42.29 -3.80 40.89
C LYS B 1054 -41.42 -2.71 40.28
N GLY B 1055 -41.62 -2.44 39.00
CA GLY B 1055 -40.81 -1.47 38.30
C GLY B 1055 -41.21 -0.05 38.62
N PRO B 1056 -40.43 0.90 38.11
CA PRO B 1056 -40.74 2.31 38.33
C PRO B 1056 -42.10 2.69 37.73
N ASP B 1057 -42.78 3.60 38.42
CA ASP B 1057 -44.11 4.01 37.97
C ASP B 1057 -44.05 5.11 36.93
N VAL B 1058 -43.01 5.94 36.96
CA VAL B 1058 -42.92 7.06 36.03
C VAL B 1058 -42.57 6.56 34.63
N CYS B 1059 -42.94 7.35 33.63
CA CYS B 1059 -42.71 7.00 32.24
C CYS B 1059 -42.67 8.28 31.43
N PHE B 1060 -41.63 8.42 30.61
CA PHE B 1060 -41.42 9.62 29.80
C PHE B 1060 -41.00 9.22 28.40
N ASP B 1061 -41.97 9.13 27.50
CA ASP B 1061 -41.72 8.86 26.09
C ASP B 1061 -42.92 9.32 25.28
N ASN B 1062 -42.72 9.42 23.97
CA ASN B 1062 -43.78 9.76 23.02
C ASN B 1062 -44.40 11.12 23.34
N ASN B 1063 -43.59 12.17 23.21
CA ASN B 1063 -44.06 13.53 23.27
C ASN B 1063 -44.21 14.09 21.85
N VAL B 1064 -45.24 14.91 21.65
CA VAL B 1064 -45.56 15.39 20.32
C VAL B 1064 -44.83 16.68 19.94
N LEU B 1065 -44.16 17.33 20.89
CA LEU B 1065 -43.35 18.51 20.61
C LEU B 1065 -41.92 18.15 20.22
N GLU B 1066 -41.59 16.87 20.14
CA GLU B 1066 -40.23 16.45 19.86
C GLU B 1066 -39.83 16.84 18.44
N ASP B 1067 -38.52 16.97 18.22
CA ASP B 1067 -38.01 17.51 16.97
C ASP B 1067 -38.19 16.52 15.83
N TYR B 1068 -37.55 15.35 15.94
CA TYR B 1068 -37.56 14.28 14.93
C TYR B 1068 -36.68 14.62 13.74
N THR B 1069 -36.16 15.85 13.68
CA THR B 1069 -35.43 16.32 12.51
C THR B 1069 -33.92 16.11 12.64
N ASP B 1070 -33.45 15.47 13.70
CA ASP B 1070 -32.03 15.29 13.94
C ASP B 1070 -31.71 13.79 13.99
N CYS B 1071 -31.47 13.20 12.83
CA CYS B 1071 -30.86 11.88 12.75
C CYS B 1071 -29.35 12.05 12.65
N GLY B 1072 -28.64 10.96 12.37
CA GLY B 1072 -27.22 11.02 12.10
C GLY B 1072 -26.85 11.08 10.64
N GLY B 1073 -27.83 11.01 9.74
CA GLY B 1073 -27.56 11.03 8.32
C GLY B 1073 -28.18 12.21 7.61
N VAL B 1074 -28.86 13.07 8.37
CA VAL B 1074 -29.44 14.28 7.80
C VAL B 1074 -28.34 15.17 7.23
N SER B 1075 -27.19 15.22 7.91
CA SER B 1075 -26.05 15.97 7.38
C SER B 1075 -25.57 15.38 6.05
N GLY B 1076 -25.53 14.06 5.96
CA GLY B 1076 -25.11 13.39 4.74
C GLY B 1076 -24.23 12.19 4.97
N GLU C 38 53.89 46.55 -96.05
CA GLU C 38 52.50 46.44 -96.46
C GLU C 38 51.65 47.54 -95.81
N SER C 39 51.62 48.71 -96.45
CA SER C 39 50.85 49.82 -95.92
C SER C 39 49.34 49.62 -96.09
N ALA C 40 48.92 48.78 -97.03
CA ALA C 40 47.49 48.60 -97.27
C ALA C 40 46.81 47.95 -96.06
N ARG C 41 47.42 46.93 -95.47
CA ARG C 41 46.80 46.23 -94.36
C ARG C 41 46.89 47.04 -93.07
N ARG C 42 47.99 47.76 -92.86
CA ARG C 42 48.20 48.48 -91.61
C ARG C 42 47.30 49.70 -91.49
N GLU C 43 47.00 50.36 -92.61
CA GLU C 43 46.28 51.62 -92.56
C GLU C 43 44.83 51.45 -92.10
N VAL C 44 44.19 50.33 -92.46
CA VAL C 44 42.79 50.10 -92.15
C VAL C 44 42.58 48.93 -91.21
N GLU C 45 43.65 48.40 -90.62
CA GLU C 45 43.50 47.28 -89.68
C GLU C 45 42.78 47.72 -88.41
N SER C 46 43.08 48.92 -87.92
CA SER C 46 42.54 49.41 -86.66
C SER C 46 41.28 50.24 -86.83
N GLN C 47 40.65 50.20 -88.01
CA GLN C 47 39.41 50.95 -88.22
C GLN C 47 38.31 50.47 -87.29
N ALA C 48 38.18 49.15 -87.15
CA ALA C 48 37.19 48.59 -86.23
C ALA C 48 37.63 48.69 -84.77
N GLN C 49 38.93 48.90 -84.52
CA GLN C 49 39.45 49.01 -83.16
C GLN C 49 39.24 50.39 -82.56
N GLN C 50 38.74 51.35 -83.32
CA GLN C 50 38.52 52.71 -82.84
C GLN C 50 37.05 53.11 -82.90
N GLN C 51 36.33 52.67 -83.93
CA GLN C 51 34.93 53.02 -84.12
C GLN C 51 33.97 52.29 -83.17
N LEU C 52 34.43 51.23 -82.53
CA LEU C 52 33.61 50.48 -81.59
C LEU C 52 33.77 50.95 -80.15
N GLU C 53 34.64 51.93 -79.89
CA GLU C 53 34.87 52.44 -78.55
C GLU C 53 34.64 53.93 -78.40
N ARG C 54 34.64 54.70 -79.50
CA ARG C 54 34.37 56.12 -79.40
C ARG C 54 32.96 56.38 -78.87
N ALA C 55 31.98 55.64 -79.39
CA ALA C 55 30.60 55.73 -78.92
C ALA C 55 30.31 54.63 -77.91
N LYS C 56 31.02 54.68 -76.78
CA LYS C 56 30.87 53.66 -75.75
C LYS C 56 29.50 53.68 -75.10
N HIS C 57 28.75 54.78 -75.24
CA HIS C 57 27.40 54.89 -74.72
C HIS C 57 26.34 54.76 -75.80
N LYS C 58 26.67 54.13 -76.91
CA LYS C 58 25.71 54.01 -78.01
C LYS C 58 24.52 53.17 -77.58
N PRO C 59 23.29 53.57 -77.96
CA PRO C 59 22.10 52.82 -77.53
C PRO C 59 21.80 51.65 -78.43
N VAL C 60 21.66 50.46 -77.83
CA VAL C 60 21.43 49.25 -78.61
C VAL C 60 19.98 49.19 -79.07
N ALA C 61 19.77 48.50 -80.19
CA ALA C 61 18.45 48.33 -80.77
C ALA C 61 18.40 47.02 -81.53
N PHE C 62 17.18 46.57 -81.81
CA PHE C 62 16.94 45.29 -82.49
C PHE C 62 17.59 44.14 -81.72
N ALA C 63 17.85 43.02 -82.39
CA ALA C 63 18.43 41.86 -81.73
C ALA C 63 18.85 40.84 -82.77
N VAL C 64 19.68 39.90 -82.33
CA VAL C 64 20.19 38.81 -83.17
C VAL C 64 20.08 37.50 -82.40
N ARG C 65 19.66 36.44 -83.09
CA ARG C 65 19.72 35.09 -82.55
C ARG C 65 20.37 34.18 -83.59
N THR C 66 21.32 33.36 -83.14
CA THR C 66 22.10 32.53 -84.04
C THR C 66 21.41 31.19 -84.29
N ASN C 67 21.84 30.53 -85.36
CA ASN C 67 21.35 29.19 -85.67
C ASN C 67 22.52 28.25 -85.93
N VAL C 68 23.61 28.77 -86.48
CA VAL C 68 24.80 28.00 -86.79
C VAL C 68 26.01 28.67 -86.14
N SER C 69 26.80 27.89 -85.43
CA SER C 69 27.99 28.38 -84.74
C SER C 69 29.22 27.85 -85.47
N TYR C 70 29.87 28.73 -86.24
CA TYR C 70 31.06 28.39 -87.00
C TYR C 70 32.22 29.27 -86.57
N CYS C 71 33.40 28.68 -86.47
CA CYS C 71 34.56 29.37 -85.95
C CYS C 71 35.09 30.37 -86.97
N GLY C 72 36.19 31.04 -86.62
CA GLY C 72 36.74 32.07 -87.48
C GLY C 72 38.24 31.98 -87.70
N VAL C 73 38.84 30.83 -87.40
CA VAL C 73 40.25 30.64 -87.68
C VAL C 73 40.50 30.63 -89.19
N LEU C 74 39.70 29.85 -89.92
CA LEU C 74 39.75 29.83 -91.37
C LEU C 74 38.77 30.80 -92.01
N ASP C 75 37.88 31.40 -91.22
CA ASP C 75 36.83 32.28 -91.71
C ASP C 75 36.83 33.61 -90.96
N GLU C 76 38.02 34.16 -90.73
CA GLU C 76 38.12 35.43 -90.02
C GLU C 76 37.44 36.55 -90.81
N GLU C 77 38.02 36.91 -91.95
CA GLU C 77 37.46 37.89 -92.90
C GLU C 77 36.81 39.08 -92.17
N CYS C 78 37.61 39.74 -91.33
CA CYS C 78 37.08 40.88 -90.60
C CYS C 78 38.21 41.78 -90.15
N PRO C 79 38.04 43.10 -90.20
CA PRO C 79 39.05 44.01 -89.63
C PRO C 79 39.12 43.96 -88.11
N VAL C 80 38.11 43.36 -87.45
CA VAL C 80 38.12 43.26 -85.99
C VAL C 80 39.25 42.36 -85.53
N GLN C 81 39.65 41.37 -86.36
CA GLN C 81 40.68 40.40 -86.03
C GLN C 81 40.31 39.52 -84.84
N GLY C 82 39.01 39.35 -84.60
CA GLY C 82 38.58 38.50 -83.51
C GLY C 82 38.76 37.02 -83.84
N SER C 83 38.69 36.19 -82.79
CA SER C 83 38.87 34.77 -82.96
C SER C 83 37.76 34.16 -83.81
N GLY C 84 36.52 34.56 -83.56
CA GLY C 84 35.40 34.02 -84.31
C GLY C 84 34.09 34.40 -83.67
N VAL C 85 33.03 33.77 -84.17
CA VAL C 85 31.67 34.02 -83.69
C VAL C 85 31.10 32.71 -83.15
N ASN C 86 31.98 31.79 -82.76
CA ASN C 86 31.58 30.49 -82.25
C ASN C 86 31.05 30.60 -80.81
N PHE C 87 29.98 31.37 -80.65
CA PHE C 87 29.43 31.60 -79.32
C PHE C 87 28.51 30.45 -78.89
N GLU C 88 27.39 30.28 -79.59
CA GLU C 88 26.42 29.23 -79.34
C GLU C 88 25.29 29.39 -80.35
N ALA C 89 24.38 28.42 -80.36
CA ALA C 89 23.15 28.53 -81.13
C ALA C 89 22.12 29.34 -80.35
N LYS C 90 21.44 30.24 -81.05
CA LYS C 90 20.49 31.19 -80.45
C LYS C 90 21.18 32.00 -79.35
N ASP C 91 22.31 32.60 -79.72
CA ASP C 91 23.08 33.40 -78.78
C ASP C 91 22.34 34.69 -78.42
N PHE C 92 22.70 35.24 -77.27
CA PHE C 92 22.07 36.45 -76.73
C PHE C 92 22.97 37.64 -77.08
N LEU C 93 22.59 38.39 -78.11
CA LEU C 93 23.30 39.61 -78.47
C LEU C 93 22.41 40.42 -79.39
N HIS C 94 22.44 41.75 -79.22
CA HIS C 94 21.64 42.67 -80.02
C HIS C 94 22.57 43.59 -80.77
N ILE C 95 22.24 43.88 -82.03
CA ILE C 95 23.07 44.73 -82.88
C ILE C 95 22.20 45.81 -83.52
N LYS C 96 22.74 47.02 -83.59
CA LYS C 96 22.11 48.14 -84.28
C LYS C 96 23.08 48.98 -85.10
N GLU C 97 24.39 48.74 -85.01
CA GLU C 97 25.37 49.53 -85.74
C GLU C 97 25.25 49.26 -87.23
N LYS C 98 24.71 50.22 -87.98
CA LYS C 98 24.47 50.06 -89.41
C LYS C 98 25.80 50.16 -90.15
N TYR C 99 26.53 49.04 -90.16
CA TYR C 99 27.80 48.95 -90.85
C TYR C 99 27.55 48.65 -92.33
N SER C 100 28.61 48.29 -93.05
CA SER C 100 28.49 47.97 -94.47
C SER C 100 27.67 46.70 -94.66
N ASN C 101 27.43 46.36 -95.94
CA ASN C 101 26.61 45.22 -96.30
C ASN C 101 27.35 43.89 -96.23
N ASP C 102 28.50 43.85 -95.57
CA ASP C 102 29.31 42.64 -95.50
C ASP C 102 29.42 42.06 -94.10
N TRP C 103 29.62 42.89 -93.08
CA TRP C 103 29.74 42.41 -91.72
C TRP C 103 29.16 43.45 -90.77
N TRP C 104 28.86 43.00 -89.55
CA TRP C 104 28.16 43.82 -88.55
C TRP C 104 28.85 43.65 -87.20
N ILE C 105 29.59 44.66 -86.78
CA ILE C 105 30.23 44.65 -85.48
C ILE C 105 29.26 45.21 -84.44
N GLY C 106 29.07 44.48 -83.35
CA GLY C 106 28.08 44.84 -82.34
C GLY C 106 28.54 44.56 -80.94
N ARG C 107 27.60 44.15 -80.09
CA ARG C 107 27.82 44.01 -78.66
C ARG C 107 27.30 42.67 -78.18
N LEU C 108 28.02 42.06 -77.23
CA LEU C 108 27.60 40.83 -76.58
C LEU C 108 27.21 41.16 -75.15
N VAL C 109 26.02 40.72 -74.74
CA VAL C 109 25.49 41.04 -73.42
C VAL C 109 25.92 39.96 -72.44
N LYS C 110 26.66 40.36 -71.41
CA LYS C 110 27.14 39.44 -70.38
C LYS C 110 27.46 40.26 -69.15
N GLU C 111 28.17 39.65 -68.19
CA GLU C 111 28.54 40.35 -66.96
C GLU C 111 29.35 41.61 -67.25
N GLY C 112 30.15 41.60 -68.31
CA GLY C 112 30.94 42.76 -68.72
C GLY C 112 30.32 43.42 -69.93
N GLY C 113 30.36 44.75 -69.95
CA GLY C 113 29.80 45.51 -71.05
C GLY C 113 30.79 45.76 -72.16
N ASP C 114 31.42 44.70 -72.68
CA ASP C 114 32.41 44.81 -73.73
C ASP C 114 31.72 44.71 -75.10
N ILE C 115 32.51 44.69 -76.16
CA ILE C 115 31.99 44.65 -77.51
C ILE C 115 32.21 43.26 -78.10
N ALA C 116 31.61 43.01 -79.26
CA ALA C 116 31.74 41.74 -79.94
C ALA C 116 31.64 41.97 -81.44
N PHE C 117 31.44 40.90 -82.20
CA PHE C 117 31.35 40.98 -83.65
C PHE C 117 30.61 39.74 -84.16
N ILE C 118 29.69 39.95 -85.08
CA ILE C 118 28.91 38.84 -85.66
C ILE C 118 28.86 38.99 -87.18
N PRO C 119 28.74 37.89 -87.92
CA PRO C 119 28.62 38.01 -89.38
C PRO C 119 27.29 38.63 -89.78
N SER C 120 27.27 39.25 -90.95
CA SER C 120 26.05 39.82 -91.48
C SER C 120 25.06 38.71 -91.83
N PRO C 121 23.74 39.00 -91.74
CA PRO C 121 22.76 37.98 -92.14
C PRO C 121 22.94 37.50 -93.57
N GLN C 122 23.28 38.40 -94.49
CA GLN C 122 23.59 37.97 -95.86
C GLN C 122 24.94 37.28 -95.94
N ARG C 123 25.89 37.69 -95.09
CA ARG C 123 27.20 37.05 -95.07
C ARG C 123 27.09 35.58 -94.66
N LEU C 124 26.28 35.29 -93.63
CA LEU C 124 26.12 33.91 -93.21
C LEU C 124 25.47 33.05 -94.29
N GLU C 125 24.47 33.62 -94.99
CA GLU C 125 23.77 32.85 -96.02
C GLU C 125 24.72 32.44 -97.15
N SER C 126 25.60 33.35 -97.58
CA SER C 126 26.51 33.05 -98.67
C SER C 126 27.71 32.21 -98.24
N ILE C 127 28.00 32.16 -96.94
CA ILE C 127 29.18 31.44 -96.45
C ILE C 127 28.81 30.13 -95.77
N ARG C 128 27.57 29.96 -95.31
CA ARG C 128 27.17 28.70 -94.68
C ARG C 128 27.38 27.52 -95.63
N LEU C 129 27.35 27.75 -96.94
CA LEU C 129 27.67 26.74 -97.93
C LEU C 129 29.10 26.86 -98.46
N LYS C 130 29.79 27.96 -98.16
CA LYS C 130 31.19 28.08 -98.55
C LYS C 130 32.05 27.05 -97.83
N GLN C 131 31.76 26.79 -96.55
CA GLN C 131 32.47 25.74 -95.83
C GLN C 131 32.27 24.38 -96.50
N GLU C 132 31.11 24.17 -97.11
CA GLU C 132 30.84 22.95 -97.86
C GLU C 132 31.12 23.12 -99.35
N GLN C 133 31.57 24.31 -99.78
CA GLN C 133 31.91 24.49 -101.19
C GLN C 133 33.09 23.62 -101.59
N LYS C 134 34.10 23.53 -100.74
CA LYS C 134 35.27 22.68 -101.00
C LYS C 134 35.08 21.29 -100.41
N ALA C 135 33.98 20.64 -100.78
CA ALA C 135 33.64 19.31 -100.31
C ALA C 135 33.60 18.31 -101.47
N ARG C 136 34.51 18.49 -102.43
CA ARG C 136 34.65 17.69 -103.65
C ARG C 136 33.31 17.23 -104.21
N ARG C 137 32.94 15.97 -103.96
CA ARG C 137 31.69 15.40 -104.48
C ARG C 137 30.53 15.86 -103.61
N SER C 138 30.08 17.08 -103.88
CA SER C 138 28.94 17.65 -103.15
C SER C 138 27.65 17.65 -103.96
N GLY C 139 27.73 17.48 -105.28
CA GLY C 139 26.53 17.53 -106.11
C GLY C 139 25.87 16.20 -106.36
N ASN C 140 26.64 15.23 -106.87
CA ASN C 140 26.08 13.94 -107.27
C ASN C 140 27.14 12.88 -107.53
N PRO C 141 28.29 13.19 -108.15
CA PRO C 141 29.32 12.17 -108.32
C PRO C 141 29.81 11.61 -106.99
N SER C 142 30.55 10.50 -107.08
CA SER C 142 31.05 9.80 -105.91
C SER C 142 32.52 9.46 -106.11
N SER C 143 33.23 9.27 -105.00
CA SER C 143 34.65 8.95 -105.01
C SER C 143 34.91 7.46 -104.80
N LEU C 144 33.88 6.62 -104.91
CA LEU C 144 34.02 5.18 -104.69
C LEU C 144 34.63 4.50 -105.92
N SER C 145 35.87 4.90 -106.22
CA SER C 145 36.66 4.35 -107.31
C SER C 145 35.98 4.51 -108.67
N ASP C 146 35.06 5.46 -108.79
CA ASP C 146 34.35 5.73 -110.04
C ASP C 146 34.57 7.20 -110.39
N ILE C 147 35.66 7.47 -111.11
CA ILE C 147 36.02 8.82 -111.52
C ILE C 147 36.01 8.87 -113.04
N GLY C 148 35.27 9.82 -113.59
CA GLY C 148 35.20 9.98 -115.03
C GLY C 148 33.86 9.60 -115.62
N ASN C 149 32.88 9.30 -114.77
CA ASN C 149 31.54 8.97 -115.25
C ASN C 149 30.92 10.15 -115.98
N ARG C 150 30.71 11.26 -115.27
CA ARG C 150 30.17 12.47 -115.85
C ARG C 150 31.04 13.70 -115.60
N ARG C 151 31.78 13.74 -114.50
CA ARG C 151 32.65 14.87 -114.13
C ARG C 151 31.78 16.12 -114.05
N SER C 152 32.17 17.24 -114.67
CA SER C 152 31.43 18.51 -114.71
C SER C 152 31.36 19.15 -113.32
N PRO C 153 31.28 20.47 -113.25
CA PRO C 153 31.14 21.11 -111.94
C PRO C 153 29.84 20.70 -111.29
N PRO C 154 29.79 20.72 -109.96
CA PRO C 154 28.56 20.32 -109.26
C PRO C 154 27.40 21.22 -109.66
N PRO C 155 26.18 20.69 -109.68
CA PRO C 155 25.04 21.48 -110.14
C PRO C 155 24.77 22.67 -109.23
N SER C 156 24.15 23.70 -109.80
CA SER C 156 23.82 24.91 -109.06
C SER C 156 22.81 24.68 -107.95
N LEU C 157 22.12 23.53 -107.95
CA LEU C 157 21.17 23.23 -106.88
C LEU C 157 21.85 23.16 -105.52
N ALA C 158 23.14 22.85 -105.48
CA ALA C 158 23.90 22.84 -104.23
C ALA C 158 24.42 24.24 -103.90
N LYS C 159 23.52 25.21 -103.90
CA LYS C 159 23.86 26.60 -103.62
C LYS C 159 22.58 27.30 -103.16
N GLN C 160 22.62 28.64 -103.12
CA GLN C 160 21.47 29.44 -102.72
C GLN C 160 20.54 29.75 -103.88
N LYS C 161 20.71 29.08 -105.03
CA LYS C 161 19.84 29.35 -106.17
C LYS C 161 18.40 28.96 -105.88
N GLN C 162 18.20 27.82 -105.22
CA GLN C 162 16.85 27.37 -104.86
C GLN C 162 16.64 27.38 -103.35
N LYS C 163 17.45 26.63 -102.60
CA LYS C 163 17.40 26.53 -101.14
C LYS C 163 15.98 26.56 -100.59
N GLN C 164 15.05 25.87 -101.27
CA GLN C 164 13.64 25.96 -100.93
C GLN C 164 13.22 24.77 -100.06
N ALA C 165 13.77 24.74 -98.84
CA ALA C 165 13.27 23.81 -97.83
C ALA C 165 12.04 24.39 -97.14
N GLU C 166 12.21 25.50 -96.42
CA GLU C 166 11.08 26.27 -95.91
C GLU C 166 11.31 27.76 -96.04
N HIS C 167 12.31 28.19 -96.82
CA HIS C 167 12.72 29.60 -96.91
C HIS C 167 13.05 30.16 -95.53
N VAL C 168 13.88 29.43 -94.80
CA VAL C 168 14.33 29.86 -93.47
C VAL C 168 15.34 30.99 -93.64
N PRO C 169 15.09 32.16 -93.08
CA PRO C 169 16.01 33.29 -93.25
C PRO C 169 17.21 33.15 -92.34
N PRO C 170 18.19 34.06 -92.46
CA PRO C 170 19.28 34.11 -91.49
C PRO C 170 18.80 34.67 -90.15
N TYR C 171 19.73 34.95 -89.24
CA TYR C 171 19.44 35.38 -87.88
C TYR C 171 18.22 36.30 -87.81
N ASP C 172 17.29 35.96 -86.93
CA ASP C 172 16.06 36.70 -86.76
C ASP C 172 16.21 37.71 -85.62
N VAL C 173 15.12 38.41 -85.34
CA VAL C 173 15.12 39.51 -84.38
C VAL C 173 14.11 39.24 -83.27
N VAL C 174 14.51 39.58 -82.04
CA VAL C 174 13.62 39.52 -80.88
C VAL C 174 13.61 40.90 -80.25
N PRO C 175 12.75 41.18 -79.27
CA PRO C 175 12.80 42.47 -78.59
C PRO C 175 14.14 42.69 -77.89
N SER C 176 14.29 43.90 -77.33
CA SER C 176 15.54 44.26 -76.64
C SER C 176 15.88 43.28 -75.52
N MET C 177 14.88 42.66 -74.91
CA MET C 177 15.11 41.46 -74.11
C MET C 177 14.15 40.36 -74.56
N ARG C 178 14.22 39.21 -73.91
CA ARG C 178 13.30 38.19 -74.39
C ARG C 178 11.96 38.31 -73.69
N PRO C 179 10.85 38.14 -74.39
CA PRO C 179 9.54 38.21 -73.73
C PRO C 179 9.40 37.15 -72.66
N VAL C 180 8.42 37.35 -71.79
CA VAL C 180 8.21 36.48 -70.63
C VAL C 180 6.83 35.84 -70.75
N VAL C 181 6.80 34.51 -70.74
CA VAL C 181 5.56 33.75 -70.72
C VAL C 181 5.58 32.86 -69.49
N LEU C 182 4.52 32.94 -68.69
CA LEU C 182 4.45 32.26 -67.39
C LEU C 182 3.43 31.12 -67.51
N VAL C 183 3.93 29.93 -67.81
CA VAL C 183 3.06 28.77 -67.95
C VAL C 183 2.81 28.13 -66.59
N GLY C 184 1.74 27.35 -66.51
CA GLY C 184 1.38 26.66 -65.30
C GLY C 184 0.50 27.49 -64.40
N PRO C 185 -0.15 26.84 -63.42
CA PRO C 185 -0.11 25.39 -63.15
C PRO C 185 -1.09 24.62 -64.03
N SER C 186 -2.04 25.31 -64.65
CA SER C 186 -3.02 24.68 -65.53
C SER C 186 -3.44 25.72 -66.56
N LEU C 187 -4.57 25.48 -67.22
CA LEU C 187 -5.09 26.42 -68.21
C LEU C 187 -5.33 27.78 -67.58
N LYS C 188 -4.72 28.81 -68.16
CA LYS C 188 -4.74 30.15 -67.58
C LYS C 188 -6.15 30.73 -67.60
N GLY C 189 -6.40 31.65 -66.67
CA GLY C 189 -7.68 32.31 -66.56
C GLY C 189 -8.76 31.50 -65.88
N TYR C 190 -8.41 30.38 -65.27
CA TYR C 190 -9.39 29.48 -64.64
C TYR C 190 -9.13 29.45 -63.13
N GLU C 191 -9.72 30.43 -62.43
CA GLU C 191 -9.73 30.46 -60.97
C GLU C 191 -8.34 30.31 -60.37
N VAL C 192 -8.02 29.07 -59.96
CA VAL C 192 -6.77 28.81 -59.25
C VAL C 192 -5.56 29.11 -60.13
N THR C 193 -5.63 28.73 -61.41
CA THR C 193 -4.47 28.78 -62.29
C THR C 193 -3.93 30.19 -62.42
N ASP C 194 -4.74 31.11 -62.96
CA ASP C 194 -4.29 32.48 -63.14
C ASP C 194 -4.05 33.19 -61.83
N MET C 195 -4.72 32.79 -60.76
CA MET C 195 -4.52 33.40 -59.45
C MET C 195 -3.18 33.00 -58.83
N MET C 196 -2.57 31.90 -59.31
CA MET C 196 -1.18 31.63 -59.00
C MET C 196 -0.24 32.65 -59.65
N GLN C 197 -0.65 33.26 -60.76
CA GLN C 197 0.18 34.24 -61.43
C GLN C 197 0.10 35.62 -60.78
N LYS C 198 -1.03 35.94 -60.14
CA LYS C 198 -1.16 37.23 -59.48
C LYS C 198 -0.23 37.32 -58.28
N ALA C 199 -0.04 36.22 -57.55
CA ALA C 199 0.78 36.24 -56.35
C ALA C 199 2.23 36.59 -56.68
N LEU C 200 2.82 35.90 -57.66
CA LEU C 200 4.20 36.18 -58.03
C LEU C 200 4.36 37.50 -58.77
N PHE C 201 3.28 38.03 -59.31
CA PHE C 201 3.39 39.23 -60.13
C PHE C 201 4.00 40.41 -59.44
N ASP C 202 3.34 40.86 -58.40
CA ASP C 202 3.82 42.02 -57.67
C ASP C 202 5.31 42.03 -57.69
N PHE C 203 5.94 41.03 -57.11
CA PHE C 203 7.38 40.95 -57.10
C PHE C 203 8.02 41.62 -58.29
N LEU C 204 8.16 40.89 -59.37
CA LEU C 204 8.84 41.43 -60.52
C LEU C 204 8.58 42.91 -60.70
N LYS C 205 7.35 43.28 -61.01
CA LYS C 205 7.09 44.69 -61.30
C LYS C 205 7.29 45.57 -60.11
N HIS C 206 6.62 45.24 -59.03
CA HIS C 206 6.76 46.02 -57.82
C HIS C 206 8.11 45.73 -57.18
N ARG C 207 9.15 45.56 -57.99
CA ARG C 207 10.49 45.37 -57.46
C ARG C 207 11.51 46.05 -58.35
N PHE C 208 11.17 46.30 -59.61
CA PHE C 208 12.09 47.06 -60.45
C PHE C 208 11.55 48.44 -60.76
N ASP C 209 10.32 48.51 -61.26
CA ASP C 209 9.75 49.79 -61.65
C ASP C 209 10.69 50.54 -62.59
N GLY C 210 11.60 49.82 -63.22
CA GLY C 210 12.54 50.43 -64.15
C GLY C 210 13.04 49.41 -65.13
N ARG C 211 12.25 48.37 -65.35
CA ARG C 211 12.65 47.31 -66.25
C ARG C 211 11.43 46.47 -66.52
N ILE C 212 10.31 46.88 -65.97
CA ILE C 212 9.12 46.10 -66.12
C ILE C 212 7.97 46.96 -66.53
N SER C 213 7.35 46.63 -67.65
CA SER C 213 6.16 47.33 -68.05
C SER C 213 5.14 46.25 -68.32
N ILE C 214 4.45 45.81 -67.29
CA ILE C 214 3.42 44.78 -67.45
C ILE C 214 2.40 45.07 -68.57
N THR C 215 1.80 44.03 -69.16
CA THR C 215 0.76 44.25 -70.16
C THR C 215 -0.15 43.03 -70.40
N ARG C 216 -1.42 43.26 -70.80
CA ARG C 216 -2.31 42.13 -71.01
C ARG C 216 -2.71 42.08 -72.47
N VAL C 217 -2.80 40.88 -73.03
CA VAL C 217 -3.16 40.67 -74.42
C VAL C 217 -4.25 39.61 -74.48
N THR C 218 -5.42 40.00 -74.99
CA THR C 218 -6.47 39.02 -75.28
C THR C 218 -6.33 38.50 -76.70
N ALA C 219 -5.12 38.03 -77.02
CA ALA C 219 -4.78 37.64 -78.38
C ALA C 219 -4.21 36.24 -78.38
N ASP C 220 -4.64 35.45 -79.36
CA ASP C 220 -4.23 34.06 -79.48
C ASP C 220 -2.80 34.03 -80.04
N LEU C 221 -1.81 33.94 -79.14
CA LEU C 221 -0.43 33.82 -79.57
C LEU C 221 -0.13 32.42 -80.11
N SER C 222 -0.83 31.41 -79.59
CA SER C 222 -0.53 30.03 -79.95
C SER C 222 -0.77 29.73 -81.42
N LEU C 223 -1.80 30.31 -82.04
CA LEU C 223 -2.07 30.13 -83.46
C LEU C 223 -1.53 31.26 -84.30
N ALA C 224 -0.60 32.05 -83.75
CA ALA C 224 -0.04 33.22 -84.43
C ALA C 224 1.37 32.90 -84.90
N LYS C 225 1.60 33.05 -86.21
CA LYS C 225 2.91 32.82 -86.79
C LYS C 225 3.13 33.82 -87.91
N ARG C 226 4.35 34.33 -88.02
CA ARG C 226 4.68 35.39 -88.98
C ARG C 226 5.32 34.86 -90.25
N SER C 227 5.30 33.55 -90.47
CA SER C 227 5.78 32.99 -91.73
C SER C 227 4.67 33.04 -92.78
N VAL C 228 4.12 34.23 -92.99
CA VAL C 228 3.06 34.40 -93.98
C VAL C 228 3.65 34.27 -95.39
N LEU C 229 2.83 33.79 -96.32
CA LEU C 229 3.30 33.58 -97.69
C LEU C 229 3.78 34.88 -98.32
N ASN C 230 2.87 35.81 -98.53
CA ASN C 230 3.27 37.09 -99.12
C ASN C 230 2.82 38.30 -98.31
N ASN C 231 1.64 38.25 -97.70
CA ASN C 231 1.11 39.41 -96.99
C ASN C 231 -0.01 39.00 -96.03
N PRO C 232 0.07 39.40 -94.76
CA PRO C 232 -1.03 39.12 -93.84
C PRO C 232 -2.21 40.06 -94.07
N GLY C 233 -3.35 39.67 -93.53
CA GLY C 233 -4.55 40.48 -93.61
C GLY C 233 -4.40 41.82 -92.93
N LYS C 234 -4.77 42.89 -93.64
CA LYS C 234 -4.62 44.24 -93.10
C LYS C 234 -5.92 45.03 -93.22
N ARG C 235 -6.75 44.69 -94.20
CA ARG C 235 -8.00 45.38 -94.42
C ARG C 235 -9.10 44.78 -93.54
N THR C 236 -10.32 45.28 -93.69
CA THR C 236 -11.42 44.82 -92.86
C THR C 236 -12.63 44.38 -93.68
N ILE C 237 -12.82 44.99 -94.86
CA ILE C 237 -13.96 44.66 -95.71
C ILE C 237 -13.50 44.37 -97.13
N ILE C 238 -12.23 43.97 -97.29
CA ILE C 238 -11.67 43.73 -98.60
C ILE C 238 -12.25 42.50 -99.29
N GLU C 239 -13.02 41.67 -98.56
CA GLU C 239 -13.64 40.47 -99.11
C GLU C 239 -12.59 39.51 -99.67
N ARG C 240 -11.76 39.01 -98.77
CA ARG C 240 -10.71 38.05 -99.11
C ARG C 240 -10.89 36.79 -98.26
N SER C 241 -10.20 35.72 -98.68
CA SER C 241 -10.33 34.44 -97.99
C SER C 241 -9.82 34.50 -96.55
N SER C 242 -8.93 35.43 -96.24
CA SER C 242 -8.41 35.57 -94.89
C SER C 242 -8.74 36.94 -94.30
N ALA C 243 -9.97 37.39 -94.52
CA ALA C 243 -10.41 38.70 -94.02
C ALA C 243 -10.93 38.62 -92.59
N ARG C 244 -11.91 37.76 -92.34
CA ARG C 244 -12.49 37.60 -91.01
C ARG C 244 -11.66 36.58 -90.22
N SER C 245 -10.44 36.98 -89.90
CA SER C 245 -9.50 36.14 -89.18
C SER C 245 -8.81 36.95 -88.08
N SER C 246 -8.34 36.24 -87.06
CA SER C 246 -7.64 36.86 -85.94
C SER C 246 -6.19 37.18 -86.25
N ILE C 247 -5.69 36.80 -87.44
CA ILE C 247 -4.30 37.07 -87.79
C ILE C 247 -4.04 38.57 -87.81
N ALA C 248 -4.97 39.34 -88.37
CA ALA C 248 -4.80 40.79 -88.43
C ALA C 248 -4.74 41.40 -87.03
N GLU C 249 -5.59 40.94 -86.13
CA GLU C 249 -5.66 41.48 -84.78
C GLU C 249 -4.67 40.82 -83.82
N VAL C 250 -3.98 39.75 -84.24
CA VAL C 250 -2.90 39.19 -83.44
C VAL C 250 -1.53 39.70 -83.86
N GLN C 251 -1.36 40.13 -85.11
CA GLN C 251 -0.12 40.78 -85.52
C GLN C 251 -0.05 42.22 -85.02
N SER C 252 -1.19 42.81 -84.66
CA SER C 252 -1.22 44.19 -84.20
C SER C 252 -0.55 44.37 -82.84
N GLU C 253 -0.30 43.28 -82.11
CA GLU C 253 0.37 43.38 -80.82
C GLU C 253 1.88 43.24 -80.91
N ILE C 254 2.43 42.94 -82.09
CA ILE C 254 3.87 42.88 -82.24
C ILE C 254 4.49 44.27 -82.09
N GLU C 255 3.83 45.30 -82.60
CA GLU C 255 4.33 46.66 -82.42
C GLU C 255 4.41 47.04 -80.95
N ARG C 256 3.62 46.40 -80.09
CA ARG C 256 3.74 46.55 -78.65
C ARG C 256 4.93 45.78 -78.08
N ILE C 257 5.60 44.97 -78.91
CA ILE C 257 6.76 44.19 -78.52
C ILE C 257 7.86 44.53 -79.52
N PHE C 258 8.98 43.80 -79.46
CA PHE C 258 10.08 43.96 -80.42
C PHE C 258 10.76 45.30 -80.22
N GLU C 259 10.61 46.20 -81.20
CA GLU C 259 11.24 47.51 -81.12
C GLU C 259 10.71 48.33 -79.95
N LEU C 260 9.46 48.10 -79.53
CA LEU C 260 8.90 48.86 -78.42
C LEU C 260 9.60 48.56 -77.10
N ALA C 261 10.32 47.44 -77.01
CA ALA C 261 11.04 47.06 -75.80
C ALA C 261 12.35 47.81 -75.63
N LYS C 262 12.56 48.90 -76.35
CA LYS C 262 13.81 49.66 -76.27
C LYS C 262 14.06 50.21 -74.88
N SER C 263 13.03 50.31 -74.04
CA SER C 263 13.17 50.74 -72.65
C SER C 263 13.78 49.66 -71.76
N LEU C 264 14.20 48.53 -72.34
CA LEU C 264 14.83 47.44 -71.60
C LEU C 264 13.89 46.90 -70.51
N GLN C 265 12.76 46.36 -70.95
CA GLN C 265 11.79 45.75 -70.06
C GLN C 265 11.36 44.40 -70.63
N LEU C 266 11.14 43.43 -69.73
CA LEU C 266 10.92 42.06 -70.15
C LEU C 266 9.54 41.86 -70.79
N VAL C 267 8.54 42.66 -70.39
CA VAL C 267 7.20 42.61 -70.94
C VAL C 267 6.55 41.24 -70.72
N VAL C 268 5.77 41.12 -69.65
CA VAL C 268 5.05 39.89 -69.37
C VAL C 268 3.72 39.92 -70.11
N LEU C 269 3.09 38.75 -70.25
CA LEU C 269 1.77 38.65 -70.86
C LEU C 269 0.93 37.65 -70.08
N ASP C 270 -0.37 37.90 -70.03
CA ASP C 270 -1.32 37.03 -69.34
C ASP C 270 -2.20 36.25 -70.31
N ALA C 271 -1.74 36.08 -71.56
CA ALA C 271 -2.54 35.41 -72.57
C ALA C 271 -2.81 33.96 -72.18
N ASP C 272 -4.07 33.55 -72.30
CA ASP C 272 -4.48 32.18 -72.00
C ASP C 272 -4.37 31.28 -73.23
N THR C 273 -3.19 31.28 -73.84
CA THR C 273 -2.95 30.54 -75.07
C THR C 273 -1.84 29.50 -74.95
N ILE C 274 -0.80 29.78 -74.18
CA ILE C 274 0.35 28.90 -74.06
C ILE C 274 0.06 27.86 -72.97
N ASN C 275 0.01 26.60 -73.38
CA ASN C 275 -0.12 25.48 -72.45
C ASN C 275 0.97 24.43 -72.64
N HIS C 276 1.88 24.63 -73.60
CA HIS C 276 2.96 23.71 -73.88
C HIS C 276 4.03 24.46 -74.64
N PRO C 277 5.32 24.28 -74.31
CA PRO C 277 6.41 24.98 -75.00
C PRO C 277 6.77 24.37 -76.35
N ALA C 278 5.77 24.19 -77.20
CA ALA C 278 5.97 23.65 -78.54
C ALA C 278 5.57 24.61 -79.64
N GLN C 279 4.35 25.16 -79.57
CA GLN C 279 3.88 26.05 -80.63
C GLN C 279 4.63 27.39 -80.64
N LEU C 280 4.96 27.92 -79.46
CA LEU C 280 5.50 29.28 -79.40
C LEU C 280 7.00 29.31 -79.63
N ALA C 281 7.70 28.22 -79.32
CA ALA C 281 9.16 28.18 -79.47
C ALA C 281 9.56 27.73 -80.87
N LYS C 282 8.91 28.29 -81.89
CA LYS C 282 9.23 27.96 -83.27
C LYS C 282 9.54 29.23 -84.05
N THR C 283 8.80 30.30 -83.78
CA THR C 283 8.91 31.54 -84.53
C THR C 283 9.87 32.50 -83.83
N SER C 284 9.88 33.76 -84.29
CA SER C 284 10.85 34.74 -83.80
C SER C 284 10.58 35.18 -82.38
N LEU C 285 9.39 34.93 -81.84
CA LEU C 285 9.05 35.39 -80.50
C LEU C 285 9.84 34.64 -79.42
N ALA C 286 9.64 33.32 -79.34
CA ALA C 286 10.38 32.41 -78.47
C ALA C 286 10.69 33.02 -77.09
N PRO C 287 9.67 33.27 -76.28
CA PRO C 287 9.89 33.97 -75.01
C PRO C 287 10.49 33.05 -73.95
N ILE C 288 10.92 33.66 -72.86
CA ILE C 288 11.33 32.90 -71.68
C ILE C 288 10.08 32.29 -71.06
N ILE C 289 10.10 30.98 -70.87
CA ILE C 289 8.98 30.27 -70.27
C ILE C 289 9.39 29.84 -68.86
N VAL C 290 8.61 30.25 -67.88
CA VAL C 290 8.82 29.88 -66.48
C VAL C 290 7.71 28.93 -66.10
N PHE C 291 8.08 27.74 -65.64
CA PHE C 291 7.12 26.71 -65.27
C PHE C 291 7.03 26.62 -63.75
N VAL C 292 5.86 26.94 -63.22
CA VAL C 292 5.60 26.77 -61.79
C VAL C 292 5.34 25.28 -61.53
N LYS C 293 6.19 24.67 -60.72
CA LYS C 293 6.15 23.23 -60.50
C LYS C 293 5.23 22.90 -59.34
N VAL C 294 4.30 21.97 -59.58
CA VAL C 294 3.38 21.52 -58.54
C VAL C 294 3.83 20.18 -57.95
N SER C 295 5.10 19.81 -58.17
CA SER C 295 5.70 18.58 -57.63
C SER C 295 4.86 17.39 -58.11
N SER C 296 4.54 16.44 -57.23
CA SER C 296 3.73 15.30 -57.62
C SER C 296 2.29 15.74 -57.89
N PRO C 297 1.60 15.08 -58.84
CA PRO C 297 0.21 15.41 -59.16
C PRO C 297 -0.79 14.87 -58.14
N LYS C 298 -0.49 15.07 -56.86
CA LYS C 298 -1.39 14.66 -55.79
C LYS C 298 -1.71 15.86 -54.90
N VAL C 299 -0.72 16.75 -54.73
CA VAL C 299 -0.96 17.97 -53.97
C VAL C 299 -1.89 18.90 -54.72
N LEU C 300 -1.97 18.76 -56.04
CA LEU C 300 -2.85 19.62 -56.83
C LEU C 300 -4.32 19.32 -56.56
N GLN C 301 -4.64 18.13 -56.06
CA GLN C 301 -6.04 17.77 -55.81
C GLN C 301 -6.69 18.71 -54.80
N ARG C 302 -6.03 18.89 -53.65
CA ARG C 302 -6.55 19.82 -52.64
C ARG C 302 -6.37 21.27 -53.05
N LEU C 303 -5.41 21.56 -53.92
CA LEU C 303 -5.24 22.93 -54.41
C LEU C 303 -6.45 23.36 -55.23
N ILE C 304 -7.00 22.46 -56.03
CA ILE C 304 -8.15 22.77 -56.88
C ILE C 304 -9.47 22.56 -56.13
N ARG C 305 -9.55 21.53 -55.29
CA ARG C 305 -10.79 21.21 -54.60
C ARG C 305 -11.01 22.05 -53.35
N SER C 306 -10.07 22.94 -53.00
CA SER C 306 -10.25 23.78 -51.82
C SER C 306 -11.45 24.72 -51.96
N ARG C 307 -11.89 24.99 -53.18
CA ARG C 307 -13.05 25.84 -53.42
C ARG C 307 -14.36 25.06 -53.41
N GLY C 308 -14.31 23.73 -53.25
CA GLY C 308 -15.50 22.93 -53.13
C GLY C 308 -16.21 22.67 -54.45
N LYS C 309 -17.44 23.19 -54.56
CA LYS C 309 -18.27 22.95 -55.72
C LYS C 309 -17.91 23.89 -56.86
N SER C 310 -18.37 23.54 -58.06
CA SER C 310 -18.26 24.35 -59.28
C SER C 310 -16.82 24.57 -59.72
N GLN C 311 -15.89 23.73 -59.29
CA GLN C 311 -14.51 23.81 -59.77
C GLN C 311 -14.16 22.68 -60.73
N MET C 312 -15.08 21.76 -60.98
CA MET C 312 -14.85 20.61 -61.86
C MET C 312 -15.75 20.63 -63.08
N LYS C 313 -15.98 21.81 -63.65
CA LYS C 313 -16.75 21.89 -64.89
C LYS C 313 -16.05 21.16 -66.03
N HIS C 314 -14.73 21.32 -66.12
CA HIS C 314 -13.93 20.56 -67.06
C HIS C 314 -13.29 19.32 -66.45
N LEU C 315 -12.98 19.37 -65.15
CA LEU C 315 -12.47 18.23 -64.41
C LEU C 315 -11.15 17.72 -64.99
N THR C 316 -11.25 16.85 -66.00
CA THR C 316 -10.08 16.09 -66.46
C THR C 316 -8.98 17.02 -66.98
N VAL C 317 -9.35 18.08 -67.71
CA VAL C 317 -8.35 18.91 -68.36
C VAL C 317 -7.48 19.64 -67.36
N GLN C 318 -7.86 19.66 -66.08
CA GLN C 318 -7.06 20.35 -65.08
C GLN C 318 -5.77 19.59 -64.73
N MET C 319 -5.84 18.26 -64.59
CA MET C 319 -4.76 17.51 -63.98
C MET C 319 -3.89 16.75 -64.98
N MET C 320 -4.07 16.92 -66.29
CA MET C 320 -3.07 16.42 -67.23
C MET C 320 -2.55 17.48 -68.17
N ALA C 321 -3.22 18.63 -68.30
CA ALA C 321 -2.58 19.78 -68.94
C ALA C 321 -1.42 20.28 -68.11
N TYR C 322 -1.51 20.14 -66.78
CA TYR C 322 -0.36 20.40 -65.93
C TYR C 322 0.77 19.42 -66.21
N ASP C 323 0.44 18.14 -66.37
CA ASP C 323 1.47 17.11 -66.55
C ASP C 323 2.01 17.04 -67.97
N LYS C 324 1.29 17.70 -68.88
CA LYS C 324 1.74 17.78 -70.25
C LYS C 324 2.98 18.61 -70.24
N LEU C 325 2.90 19.73 -69.54
CA LEU C 325 4.06 20.59 -69.47
C LEU C 325 5.13 19.77 -68.84
N VAL C 326 4.77 19.00 -67.84
CA VAL C 326 5.75 18.15 -67.19
C VAL C 326 6.05 16.91 -68.01
N GLN C 327 6.13 17.04 -69.32
CA GLN C 327 6.52 15.92 -70.15
C GLN C 327 7.55 16.40 -71.12
N CYS C 328 7.19 17.40 -71.91
CA CYS C 328 8.10 17.94 -72.91
C CYS C 328 9.51 18.14 -72.38
N PRO C 329 10.46 18.19 -73.30
CA PRO C 329 11.85 18.40 -72.89
C PRO C 329 11.90 19.49 -71.87
N PRO C 330 12.36 19.15 -70.67
CA PRO C 330 12.35 20.15 -69.63
C PRO C 330 13.06 21.37 -70.15
N GLU C 331 14.16 21.15 -70.88
CA GLU C 331 14.94 22.26 -71.38
C GLU C 331 14.05 23.40 -71.86
N SER C 332 12.96 23.07 -72.53
CA SER C 332 12.07 24.09 -73.06
C SER C 332 12.04 25.29 -72.14
N PHE C 333 11.46 25.12 -70.95
CA PHE C 333 11.35 26.25 -70.02
C PHE C 333 12.67 26.45 -69.34
N ASP C 334 13.08 27.70 -69.22
CA ASP C 334 14.41 27.97 -68.69
C ASP C 334 14.48 28.02 -67.15
N VAL C 335 13.37 28.32 -66.49
CA VAL C 335 13.37 28.42 -65.03
C VAL C 335 12.31 27.55 -64.35
N ILE C 336 12.73 26.58 -63.56
CA ILE C 336 11.80 25.71 -62.84
C ILE C 336 11.60 26.26 -61.44
N LEU C 337 10.35 26.30 -60.99
CA LEU C 337 10.01 26.98 -59.74
C LEU C 337 9.45 26.01 -58.70
N ASP C 338 10.08 24.85 -58.53
CA ASP C 338 9.67 23.90 -57.50
C ASP C 338 10.18 24.40 -56.15
N GLU C 339 9.33 25.16 -55.47
CA GLU C 339 9.75 25.77 -54.21
C GLU C 339 8.55 26.05 -53.32
N ASN C 340 8.84 26.36 -52.07
CA ASN C 340 7.86 26.60 -51.01
C ASN C 340 7.33 28.03 -51.05
N GLN C 341 6.76 28.47 -49.92
CA GLN C 341 6.10 29.76 -49.78
C GLN C 341 6.89 30.88 -50.44
N LEU C 342 6.18 31.92 -50.89
CA LEU C 342 6.68 32.97 -51.77
C LEU C 342 8.06 33.51 -51.46
N GLU C 343 8.49 33.52 -50.19
CA GLU C 343 9.73 34.21 -49.84
C GLU C 343 10.96 33.56 -50.49
N ASP C 344 10.88 32.29 -50.88
CA ASP C 344 12.02 31.64 -51.51
C ASP C 344 11.84 31.39 -53.00
N ALA C 345 10.61 31.17 -53.47
CA ALA C 345 10.40 30.93 -54.89
C ALA C 345 10.53 32.22 -55.70
N CYS C 346 9.97 33.31 -55.20
CA CYS C 346 10.13 34.59 -55.89
C CYS C 346 11.58 35.04 -55.93
N GLU C 347 12.40 34.59 -54.99
CA GLU C 347 13.83 34.82 -55.08
C GLU C 347 14.42 34.14 -56.31
N HIS C 348 13.97 32.91 -56.60
CA HIS C 348 14.43 32.20 -57.79
C HIS C 348 14.13 33.01 -59.05
N LEU C 349 12.94 33.57 -59.15
CA LEU C 349 12.62 34.46 -60.26
C LEU C 349 13.48 35.72 -60.18
N ALA C 350 13.67 36.26 -58.97
CA ALA C 350 14.44 37.49 -58.82
C ALA C 350 15.90 37.29 -59.20
N GLU C 351 16.51 36.21 -58.75
CA GLU C 351 17.93 35.98 -59.06
C GLU C 351 18.14 35.71 -60.54
N TYR C 352 17.14 35.13 -61.21
CA TYR C 352 17.26 34.89 -62.64
C TYR C 352 17.39 36.19 -63.41
N LEU C 353 16.58 37.19 -63.04
CA LEU C 353 16.63 38.50 -63.69
C LEU C 353 17.60 39.46 -63.03
N GLU C 354 18.05 39.17 -61.80
CA GLU C 354 19.03 40.03 -61.15
C GLU C 354 20.35 40.04 -61.93
N VAL C 355 20.79 38.86 -62.37
CA VAL C 355 21.97 38.80 -63.23
C VAL C 355 21.62 39.11 -64.68
N TYR C 356 20.37 38.86 -65.07
CA TYR C 356 19.97 39.09 -66.46
C TYR C 356 19.86 40.59 -66.76
N TRP C 357 19.24 41.35 -65.86
CA TRP C 357 19.06 42.78 -66.11
C TRP C 357 20.40 43.52 -66.10
N ARG C 358 21.32 43.10 -65.24
CA ARG C 358 22.63 43.76 -65.19
C ARG C 358 23.58 43.25 -66.27
N ALA C 359 23.19 42.22 -67.02
CA ALA C 359 24.03 41.71 -68.10
C ALA C 359 23.62 42.24 -69.46
N THR C 360 22.43 42.80 -69.60
CA THR C 360 21.97 43.31 -70.89
C THR C 360 22.46 44.71 -71.20
N HIS C 361 23.20 45.34 -70.28
CA HIS C 361 23.74 46.67 -70.52
C HIS C 361 25.24 46.60 -70.81
C1 NAG D . -16.93 33.27 32.14
C2 NAG D . -17.26 33.67 33.58
C3 NAG D . -17.50 35.17 33.64
C4 NAG D . -16.20 35.92 33.37
C5 NAG D . -15.44 35.30 32.18
C6 NAG D . -14.17 34.58 32.59
C7 NAG D . -18.55 32.54 35.34
C8 NAG D . -19.82 31.82 35.66
N2 NAG D . -18.42 32.95 34.07
O3 NAG D . -17.99 35.52 34.93
O4 NAG D . -16.50 37.27 33.05
O5 NAG D . -16.26 34.38 31.44
O6 NAG D . -13.42 35.32 33.54
O7 NAG D . -17.68 32.74 36.17
C1 NAG D . -15.84 38.17 33.96
C2 NAG D . -16.16 39.60 33.49
C3 NAG D . -15.52 40.61 34.44
C4 NAG D . -15.92 40.33 35.88
C5 NAG D . -15.62 38.87 36.24
C6 NAG D . -16.12 38.48 37.61
C7 NAG D . -16.51 39.66 31.07
C8 NAG D . -15.88 39.93 29.73
N2 NAG D . -15.71 39.82 32.13
O3 NAG D . -15.93 41.92 34.07
O4 NAG D . -15.22 41.19 36.76
O5 NAG D . -16.27 37.99 35.30
O6 NAG D . -17.41 39.02 37.87
O7 NAG D . -17.67 39.29 31.18
C1 NAG D . -16.12 42.11 37.41
C2 NAG D . -15.60 43.52 37.17
C3 NAG D . -16.76 44.50 36.96
C4 NAG D . -17.95 44.18 37.86
C5 NAG D . -18.39 42.71 37.70
C6 NAG D . -19.73 42.59 37.02
C7 NAG D . -13.53 44.47 38.10
C8 NAG D . -13.05 44.57 36.68
N2 NAG D . -14.76 43.97 38.27
O3 NAG D . -17.16 44.47 35.59
O4 NAG D . -17.61 44.42 39.22
O5 NAG D . -17.45 42.00 36.91
O6 NAG D . -19.87 43.51 35.95
O7 NAG D . -12.85 44.84 39.05
C1 NAG E . -49.32 -15.33 25.75
C2 NAG E . -50.65 -14.60 25.88
C3 NAG E . -51.66 -15.14 24.87
C4 NAG E . -51.07 -15.12 23.46
C5 NAG E . -49.71 -15.81 23.44
C6 NAG E . -49.00 -15.68 22.11
C7 NAG E . -51.54 -15.82 27.84
C8 NAG E . -52.08 -15.68 29.23
N2 NAG E . -51.19 -14.68 27.23
O3 NAG E . -52.85 -14.36 24.91
O4 NAG E . -51.95 -15.76 22.54
O5 NAG E . -48.84 -15.21 24.41
O6 NAG E . -47.66 -15.24 22.27
O7 NAG E . -51.45 -16.91 27.29
C1 NAG E . -52.18 -17.15 22.89
C2 NAG E . -53.69 -17.41 22.90
C3 NAG E . -54.05 -18.55 21.94
C4 NAG E . -53.17 -19.78 22.18
C5 NAG E . -51.69 -19.39 22.30
C6 NAG E . -50.80 -20.17 21.37
C7 NAG E . -55.23 -17.11 24.79
C8 NAG E . -55.93 -16.10 23.95
N2 NAG E . -54.16 -17.71 24.24
O3 NAG E . -53.90 -18.11 20.59
O4 NAG E . -53.58 -20.44 23.37
O5 NAG E . -51.54 -18.00 21.95
O6 NAG E . -51.34 -20.25 20.07
O7 NAG E . -55.59 -17.39 25.93
C1 NAG F . -27.83 25.36 25.37
C2 NAG F . -26.39 25.00 24.99
C3 NAG F . -25.70 26.21 24.37
C4 NAG F . -26.52 26.79 23.23
C5 NAG F . -27.97 27.02 23.66
C6 NAG F . -28.87 27.44 22.54
C7 NAG F . -24.56 23.78 26.07
C8 NAG F . -23.92 23.40 27.37
N2 NAG F . -25.66 24.53 26.16
O3 NAG F . -24.42 25.82 23.89
O4 NAG F . -25.95 28.04 22.83
O5 NAG F . -28.52 25.82 24.21
O6 NAG F . -30.20 26.97 22.74
O7 NAG F . -24.09 23.44 24.99
C1 NAG F . -25.53 28.02 21.46
C2 NAG F . -25.65 29.45 20.93
C3 NAG F . -25.17 29.52 19.49
C4 NAG F . -23.78 28.93 19.35
C5 NAG F . -23.74 27.54 19.95
C6 NAG F . -22.36 26.93 19.96
C7 NAG F . -27.38 30.90 21.91
C8 NAG F . -28.83 31.27 21.89
N2 NAG F . -27.02 29.93 21.05
O3 NAG F . -25.21 30.89 19.08
O4 NAG F . -23.42 28.81 17.97
O5 NAG F . -24.19 27.58 21.32
O6 NAG F . -22.40 25.53 19.70
O7 NAG F . -26.57 31.44 22.64
C1 NAG F . -22.87 30.03 17.41
C2 NAG F . -21.38 30.16 17.76
C3 NAG F . -20.52 30.26 16.51
C4 NAG F . -20.84 29.12 15.57
C5 NAG F . -22.30 29.22 15.10
C6 NAG F . -23.01 27.90 15.10
C7 NAG F . -21.27 32.56 18.58
C8 NAG F . -21.86 33.07 17.28
N2 NAG F . -21.09 31.23 18.72
O3 NAG F . -19.14 30.24 16.87
O4 NAG F . -19.99 29.20 14.42
O5 NAG F . -23.06 30.12 15.94
O6 NAG F . -22.25 26.88 15.74
O7 NAG F . -20.98 33.35 19.48
C1 NAG F . -19.33 27.94 14.15
C2 NAG F . -18.15 27.76 15.12
C3 NAG F . -17.46 26.40 14.91
C4 NAG F . -18.49 25.28 14.94
C5 NAG F . -19.61 25.56 13.96
C6 NAG F . -20.71 24.52 13.99
C7 NAG F . -16.42 29.31 14.10
C8 NAG F . -16.51 28.59 12.77
N2 NAG F . -17.20 28.86 15.11
O3 NAG F . -16.49 26.21 15.94
O4 NAG F . -17.86 24.05 14.60
O5 NAG F . -20.22 26.81 14.26
O6 NAG F . -21.33 24.38 12.73
O7 NAG F . -15.66 30.26 14.25
C1 NAG G . -45.89 7.04 56.48
C2 NAG G . -45.69 6.91 57.98
C3 NAG G . -46.94 6.34 58.64
C4 NAG G . -48.17 7.15 58.26
C5 NAG G . -48.27 7.23 56.73
C6 NAG G . -49.41 8.09 56.26
C7 NAG G . -43.43 6.58 58.89
C8 NAG G . -42.33 5.58 59.12
N2 NAG G . -44.53 6.10 58.29
O3 NAG G . -46.75 6.32 60.05
O4 NAG G . -49.36 6.57 58.77
O5 NAG G . -47.07 7.81 56.21
O6 NAG G . -49.27 8.42 54.89
O7 NAG G . -43.35 7.75 59.24
C1 NAG G . -49.67 7.14 60.06
C2 NAG G . -50.96 7.97 59.99
C3 NAG G . -51.34 8.49 61.37
C4 NAG G . -51.40 7.36 62.38
C5 NAG G . -50.10 6.57 62.36
C6 NAG G . -50.13 5.36 63.26
C7 NAG G . -51.84 9.61 58.37
C8 NAG G . -51.50 10.74 57.46
N2 NAG G . -50.81 9.08 59.05
O3 NAG G . -52.60 9.16 61.30
O4 NAG G . -51.62 7.88 63.68
O5 NAG G . -49.83 6.10 61.03
O6 NAG G . -51.24 5.39 64.15
O7 NAG G . -52.98 9.18 58.49
C1 NAG H . -34.00 -27.47 54.70
C2 NAG H . -34.45 -28.53 53.70
C3 NAG H . -35.13 -29.71 54.40
C4 NAG H . -36.23 -29.23 55.35
C5 NAG H . -35.78 -28.02 56.15
C6 NAG H . -36.07 -28.14 57.63
C7 NAG H . -35.14 -28.07 51.38
C8 NAG H . -33.92 -28.83 50.96
N2 NAG H . -35.33 -27.96 52.70
O3 NAG H . -34.16 -30.45 55.13
O4 NAG H . -37.41 -28.90 54.62
O5 NAG H . -34.37 -27.86 56.01
O6 NAG H . -35.69 -29.42 58.13
O7 NAG H . -35.91 -27.57 50.57
C1 NAG H . -38.19 -30.09 54.42
C2 NAG H . -39.49 -29.96 55.21
C3 NAG H . -40.37 -31.19 54.99
C4 NAG H . -40.59 -31.41 53.50
C5 NAG H . -39.25 -31.48 52.77
C6 NAG H . -39.39 -31.58 51.28
C7 NAG H . -39.74 -28.78 57.36
C8 NAG H . -40.63 -27.82 56.62
N2 NAG H . -39.23 -29.78 56.64
O3 NAG H . -41.62 -31.00 55.65
O4 NAG H . -41.30 -32.63 53.29
O5 NAG H . -38.48 -30.29 53.04
O6 NAG H . -39.83 -30.36 50.72
O7 NAG H . -39.51 -28.65 58.56
CA CA I . 9.84 -1.92 -4.68
P 3PE J . 30.06 -6.55 10.30
N 3PE J . 30.11 -11.19 12.42
O11 3PE J . 29.80 -7.08 8.77
O12 3PE J . 31.54 -6.48 10.43
O13 3PE J . 29.49 -7.81 11.20
O14 3PE J . 29.14 -5.41 10.61
C11 3PE J . 30.16 -9.05 11.18
C12 3PE J . 29.30 -10.06 11.89
C1 3PE J . 30.12 -6.24 7.68
C2 3PE J . 29.57 -6.88 6.40
C3 3PE J . 29.05 -5.83 5.44
O31 3PE J . 28.46 -6.50 4.33
O32 3PE J . 30.09 -6.88 2.86
C31 3PE J . 29.04 -6.38 3.14
C32 3PE J . 28.20 -5.54 2.21
C33 3PE J . 28.33 -5.91 0.75
C34 3PE J . 29.53 -5.25 0.09
C35 3PE J . 29.69 -5.61 -1.38
C36 3PE J . 28.46 -5.27 -2.21
C37 3PE J . 28.68 -5.40 -3.72
C38 3PE J . 27.50 -4.91 -4.53
C39 3PE J . 27.78 -4.76 -6.01
C3A 3PE J . 29.00 -3.88 -6.30
C3B 3PE J . 28.82 -2.94 -7.48
C3C 3PE J . 28.71 -3.66 -8.82
C3D 3PE J . 28.75 -2.74 -10.02
C3E 3PE J . 28.91 -3.48 -11.34
O21 3PE J . 30.55 -7.62 5.64
O22 3PE J . 31.84 -8.71 7.11
C21 3PE J . 31.71 -8.00 6.13
C22 3PE J . 32.85 -7.49 5.29
C23 3PE J . 32.91 -8.07 3.89
C24 3PE J . 33.81 -7.27 2.98
C25 3PE J . 33.33 -7.24 1.53
C26 3PE J . 34.35 -6.62 0.59
C27 3PE J . 33.91 -6.61 -0.87
C28 3PE J . 33.39 -5.26 -1.34
C29 3PE J . 33.74 -4.95 -2.79
C2A 3PE J . 33.25 -3.58 -3.24
C2B 3PE J . 33.72 -3.18 -4.64
C1 CLR K . 6.03 29.62 -1.63
C2 CLR K . 5.31 28.93 -0.49
C3 CLR K . 6.25 28.37 0.56
C4 CLR K . 7.29 27.44 -0.07
C5 CLR K . 7.27 27.46 -1.58
C6 CLR K . 7.45 26.34 -2.26
C7 CLR K . 7.73 26.27 -3.73
C8 CLR K . 7.96 27.64 -4.35
C9 CLR K . 6.96 28.64 -3.77
C10 CLR K . 7.21 28.83 -2.25
C11 CLR K . 6.92 29.96 -4.55
C12 CLR K . 6.82 29.79 -6.07
C13 CLR K . 7.94 28.90 -6.61
C14 CLR K . 7.82 27.55 -5.87
C15 CLR K . 8.77 26.63 -6.62
C16 CLR K . 8.68 27.12 -8.08
C17 CLR K . 7.80 28.40 -8.06
C18 CLR K . 9.32 29.55 -6.42
C19 CLR K . 8.53 29.57 -1.99
C20 CLR K . 8.12 29.36 -9.22
C21 CLR K . 6.86 29.82 -9.96
C22 CLR K . 9.14 28.76 -10.19
C23 CLR K . 8.57 28.21 -11.50
C24 CLR K . 9.29 28.80 -12.72
C25 CLR K . 8.49 28.71 -14.02
C26 CLR K . 9.41 28.99 -15.21
C27 CLR K . 7.83 27.35 -14.21
O1 CLR K . 6.86 29.46 1.22
C1 CLR L . -6.79 -26.65 -5.20
C2 CLR L . -6.51 -27.05 -3.75
C3 CLR L . -7.43 -26.34 -2.76
C4 CLR L . -7.37 -24.83 -2.93
C5 CLR L . -6.65 -24.40 -4.17
C6 CLR L . -5.83 -23.35 -4.14
C7 CLR L . -5.31 -22.65 -5.35
C8 CLR L . -5.90 -23.18 -6.65
C9 CLR L . -5.97 -24.71 -6.57
C10 CLR L . -6.97 -25.14 -5.46
C11 CLR L . -6.25 -25.35 -7.93
C12 CLR L . -5.38 -24.82 -9.07
C13 CLR L . -5.46 -23.30 -9.18
C14 CLR L . -5.04 -22.74 -7.82
C15 CLR L . -4.88 -21.26 -8.07
C16 CLR L . -4.19 -21.22 -9.44
C17 CLR L . -4.42 -22.61 -10.11
C18 CLR L . -6.87 -22.85 -9.58
C19 CLR L . -8.42 -24.83 -5.85
C20 CLR L . -4.70 -22.50 -11.62
C21 CLR L . -3.69 -23.25 -12.47
C22 CLR L . -4.82 -21.02 -12.05
C23 CLR L . -3.71 -20.49 -12.94
C24 CLR L . -4.16 -19.29 -13.76
C25 CLR L . -3.36 -19.03 -15.04
C26 CLR L . -3.05 -20.35 -15.74
C27 CLR L . -4.10 -18.11 -16.00
O1 CLR L . -8.75 -26.85 -2.92
C1 CLR M . 36.69 -1.41 6.59
C2 CLR M . 36.49 -1.63 8.08
C3 CLR M . 35.85 -2.98 8.34
C4 CLR M . 36.75 -4.07 7.77
C5 CLR M . 37.01 -3.88 6.30
C6 CLR M . 36.85 -4.88 5.45
C7 CLR M . 37.07 -4.81 3.97
C8 CLR M . 37.81 -3.54 3.54
C9 CLR M . 37.31 -2.34 4.34
C10 CLR M . 37.51 -2.50 5.87
C11 CLR M . 37.88 -1.02 3.79
C12 CLR M . 37.71 -0.86 2.28
C13 CLR M . 38.28 -2.05 1.50
C14 CLR M . 37.59 -3.30 2.06
C15 CLR M . 37.93 -4.40 1.07
C16 CLR M . 37.86 -3.67 -0.28
C17 CLR M . 37.91 -2.14 0.00
C18 CLR M . 39.81 -2.11 1.67
C19 CLR M . 38.99 -2.38 6.25
C20 CLR M . 38.77 -1.39 -1.03
C21 CLR M . 38.42 0.08 -1.15
C22 CLR M . 38.68 -2.08 -2.40
C23 CLR M . 37.64 -1.53 -3.35
C24 CLR M . 38.07 -1.64 -4.80
C25 CLR M . 37.74 -0.43 -5.67
C26 CLR M . 36.23 -0.32 -5.86
C27 CLR M . 38.28 0.86 -5.07
O1 CLR M . 35.66 -3.13 9.73
C1 NAG N . 15.14 5.70 16.95
C2 NAG N . 13.94 6.46 17.51
C3 NAG N . 13.78 6.15 19.00
C4 NAG N . 15.05 6.50 19.77
C5 NAG N . 16.32 5.93 19.12
C6 NAG N . 16.58 4.48 19.46
C7 NAG N . 13.04 8.73 17.33
C8 NAG N . 13.36 10.18 17.09
N2 NAG N . 14.08 7.89 17.30
O3 NAG N . 13.47 4.78 19.17
O4 NAG N . 15.17 7.92 19.87
O5 NAG N . 16.34 6.06 17.69
O6 NAG N . 15.77 4.05 20.54
O7 NAG N . 11.90 8.35 17.54
O12 PT5 O . 32.77 -21.23 -25.40
P1 PT5 O . 31.80 -22.34 -25.75
O13 PT5 O . 32.10 -23.65 -24.78
O11 PT5 O . 30.39 -21.85 -25.58
O6 PT5 O . 33.60 -25.12 -29.56
O1 PT5 O . 32.03 -22.73 -27.36
C1 PT5 O . 33.06 -23.62 -27.77
C6 PT5 O . 32.63 -24.21 -29.12
C2 PT5 O . 34.42 -22.90 -27.89
O2 PT5 O . 34.60 -21.99 -26.82
C3 PT5 O . 34.60 -22.13 -29.22
O3 PT5 O . 35.23 -20.91 -28.93
C4 PT5 O . 33.29 -21.86 -29.97
O4 PT5 O . 33.58 -21.29 -31.22
P4 PT5 O . 32.69 -19.97 -31.68
O41 PT5 O . 33.47 -18.72 -31.41
O42 PT5 O . 31.39 -19.95 -30.90
O43 PT5 O . 32.39 -20.07 -33.17
C5 PT5 O . 32.42 -23.11 -30.17
O5 PT5 O . 31.07 -22.70 -30.12
P5 PT5 O . 29.98 -23.40 -31.15
O52 PT5 O . 28.59 -23.28 -30.55
O51 PT5 O . 30.01 -22.69 -32.49
O53 PT5 O . 30.32 -24.84 -31.33
C7 PT5 O . 31.44 -23.78 -23.53
C8 PT5 O . 31.53 -22.47 -22.75
C9 PT5 O . 30.16 -22.12 -22.16
O16 PT5 O . 32.47 -22.61 -21.72
C10 PT5 O . 33.81 -22.63 -22.13
O17 PT5 O . 34.14 -22.12 -23.14
O18 PT5 O . 30.26 -20.91 -21.36
C11 PT5 O . 29.18 -20.75 -20.41
O19 PT5 O . 28.06 -20.74 -20.81
C12 PT5 O . 34.86 -23.33 -21.25
C13 PT5 O . 34.85 -22.67 -19.85
C14 PT5 O . 33.90 -23.48 -18.92
C15 PT5 O . 34.71 -24.03 -17.73
C16 PT5 O . 34.51 -23.31 -16.61
C17 PT5 O . 34.76 -23.01 -15.09
C18 PT5 O . 33.68 -22.05 -14.56
C19 PT5 O . 32.49 -22.67 -14.43
C20 PT5 O . 30.98 -22.70 -14.05
C21 PT5 O . 30.46 -21.25 -13.87
C22 PT5 O . 31.01 -20.65 -12.83
C23 PT5 O . 31.19 -19.44 -11.88
C24 PT5 O . 30.64 -18.17 -12.56
C31 PT5 O . 29.49 -20.60 -18.88
C32 PT5 O . 28.19 -20.88 -18.06
C33 PT5 O . 28.40 -20.43 -16.60
C34 PT5 O . 27.05 -19.94 -16.00
C35 PT5 O . 27.20 -19.75 -14.45
C36 PT5 O . 25.82 -19.29 -13.81
C37 PT5 O . 25.46 -20.25 -12.57
C38 PT5 O . 25.26 -19.39 -11.26
C39 PT5 O . 26.62 -19.32 -10.46
C40 PT5 O . 26.40 -19.86 -9.03
C41 PT5 O . 27.47 -19.26 -8.05
C42 PT5 O . 26.78 -18.92 -6.65
C43 PT5 O . 27.83 -19.09 -5.48
C44 PT5 O . 27.23 -18.52 -4.18
C45 PT5 O . 28.25 -18.64 -3.02
C46 PT5 O . 27.57 -18.21 -1.70
C47 PT5 O . 28.55 -18.45 -0.52
CA CA P . -24.86 -8.35 4.40
C1 NAG Q . -30.53 16.20 58.23
C2 NAG Q . -31.06 17.60 58.59
C3 NAG Q . -32.13 17.50 59.68
C4 NAG Q . -31.73 16.51 60.77
C5 NAG Q . -31.32 15.16 60.18
C6 NAG Q . -32.21 14.03 60.63
C7 NAG Q . -29.85 19.74 58.58
C8 NAG Q . -30.89 20.22 57.63
N2 NAG Q . -29.98 18.47 59.01
O3 NAG Q . -33.37 17.10 59.10
O4 NAG Q . -30.66 17.04 61.54
O5 NAG Q . -31.39 15.22 58.75
O6 NAG Q . -33.15 14.44 61.59
O7 NAG Q . -28.93 20.45 58.96
C1 NAG R . -4.94 -28.08 54.81
C2 NAG R . -3.90 -29.10 55.38
C3 NAG R . -3.65 -30.24 54.39
C4 NAG R . -4.96 -30.87 53.94
C5 NAG R . -5.86 -29.80 53.34
C6 NAG R . -7.19 -30.33 52.87
C7 NAG R . -1.92 -28.83 56.79
C8 NAG R . -0.65 -28.06 57.03
N2 NAG R . -2.66 -28.44 55.75
O3 NAG R . -2.85 -31.23 55.01
O4 NAG R . -4.70 -31.87 52.96
O5 NAG R . -6.12 -28.80 54.34
O6 NAG R . -7.78 -31.18 53.84
O7 NAG R . -2.26 -29.77 57.52
#